data_5VIY
#
_entry.id   5VIY
#
loop_
_entity.id
_entity.type
_entity.pdbx_description
1 polymer 'Envelope glycoprotein gp160'
2 polymer 'Envelope glycoprotein gp160'
3 polymer 'BG1 Fab light chain'
4 polymer 'BG1 Fab heavy chain'
5 polymer '8ANC195 G52K5 Fab heavy chain'
6 polymer '8ANC195 G52K5 Fab light chain'
7 branched alpha-D-mannopyranose-(1-3)-[alpha-D-mannopyranose-(1-6)]beta-D-mannopyranose-(1-4)-2-acetamido-2-deoxy-beta-D-glucopyranose-(1-4)-2-acetamido-2-deoxy-beta-D-glucopyranose
8 branched 2-acetamido-2-deoxy-beta-D-glucopyranose-(1-4)-2-acetamido-2-deoxy-beta-D-glucopyranose
9 branched alpha-D-mannopyranose-(1-3)-beta-D-mannopyranose-(1-4)-2-acetamido-2-deoxy-beta-D-glucopyranose-(1-4)-2-acetamido-2-deoxy-beta-D-glucopyranose
10 branched alpha-D-mannopyranose-(1-2)-alpha-D-mannopyranose-(1-3)-[alpha-D-mannopyranose-(1-6)-alpha-D-mannopyranose-(1-6)]beta-D-mannopyranose-(1-4)-2-acetamido-2-deoxy-beta-D-glucopyranose-(1-4)-2-acetamido-2-deoxy-beta-D-glucopyranose
11 branched alpha-D-mannopyranose-(1-6)-beta-D-mannopyranose-(1-4)-2-acetamido-2-deoxy-beta-D-glucopyranose-(1-4)-2-acetamido-2-deoxy-beta-D-glucopyranose
12 branched beta-D-mannopyranose-(1-4)-2-acetamido-2-deoxy-beta-D-glucopyranose-(1-4)-2-acetamido-2-deoxy-beta-D-glucopyranose
13 branched alpha-L-fucopyranose-(1-6)-2-acetamido-2-deoxy-beta-D-glucopyranose
14 branched alpha-D-mannopyranose-(1-3)-alpha-D-mannopyranose-(1-6)-beta-D-mannopyranose-(1-4)-2-acetamido-2-deoxy-beta-D-glucopyranose-(1-4)-2-acetamido-2-deoxy-beta-D-glucopyranose
15 non-polymer 2-acetamido-2-deoxy-beta-D-glucopyranose
#
loop_
_entity_poly.entity_id
_entity_poly.type
_entity_poly.pdbx_seq_one_letter_code
_entity_poly.pdbx_strand_id
1 'polypeptide(L)'
;AVGIGAVFLGFLGAAGSTMGAASMTLTVQARNLLSGIVQQQSNLLRAPEAQQHLLKLTVWGIKQLQARVLAVERYLRDQQ
LLGIWGCSGKLICCTNVPWNSSWSNRNLSEIWDNMTWLQWDKEISNYTQIIYGLLEESQNQQEKNEQDLLALD
;
A,B,C
2 'polypeptide(L)'
;AENLWVTVYYGVPVWKDAETTLFCASDAKAYETEKHNVWATHACVPTDPNPQEIHLENVTEEFNMWKNNMVEQMHTDIIS
LWDQSLKPCVKLTPLCVTLQCTNVTNNITDDMRGELKNCSFNMTTELRDKKQKVYSLFYRLDVVQINENQGNRSNNSNKE
YRLINCNTSAITQACPKVSFEPIPIHYCAPAGFAILKCKDKKFNGTGPCPSVSTVQCTHGIKPVVSTQLLLNGSLAEEEV
MIRSENITNNAKNILVQFNTPVQINCTRPNNNTRKSIRIGPGQAFYATGDIIGDIRQAHCNVSKATWNETLGKVVKQLRK
HFGNNTIIRFANSSGGDLEVTTHSFNCGGEFFYCNTSGLFNSTWISNTSVQGSNSTGSNDSITLPCRIKQIINMWQRIGQ
AMYAPPIQGVIRCVSNITGLILTRDGGSTNSTTETFRPGGGDMRDNWRSELYKYKVVKIEPLGVAPTRCKRRVVGRRRRR
R
;
D,E,F
3 'polypeptide(L)'
;DIHMTQSPVSLSASVGDRVTITCRASHFIANYVNWYQQKPGKAPTLLIFESSTLQRGVPSRFSAYGDGTEFTLSINTLQP
EDFASYICQQSHSPPVTFGAGTRVDQKRTVAAPSVFIFPPSDEQLKSGTASVVCLLNNFYPREAKVQWKVDNALQSGNSQ
ESVTEQDSKDSTYSLSSTLTLSKADYEKHKVYACEVTHQGLSSPVTKSFNRGEC
;
G,I
4 'polypeptide(L)'
;AEQLVESGGGLVPPGRSLRLSCSASGFYFPDYAMAWVRQAPGQGLQWVGFMRGWAYGGSAQFAAFAVGKFAISRDDGRNV
VYLDVKNPTFEDTGVYFCAREQRNKDYRYGQEGFGYSYGMDVWGRGTTVVVSTASTKGPSVFPLAPSSKSTSGGTAALGC
LVKDYFPEPVTVSWNSGALTSGVHTFPAVLQSSGLYSLSSVVTVPSSSLGTQTYICNVNHKPSNTKVDKRVEP
;
H,J
5 'polypeptide(L)'
;QIHLVQSGTEVKKPGSSVTVSCKAYGVNTFGLYAVNWVRQAPGQSLEYIGQIWRWKSSASHHFRGRVLISAVDLTGSSPP
ISSLEIKNLTSDDTAVYFCTTTSTYDRWSGLHHDGVMAFSSWGQGTLISVSAASTKGPSVFPLAPSSKSTSGGTAALGCL
VKDYFPEPVTVSWNSGALTSGVHTFPAVLQSSGLYSLSSVVTVPSSSLGTQTYICNVNHKPSNTKVDKRVEPK
;
K,M,O
6 'polypeptide(L)'
;DIQMTQSPSTLSASTGDTVRISCRASQSITGNWVAWYQQRPGKAPRLLIYRGAALLGGVPSRFRGSAAGTDFTLTIGNLQ
AEDFGTFYCQQYDTYPGTFGQGTKVEVKRTVAAPSVFIFPPSDEQLKSGTASVVCLLNNFYPREAKVQWKVDNALQSGNS
QESVTEQDSKDSTYSLSSTLTLSKADYEKHKVYACEVTHQGLSSPVTKSFNRGEC
;
L,N,P
#
loop_
_chem_comp.id
_chem_comp.type
_chem_comp.name
_chem_comp.formula
BMA D-saccharide, beta linking beta-D-mannopyranose 'C6 H12 O6'
FUC L-saccharide, alpha linking alpha-L-fucopyranose 'C6 H12 O5'
MAN D-saccharide, alpha linking alpha-D-mannopyranose 'C6 H12 O6'
NAG D-saccharide, beta linking 2-acetamido-2-deoxy-beta-D-glucopyranose 'C8 H15 N O6'
#
# COMPACT_ATOMS: atom_id res chain seq x y z
N PHE A 8 0.60 -13.62 48.38
CA PHE A 8 -0.35 -14.21 47.44
C PHE A 8 0.25 -15.35 46.66
N LEU A 9 -0.60 -16.00 45.86
CA LEU A 9 -0.11 -16.87 44.81
C LEU A 9 0.04 -16.15 43.48
N GLY A 10 -0.71 -15.06 43.27
CA GLY A 10 -0.55 -14.29 42.05
C GLY A 10 -1.16 -15.00 40.86
N PHE A 11 -0.35 -15.13 39.81
CA PHE A 11 -0.78 -15.77 38.56
C PHE A 11 -0.13 -17.15 38.49
N LEU A 12 -0.97 -18.19 38.38
CA LEU A 12 -0.56 -19.60 38.33
C LEU A 12 0.26 -20.01 39.55
N GLY A 13 -0.02 -19.42 40.71
CA GLY A 13 0.71 -19.78 41.92
C GLY A 13 0.37 -21.15 42.46
N ALA A 14 -0.75 -21.74 42.01
CA ALA A 14 -1.11 -23.11 42.35
C ALA A 14 -0.57 -24.12 41.36
N ALA A 15 0.54 -23.79 40.68
CA ALA A 15 1.11 -24.69 39.69
C ALA A 15 1.67 -25.95 40.34
N GLY A 16 2.69 -25.80 41.17
CA GLY A 16 3.27 -26.94 41.84
C GLY A 16 2.51 -27.34 43.09
N SER A 17 1.23 -27.67 42.93
CA SER A 17 0.34 -27.99 44.03
C SER A 17 -0.46 -29.24 43.69
N THR A 18 -1.44 -29.54 44.53
CA THR A 18 -2.42 -30.57 44.26
C THR A 18 -3.78 -29.88 44.11
N MET A 19 -4.69 -30.52 43.38
CA MET A 19 -5.99 -29.93 43.05
C MET A 19 -6.89 -29.68 44.25
N GLY A 20 -6.54 -30.17 45.44
CA GLY A 20 -7.21 -29.69 46.63
C GLY A 20 -6.81 -28.26 46.91
N ALA A 21 -5.52 -28.05 47.15
CA ALA A 21 -5.01 -26.72 47.45
C ALA A 21 -5.09 -25.81 46.24
N ALA A 22 -5.01 -26.36 45.04
CA ALA A 22 -5.32 -25.57 43.84
C ALA A 22 -6.80 -25.23 43.81
N SER A 23 -7.66 -26.20 44.13
CA SER A 23 -9.10 -26.02 44.02
C SER A 23 -9.65 -25.03 45.05
N MET A 24 -8.92 -24.76 46.13
CA MET A 24 -9.30 -23.69 47.04
C MET A 24 -8.81 -22.32 46.59
N THR A 25 -8.43 -22.20 45.31
CA THR A 25 -7.85 -20.98 44.74
C THR A 25 -8.47 -20.81 43.35
N LEU A 26 -7.75 -20.07 42.50
CA LEU A 26 -7.81 -20.05 41.03
C LEU A 26 -8.93 -19.20 40.46
N THR A 27 -9.61 -18.40 41.27
CA THR A 27 -10.42 -17.35 40.68
C THR A 27 -9.56 -16.17 40.27
N VAL A 28 -8.44 -15.96 40.97
CA VAL A 28 -7.42 -15.02 40.52
C VAL A 28 -6.86 -15.48 39.19
N GLN A 29 -6.65 -16.78 39.06
CA GLN A 29 -6.23 -17.34 37.78
C GLN A 29 -7.36 -17.26 36.76
N ALA A 30 -8.61 -17.33 37.23
CA ALA A 30 -9.74 -17.31 36.32
C ALA A 30 -10.01 -15.93 35.74
N ARG A 31 -9.67 -14.87 36.47
CA ARG A 31 -9.98 -13.52 36.00
C ARG A 31 -8.89 -12.96 35.08
N ASN A 32 -8.52 -13.75 34.06
CA ASN A 32 -7.41 -13.39 33.18
C ASN A 32 -7.81 -13.68 31.75
N LEU A 33 -8.45 -12.69 31.12
CA LEU A 33 -8.80 -12.77 29.71
C LEU A 33 -8.47 -11.45 29.02
N LEU A 34 -8.41 -10.38 29.80
CA LEU A 34 -8.11 -9.05 29.30
C LEU A 34 -7.40 -8.25 30.37
N SER A 35 -6.17 -7.83 30.07
CA SER A 35 -5.41 -7.01 31.00
C SER A 35 -4.61 -5.91 30.31
N GLY A 36 -4.75 -5.73 29.00
CA GLY A 36 -3.96 -4.75 28.29
C GLY A 36 -4.42 -3.32 28.49
N ILE A 37 -5.72 -3.08 28.34
CA ILE A 37 -6.25 -1.74 28.47
C ILE A 37 -7.25 -1.66 29.61
N GLN A 51 -2.25 9.40 19.53
CA GLN A 51 -1.11 8.86 18.79
C GLN A 51 -1.59 8.61 17.35
N GLN A 52 -2.45 9.51 16.88
CA GLN A 52 -3.14 9.33 15.60
C GLN A 52 -3.09 10.61 14.77
N HIS A 53 -1.90 11.20 14.63
CA HIS A 53 -1.78 12.35 13.73
C HIS A 53 -0.47 12.40 12.94
N LEU A 54 0.38 11.38 13.00
CA LEU A 54 1.72 11.51 12.41
C LEU A 54 1.68 11.38 10.89
N LEU A 55 1.42 10.16 10.40
CA LEU A 55 1.18 9.94 8.98
C LEU A 55 0.03 8.99 8.70
N LYS A 56 -0.48 8.27 9.71
CA LYS A 56 -1.75 7.54 9.67
C LYS A 56 -1.72 6.36 8.69
N LEU A 57 -0.61 5.64 8.64
CA LEU A 57 -0.53 4.36 7.95
C LEU A 57 0.05 3.36 8.95
N THR A 58 -0.82 2.57 9.58
CA THR A 58 -0.39 1.63 10.60
C THR A 58 -0.66 0.20 10.15
N VAL A 59 0.13 -0.72 10.72
CA VAL A 59 -0.06 -2.15 10.50
C VAL A 59 -0.22 -2.94 11.78
N TRP A 60 0.22 -2.41 12.92
CA TRP A 60 0.30 -3.21 14.15
C TRP A 60 -1.07 -3.48 14.73
N GLY A 61 -1.92 -2.46 14.80
CA GLY A 61 -3.21 -2.59 15.44
C GLY A 61 -4.18 -3.48 14.70
N ILE A 62 -3.93 -3.75 13.42
CA ILE A 62 -4.74 -4.72 12.67
C ILE A 62 -4.58 -6.10 13.27
N LYS A 63 -3.34 -6.55 13.43
CA LYS A 63 -3.08 -7.86 14.01
C LYS A 63 -3.27 -7.87 15.53
N GLN A 64 -3.07 -6.71 16.17
CA GLN A 64 -3.25 -6.64 17.62
C GLN A 64 -4.72 -6.74 18.00
N LEU A 65 -5.56 -5.91 17.37
CA LEU A 65 -7.00 -6.00 17.56
C LEU A 65 -7.55 -7.31 17.01
N GLN A 66 -6.90 -7.87 15.98
CA GLN A 66 -7.20 -9.23 15.54
C GLN A 66 -6.99 -10.24 16.65
N ALA A 67 -5.88 -10.11 17.38
CA ALA A 67 -5.62 -11.01 18.50
C ALA A 67 -6.59 -10.77 19.64
N ARG A 68 -7.06 -9.53 19.80
CA ARG A 68 -8.10 -9.27 20.79
C ARG A 68 -9.41 -9.95 20.41
N VAL A 69 -9.73 -9.93 19.10
CA VAL A 69 -10.89 -10.65 18.59
C VAL A 69 -10.76 -12.14 18.83
N LEU A 70 -9.58 -12.70 18.53
CA LEU A 70 -9.37 -14.13 18.69
C LEU A 70 -9.43 -14.56 20.15
N ALA A 71 -8.91 -13.72 21.05
CA ALA A 71 -8.96 -14.06 22.47
C ALA A 71 -10.38 -13.96 23.02
N VAL A 72 -11.13 -12.94 22.58
CA VAL A 72 -12.51 -12.79 23.04
C VAL A 72 -13.37 -13.92 22.50
N GLU A 73 -13.19 -14.28 21.22
CA GLU A 73 -13.92 -15.38 20.62
C GLU A 73 -13.56 -16.72 21.26
N ARG A 74 -12.30 -16.88 21.68
CA ARG A 74 -11.90 -18.05 22.46
C ARG A 74 -12.66 -18.09 23.78
N TYR A 75 -12.69 -16.96 24.49
CA TYR A 75 -13.39 -16.90 25.76
C TYR A 75 -14.89 -17.06 25.61
N LEU A 76 -15.43 -16.75 24.44
CA LEU A 76 -16.86 -16.93 24.22
C LEU A 76 -17.22 -18.29 23.66
N ARG A 77 -16.25 -19.03 23.13
CA ARG A 77 -16.44 -20.47 23.02
C ARG A 77 -16.39 -21.10 24.40
N ASP A 78 -15.56 -20.54 25.29
CA ASP A 78 -15.53 -21.02 26.67
C ASP A 78 -16.83 -20.70 27.39
N GLN A 79 -17.41 -19.53 27.14
CA GLN A 79 -18.72 -19.20 27.67
C GLN A 79 -19.84 -19.84 26.88
N GLN A 80 -19.54 -20.38 25.70
CA GLN A 80 -20.50 -21.25 25.04
C GLN A 80 -20.60 -22.58 25.77
N LEU A 81 -19.47 -23.08 26.24
CA LEU A 81 -19.48 -24.22 27.14
C LEU A 81 -20.15 -23.86 28.46
N LEU A 82 -19.59 -22.87 29.17
CA LEU A 82 -20.08 -22.39 30.47
C LEU A 82 -21.48 -21.78 30.41
N GLY A 83 -22.06 -21.66 29.24
CA GLY A 83 -23.43 -21.28 29.03
C GLY A 83 -24.15 -22.60 28.93
N ILE A 84 -24.27 -23.13 27.71
CA ILE A 84 -25.00 -24.37 27.48
C ILE A 84 -24.27 -25.51 28.18
N TRP A 85 -24.79 -25.86 29.35
CA TRP A 85 -24.34 -26.86 30.30
C TRP A 85 -25.33 -26.98 31.44
N GLY A 86 -24.95 -27.78 32.46
CA GLY A 86 -25.61 -27.72 33.74
C GLY A 86 -24.74 -26.93 34.70
N CYS A 87 -23.86 -26.13 34.12
CA CYS A 87 -22.82 -25.44 34.86
C CYS A 87 -22.75 -23.98 34.40
N SER A 88 -23.91 -23.35 34.30
CA SER A 88 -23.94 -21.89 34.21
C SER A 88 -23.51 -21.31 35.54
N GLY A 89 -22.48 -20.45 35.50
CA GLY A 89 -21.61 -20.11 36.62
C GLY A 89 -22.19 -19.83 37.99
N LYS A 90 -21.95 -20.64 39.06
CA LYS A 90 -21.19 -21.91 39.18
C LYS A 90 -19.73 -21.89 38.73
N LEU A 91 -18.89 -21.17 39.47
CA LEU A 91 -17.47 -21.02 39.11
C LEU A 91 -16.77 -22.37 39.09
N ILE A 92 -17.02 -23.20 40.10
CA ILE A 92 -16.84 -24.64 39.95
C ILE A 92 -18.17 -25.27 40.32
N CYS A 93 -18.43 -26.44 39.75
CA CYS A 93 -19.75 -27.01 39.90
C CYS A 93 -19.66 -28.52 40.06
N CYS A 94 -20.50 -29.04 40.94
CA CYS A 94 -20.73 -30.46 41.09
C CYS A 94 -21.79 -30.88 40.07
N THR A 95 -22.00 -32.19 39.94
CA THR A 95 -22.90 -32.69 38.92
C THR A 95 -23.96 -33.65 39.44
N ASN A 96 -24.69 -34.24 38.49
CA ASN A 96 -25.46 -35.47 38.69
C ASN A 96 -25.03 -36.53 37.68
N VAL A 97 -23.83 -36.43 37.14
CA VAL A 97 -23.32 -37.36 36.15
C VAL A 97 -22.51 -38.43 36.89
N PRO A 98 -22.82 -39.73 36.71
CA PRO A 98 -22.11 -40.77 37.47
C PRO A 98 -20.70 -41.04 36.98
N TRP A 99 -20.07 -42.02 37.58
CA TRP A 99 -18.70 -42.39 37.24
C TRP A 99 -18.60 -43.91 37.17
N ASN A 100 -18.25 -44.43 36.00
CA ASN A 100 -17.87 -45.83 35.90
C ASN A 100 -16.46 -45.98 36.48
N SER A 101 -16.31 -46.99 37.35
CA SER A 101 -15.01 -47.34 37.91
C SER A 101 -14.10 -48.05 36.91
N SER A 102 -14.64 -48.48 35.77
CA SER A 102 -13.81 -48.93 34.67
C SER A 102 -13.04 -47.79 34.03
N TRP A 103 -13.47 -46.54 34.27
CA TRP A 103 -12.78 -45.39 33.71
C TRP A 103 -11.47 -45.12 34.43
N SER A 104 -11.53 -44.91 35.73
CA SER A 104 -10.33 -44.87 36.56
C SER A 104 -10.61 -45.57 37.88
N ASN A 105 -9.54 -45.88 38.60
CA ASN A 105 -9.64 -46.75 39.76
C ASN A 105 -8.80 -46.26 40.93
N ARG A 106 -8.65 -44.95 41.08
CA ARG A 106 -7.79 -44.40 42.10
C ARG A 106 -8.62 -43.96 43.31
N ASN A 107 -7.93 -43.50 44.34
CA ASN A 107 -8.56 -43.03 45.56
C ASN A 107 -8.56 -41.52 45.58
N LEU A 108 -9.41 -40.96 46.44
CA LEU A 108 -9.41 -39.52 46.66
C LEU A 108 -8.15 -39.07 47.38
N SER A 109 -7.53 -39.98 48.12
CA SER A 109 -6.19 -39.71 48.64
C SER A 109 -5.15 -39.73 47.54
N GLU A 110 -5.29 -40.66 46.59
CA GLU A 110 -4.27 -40.83 45.56
C GLU A 110 -4.29 -39.68 44.56
N ILE A 111 -5.42 -39.00 44.43
CA ILE A 111 -5.56 -37.87 43.52
C ILE A 111 -5.49 -36.56 44.28
N TRP A 112 -6.34 -36.42 45.29
CA TRP A 112 -6.43 -35.19 46.06
C TRP A 112 -5.22 -34.98 46.97
N ASP A 113 -4.50 -36.04 47.29
CA ASP A 113 -3.26 -35.85 48.04
C ASP A 113 -2.10 -35.56 47.10
N ASN A 114 -1.84 -36.44 46.13
CA ASN A 114 -0.80 -36.13 45.15
C ASN A 114 -1.17 -36.80 43.82
N MET A 115 -1.92 -36.08 42.99
CA MET A 115 -2.00 -36.22 41.54
C MET A 115 -2.74 -35.01 41.00
N THR A 116 -2.10 -34.21 40.12
CA THR A 116 -2.70 -32.92 39.83
C THR A 116 -3.11 -32.74 38.38
N TRP A 117 -2.20 -32.78 37.41
CA TRP A 117 -2.69 -32.48 36.06
C TRP A 117 -2.40 -33.55 35.00
N LEU A 118 -1.16 -34.04 34.87
CA LEU A 118 -0.66 -34.57 33.60
C LEU A 118 -1.41 -35.74 32.96
N GLN A 119 -1.28 -36.91 33.55
CA GLN A 119 -1.97 -38.06 32.98
C GLN A 119 -3.42 -38.06 33.43
N TRP A 120 -3.70 -37.34 34.49
CA TRP A 120 -5.04 -36.87 34.80
C TRP A 120 -5.63 -36.12 33.61
N ASP A 121 -4.85 -35.24 32.96
CA ASP A 121 -5.34 -34.54 31.77
C ASP A 121 -5.53 -35.49 30.61
N LYS A 122 -4.69 -36.52 30.50
CA LYS A 122 -4.86 -37.48 29.41
C LYS A 122 -6.13 -38.31 29.58
N GLU A 123 -6.40 -38.73 30.83
CA GLU A 123 -7.64 -39.45 31.12
C GLU A 123 -8.85 -38.56 30.91
N ILE A 124 -8.80 -37.32 31.41
CA ILE A 124 -9.93 -36.42 31.15
C ILE A 124 -9.90 -35.83 29.75
N SER A 125 -8.97 -36.26 28.88
CA SER A 125 -9.18 -36.11 27.45
C SER A 125 -10.07 -37.22 26.91
N ASN A 126 -9.81 -38.46 27.36
CA ASN A 126 -10.71 -39.58 27.03
C ASN A 126 -12.13 -39.28 27.47
N TYR A 127 -12.29 -38.72 28.67
CA TYR A 127 -13.61 -38.38 29.16
C TYR A 127 -13.91 -36.89 28.99
N THR A 128 -13.03 -36.15 28.31
CA THR A 128 -13.49 -34.97 27.59
C THR A 128 -14.41 -35.41 26.47
N GLN A 129 -13.98 -36.40 25.69
CA GLN A 129 -14.84 -36.99 24.68
C GLN A 129 -16.10 -37.59 25.30
N ILE A 130 -15.89 -38.62 26.14
CA ILE A 130 -17.00 -39.39 26.67
C ILE A 130 -17.83 -38.56 27.63
N ILE A 131 -17.17 -37.89 28.58
CA ILE A 131 -17.91 -37.19 29.63
C ILE A 131 -18.43 -35.82 29.17
N TYR A 132 -17.81 -35.17 28.17
CA TYR A 132 -18.51 -34.02 27.60
C TYR A 132 -19.73 -34.46 26.81
N GLY A 133 -19.65 -35.63 26.17
CA GLY A 133 -20.86 -36.26 25.65
C GLY A 133 -21.88 -36.52 26.73
N LEU A 134 -21.43 -36.88 27.93
CA LEU A 134 -22.35 -37.07 29.05
C LEU A 134 -22.86 -35.75 29.61
N LEU A 135 -22.17 -34.64 29.37
CA LEU A 135 -22.72 -33.34 29.73
C LEU A 135 -23.86 -32.99 28.81
N GLU A 136 -23.70 -33.30 27.52
CA GLU A 136 -24.79 -33.06 26.58
C GLU A 136 -25.97 -33.99 26.85
N GLU A 137 -25.69 -35.27 27.13
CA GLU A 137 -26.77 -36.22 27.35
C GLU A 137 -27.45 -35.98 28.68
N SER A 138 -26.66 -35.73 29.73
CA SER A 138 -27.23 -35.44 31.04
C SER A 138 -27.98 -34.12 31.03
N GLN A 139 -27.53 -33.17 30.20
CA GLN A 139 -28.24 -31.91 30.08
C GLN A 139 -29.58 -32.08 29.37
N ASN A 140 -29.58 -32.79 28.24
CA ASN A 140 -30.81 -32.99 27.49
C ASN A 140 -31.81 -33.84 28.27
N GLN A 141 -31.37 -34.99 28.76
CA GLN A 141 -32.25 -35.94 29.43
C GLN A 141 -32.52 -35.45 30.85
N GLN A 142 -33.74 -34.94 31.06
CA GLN A 142 -34.41 -34.81 32.34
C GLN A 142 -33.79 -33.79 33.29
N GLU A 143 -32.65 -33.19 32.95
CA GLU A 143 -32.24 -32.00 33.67
C GLU A 143 -33.11 -30.81 33.28
N LYS A 144 -33.65 -30.83 32.07
CA LYS A 144 -34.65 -29.86 31.63
C LYS A 144 -36.02 -30.48 31.44
N ASN A 145 -36.08 -31.71 30.92
CA ASN A 145 -37.36 -32.30 30.53
C ASN A 145 -38.19 -32.69 31.75
N GLU A 146 -37.59 -33.45 32.66
CA GLU A 146 -38.24 -33.75 33.93
C GLU A 146 -38.41 -32.50 34.77
N GLN A 147 -37.53 -31.51 34.60
CA GLN A 147 -37.72 -30.23 35.25
C GLN A 147 -38.97 -29.53 34.72
N ASP A 148 -39.27 -29.71 33.43
CA ASP A 148 -40.51 -29.17 32.88
C ASP A 148 -41.72 -29.95 33.38
N LEU A 149 -41.62 -31.28 33.42
CA LEU A 149 -42.77 -32.10 33.77
C LEU A 149 -43.12 -31.96 35.25
N LEU A 150 -42.11 -31.95 36.11
CA LEU A 150 -42.33 -31.63 37.52
C LEU A 150 -42.68 -30.16 37.70
N ALA A 151 -42.20 -29.31 36.80
CA ALA A 151 -42.57 -27.90 36.84
C ALA A 151 -44.02 -27.69 36.39
N LEU A 152 -44.45 -28.42 35.37
CA LEU A 152 -45.85 -28.37 34.94
C LEU A 152 -46.71 -29.07 35.99
N ASP A 153 -47.44 -28.28 36.76
CA ASP A 153 -48.27 -28.81 37.84
C ASP A 153 -49.69 -28.28 37.74
N PHE B 8 -28.58 -39.96 15.31
CA PHE B 8 -28.82 -38.63 15.84
C PHE B 8 -29.81 -37.84 14.99
N LEU B 9 -30.14 -36.66 15.47
CA LEU B 9 -30.79 -35.67 14.63
C LEU B 9 -29.79 -34.73 13.97
N GLY B 10 -28.62 -34.55 14.57
CA GLY B 10 -27.60 -33.72 13.96
C GLY B 10 -27.94 -32.25 14.07
N PHE B 11 -27.90 -31.57 12.92
CA PHE B 11 -28.18 -30.13 12.85
C PHE B 11 -29.55 -29.94 12.24
N LEU B 12 -30.44 -29.26 12.98
CA LEU B 12 -31.83 -29.00 12.59
C LEU B 12 -32.61 -30.29 12.30
N GLY B 13 -32.30 -31.37 13.00
CA GLY B 13 -33.00 -32.62 12.79
C GLY B 13 -34.42 -32.63 13.33
N ALA B 14 -34.76 -31.66 14.19
CA ALA B 14 -36.12 -31.48 14.67
C ALA B 14 -36.92 -30.53 13.81
N ALA B 15 -36.57 -30.41 12.52
CA ALA B 15 -37.26 -29.50 11.62
C ALA B 15 -38.69 -29.96 11.36
N GLY B 16 -38.84 -31.12 10.74
CA GLY B 16 -40.17 -31.63 10.47
C GLY B 16 -40.77 -32.36 11.65
N SER B 17 -40.91 -31.66 12.77
CA SER B 17 -41.39 -32.24 14.02
C SER B 17 -42.42 -31.31 14.64
N THR B 18 -42.81 -31.62 15.86
CA THR B 18 -43.63 -30.75 16.68
C THR B 18 -42.79 -30.30 17.88
N MET B 19 -43.13 -29.14 18.44
CA MET B 19 -42.34 -28.53 19.51
C MET B 19 -42.29 -29.34 20.80
N GLY B 20 -43.08 -30.40 20.94
CA GLY B 20 -42.83 -31.35 22.00
C GLY B 20 -41.55 -32.12 21.73
N ALA B 21 -41.55 -32.86 20.63
CA ALA B 21 -40.40 -33.65 20.26
C ALA B 21 -39.21 -32.79 19.86
N ALA B 22 -39.48 -31.60 19.33
CA ALA B 22 -38.39 -30.63 19.16
C ALA B 22 -37.90 -30.13 20.50
N SER B 23 -38.82 -29.85 21.44
CA SER B 23 -38.46 -29.29 22.73
C SER B 23 -37.70 -30.25 23.61
N MET B 24 -37.77 -31.56 23.34
CA MET B 24 -36.92 -32.51 24.03
C MET B 24 -35.53 -32.64 23.40
N THR B 25 -35.14 -31.68 22.56
CA THR B 25 -33.90 -31.69 21.80
C THR B 25 -33.35 -30.27 21.83
N LEU B 26 -32.51 -29.97 20.83
CA LEU B 26 -32.13 -28.64 20.33
C LEU B 26 -31.05 -27.94 21.14
N THR B 27 -30.40 -28.63 22.07
CA THR B 27 -29.16 -28.09 22.58
C THR B 27 -28.01 -28.34 21.62
N VAL B 28 -28.10 -29.43 20.85
CA VAL B 28 -27.19 -29.64 19.73
C VAL B 28 -27.38 -28.54 18.69
N GLN B 29 -28.63 -28.15 18.46
CA GLN B 29 -28.92 -27.02 17.61
C GLN B 29 -28.47 -25.72 18.26
N ALA B 30 -28.51 -25.66 19.59
CA ALA B 30 -28.16 -24.43 20.29
C ALA B 30 -26.66 -24.18 20.30
N ARG B 31 -25.85 -25.24 20.26
CA ARG B 31 -24.40 -25.07 20.35
C ARG B 31 -23.75 -24.78 18.99
N ASN B 32 -24.31 -23.81 18.27
CA ASN B 32 -23.89 -23.52 16.89
C ASN B 32 -23.77 -22.01 16.73
N LEU B 33 -22.59 -21.48 17.06
CA LEU B 33 -22.30 -20.07 16.85
C LEU B 33 -20.90 -19.92 16.27
N LEU B 34 -20.06 -20.92 16.51
CA LEU B 34 -18.69 -20.92 16.02
C LEU B 34 -18.26 -22.35 15.76
N SER B 35 -17.91 -22.64 14.50
CA SER B 35 -17.41 -23.96 14.15
C SER B 35 -16.27 -23.93 13.14
N GLY B 36 -15.77 -22.75 12.77
CA GLY B 36 -14.75 -22.67 11.75
C GLY B 36 -13.36 -23.05 12.24
N ILE B 37 -12.96 -22.51 13.38
CA ILE B 37 -11.63 -22.77 13.91
C ILE B 37 -11.73 -23.45 15.27
N GLN B 51 0.79 -19.17 6.69
CA GLN B 51 0.34 -18.79 5.36
C GLN B 51 0.49 -17.26 5.26
N GLN B 52 1.57 -16.75 5.86
CA GLN B 52 1.77 -15.32 6.01
C GLN B 52 3.19 -14.93 5.63
N HIS B 53 3.67 -15.39 4.47
CA HIS B 53 4.97 -14.93 4.01
C HIS B 53 5.08 -14.72 2.51
N LEU B 54 3.99 -14.82 1.74
CA LEU B 54 4.11 -14.81 0.28
C LEU B 54 4.34 -13.40 -0.26
N LEU B 55 3.31 -12.55 -0.20
CA LEU B 55 3.45 -11.14 -0.53
C LEU B 55 2.74 -10.21 0.45
N LYS B 56 1.86 -10.75 1.31
CA LYS B 56 1.29 -10.06 2.48
C LYS B 56 0.39 -8.89 2.08
N LEU B 57 -0.41 -9.06 1.04
CA LEU B 57 -1.50 -8.15 0.72
C LEU B 57 -2.76 -8.98 0.57
N THR B 58 -3.58 -9.03 1.62
CA THR B 58 -4.77 -9.84 1.64
C THR B 58 -6.02 -8.98 1.72
N VAL B 59 -7.13 -9.52 1.22
CA VAL B 59 -8.43 -8.88 1.33
C VAL B 59 -9.48 -9.77 1.97
N TRP B 60 -9.30 -11.08 1.99
CA TRP B 60 -10.36 -12.00 2.39
C TRP B 60 -10.62 -11.95 3.89
N GLY B 61 -9.55 -11.97 4.69
CA GLY B 61 -9.69 -12.03 6.13
C GLY B 61 -10.27 -10.78 6.76
N ILE B 62 -10.25 -9.65 6.04
CA ILE B 62 -10.91 -8.45 6.50
C ILE B 62 -12.42 -8.68 6.61
N LYS B 63 -13.03 -9.16 5.52
CA LYS B 63 -14.46 -9.43 5.52
C LYS B 63 -14.79 -10.71 6.26
N GLN B 64 -13.86 -11.66 6.32
CA GLN B 64 -14.11 -12.92 7.04
C GLN B 64 -14.14 -12.68 8.54
N LEU B 65 -13.10 -12.03 9.07
CA LEU B 65 -13.09 -11.64 10.47
C LEU B 65 -14.16 -10.62 10.78
N GLN B 66 -14.52 -9.80 9.79
CA GLN B 66 -15.68 -8.92 9.92
C GLN B 66 -16.95 -9.73 10.15
N ALA B 67 -17.11 -10.83 9.42
CA ALA B 67 -18.28 -11.68 9.60
C ALA B 67 -18.23 -12.41 10.94
N ARG B 68 -17.01 -12.70 11.43
CA ARG B 68 -16.89 -13.27 12.76
C ARG B 68 -17.31 -12.27 13.82
N VAL B 69 -16.95 -10.99 13.63
CA VAL B 69 -17.39 -9.92 14.51
C VAL B 69 -18.90 -9.79 14.49
N LEU B 70 -19.50 -9.81 13.29
CA LEU B 70 -20.95 -9.66 13.18
C LEU B 70 -21.69 -10.84 13.78
N ALA B 71 -21.16 -12.05 13.65
CA ALA B 71 -21.81 -13.21 14.24
C ALA B 71 -21.69 -13.20 15.75
N VAL B 72 -20.52 -12.81 16.28
CA VAL B 72 -20.34 -12.75 17.73
C VAL B 72 -21.21 -11.65 18.33
N GLU B 73 -21.26 -10.49 17.68
CA GLU B 73 -22.12 -9.39 18.13
C GLU B 73 -23.60 -9.75 18.05
N ARG B 74 -23.98 -10.54 17.05
CA ARG B 74 -25.34 -11.07 17.00
C ARG B 74 -25.62 -11.97 18.19
N TYR B 75 -24.68 -12.88 18.49
CA TYR B 75 -24.86 -13.78 19.62
C TYR B 75 -24.80 -13.05 20.95
N LEU B 76 -24.18 -11.89 21.01
CA LEU B 76 -24.15 -11.13 22.24
C LEU B 76 -25.29 -10.15 22.36
N ARG B 77 -25.97 -9.83 21.27
CA ARG B 77 -27.32 -9.30 21.42
C ARG B 77 -28.27 -10.38 21.91
N ASP B 78 -28.03 -11.61 21.49
CA ASP B 78 -28.81 -12.73 21.97
C ASP B 78 -28.54 -12.99 23.46
N GLN B 79 -27.28 -12.86 23.88
CA GLN B 79 -26.94 -12.93 25.29
C GLN B 79 -27.26 -11.65 26.03
N GLN B 80 -27.54 -10.56 25.31
CA GLN B 80 -28.11 -9.39 25.96
C GLN B 80 -29.56 -9.65 26.34
N LEU B 81 -30.27 -10.37 25.47
CA LEU B 81 -31.60 -10.86 25.85
C LEU B 81 -31.49 -11.90 26.96
N LEU B 82 -30.76 -12.99 26.70
CA LEU B 82 -30.55 -14.10 27.65
C LEU B 82 -29.79 -13.70 28.92
N GLY B 83 -29.34 -12.46 29.00
CA GLY B 83 -28.77 -11.88 30.20
C GLY B 83 -29.94 -11.18 30.83
N ILE B 84 -30.15 -9.91 30.47
CA ILE B 84 -31.21 -9.11 31.07
C ILE B 84 -32.56 -9.69 30.68
N TRP B 85 -33.11 -10.47 31.61
CA TRP B 85 -34.37 -11.21 31.57
C TRP B 85 -34.64 -11.85 32.92
N GLY B 86 -35.69 -12.68 32.97
CA GLY B 86 -35.87 -13.61 34.07
C GLY B 86 -35.43 -14.99 33.62
N CYS B 87 -34.62 -15.00 32.57
CA CYS B 87 -34.24 -16.22 31.89
C CYS B 87 -32.73 -16.22 31.64
N SER B 88 -31.96 -15.87 32.67
CA SER B 88 -30.54 -16.15 32.64
C SER B 88 -30.34 -17.65 32.75
N GLY B 89 -29.61 -18.22 31.78
CA GLY B 89 -29.64 -19.63 31.39
C GLY B 89 -29.64 -20.72 32.46
N LYS B 90 -30.69 -21.54 32.65
CA LYS B 90 -32.05 -21.59 32.00
C LYS B 90 -32.07 -21.74 30.48
N LEU B 91 -31.63 -22.90 29.98
CA LEU B 91 -31.56 -23.13 28.54
C LEU B 91 -32.94 -23.02 27.89
N ILE B 92 -33.95 -23.61 28.51
CA ILE B 92 -35.32 -23.17 28.30
C ILE B 92 -35.88 -22.84 29.68
N CYS B 93 -36.84 -21.94 29.72
CA CYS B 93 -37.29 -21.44 31.00
C CYS B 93 -38.79 -21.22 30.99
N CYS B 94 -39.41 -21.57 32.11
CA CYS B 94 -40.79 -21.23 32.39
C CYS B 94 -40.84 -19.83 32.99
N THR B 95 -42.05 -19.31 33.15
CA THR B 95 -42.19 -17.92 33.59
C THR B 95 -43.13 -17.75 34.77
N ASN B 96 -43.39 -16.48 35.10
CA ASN B 96 -44.54 -16.05 35.89
C ASN B 96 -45.38 -15.03 35.13
N VAL B 97 -45.27 -15.02 33.80
CA VAL B 97 -46.00 -14.08 32.96
C VAL B 97 -47.30 -14.76 32.51
N PRO B 98 -48.47 -14.15 32.74
CA PRO B 98 -49.73 -14.81 32.38
C PRO B 98 -50.02 -14.80 30.90
N TRP B 99 -51.19 -15.33 30.55
CA TRP B 99 -51.61 -15.43 29.16
C TRP B 99 -53.07 -15.01 29.05
N ASN B 100 -53.34 -13.96 28.29
CA ASN B 100 -54.70 -13.63 27.91
C ASN B 100 -55.13 -14.63 26.84
N SER B 101 -56.33 -15.20 27.03
CA SER B 101 -56.96 -16.09 26.05
C SER B 101 -57.50 -15.34 24.84
N SER B 102 -57.59 -14.02 24.91
CA SER B 102 -57.85 -13.22 23.72
C SER B 102 -56.67 -13.24 22.76
N TRP B 103 -55.48 -13.61 23.23
CA TRP B 103 -54.31 -13.66 22.36
C TRP B 103 -54.36 -14.85 21.43
N SER B 104 -54.47 -16.06 21.98
CA SER B 104 -54.75 -17.25 21.19
C SER B 104 -55.70 -18.14 21.97
N ASN B 105 -56.30 -19.09 21.25
CA ASN B 105 -57.41 -19.87 21.79
C ASN B 105 -57.29 -21.35 21.45
N ARG B 106 -56.08 -21.87 21.37
CA ARG B 106 -55.88 -23.25 20.96
C ARG B 106 -55.67 -24.13 22.18
N ASN B 107 -55.55 -25.43 21.92
CA ASN B 107 -55.31 -26.41 22.97
C ASN B 107 -53.85 -26.83 22.97
N LEU B 108 -53.43 -27.43 24.08
CA LEU B 108 -52.08 -27.99 24.15
C LEU B 108 -51.97 -29.22 23.25
N SER B 109 -53.08 -29.88 22.96
CA SER B 109 -53.09 -30.91 21.94
C SER B 109 -52.97 -30.29 20.55
N GLU B 110 -53.62 -29.15 20.33
CA GLU B 110 -53.64 -28.55 18.99
C GLU B 110 -52.30 -27.96 18.61
N ILE B 111 -51.50 -27.60 19.60
CA ILE B 111 -50.17 -27.04 19.36
C ILE B 111 -49.09 -28.08 19.59
N TRP B 112 -49.10 -28.71 20.76
CA TRP B 112 -48.08 -29.69 21.12
C TRP B 112 -48.23 -30.99 20.35
N ASP B 113 -49.41 -31.28 19.81
CA ASP B 113 -49.53 -32.43 18.96
C ASP B 113 -49.16 -32.11 17.52
N ASN B 114 -49.81 -31.11 16.92
CA ASN B 114 -49.39 -30.68 15.58
C ASN B 114 -49.69 -29.19 15.41
N MET B 115 -48.70 -28.37 15.80
CA MET B 115 -48.49 -27.00 15.31
C MET B 115 -47.10 -26.56 15.76
N THR B 116 -46.20 -26.23 14.85
CA THR B 116 -44.82 -26.08 15.28
C THR B 116 -44.25 -24.68 15.09
N TRP B 117 -44.16 -24.14 13.88
CA TRP B 117 -43.50 -22.83 13.82
C TRP B 117 -44.31 -21.72 13.15
N LEU B 118 -44.89 -21.92 11.96
CA LEU B 118 -45.15 -20.83 11.02
C LEU B 118 -46.05 -19.69 11.47
N GLN B 119 -47.34 -19.95 11.59
CA GLN B 119 -48.23 -18.89 12.04
C GLN B 119 -48.19 -18.75 13.53
N TRP B 120 -47.71 -19.81 14.20
CA TRP B 120 -47.19 -19.70 15.55
C TRP B 120 -46.11 -18.62 15.63
N ASP B 121 -45.20 -18.56 14.65
CA ASP B 121 -44.19 -17.50 14.65
C ASP B 121 -44.80 -16.13 14.38
N LYS B 122 -45.87 -16.08 13.58
CA LYS B 122 -46.51 -14.80 13.33
C LYS B 122 -47.22 -14.27 14.58
N GLU B 123 -47.89 -15.17 15.30
CA GLU B 123 -48.52 -14.78 16.56
C GLU B 123 -47.48 -14.40 17.60
N ILE B 124 -46.40 -15.17 17.74
CA ILE B 124 -45.35 -14.77 18.67
C ILE B 124 -44.45 -13.68 18.10
N SER B 125 -44.77 -13.13 16.92
CA SER B 125 -44.25 -11.82 16.56
C SER B 125 -45.11 -10.72 17.17
N ASN B 126 -46.43 -10.89 17.13
CA ASN B 126 -47.33 -9.98 17.85
C ASN B 126 -47.00 -9.93 19.34
N TYR B 127 -46.73 -11.09 19.92
CA TYR B 127 -46.37 -11.13 21.32
C TYR B 127 -44.86 -11.25 21.52
N THR B 128 -44.08 -11.17 20.45
CA THR B 128 -42.73 -10.66 20.58
C THR B 128 -42.77 -9.21 21.01
N GLN B 129 -43.60 -8.42 20.32
CA GLN B 129 -43.82 -7.04 20.74
C GLN B 129 -44.43 -6.98 22.13
N ILE B 130 -45.64 -7.53 22.28
CA ILE B 130 -46.38 -7.39 23.52
C ILE B 130 -45.72 -8.18 24.65
N ILE B 131 -45.37 -9.44 24.39
CA ILE B 131 -44.87 -10.28 25.46
C ILE B 131 -43.38 -10.04 25.75
N TYR B 132 -42.58 -9.54 24.80
CA TYR B 132 -41.26 -9.08 25.21
C TYR B 132 -41.37 -7.81 26.05
N GLY B 133 -42.36 -6.96 25.74
CA GLY B 133 -42.71 -5.89 26.66
C GLY B 133 -43.11 -6.41 28.03
N LEU B 134 -43.78 -7.55 28.08
CA LEU B 134 -44.12 -8.17 29.34
C LEU B 134 -42.94 -8.84 30.02
N LEU B 135 -41.88 -9.16 29.28
CA LEU B 135 -40.66 -9.61 29.92
C LEU B 135 -39.97 -8.46 30.61
N GLU B 136 -39.99 -7.29 29.97
CA GLU B 136 -39.41 -6.12 30.61
C GLU B 136 -40.24 -5.68 31.82
N GLU B 137 -41.57 -5.70 31.68
CA GLU B 137 -42.43 -5.25 32.77
C GLU B 137 -42.45 -6.26 33.91
N SER B 138 -42.53 -7.55 33.58
CA SER B 138 -42.50 -8.58 34.60
C SER B 138 -41.14 -8.65 35.28
N GLN B 139 -40.08 -8.30 34.54
CA GLN B 139 -38.76 -8.28 35.14
C GLN B 139 -38.60 -7.11 36.10
N ASN B 140 -39.03 -5.92 35.68
CA ASN B 140 -38.91 -4.74 36.53
C ASN B 140 -39.80 -4.84 37.76
N GLN B 141 -41.07 -5.15 37.55
CA GLN B 141 -42.06 -5.18 38.62
C GLN B 141 -41.89 -6.46 39.41
N GLN B 142 -41.32 -6.34 40.62
CA GLN B 142 -41.43 -7.28 41.72
C GLN B 142 -40.74 -8.62 41.51
N GLU B 143 -40.20 -8.89 40.32
CA GLU B 143 -39.26 -9.99 40.20
C GLU B 143 -37.94 -9.63 40.85
N LYS B 144 -37.60 -8.35 40.89
CA LYS B 144 -36.46 -7.84 41.63
C LYS B 144 -36.86 -7.02 42.83
N ASN B 145 -37.91 -6.20 42.70
CA ASN B 145 -38.26 -5.23 43.74
C ASN B 145 -38.83 -5.92 44.97
N GLU B 146 -39.84 -6.76 44.78
CA GLU B 146 -40.36 -7.57 45.86
C GLU B 146 -39.34 -8.58 46.34
N GLN B 147 -38.44 -9.01 45.44
CA GLN B 147 -37.33 -9.85 45.86
C GLN B 147 -36.39 -9.11 46.79
N ASP B 148 -36.23 -7.79 46.58
CA ASP B 148 -35.45 -6.98 47.52
C ASP B 148 -36.19 -6.79 48.83
N LEU B 149 -37.50 -6.52 48.76
CA LEU B 149 -38.24 -6.21 49.98
C LEU B 149 -38.43 -7.43 50.86
N LEU B 150 -38.73 -8.58 50.25
CA LEU B 150 -38.73 -9.83 51.00
C LEU B 150 -37.32 -10.24 51.38
N ALA B 151 -36.33 -9.84 50.58
CA ALA B 151 -34.94 -10.10 50.92
C ALA B 151 -34.48 -9.23 52.08
N LEU B 152 -34.88 -7.97 52.11
CA LEU B 152 -34.60 -7.08 53.23
C LEU B 152 -35.41 -7.52 54.43
N ASP B 153 -34.76 -8.15 55.40
CA ASP B 153 -35.44 -8.66 56.58
C ASP B 153 -34.75 -8.20 57.85
N PHE C 8 -42.24 8.39 30.43
CA PHE C 8 -41.09 7.59 30.85
C PHE C 8 -40.00 8.44 31.45
N LEU C 9 -38.97 7.75 31.93
CA LEU C 9 -37.71 8.41 32.23
C LEU C 9 -36.74 8.36 31.06
N GLY C 10 -36.88 7.36 30.18
CA GLY C 10 -36.03 7.28 29.01
C GLY C 10 -34.62 6.85 29.35
N PHE C 11 -33.66 7.63 28.90
CA PHE C 11 -32.25 7.35 29.11
C PHE C 11 -31.72 8.30 30.17
N LEU C 12 -31.19 7.75 31.27
CA LEU C 12 -30.66 8.49 32.43
C LEU C 12 -31.70 9.42 33.05
N GLY C 13 -32.98 9.02 33.01
CA GLY C 13 -34.02 9.85 33.60
C GLY C 13 -34.01 9.86 35.12
N ALA C 14 -33.30 8.92 35.74
CA ALA C 14 -33.11 8.91 37.18
C ALA C 14 -31.86 9.66 37.61
N ALA C 15 -31.42 10.63 36.80
CA ALA C 15 -30.21 11.39 37.12
C ALA C 15 -30.40 12.25 38.35
N GLY C 16 -31.30 13.23 38.27
CA GLY C 16 -31.55 14.08 39.41
C GLY C 16 -32.51 13.47 40.41
N SER C 17 -32.16 12.31 40.95
CA SER C 17 -33.02 11.56 41.85
C SER C 17 -32.19 11.08 43.03
N THR C 18 -32.80 10.22 43.85
CA THR C 18 -32.12 9.51 44.91
C THR C 18 -32.13 8.03 44.55
N MET C 19 -31.16 7.28 45.08
CA MET C 19 -30.97 5.88 44.74
C MET C 19 -32.12 4.96 45.16
N GLY C 20 -33.08 5.46 45.95
CA GLY C 20 -34.32 4.72 46.12
C GLY C 20 -35.11 4.75 44.83
N ALA C 21 -35.50 5.96 44.43
CA ALA C 21 -36.30 6.15 43.22
C ALA C 21 -35.49 5.81 41.97
N ALA C 22 -34.18 6.00 42.01
CA ALA C 22 -33.34 5.47 40.95
C ALA C 22 -33.31 3.95 40.98
N SER C 23 -33.21 3.37 42.17
CA SER C 23 -33.08 1.92 42.30
C SER C 23 -34.35 1.17 41.92
N MET C 24 -35.50 1.85 41.90
CA MET C 24 -36.71 1.23 41.36
C MET C 24 -36.81 1.36 39.84
N THR C 25 -35.71 1.66 39.17
CA THR C 25 -35.64 1.91 37.74
C THR C 25 -34.37 1.24 37.22
N LEU C 26 -33.88 1.74 36.08
CA LEU C 26 -32.52 1.64 35.54
C LEU C 26 -32.22 0.32 34.83
N THR C 27 -33.22 -0.51 34.57
CA THR C 27 -33.00 -1.57 33.59
C THR C 27 -33.09 -1.03 32.18
N VAL C 28 -33.90 0.01 31.98
CA VAL C 28 -33.89 0.76 30.73
C VAL C 28 -32.52 1.39 30.51
N GLN C 29 -31.94 1.92 31.59
CA GLN C 29 -30.57 2.42 31.54
C GLN C 29 -29.58 1.29 31.36
N ALA C 30 -29.90 0.10 31.88
CA ALA C 30 -28.98 -1.02 31.81
C ALA C 30 -28.93 -1.63 30.42
N ARG C 31 -30.02 -1.55 29.65
CA ARG C 31 -30.04 -2.18 28.33
C ARG C 31 -29.45 -1.29 27.23
N ASN C 32 -28.25 -0.77 27.48
CA ASN C 32 -27.65 0.20 26.59
C ASN C 32 -26.17 -0.15 26.41
N LEU C 33 -25.90 -1.03 25.44
CA LEU C 33 -24.54 -1.38 25.08
C LEU C 33 -24.39 -1.40 23.56
N LEU C 34 -25.50 -1.59 22.87
CA LEU C 34 -25.53 -1.64 21.42
C LEU C 34 -26.87 -1.11 20.92
N SER C 35 -26.82 -0.04 20.14
CA SER C 35 -28.03 0.53 19.56
C SER C 35 -27.85 1.01 18.13
N GLY C 36 -26.68 0.80 17.52
CA GLY C 36 -26.42 1.32 16.19
C GLY C 36 -27.09 0.52 15.08
N ILE C 37 -26.95 -0.79 15.13
CA ILE C 37 -27.51 -1.64 14.08
C ILE C 37 -28.54 -2.60 14.67
N GLN C 51 -23.46 -0.70 -0.14
CA GLN C 51 -22.67 0.51 -0.20
C GLN C 51 -21.21 0.07 -0.38
N GLN C 52 -21.03 -0.99 -1.16
CA GLN C 52 -19.73 -1.64 -1.30
C GLN C 52 -19.41 -1.92 -2.77
N HIS C 53 -19.58 -0.93 -3.64
CA HIS C 53 -19.15 -1.11 -5.03
C HIS C 53 -18.53 0.12 -5.67
N LEU C 54 -18.28 1.21 -4.94
CA LEU C 54 -17.86 2.45 -5.59
C LEU C 54 -16.40 2.40 -6.00
N LEU C 55 -15.49 2.45 -5.02
CA LEU C 55 -14.07 2.24 -5.29
C LEU C 55 -13.38 1.34 -4.27
N LYS C 56 -14.04 1.05 -3.14
CA LYS C 56 -13.65 -0.01 -2.18
C LYS C 56 -12.32 0.29 -1.49
N LEU C 57 -12.09 1.54 -1.12
CA LEU C 57 -10.99 1.92 -0.23
C LEU C 57 -11.60 2.75 0.89
N THR C 58 -11.84 2.12 2.04
CA THR C 58 -12.49 2.78 3.15
C THR C 58 -11.54 2.86 4.35
N VAL C 59 -11.79 3.86 5.19
CA VAL C 59 -11.05 4.02 6.44
C VAL C 59 -11.96 4.08 7.66
N TRP C 60 -13.24 4.43 7.50
CA TRP C 60 -14.10 4.72 8.64
C TRP C 60 -14.46 3.48 9.43
N GLY C 61 -14.82 2.40 8.73
CA GLY C 61 -15.28 1.19 9.39
C GLY C 61 -14.21 0.46 10.16
N ILE C 62 -12.94 0.74 9.87
CA ILE C 62 -11.84 0.17 10.65
C ILE C 62 -11.92 0.68 12.09
N LYS C 63 -11.99 2.00 12.25
CA LYS C 63 -12.08 2.58 13.58
C LYS C 63 -13.47 2.44 14.19
N GLN C 64 -14.50 2.36 13.34
CA GLN C 64 -15.86 2.21 13.83
C GLN C 64 -16.07 0.81 14.41
N LEU C 65 -15.73 -0.21 13.64
CA LEU C 65 -15.78 -1.58 14.13
C LEU C 65 -14.77 -1.80 15.24
N GLN C 66 -13.65 -1.06 15.22
CA GLN C 66 -12.72 -1.04 16.34
C GLN C 66 -13.40 -0.56 17.61
N ALA C 67 -14.22 0.49 17.50
CA ALA C 67 -14.95 1.00 18.65
C ALA C 67 -16.03 0.03 19.09
N ARG C 68 -16.59 -0.73 18.15
CA ARG C 68 -17.53 -1.78 18.51
C ARG C 68 -16.84 -2.88 19.29
N VAL C 69 -15.62 -3.23 18.88
CA VAL C 69 -14.81 -4.20 19.60
C VAL C 69 -14.50 -3.69 21.01
N LEU C 70 -14.10 -2.42 21.13
CA LEU C 70 -13.75 -1.86 22.43
C LEU C 70 -14.95 -1.78 23.36
N ALA C 71 -16.13 -1.47 22.81
CA ALA C 71 -17.32 -1.39 23.64
C ALA C 71 -17.77 -2.78 24.09
N VAL C 72 -17.69 -3.76 23.20
CA VAL C 72 -18.07 -5.13 23.55
C VAL C 72 -17.10 -5.70 24.58
N GLU C 73 -15.80 -5.48 24.38
CA GLU C 73 -14.79 -5.92 25.34
C GLU C 73 -14.93 -5.23 26.69
N ARG C 74 -15.35 -3.96 26.68
CA ARG C 74 -15.68 -3.28 27.92
C ARG C 74 -16.85 -3.96 28.63
N TYR C 75 -17.90 -4.26 27.86
CA TYR C 75 -19.07 -4.91 28.44
C TYR C 75 -18.76 -6.33 28.89
N LEU C 76 -17.75 -6.96 28.31
CA LEU C 76 -17.39 -8.31 28.73
C LEU C 76 -16.36 -8.33 29.84
N ARG C 77 -15.66 -7.22 30.08
CA ARG C 77 -15.03 -7.05 31.39
C ARG C 77 -16.10 -6.83 32.45
N ASP C 78 -17.18 -6.14 32.07
CA ASP C 78 -18.29 -5.95 32.99
C ASP C 78 -18.99 -7.27 33.28
N GLN C 79 -19.14 -8.13 32.27
CA GLN C 79 -19.66 -9.47 32.47
C GLN C 79 -18.61 -10.41 33.03
N GLN C 80 -17.34 -10.03 33.02
CA GLN C 80 -16.35 -10.76 33.78
C GLN C 80 -16.55 -10.52 35.27
N LEU C 81 -16.89 -9.28 35.63
CA LEU C 81 -17.31 -9.00 36.98
C LEU C 81 -18.63 -9.69 37.31
N LEU C 82 -19.67 -9.38 36.53
CA LEU C 82 -21.02 -9.94 36.69
C LEU C 82 -21.10 -11.44 36.45
N GLY C 83 -20.01 -12.07 36.05
CA GLY C 83 -19.87 -13.50 35.96
C GLY C 83 -19.24 -13.87 37.28
N ILE C 84 -17.91 -13.88 37.34
CA ILE C 84 -17.19 -14.29 38.54
C ILE C 84 -17.49 -13.30 39.65
N TRP C 85 -18.42 -13.68 40.52
CA TRP C 85 -18.97 -12.97 41.67
C TRP C 85 -19.93 -13.88 42.42
N GLY C 86 -20.60 -13.30 43.41
CA GLY C 86 -21.79 -13.92 43.99
C GLY C 86 -23.02 -13.25 43.43
N CYS C 87 -22.82 -12.59 42.28
CA CYS C 87 -23.84 -11.74 41.69
C CYS C 87 -23.94 -12.04 40.19
N SER C 88 -24.00 -13.32 39.86
CA SER C 88 -24.42 -13.71 38.52
C SER C 88 -25.91 -13.40 38.38
N GLY C 89 -26.25 -12.62 37.35
CA GLY C 89 -27.47 -11.83 37.24
C GLY C 89 -28.81 -12.43 37.64
N LYS C 90 -29.52 -11.97 38.69
CA LYS C 90 -29.23 -10.91 39.70
C LYS C 90 -28.92 -9.51 39.17
N LEU C 91 -29.93 -8.87 38.59
CA LEU C 91 -29.74 -7.54 37.99
C LEU C 91 -29.29 -6.53 39.04
N ILE C 92 -29.90 -6.54 40.21
CA ILE C 92 -29.26 -6.02 41.40
C ILE C 92 -29.29 -7.14 42.42
N CYS C 93 -28.32 -7.13 43.34
CA CYS C 93 -28.17 -8.26 44.22
C CYS C 93 -27.78 -7.80 45.62
N CYS C 94 -28.36 -8.46 46.60
CA CYS C 94 -27.96 -8.34 47.99
C CYS C 94 -26.80 -9.28 48.24
N THR C 95 -26.20 -9.17 49.42
CA THR C 95 -25.00 -9.95 49.71
C THR C 95 -25.07 -10.73 51.02
N ASN C 96 -23.93 -11.32 51.38
CA ASN C 96 -23.61 -11.76 52.74
C ASN C 96 -22.33 -11.10 53.23
N VAL C 97 -21.95 -9.97 52.65
CA VAL C 97 -20.72 -9.27 53.02
C VAL C 97 -21.07 -8.21 54.05
N PRO C 98 -20.43 -8.20 55.24
CA PRO C 98 -20.80 -7.24 56.28
C PRO C 98 -20.34 -5.83 56.00
N TRP C 99 -20.59 -4.95 56.96
CA TRP C 99 -20.23 -3.55 56.85
C TRP C 99 -19.63 -3.08 58.16
N ASN C 100 -18.38 -2.63 58.13
CA ASN C 100 -17.80 -1.93 59.25
C ASN C 100 -18.39 -0.52 59.27
N SER C 101 -18.84 -0.10 60.46
CA SER C 101 -19.32 1.26 60.68
C SER C 101 -18.21 2.29 60.73
N SER C 102 -16.95 1.84 60.83
CA SER C 102 -15.81 2.73 60.65
C SER C 102 -15.70 3.18 59.20
N TRP C 103 -16.33 2.48 58.27
CA TRP C 103 -16.27 2.84 56.86
C TRP C 103 -17.12 4.07 56.57
N SER C 104 -18.42 3.99 56.87
CA SER C 104 -19.28 5.16 56.85
C SER C 104 -20.23 5.08 58.03
N ASN C 105 -20.86 6.22 58.32
CA ASN C 105 -21.63 6.37 59.55
C ASN C 105 -22.95 7.10 59.33
N ARG C 106 -23.56 6.92 58.18
CA ARG C 106 -24.77 7.64 57.84
C ARG C 106 -26.00 6.76 58.10
N ASN C 107 -27.17 7.34 57.89
CA ASN C 107 -28.43 6.65 58.05
C ASN C 107 -29.00 6.27 56.69
N LEU C 108 -29.94 5.33 56.72
CA LEU C 108 -30.66 4.99 55.50
C LEU C 108 -31.58 6.12 55.06
N SER C 109 -31.98 6.97 56.00
CA SER C 109 -32.66 8.21 55.64
C SER C 109 -31.69 9.18 55.00
N GLU C 110 -30.47 9.26 55.52
CA GLU C 110 -29.51 10.26 55.05
C GLU C 110 -29.00 9.94 53.66
N ILE C 111 -29.04 8.67 53.27
CA ILE C 111 -28.59 8.25 51.96
C ILE C 111 -29.77 8.00 51.04
N TRP C 112 -30.70 7.16 51.48
CA TRP C 112 -31.86 6.81 50.68
C TRP C 112 -32.86 7.94 50.53
N ASP C 113 -32.83 8.92 51.44
CA ASP C 113 -33.68 10.08 51.24
C ASP C 113 -32.99 11.11 50.36
N ASN C 114 -31.79 11.56 50.74
CA ASN C 114 -31.05 12.47 49.86
C ASN C 114 -29.55 12.25 50.06
N MET C 115 -28.99 11.32 49.28
CA MET C 115 -27.57 11.24 48.90
C MET C 115 -27.46 10.22 47.79
N THR C 116 -26.98 10.62 46.61
CA THR C 116 -27.13 9.71 45.47
C THR C 116 -25.82 9.23 44.88
N TRP C 117 -24.96 10.10 44.34
CA TRP C 117 -23.77 9.53 43.70
C TRP C 117 -22.43 10.05 44.21
N LEU C 118 -22.22 11.36 44.31
CA LEU C 118 -20.86 11.94 44.20
C LEU C 118 -19.80 11.49 45.20
N GLN C 119 -19.94 11.91 46.44
CA GLN C 119 -18.96 11.50 47.43
C GLN C 119 -19.27 10.12 47.93
N TRP C 120 -20.51 9.69 47.74
CA TRP C 120 -20.86 8.29 47.75
C TRP C 120 -19.99 7.49 46.78
N ASP C 121 -19.77 8.03 45.57
CA ASP C 121 -18.87 7.36 44.62
C ASP C 121 -17.42 7.38 45.09
N LYS C 122 -17.02 8.43 45.80
CA LYS C 122 -15.64 8.48 46.29
C LYS C 122 -15.43 7.45 47.40
N GLU C 123 -16.41 7.33 48.31
CA GLU C 123 -16.34 6.31 49.35
C GLU C 123 -16.39 4.92 48.75
N ILE C 124 -17.30 4.66 47.81
CA ILE C 124 -17.30 3.34 47.17
C ILE C 124 -16.21 3.21 46.12
N SER C 125 -15.31 4.18 45.98
CA SER C 125 -14.02 3.91 45.36
C SER C 125 -13.06 3.32 46.38
N ASN C 126 -13.04 3.88 47.60
CA ASN C 126 -12.28 3.26 48.70
C ASN C 126 -12.70 1.82 48.93
N TYR C 127 -14.01 1.58 48.90
CA TYR C 127 -14.49 0.22 49.08
C TYR C 127 -14.85 -0.44 47.75
N THR C 128 -14.55 0.22 46.63
CA THR C 128 -14.27 -0.54 45.42
C THR C 128 -13.00 -1.36 45.61
N GLN C 129 -11.97 -0.71 46.12
CA GLN C 129 -10.74 -1.43 46.48
C GLN C 129 -11.02 -2.48 47.55
N ILE C 130 -11.44 -2.01 48.73
CA ILE C 130 -11.58 -2.89 49.88
C ILE C 130 -12.74 -3.87 49.68
N ILE C 131 -13.90 -3.37 49.27
CA ILE C 131 -15.07 -4.23 49.19
C ILE C 131 -15.10 -5.08 47.92
N TYR C 132 -14.45 -4.66 46.82
CA TYR C 132 -14.29 -5.64 45.74
C TYR C 132 -13.30 -6.74 46.15
N GLY C 133 -12.30 -6.39 46.95
CA GLY C 133 -11.51 -7.41 47.61
C GLY C 133 -12.35 -8.33 48.48
N LEU C 134 -13.36 -7.77 49.13
CA LEU C 134 -14.29 -8.58 49.93
C LEU C 134 -15.25 -9.38 49.07
N LEU C 135 -15.46 -8.99 47.81
CA LEU C 135 -16.23 -9.84 46.91
C LEU C 135 -15.41 -11.05 46.52
N GLU C 136 -14.12 -10.85 46.29
CA GLU C 136 -13.25 -11.99 46.00
C GLU C 136 -13.09 -12.90 47.20
N GLU C 137 -12.91 -12.31 48.39
CA GLU C 137 -12.70 -13.11 49.59
C GLU C 137 -13.98 -13.80 50.03
N SER C 138 -15.10 -13.08 49.99
CA SER C 138 -16.39 -13.66 50.34
C SER C 138 -16.80 -14.72 49.33
N GLN C 139 -16.40 -14.53 48.07
CA GLN C 139 -16.70 -15.53 47.06
C GLN C 139 -15.89 -16.80 47.25
N ASN C 140 -14.58 -16.65 47.50
CA ASN C 140 -13.72 -17.82 47.69
C ASN C 140 -14.07 -18.55 48.97
N GLN C 141 -14.15 -17.84 50.09
CA GLN C 141 -14.37 -18.44 51.39
C GLN C 141 -15.84 -18.80 51.53
N GLN C 142 -16.14 -20.08 51.44
CA GLN C 142 -17.34 -20.74 51.95
C GLN C 142 -18.63 -20.36 51.23
N GLU C 143 -18.60 -19.43 50.29
CA GLU C 143 -19.73 -19.29 49.39
C GLU C 143 -19.74 -20.44 48.39
N LYS C 144 -18.57 -20.99 48.08
CA LYS C 144 -18.44 -22.20 47.29
C LYS C 144 -17.94 -23.39 48.10
N ASN C 145 -17.02 -23.16 49.04
CA ASN C 145 -16.36 -24.26 49.73
C ASN C 145 -17.30 -24.94 50.71
N GLU C 146 -17.92 -24.15 51.59
CA GLU C 146 -18.95 -24.67 52.48
C GLU C 146 -20.17 -25.13 51.69
N GLN C 147 -20.41 -24.52 50.54
CA GLN C 147 -21.47 -25.00 49.66
C GLN C 147 -21.14 -26.40 49.13
N ASP C 148 -19.86 -26.68 48.90
CA ASP C 148 -19.45 -28.02 48.51
C ASP C 148 -19.56 -28.99 49.67
N LEU C 149 -19.14 -28.57 50.87
CA LEU C 149 -19.09 -29.47 52.01
C LEU C 149 -20.49 -29.82 52.50
N LEU C 150 -21.37 -28.81 52.57
CA LEU C 150 -22.78 -29.07 52.85
C LEU C 150 -23.44 -29.77 51.67
N ALA C 151 -22.94 -29.54 50.45
CA ALA C 151 -23.46 -30.24 49.29
C ALA C 151 -23.03 -31.69 49.29
N LEU C 152 -21.78 -31.97 49.67
CA LEU C 152 -21.30 -33.34 49.81
C LEU C 152 -21.97 -33.98 51.02
N ASP C 153 -22.93 -34.86 50.76
CA ASP C 153 -23.67 -35.51 51.82
C ASP C 153 -23.68 -37.02 51.65
N ASN D 3 -54.29 -21.11 36.19
CA ASN D 3 -54.18 -21.83 34.93
C ASN D 3 -52.96 -21.42 34.13
N LEU D 4 -53.19 -20.62 33.09
CA LEU D 4 -52.19 -20.42 32.07
C LEU D 4 -51.13 -19.42 32.49
N TRP D 5 -49.91 -19.69 32.03
CA TRP D 5 -48.77 -18.78 32.14
C TRP D 5 -48.10 -18.86 30.78
N VAL D 6 -46.84 -18.42 30.66
CA VAL D 6 -46.09 -18.69 29.45
C VAL D 6 -44.77 -19.36 29.81
N THR D 7 -44.14 -19.96 28.80
CA THR D 7 -42.82 -20.55 28.91
C THR D 7 -41.98 -20.10 27.74
N VAL D 8 -40.69 -19.93 27.96
CA VAL D 8 -39.77 -19.38 26.97
C VAL D 8 -38.78 -20.47 26.57
N TYR D 9 -38.64 -20.68 25.27
CA TYR D 9 -37.84 -21.76 24.71
C TYR D 9 -36.73 -21.18 23.86
N TYR D 10 -35.61 -21.89 23.80
CA TYR D 10 -34.47 -21.47 23.01
C TYR D 10 -34.07 -22.55 22.02
N GLY D 11 -33.65 -22.12 20.83
CA GLY D 11 -33.16 -23.05 19.83
C GLY D 11 -34.20 -23.64 18.92
N VAL D 12 -35.39 -23.03 18.83
CA VAL D 12 -36.50 -23.58 18.07
C VAL D 12 -36.22 -23.50 16.57
N PRO D 13 -36.72 -24.45 15.77
CA PRO D 13 -36.46 -24.41 14.32
C PRO D 13 -37.25 -23.32 13.64
N VAL D 14 -36.76 -22.08 13.72
CA VAL D 14 -37.38 -20.94 13.08
C VAL D 14 -36.32 -20.25 12.24
N TRP D 15 -36.58 -20.12 10.95
CA TRP D 15 -35.60 -19.54 10.06
C TRP D 15 -36.28 -18.70 8.99
N LYS D 16 -35.63 -17.60 8.63
CA LYS D 16 -36.05 -16.81 7.48
C LYS D 16 -34.85 -16.62 6.57
N ASP D 17 -35.05 -15.97 5.43
CA ASP D 17 -33.97 -15.71 4.51
C ASP D 17 -33.27 -14.41 4.88
N ALA D 18 -31.99 -14.34 4.53
CA ALA D 18 -31.20 -13.13 4.74
C ALA D 18 -30.07 -13.12 3.71
N GLU D 19 -29.30 -12.04 3.71
CA GLU D 19 -28.15 -11.90 2.84
C GLU D 19 -26.92 -11.54 3.65
N THR D 20 -25.80 -12.15 3.30
CA THR D 20 -24.54 -11.93 3.97
C THR D 20 -23.41 -12.23 3.00
N THR D 21 -22.19 -12.23 3.52
CA THR D 21 -21.02 -12.63 2.75
C THR D 21 -20.56 -14.00 3.23
N LEU D 22 -20.43 -14.94 2.31
CA LEU D 22 -19.92 -16.26 2.64
C LEU D 22 -18.40 -16.21 2.67
N PHE D 23 -17.76 -17.37 2.77
CA PHE D 23 -16.32 -17.41 2.72
C PHE D 23 -15.88 -18.72 2.08
N CYS D 24 -14.65 -18.74 1.64
CA CYS D 24 -14.11 -19.84 0.84
C CYS D 24 -13.67 -20.98 1.75
N ALA D 25 -13.41 -22.13 1.13
CA ALA D 25 -12.74 -23.25 1.79
C ALA D 25 -11.93 -23.97 0.73
N SER D 26 -10.66 -23.60 0.59
CA SER D 26 -9.77 -24.25 -0.36
C SER D 26 -9.11 -25.46 0.29
N ASP D 27 -8.78 -26.45 -0.53
CA ASP D 27 -8.00 -27.57 -0.05
C ASP D 27 -6.56 -27.12 0.22
N ALA D 28 -5.96 -27.71 1.25
CA ALA D 28 -4.57 -27.40 1.58
C ALA D 28 -3.58 -28.04 0.63
N LYS D 29 -4.04 -28.93 -0.25
CA LYS D 29 -3.16 -29.54 -1.24
C LYS D 29 -2.72 -28.53 -2.30
N ALA D 30 -3.61 -27.61 -2.67
CA ALA D 30 -3.27 -26.59 -3.65
C ALA D 30 -2.29 -25.56 -3.11
N TYR D 31 -2.23 -25.37 -1.80
CA TYR D 31 -1.26 -24.47 -1.22
C TYR D 31 0.13 -25.08 -1.15
N GLU D 32 0.26 -26.38 -1.32
CA GLU D 32 1.58 -26.96 -1.55
C GLU D 32 2.13 -26.57 -2.91
N THR D 33 1.26 -26.22 -3.84
CA THR D 33 1.56 -25.63 -5.14
C THR D 33 1.24 -24.14 -5.13
N GLU D 34 1.68 -23.46 -4.06
CA GLU D 34 1.28 -22.08 -3.78
C GLU D 34 1.65 -21.11 -4.89
N LYS D 35 2.75 -21.36 -5.62
CA LYS D 35 3.17 -20.63 -6.82
C LYS D 35 3.28 -19.12 -6.61
N HIS D 36 3.51 -18.70 -5.36
CA HIS D 36 3.40 -17.30 -4.93
C HIS D 36 2.03 -16.72 -5.30
N ASN D 37 1.02 -17.20 -4.56
CA ASN D 37 -0.40 -16.99 -4.81
C ASN D 37 -0.81 -17.60 -6.15
N VAL D 38 -0.86 -18.94 -6.13
CA VAL D 38 -1.65 -19.74 -7.06
C VAL D 38 -3.04 -19.10 -7.21
N TRP D 39 -3.47 -18.98 -8.48
CA TRP D 39 -4.27 -17.88 -9.01
C TRP D 39 -5.39 -17.36 -8.12
N ALA D 40 -6.32 -18.24 -7.75
CA ALA D 40 -7.41 -17.83 -6.89
C ALA D 40 -6.99 -17.78 -5.42
N THR D 41 -6.55 -18.92 -4.88
CA THR D 41 -6.36 -19.07 -3.44
C THR D 41 -5.12 -18.31 -2.97
N HIS D 42 -5.34 -17.29 -2.16
CA HIS D 42 -4.25 -16.56 -1.52
C HIS D 42 -4.24 -16.76 -0.01
N ALA D 43 -5.34 -16.45 0.67
CA ALA D 43 -5.44 -16.54 2.11
C ALA D 43 -6.73 -17.23 2.52
N CYS D 44 -7.04 -18.35 1.88
CA CYS D 44 -8.32 -19.00 2.07
C CYS D 44 -8.33 -19.84 3.34
N VAL D 45 -9.50 -20.42 3.62
CA VAL D 45 -9.72 -21.29 4.77
C VAL D 45 -9.44 -22.72 4.30
N PRO D 46 -8.81 -23.56 5.12
CA PRO D 46 -8.75 -24.98 4.79
C PRO D 46 -10.14 -25.61 4.77
N THR D 47 -10.35 -26.50 3.80
CA THR D 47 -11.63 -27.19 3.66
C THR D 47 -11.83 -28.17 4.82
N ASP D 48 -13.01 -28.11 5.43
CA ASP D 48 -13.47 -29.15 6.34
C ASP D 48 -13.62 -30.44 5.55
N PRO D 49 -12.92 -31.52 5.92
CA PRO D 49 -13.04 -32.78 5.16
C PRO D 49 -14.37 -33.49 5.36
N ASN D 50 -15.25 -32.99 6.23
CA ASN D 50 -16.55 -33.60 6.47
C ASN D 50 -17.65 -32.64 6.04
N PRO D 51 -18.16 -32.76 4.81
CA PRO D 51 -19.32 -31.97 4.42
C PRO D 51 -20.57 -32.49 5.10
N GLN D 52 -20.82 -32.02 6.32
CA GLN D 52 -21.92 -32.50 7.16
C GLN D 52 -23.25 -32.12 6.51
N GLU D 53 -23.89 -33.10 5.90
CA GLU D 53 -25.15 -32.91 5.20
C GLU D 53 -26.24 -33.64 5.96
N ILE D 54 -27.19 -32.89 6.49
CA ILE D 54 -28.31 -33.45 7.23
C ILE D 54 -29.56 -33.24 6.39
N HIS D 55 -30.15 -34.33 5.92
CA HIS D 55 -31.41 -34.23 5.19
C HIS D 55 -32.54 -33.83 6.13
N LEU D 56 -33.39 -32.94 5.65
CA LEU D 56 -34.44 -32.36 6.47
C LEU D 56 -35.79 -32.82 5.94
N GLU D 57 -36.47 -33.67 6.70
CA GLU D 57 -37.78 -34.15 6.33
C GLU D 57 -38.80 -33.03 6.49
N ASN D 58 -39.85 -33.08 5.65
CA ASN D 58 -41.04 -32.23 5.72
C ASN D 58 -40.73 -30.77 5.45
N VAL D 59 -39.71 -30.50 4.65
CA VAL D 59 -39.39 -29.14 4.25
C VAL D 59 -39.70 -29.02 2.77
N THR D 60 -40.55 -28.07 2.43
CA THR D 60 -40.95 -27.83 1.04
C THR D 60 -40.90 -26.31 0.85
N GLU D 61 -39.75 -25.81 0.45
CA GLU D 61 -39.52 -24.38 0.31
C GLU D 61 -39.52 -24.02 -1.18
N GLU D 62 -40.28 -22.99 -1.53
CA GLU D 62 -40.26 -22.47 -2.89
C GLU D 62 -38.90 -21.85 -3.19
N PHE D 63 -38.36 -22.18 -4.36
CA PHE D 63 -37.02 -21.75 -4.75
C PHE D 63 -37.07 -20.92 -6.01
N ASN D 64 -36.01 -20.12 -6.19
CA ASN D 64 -35.72 -19.54 -7.49
C ASN D 64 -34.21 -19.33 -7.57
N MET D 65 -33.63 -19.73 -8.70
CA MET D 65 -32.23 -19.47 -9.01
C MET D 65 -32.05 -18.12 -9.69
N TRP D 66 -33.06 -17.25 -9.64
CA TRP D 66 -33.00 -15.96 -10.31
C TRP D 66 -33.26 -14.80 -9.37
N LYS D 67 -33.22 -15.02 -8.06
CA LYS D 67 -33.53 -13.98 -7.11
C LYS D 67 -32.35 -13.56 -6.25
N ASN D 68 -31.76 -14.49 -5.49
CA ASN D 68 -30.85 -14.13 -4.40
C ASN D 68 -29.69 -15.10 -4.40
N ASN D 69 -28.50 -14.57 -4.59
CA ASN D 69 -27.26 -15.34 -4.55
C ASN D 69 -26.11 -14.35 -4.42
N MET D 70 -24.90 -14.88 -4.25
CA MET D 70 -23.68 -14.12 -4.45
C MET D 70 -23.15 -14.30 -5.86
N VAL D 71 -24.08 -14.39 -6.82
CA VAL D 71 -23.71 -14.26 -8.23
C VAL D 71 -23.06 -12.91 -8.48
N GLU D 72 -23.72 -11.84 -8.04
CA GLU D 72 -23.16 -10.51 -8.19
C GLU D 72 -22.01 -10.29 -7.21
N GLN D 73 -22.16 -10.81 -5.98
CA GLN D 73 -21.18 -10.52 -4.94
C GLN D 73 -19.88 -11.26 -5.20
N MET D 74 -19.97 -12.59 -5.37
CA MET D 74 -18.81 -13.38 -5.76
C MET D 74 -18.35 -13.08 -7.18
N HIS D 75 -19.23 -12.56 -8.03
CA HIS D 75 -18.81 -12.04 -9.33
C HIS D 75 -17.79 -10.91 -9.15
N THR D 76 -18.17 -9.91 -8.36
CA THR D 76 -17.25 -8.84 -8.00
C THR D 76 -16.09 -9.31 -7.13
N ASP D 77 -16.23 -10.46 -6.44
CA ASP D 77 -15.10 -10.98 -5.69
C ASP D 77 -14.07 -11.59 -6.61
N ILE D 78 -14.51 -12.27 -7.66
CA ILE D 78 -13.59 -12.88 -8.61
C ILE D 78 -12.92 -11.80 -9.46
N ILE D 79 -13.68 -10.82 -9.93
CA ILE D 79 -13.03 -9.77 -10.70
C ILE D 79 -12.24 -8.82 -9.79
N SER D 80 -12.58 -8.77 -8.50
CA SER D 80 -11.74 -8.03 -7.57
C SER D 80 -10.43 -8.78 -7.34
N LEU D 81 -10.48 -10.12 -7.35
CA LEU D 81 -9.27 -10.93 -7.32
C LEU D 81 -8.45 -10.70 -8.60
N TRP D 82 -9.14 -10.53 -9.72
CA TRP D 82 -8.50 -10.16 -10.97
C TRP D 82 -7.78 -8.83 -10.83
N ASP D 83 -8.39 -7.87 -10.15
CA ASP D 83 -7.78 -6.57 -9.95
C ASP D 83 -6.58 -6.66 -9.00
N GLN D 84 -6.74 -7.39 -7.89
CA GLN D 84 -5.66 -7.59 -6.93
C GLN D 84 -4.51 -8.38 -7.52
N SER D 85 -4.77 -9.20 -8.53
CA SER D 85 -3.68 -9.80 -9.29
C SER D 85 -3.03 -8.76 -10.20
N LEU D 86 -3.83 -7.89 -10.81
CA LEU D 86 -3.28 -6.93 -11.76
C LEU D 86 -2.49 -5.80 -11.10
N LYS D 87 -2.70 -5.54 -9.80
CA LYS D 87 -2.06 -4.38 -9.19
C LYS D 87 -0.55 -4.54 -9.02
N PRO D 88 -0.02 -5.53 -8.28
CA PRO D 88 1.43 -5.49 -8.01
C PRO D 88 2.30 -5.98 -9.16
N CYS D 89 1.70 -6.59 -10.19
CA CYS D 89 2.49 -7.26 -11.21
C CYS D 89 2.88 -6.25 -12.30
N VAL D 90 3.37 -6.75 -13.43
CA VAL D 90 4.13 -5.95 -14.38
C VAL D 90 3.21 -5.05 -15.19
N LYS D 91 3.46 -3.75 -15.15
CA LYS D 91 2.74 -2.78 -15.97
C LYS D 91 3.48 -2.57 -17.29
N LEU D 92 2.72 -2.18 -18.31
CA LEU D 92 3.29 -2.03 -19.65
C LEU D 92 3.08 -0.63 -20.20
N THR D 93 3.35 0.39 -19.39
CA THR D 93 3.05 1.77 -19.74
C THR D 93 3.81 2.41 -20.92
N PRO D 94 5.15 2.21 -21.14
CA PRO D 94 5.77 2.94 -22.26
C PRO D 94 5.64 2.23 -23.60
N LEU D 95 4.72 1.29 -23.69
CA LEU D 95 4.69 0.38 -24.83
C LEU D 95 3.96 0.95 -26.05
N CYS D 96 3.30 2.10 -25.93
CA CYS D 96 2.53 2.65 -27.04
C CYS D 96 3.48 3.31 -28.04
N VAL D 97 4.16 2.46 -28.80
CA VAL D 97 5.17 2.85 -29.77
C VAL D 97 4.69 2.38 -31.13
N THR D 98 4.89 3.20 -32.16
CA THR D 98 4.55 2.80 -33.52
C THR D 98 5.44 1.64 -33.97
N LEU D 99 4.95 0.91 -34.98
CA LEU D 99 5.45 -0.42 -35.27
C LEU D 99 5.82 -0.57 -36.73
N GLN D 100 6.82 -1.41 -37.00
CA GLN D 100 7.24 -1.75 -38.35
C GLN D 100 7.13 -3.27 -38.51
N CYS D 101 6.07 -3.71 -39.18
CA CYS D 101 5.68 -5.10 -39.17
C CYS D 101 5.64 -5.65 -40.59
N THR D 102 5.92 -6.94 -40.72
CA THR D 102 5.84 -7.64 -42.00
C THR D 102 5.10 -8.96 -41.84
N ASN D 103 4.51 -9.42 -42.94
CA ASN D 103 3.86 -10.72 -42.95
C ASN D 103 4.88 -11.84 -42.82
N VAL D 104 4.53 -12.84 -42.01
CA VAL D 104 5.42 -13.96 -41.75
C VAL D 104 5.50 -14.85 -43.00
N THR D 105 6.58 -15.62 -43.10
CA THR D 105 6.75 -16.58 -44.19
C THR D 105 7.35 -17.86 -43.61
N ASN D 106 6.48 -18.75 -43.16
CA ASN D 106 6.90 -20.14 -42.93
C ASN D 106 5.96 -21.14 -43.56
N ASN D 107 4.64 -20.92 -43.49
CA ASN D 107 3.66 -21.90 -43.93
C ASN D 107 2.41 -21.17 -44.40
N ILE D 108 1.36 -21.94 -44.71
CA ILE D 108 0.16 -21.42 -45.36
C ILE D 108 -1.06 -21.55 -44.44
N THR D 109 -0.96 -22.30 -43.34
CA THR D 109 -2.10 -22.53 -42.45
C THR D 109 -2.59 -21.25 -41.80
N ASP D 110 -1.68 -20.30 -41.56
CA ASP D 110 -2.07 -18.96 -41.17
C ASP D 110 -2.14 -18.01 -42.36
N ASP D 111 -1.59 -18.41 -43.50
CA ASP D 111 -1.65 -17.61 -44.72
C ASP D 111 -2.87 -18.02 -45.53
N GLY D 114 -0.34 -14.82 -43.17
CA GLY D 114 -0.83 -13.63 -42.50
C GLY D 114 -0.87 -13.77 -41.00
N GLU D 115 -1.42 -12.74 -40.34
CA GLU D 115 -1.81 -12.69 -38.92
C GLU D 115 -0.62 -12.61 -37.96
N LEU D 116 0.59 -12.84 -38.46
CA LEU D 116 1.79 -12.86 -37.64
C LEU D 116 2.72 -11.79 -38.16
N LYS D 117 2.87 -10.73 -37.39
CA LYS D 117 3.50 -9.49 -37.84
C LYS D 117 4.83 -9.33 -37.14
N ASN D 118 5.92 -9.39 -37.90
CA ASN D 118 7.27 -9.29 -37.36
C ASN D 118 7.53 -7.81 -37.08
N CYS D 119 7.16 -7.37 -35.89
CA CYS D 119 7.06 -5.95 -35.57
C CYS D 119 8.35 -5.44 -34.95
N SER D 120 9.14 -4.71 -35.72
CA SER D 120 10.28 -3.98 -35.18
C SER D 120 9.83 -2.61 -34.69
N PHE D 121 10.61 -2.06 -33.75
CA PHE D 121 10.21 -0.89 -32.99
C PHE D 121 11.38 -0.36 -32.19
N ASN D 122 11.40 0.95 -31.97
CA ASN D 122 12.31 1.56 -31.02
C ASN D 122 11.75 1.43 -29.61
N MET D 123 12.67 1.46 -28.64
CA MET D 123 12.37 1.29 -27.23
C MET D 123 13.57 1.82 -26.47
N THR D 124 13.39 2.08 -25.18
CA THR D 124 14.51 2.35 -24.29
C THR D 124 14.82 1.10 -23.48
N THR D 125 15.76 1.22 -22.55
CA THR D 125 16.15 0.11 -21.69
C THR D 125 16.40 0.58 -20.27
N GLU D 126 17.18 -0.21 -19.52
CA GLU D 126 17.51 0.11 -18.14
C GLU D 126 18.10 1.51 -18.03
N LEU D 127 19.25 1.71 -18.66
CA LEU D 127 19.92 3.01 -18.63
C LEU D 127 19.06 4.09 -19.26
N ARG D 128 18.19 4.70 -18.45
CA ARG D 128 17.31 5.75 -18.94
C ARG D 128 17.90 6.49 -20.14
N ASP D 129 19.22 6.62 -20.18
CA ASP D 129 19.87 7.32 -21.28
C ASP D 129 19.97 6.49 -22.55
N LYS D 130 19.57 5.22 -22.52
CA LYS D 130 19.84 4.30 -23.60
C LYS D 130 18.57 4.01 -24.39
N LYS D 131 18.76 3.45 -25.58
CA LYS D 131 17.68 3.07 -26.47
C LYS D 131 17.77 1.59 -26.78
N GLN D 132 16.85 1.09 -27.60
CA GLN D 132 16.86 -0.32 -27.95
C GLN D 132 15.83 -0.71 -29.01
N LYS D 133 16.28 -0.82 -30.26
CA LYS D 133 15.41 -1.23 -31.34
C LYS D 133 15.22 -2.73 -31.22
N VAL D 134 14.00 -3.22 -31.42
CA VAL D 134 13.76 -4.65 -31.30
C VAL D 134 12.67 -5.09 -32.26
N TYR D 135 12.60 -6.40 -32.49
CA TYR D 135 11.55 -7.00 -33.30
C TYR D 135 10.90 -8.14 -32.53
N SER D 136 9.59 -8.31 -32.74
CA SER D 136 8.84 -9.38 -32.12
C SER D 136 7.68 -9.78 -33.02
N LEU D 137 7.13 -10.96 -32.76
CA LEU D 137 6.09 -11.56 -33.58
C LEU D 137 4.78 -11.57 -32.80
N PHE D 138 3.75 -10.92 -33.33
CA PHE D 138 2.49 -10.77 -32.62
C PHE D 138 1.33 -11.31 -33.43
N TYR D 139 0.36 -11.88 -32.73
CA TYR D 139 -0.88 -12.29 -33.34
C TYR D 139 -1.73 -11.06 -33.69
N ARG D 140 -2.53 -11.18 -34.75
CA ARG D 140 -3.23 -10.03 -35.29
C ARG D 140 -4.26 -9.47 -34.31
N LEU D 141 -4.67 -10.25 -33.32
CA LEU D 141 -5.75 -9.83 -32.43
C LEU D 141 -5.29 -8.88 -31.33
N ASP D 142 -3.99 -8.79 -31.09
CA ASP D 142 -3.47 -7.92 -30.04
C ASP D 142 -3.13 -6.52 -30.54
N VAL D 143 -3.15 -6.29 -31.85
CA VAL D 143 -2.76 -5.00 -32.42
C VAL D 143 -3.85 -4.50 -33.37
N VAL D 144 -3.67 -3.28 -33.86
CA VAL D 144 -4.51 -2.72 -34.91
C VAL D 144 -3.69 -1.65 -35.63
N GLN D 145 -3.94 -1.47 -36.92
CA GLN D 145 -3.15 -0.54 -37.69
C GLN D 145 -3.62 0.90 -37.46
N ILE D 146 -2.92 1.84 -38.07
CA ILE D 146 -3.25 3.26 -37.97
C ILE D 146 -2.93 3.91 -39.30
N ASN D 147 -3.83 4.77 -39.77
CA ASN D 147 -3.64 5.47 -41.04
C ASN D 147 -3.66 6.98 -40.84
N SER D 157 5.49 3.72 -48.79
CA SER D 157 5.63 3.50 -47.36
C SER D 157 4.87 2.25 -46.91
N ASN D 158 5.26 1.71 -45.76
CA ASN D 158 4.70 0.48 -45.23
C ASN D 158 3.75 0.78 -44.07
N LYS D 159 2.74 -0.06 -43.93
CA LYS D 159 1.70 0.17 -42.93
C LYS D 159 2.26 0.11 -41.52
N GLU D 160 1.72 0.95 -40.64
CA GLU D 160 2.12 1.02 -39.24
C GLU D 160 0.99 0.49 -38.36
N TYR D 161 1.36 -0.09 -37.23
CA TYR D 161 0.38 -0.64 -36.30
C TYR D 161 0.82 -0.51 -34.85
N ARG D 162 -0.04 0.10 -34.03
CA ARG D 162 0.25 0.28 -32.61
C ARG D 162 -0.53 -0.74 -31.78
N LEU D 163 -1.41 -0.25 -30.92
CA LEU D 163 -2.22 -1.13 -30.09
C LEU D 163 -3.57 -0.48 -29.81
N ILE D 164 -4.62 -1.32 -29.80
CA ILE D 164 -6.00 -0.82 -29.78
C ILE D 164 -6.32 -0.14 -28.45
N ASN D 165 -5.65 -0.54 -27.38
CA ASN D 165 -5.84 0.12 -26.09
C ASN D 165 -5.12 1.45 -25.97
N CYS D 166 -4.17 1.75 -26.88
CA CYS D 166 -3.32 2.93 -26.71
C CYS D 166 -4.05 4.26 -26.90
N ASN D 167 -5.33 4.25 -27.28
CA ASN D 167 -6.13 5.45 -27.11
C ASN D 167 -7.25 5.29 -26.10
N THR D 168 -7.42 4.12 -25.49
CA THR D 168 -8.51 3.91 -24.55
C THR D 168 -8.03 3.64 -23.14
N SER D 169 -7.20 2.63 -22.92
CA SER D 169 -6.93 2.15 -21.57
C SER D 169 -5.50 1.67 -21.44
N ALA D 170 -4.99 1.72 -20.21
CA ALA D 170 -3.64 1.25 -19.95
C ALA D 170 -3.56 -0.27 -20.05
N ILE D 171 -2.32 -0.77 -20.07
CA ILE D 171 -2.05 -2.18 -20.31
C ILE D 171 -1.06 -2.68 -19.26
N THR D 172 -1.36 -3.84 -18.68
CA THR D 172 -0.45 -4.58 -17.84
C THR D 172 -0.35 -6.00 -18.36
N GLN D 173 0.78 -6.65 -18.13
CA GLN D 173 0.88 -8.07 -18.34
C GLN D 173 0.88 -8.79 -17.01
N ALA D 174 0.54 -10.07 -17.05
CA ALA D 174 0.52 -10.88 -15.85
C ALA D 174 1.93 -11.19 -15.39
N CYS D 175 2.17 -11.05 -14.10
CA CYS D 175 3.38 -11.56 -13.51
C CYS D 175 3.39 -13.08 -13.63
N PRO D 176 4.46 -13.69 -14.16
CA PRO D 176 4.38 -15.09 -14.61
C PRO D 176 4.44 -16.13 -13.50
N LYS D 177 4.40 -15.72 -12.23
CA LYS D 177 4.57 -16.67 -11.15
C LYS D 177 3.24 -17.33 -10.79
N VAL D 178 2.16 -16.57 -10.89
CA VAL D 178 0.84 -17.07 -10.55
C VAL D 178 0.38 -18.10 -11.58
N SER D 179 -0.60 -18.90 -11.18
CA SER D 179 -1.18 -19.88 -12.08
C SER D 179 -2.39 -19.25 -12.77
N PHE D 180 -3.20 -20.08 -13.44
CA PHE D 180 -4.50 -19.65 -13.93
C PHE D 180 -5.55 -20.75 -13.77
N GLU D 181 -5.40 -21.55 -12.75
CA GLU D 181 -6.26 -22.73 -12.67
C GLU D 181 -7.51 -22.41 -11.84
N PRO D 182 -8.70 -22.72 -12.35
CA PRO D 182 -9.88 -22.73 -11.48
C PRO D 182 -9.76 -23.82 -10.43
N ILE D 183 -9.90 -23.44 -9.16
CA ILE D 183 -9.60 -24.33 -8.05
C ILE D 183 -10.91 -24.81 -7.45
N PRO D 184 -11.03 -26.11 -7.11
CA PRO D 184 -12.23 -26.58 -6.42
C PRO D 184 -12.30 -26.03 -5.02
N ILE D 185 -13.17 -25.04 -4.79
CA ILE D 185 -13.22 -24.33 -3.53
C ILE D 185 -14.63 -24.48 -2.96
N HIS D 186 -14.72 -25.05 -1.77
CA HIS D 186 -15.98 -25.13 -1.06
C HIS D 186 -16.32 -23.75 -0.51
N TYR D 187 -17.61 -23.41 -0.52
CA TYR D 187 -18.05 -22.09 -0.08
C TYR D 187 -18.88 -22.29 1.18
N CYS D 188 -18.38 -21.79 2.30
CA CYS D 188 -18.96 -22.07 3.60
C CYS D 188 -19.65 -20.84 4.15
N ALA D 189 -20.63 -21.07 4.97
CA ALA D 189 -21.46 -20.05 5.56
C ALA D 189 -20.93 -19.63 6.92
N PRO D 190 -21.04 -18.35 7.26
CA PRO D 190 -20.82 -17.94 8.66
C PRO D 190 -21.88 -18.57 9.55
N ALA D 191 -21.46 -18.98 10.74
CA ALA D 191 -22.34 -19.74 11.60
C ALA D 191 -23.40 -18.83 12.21
N GLY D 192 -24.48 -19.45 12.69
CA GLY D 192 -25.72 -18.75 12.90
C GLY D 192 -26.59 -18.65 11.67
N PHE D 193 -26.09 -19.10 10.53
CA PHE D 193 -26.80 -19.20 9.25
C PHE D 193 -26.77 -20.65 8.78
N ALA D 194 -27.33 -20.91 7.60
CA ALA D 194 -27.30 -22.26 7.04
C ALA D 194 -27.44 -22.20 5.53
N ILE D 195 -27.00 -23.28 4.89
CA ILE D 195 -27.12 -23.46 3.43
C ILE D 195 -27.99 -24.68 3.20
N LEU D 196 -28.95 -24.55 2.30
CA LEU D 196 -29.89 -25.63 2.00
C LEU D 196 -29.61 -26.19 0.61
N LYS D 197 -30.23 -27.34 0.33
CA LYS D 197 -29.93 -28.07 -0.89
C LYS D 197 -31.18 -28.80 -1.37
N CYS D 198 -31.49 -28.64 -2.66
CA CYS D 198 -32.59 -29.35 -3.30
C CYS D 198 -32.05 -30.61 -3.96
N LYS D 199 -32.26 -31.77 -3.33
CA LYS D 199 -31.63 -33.00 -3.75
C LYS D 199 -32.47 -33.81 -4.74
N ASP D 200 -33.32 -33.15 -5.54
CA ASP D 200 -34.13 -33.89 -6.49
C ASP D 200 -33.31 -34.27 -7.72
N LYS D 201 -33.96 -34.96 -8.66
CA LYS D 201 -33.34 -35.29 -9.92
C LYS D 201 -33.55 -34.19 -10.96
N LYS D 202 -34.78 -33.75 -11.12
CA LYS D 202 -35.15 -32.79 -12.17
C LYS D 202 -35.58 -31.50 -11.52
N PHE D 203 -34.84 -30.42 -11.76
CA PHE D 203 -35.11 -29.14 -11.13
C PHE D 203 -34.60 -28.04 -12.04
N ASN D 204 -35.52 -27.34 -12.68
CA ASN D 204 -35.21 -26.24 -13.58
C ASN D 204 -34.83 -24.94 -12.88
N GLY D 205 -34.76 -24.94 -11.55
CA GLY D 205 -34.33 -23.80 -10.78
C GLY D 205 -35.42 -23.10 -10.02
N THR D 206 -36.68 -23.32 -10.36
CA THR D 206 -37.79 -22.64 -9.73
C THR D 206 -38.74 -23.66 -9.11
N GLY D 207 -39.55 -23.19 -8.17
CA GLY D 207 -40.57 -24.01 -7.58
C GLY D 207 -40.18 -24.56 -6.22
N PRO D 208 -41.02 -25.43 -5.67
CA PRO D 208 -40.73 -26.02 -4.35
C PRO D 208 -39.79 -27.21 -4.49
N CYS D 209 -39.42 -27.75 -3.33
CA CYS D 209 -38.52 -28.90 -3.29
C CYS D 209 -38.72 -29.68 -1.99
N PRO D 210 -39.12 -30.94 -2.06
CA PRO D 210 -39.20 -31.75 -0.84
C PRO D 210 -37.84 -32.26 -0.38
N SER D 211 -36.96 -32.55 -1.34
CA SER D 211 -35.67 -33.17 -1.08
C SER D 211 -34.72 -32.11 -0.51
N VAL D 212 -34.87 -31.83 0.77
CA VAL D 212 -34.16 -30.75 1.43
C VAL D 212 -33.11 -31.32 2.37
N SER D 213 -31.87 -30.89 2.18
CA SER D 213 -30.80 -31.15 3.13
C SER D 213 -30.10 -29.84 3.46
N THR D 214 -29.55 -29.78 4.67
CA THR D 214 -28.74 -28.64 5.08
C THR D 214 -27.27 -29.04 5.12
N VAL D 215 -26.42 -28.16 4.58
CA VAL D 215 -24.97 -28.35 4.60
C VAL D 215 -24.39 -27.06 5.16
N GLN D 216 -23.31 -27.20 5.93
CA GLN D 216 -22.58 -26.02 6.39
C GLN D 216 -21.91 -25.29 5.23
N CYS D 217 -21.51 -26.02 4.19
CA CYS D 217 -20.75 -25.43 3.09
C CYS D 217 -21.39 -25.77 1.75
N THR D 218 -20.67 -25.52 0.66
CA THR D 218 -21.02 -26.06 -0.63
C THR D 218 -20.00 -27.13 -1.00
N HIS D 219 -20.13 -27.65 -2.22
CA HIS D 219 -19.07 -28.49 -2.77
C HIS D 219 -17.94 -27.62 -3.30
N GLY D 220 -16.88 -28.28 -3.75
CA GLY D 220 -15.75 -27.58 -4.34
C GLY D 220 -16.13 -27.01 -5.69
N ILE D 221 -16.03 -25.69 -5.84
CA ILE D 221 -16.54 -24.99 -7.02
C ILE D 221 -15.39 -24.22 -7.66
N LYS D 222 -15.23 -24.39 -8.97
CA LYS D 222 -14.19 -23.85 -9.84
C LYS D 222 -14.65 -22.54 -10.47
N PRO D 223 -13.80 -21.51 -10.44
CA PRO D 223 -14.08 -20.31 -11.22
C PRO D 223 -13.78 -20.50 -12.70
N VAL D 224 -14.73 -21.06 -13.44
CA VAL D 224 -14.54 -21.38 -14.84
C VAL D 224 -14.93 -20.17 -15.69
N VAL D 225 -14.07 -19.83 -16.65
CA VAL D 225 -14.31 -18.73 -17.57
C VAL D 225 -14.54 -19.36 -18.95
N SER D 226 -15.80 -19.42 -19.37
CA SER D 226 -16.13 -19.96 -20.69
C SER D 226 -17.41 -19.32 -21.20
N THR D 227 -17.46 -19.03 -22.49
CA THR D 227 -18.66 -18.54 -23.13
C THR D 227 -19.36 -19.67 -23.87
N GLN D 228 -20.69 -19.55 -23.97
CA GLN D 228 -21.58 -20.34 -24.81
C GLN D 228 -21.77 -21.79 -24.36
N LEU D 229 -21.00 -22.25 -23.36
CA LEU D 229 -21.00 -23.65 -22.95
C LEU D 229 -20.68 -23.72 -21.46
N LEU D 230 -20.35 -24.92 -21.01
CA LEU D 230 -19.80 -25.14 -19.67
C LEU D 230 -18.65 -26.13 -19.78
N LEU D 231 -17.55 -25.82 -19.11
CA LEU D 231 -16.37 -26.69 -19.07
C LEU D 231 -16.08 -27.03 -17.62
N ASN D 232 -15.89 -28.32 -17.35
CA ASN D 232 -15.56 -28.87 -16.03
C ASN D 232 -16.59 -28.55 -14.95
N GLY D 233 -17.81 -28.18 -15.33
CA GLY D 233 -18.84 -27.88 -14.36
C GLY D 233 -19.51 -29.13 -13.84
N SER D 234 -20.56 -28.92 -13.07
CA SER D 234 -21.35 -30.04 -12.57
C SER D 234 -22.16 -30.66 -13.69
N LEU D 235 -22.48 -31.94 -13.51
CA LEU D 235 -23.22 -32.70 -14.50
C LEU D 235 -24.64 -32.96 -14.00
N ALA D 236 -25.59 -32.93 -14.94
CA ALA D 236 -26.99 -33.07 -14.57
C ALA D 236 -27.32 -34.52 -14.25
N GLU D 237 -28.57 -34.73 -13.88
CA GLU D 237 -29.13 -36.06 -13.66
C GLU D 237 -29.57 -36.67 -14.98
N GLU D 238 -30.43 -37.69 -14.89
CA GLU D 238 -30.94 -38.55 -15.96
C GLU D 238 -31.20 -37.89 -17.30
N GLU D 239 -31.80 -36.71 -17.30
CA GLU D 239 -31.99 -35.93 -18.51
C GLU D 239 -31.11 -34.68 -18.46
N VAL D 240 -30.79 -34.15 -19.63
CA VAL D 240 -30.31 -32.79 -19.69
C VAL D 240 -31.47 -31.85 -19.37
N MET D 241 -31.23 -30.90 -18.47
CA MET D 241 -32.30 -30.03 -18.04
C MET D 241 -32.47 -28.86 -18.99
N ILE D 242 -33.61 -28.19 -18.87
CA ILE D 242 -33.87 -26.93 -19.57
C ILE D 242 -34.05 -25.88 -18.49
N ARG D 243 -32.99 -25.12 -18.23
CA ARG D 243 -33.00 -24.10 -17.20
C ARG D 243 -32.94 -22.72 -17.83
N SER D 244 -33.85 -21.85 -17.43
CA SER D 244 -33.86 -20.46 -17.81
C SER D 244 -34.66 -19.71 -16.75
N GLU D 245 -34.95 -18.45 -17.01
CA GLU D 245 -35.90 -17.69 -16.20
C GLU D 245 -37.20 -17.45 -16.92
N ASN D 246 -37.13 -17.05 -18.18
CA ASN D 246 -38.32 -16.65 -18.92
C ASN D 246 -38.14 -17.12 -20.35
N ILE D 247 -38.61 -18.34 -20.63
CA ILE D 247 -38.51 -18.87 -21.99
C ILE D 247 -39.52 -18.18 -22.90
N THR D 248 -40.60 -17.63 -22.33
CA THR D 248 -41.50 -16.78 -23.11
C THR D 248 -40.79 -15.53 -23.59
N ASN D 249 -39.90 -14.97 -22.77
CA ASN D 249 -38.98 -13.97 -23.24
C ASN D 249 -37.95 -14.61 -24.17
N ASN D 250 -37.52 -13.85 -25.17
CA ASN D 250 -36.45 -14.28 -26.05
C ASN D 250 -35.09 -13.74 -25.62
N ALA D 251 -35.06 -12.72 -24.77
CA ALA D 251 -33.79 -12.17 -24.31
C ALA D 251 -33.10 -13.07 -23.30
N LYS D 252 -33.84 -13.97 -22.66
CA LYS D 252 -33.25 -14.87 -21.69
C LYS D 252 -32.43 -15.95 -22.37
N ASN D 253 -31.33 -16.34 -21.73
CA ASN D 253 -30.55 -17.44 -22.25
C ASN D 253 -31.10 -18.76 -21.73
N ILE D 254 -30.54 -19.86 -22.25
CA ILE D 254 -31.02 -21.20 -21.94
C ILE D 254 -29.85 -22.00 -21.41
N LEU D 255 -30.01 -22.53 -20.21
CA LEU D 255 -28.99 -23.33 -19.56
C LEU D 255 -29.38 -24.80 -19.62
N VAL D 256 -28.52 -25.60 -20.23
CA VAL D 256 -28.77 -27.03 -20.40
C VAL D 256 -27.59 -27.76 -19.77
N GLN D 257 -27.77 -28.26 -18.56
CA GLN D 257 -26.72 -28.99 -17.87
C GLN D 257 -26.66 -30.42 -18.40
N PHE D 258 -25.45 -30.96 -18.53
CA PHE D 258 -25.27 -32.23 -19.20
C PHE D 258 -25.53 -33.41 -18.29
N ASN D 259 -26.42 -34.30 -18.72
CA ASN D 259 -26.44 -35.66 -18.21
C ASN D 259 -25.09 -36.32 -18.44
N THR D 260 -24.62 -36.31 -19.68
CA THR D 260 -23.36 -36.93 -20.05
C THR D 260 -22.37 -35.87 -20.47
N PRO D 261 -21.16 -35.88 -19.92
CA PRO D 261 -20.16 -34.89 -20.33
C PRO D 261 -19.63 -35.18 -21.72
N VAL D 262 -19.08 -34.15 -22.35
CA VAL D 262 -18.63 -34.23 -23.72
C VAL D 262 -17.13 -34.00 -23.76
N GLN D 263 -16.40 -34.96 -24.32
CA GLN D 263 -14.96 -34.86 -24.46
C GLN D 263 -14.58 -33.81 -25.50
N ILE D 264 -13.54 -33.05 -25.21
CA ILE D 264 -12.98 -32.12 -26.18
C ILE D 264 -11.46 -32.06 -26.00
N ASN D 265 -10.75 -31.89 -27.12
CA ASN D 265 -9.29 -31.83 -27.13
C ASN D 265 -8.84 -30.52 -27.74
N CYS D 266 -8.78 -29.49 -26.91
CA CYS D 266 -8.33 -28.18 -27.35
C CYS D 266 -6.82 -28.10 -27.23
N THR D 267 -6.16 -27.84 -28.35
CA THR D 267 -4.71 -27.90 -28.45
C THR D 267 -4.17 -26.57 -28.95
N ARG D 268 -3.03 -26.16 -28.40
CA ARG D 268 -2.21 -25.17 -29.07
C ARG D 268 -1.07 -25.96 -29.70
N PRO D 269 -1.16 -26.31 -30.97
CA PRO D 269 -0.22 -27.29 -31.52
C PRO D 269 1.09 -26.70 -32.00
N ASN D 270 1.41 -25.48 -31.57
CA ASN D 270 2.59 -24.77 -32.04
C ASN D 270 3.60 -24.65 -30.90
N ASN D 271 4.69 -25.38 -31.02
CA ASN D 271 5.84 -25.20 -30.14
C ASN D 271 6.47 -23.84 -30.41
N ASN D 272 6.76 -23.11 -29.33
CA ASN D 272 7.16 -21.71 -29.42
C ASN D 272 8.39 -21.46 -28.57
N THR D 273 8.86 -20.22 -28.61
CA THR D 273 10.02 -19.78 -27.84
C THR D 273 9.73 -18.39 -27.26
N ARG D 274 10.39 -18.04 -26.17
CA ARG D 274 10.16 -16.76 -25.53
C ARG D 274 11.39 -15.85 -25.48
N LYS D 275 11.19 -14.58 -25.81
CA LYS D 275 12.27 -13.60 -25.78
C LYS D 275 11.99 -12.62 -24.64
N SER D 276 12.85 -12.64 -23.63
CA SER D 276 12.75 -11.72 -22.50
C SER D 276 13.66 -10.53 -22.80
N ILE D 277 13.05 -9.38 -22.97
CA ILE D 277 13.75 -8.16 -23.35
C ILE D 277 13.68 -7.18 -22.18
N ARG D 278 14.78 -6.45 -21.95
CA ARG D 278 14.91 -5.64 -20.73
C ARG D 278 14.38 -4.23 -20.97
N ILE D 279 13.23 -3.93 -20.39
CA ILE D 279 12.67 -2.59 -20.32
C ILE D 279 12.92 -1.91 -18.98
N GLY D 280 13.73 -2.52 -18.12
CA GLY D 280 13.84 -2.15 -16.72
C GLY D 280 14.53 -0.83 -16.43
N PRO D 281 15.11 -0.67 -15.23
CA PRO D 281 15.41 -1.67 -14.20
C PRO D 281 14.20 -2.25 -13.47
N GLY D 282 14.20 -3.57 -13.32
CA GLY D 282 13.16 -4.31 -12.64
C GLY D 282 11.99 -4.65 -13.53
N GLN D 283 11.75 -3.86 -14.57
CA GLN D 283 10.82 -4.18 -15.64
C GLN D 283 11.50 -5.03 -16.71
N ALA D 284 10.69 -5.75 -17.46
CA ALA D 284 11.12 -6.54 -18.61
C ALA D 284 9.89 -7.12 -19.28
N PHE D 285 10.01 -7.46 -20.56
CA PHE D 285 8.89 -8.01 -21.30
C PHE D 285 9.22 -9.31 -22.03
N TYR D 286 8.51 -10.38 -21.69
CA TYR D 286 8.70 -11.67 -22.33
C TYR D 286 7.93 -11.70 -23.64
N ALA D 287 8.62 -11.43 -24.74
CA ALA D 287 8.00 -11.40 -26.05
C ALA D 287 8.04 -12.77 -26.70
N THR D 288 7.41 -12.86 -27.86
CA THR D 288 7.31 -14.11 -28.60
C THR D 288 8.63 -14.41 -29.29
N GLY D 289 9.19 -15.60 -29.01
CA GLY D 289 10.37 -16.05 -29.71
C GLY D 289 10.06 -16.66 -31.05
N ASP D 290 10.75 -17.75 -31.39
CA ASP D 290 10.49 -18.47 -32.62
C ASP D 290 9.46 -19.55 -32.39
N ILE D 291 8.56 -19.71 -33.36
CA ILE D 291 7.67 -20.87 -33.37
C ILE D 291 8.51 -22.05 -33.85
N ILE D 292 8.87 -22.94 -32.92
CA ILE D 292 9.75 -24.05 -33.23
C ILE D 292 8.93 -25.10 -33.99
N GLY D 293 9.22 -25.26 -35.27
CA GLY D 293 8.52 -26.24 -36.08
C GLY D 293 7.72 -25.61 -37.20
N ASP D 294 6.43 -25.91 -37.23
CA ASP D 294 5.55 -25.44 -38.29
C ASP D 294 4.52 -24.45 -37.74
N ILE D 295 3.63 -24.03 -38.63
CA ILE D 295 2.58 -23.08 -38.32
C ILE D 295 1.27 -23.82 -38.36
N ARG D 296 0.55 -23.83 -37.25
CA ARG D 296 -0.78 -24.40 -37.19
C ARG D 296 -1.70 -23.44 -36.47
N GLN D 297 -2.98 -23.79 -36.42
CA GLN D 297 -3.96 -23.03 -35.65
C GLN D 297 -4.40 -23.87 -34.47
N ALA D 298 -4.92 -23.18 -33.45
CA ALA D 298 -5.56 -23.88 -32.35
C ALA D 298 -6.85 -24.53 -32.84
N HIS D 299 -7.16 -25.69 -32.28
CA HIS D 299 -8.34 -26.42 -32.70
C HIS D 299 -8.76 -27.37 -31.58
N CYS D 300 -9.99 -27.85 -31.69
CA CYS D 300 -10.60 -28.70 -30.68
C CYS D 300 -11.30 -29.84 -31.38
N ASN D 301 -11.43 -30.98 -30.69
CA ASN D 301 -11.99 -32.18 -31.30
C ASN D 301 -13.12 -32.74 -30.46
N VAL D 302 -14.29 -32.88 -31.07
CA VAL D 302 -15.44 -33.56 -30.46
C VAL D 302 -15.90 -34.65 -31.42
N SER D 303 -16.07 -35.86 -30.90
CA SER D 303 -16.56 -36.97 -31.70
C SER D 303 -17.97 -36.70 -32.18
N LYS D 304 -18.24 -37.07 -33.44
CA LYS D 304 -19.47 -36.68 -34.11
C LYS D 304 -20.67 -37.44 -33.60
N ALA D 305 -20.48 -38.71 -33.20
CA ALA D 305 -21.62 -39.53 -32.78
C ALA D 305 -22.14 -39.09 -31.42
N THR D 306 -21.23 -38.81 -30.47
CA THR D 306 -21.62 -38.28 -29.17
C THR D 306 -22.26 -36.91 -29.33
N TRP D 307 -21.80 -36.12 -30.30
CA TRP D 307 -22.43 -34.85 -30.60
C TRP D 307 -23.84 -35.05 -31.14
N ASN D 308 -24.04 -36.05 -31.99
CA ASN D 308 -25.36 -36.34 -32.53
C ASN D 308 -26.31 -36.80 -31.43
N GLU D 309 -25.84 -37.66 -30.52
CA GLU D 309 -26.68 -38.10 -29.41
C GLU D 309 -26.96 -36.96 -28.45
N THR D 310 -26.03 -36.02 -28.34
CA THR D 310 -26.25 -34.81 -27.54
C THR D 310 -27.36 -33.97 -28.16
N LEU D 311 -27.27 -33.71 -29.47
CA LEU D 311 -28.29 -32.92 -30.16
C LEU D 311 -29.64 -33.60 -30.12
N GLY D 312 -29.65 -34.93 -30.20
CA GLY D 312 -30.91 -35.67 -30.17
C GLY D 312 -31.56 -35.63 -28.81
N LYS D 313 -30.77 -35.83 -27.75
CA LYS D 313 -31.31 -35.77 -26.39
C LYS D 313 -31.78 -34.36 -26.04
N VAL D 314 -31.03 -33.35 -26.50
CA VAL D 314 -31.41 -31.95 -26.29
C VAL D 314 -32.71 -31.64 -27.01
N VAL D 315 -32.85 -32.08 -28.27
CA VAL D 315 -34.07 -31.75 -29.00
C VAL D 315 -35.26 -32.55 -28.49
N LYS D 316 -35.01 -33.71 -27.86
CA LYS D 316 -36.08 -34.38 -27.13
C LYS D 316 -36.52 -33.54 -25.95
N GLN D 317 -35.57 -32.92 -25.23
CA GLN D 317 -35.97 -32.04 -24.14
C GLN D 317 -36.65 -30.78 -24.64
N LEU D 318 -36.33 -30.35 -25.86
CA LEU D 318 -37.06 -29.24 -26.48
C LEU D 318 -38.51 -29.62 -26.73
N ARG D 319 -38.73 -30.80 -27.31
CA ARG D 319 -40.11 -31.26 -27.50
C ARG D 319 -40.77 -31.77 -26.22
N LYS D 320 -40.04 -31.80 -25.10
CA LYS D 320 -40.68 -31.92 -23.80
C LYS D 320 -41.11 -30.57 -23.26
N HIS D 321 -40.27 -29.55 -23.45
CA HIS D 321 -40.44 -28.27 -22.79
C HIS D 321 -41.13 -27.24 -23.68
N PHE D 322 -40.55 -26.94 -24.84
CA PHE D 322 -41.16 -25.99 -25.77
C PHE D 322 -41.87 -26.76 -26.87
N GLY D 323 -43.19 -26.86 -26.76
CA GLY D 323 -43.98 -27.53 -27.76
C GLY D 323 -43.77 -29.04 -27.77
N ASN D 324 -44.44 -29.69 -28.68
CA ASN D 324 -44.29 -31.13 -28.86
C ASN D 324 -43.96 -31.51 -30.29
N ASN D 325 -44.51 -30.80 -31.27
CA ASN D 325 -44.34 -31.16 -32.67
C ASN D 325 -44.05 -29.89 -33.46
N THR D 326 -42.77 -29.68 -33.76
CA THR D 326 -42.33 -28.51 -34.52
C THR D 326 -41.01 -28.86 -35.20
N ILE D 327 -40.42 -27.87 -35.88
CA ILE D 327 -39.15 -28.02 -36.55
C ILE D 327 -38.09 -27.31 -35.73
N ILE D 328 -36.99 -27.99 -35.46
CA ILE D 328 -35.87 -27.41 -34.73
C ILE D 328 -34.67 -27.42 -35.65
N ARG D 329 -34.33 -26.24 -36.18
CA ARG D 329 -33.23 -26.07 -37.10
C ARG D 329 -32.19 -25.17 -36.46
N PHE D 330 -30.92 -25.49 -36.67
CA PHE D 330 -29.83 -24.80 -36.00
C PHE D 330 -29.10 -23.86 -36.95
N ALA D 331 -28.88 -22.64 -36.49
CA ALA D 331 -27.95 -21.71 -37.12
C ALA D 331 -26.92 -21.29 -36.09
N ASN D 332 -25.81 -20.76 -36.58
CA ASN D 332 -24.71 -20.34 -35.72
C ASN D 332 -25.05 -19.01 -35.05
N SER D 333 -24.07 -18.43 -34.36
CA SER D 333 -24.19 -17.06 -33.87
C SER D 333 -24.31 -16.12 -35.06
N SER D 334 -25.12 -15.08 -34.88
CA SER D 334 -25.37 -14.14 -35.97
C SER D 334 -24.17 -13.24 -36.21
N GLY D 335 -23.50 -12.84 -35.14
CA GLY D 335 -22.38 -11.93 -35.25
C GLY D 335 -22.18 -11.18 -33.96
N GLY D 336 -21.31 -10.18 -34.04
CA GLY D 336 -21.02 -9.35 -32.88
C GLY D 336 -19.58 -9.43 -32.45
N ASP D 337 -19.34 -9.53 -31.14
CA ASP D 337 -17.98 -9.56 -30.63
C ASP D 337 -17.38 -10.95 -30.80
N LEU D 338 -16.05 -10.97 -30.86
CA LEU D 338 -15.30 -12.21 -31.00
C LEU D 338 -15.50 -13.13 -29.81
N GLU D 339 -15.62 -12.57 -28.61
CA GLU D 339 -15.93 -13.38 -27.45
C GLU D 339 -17.39 -13.84 -27.46
N VAL D 340 -18.26 -13.07 -28.10
CA VAL D 340 -19.66 -13.47 -28.20
C VAL D 340 -19.82 -14.57 -29.25
N THR D 341 -19.19 -14.41 -30.42
CA THR D 341 -19.33 -15.38 -31.50
C THR D 341 -18.61 -16.69 -31.23
N THR D 342 -17.62 -16.71 -30.35
CA THR D 342 -16.85 -17.91 -30.09
C THR D 342 -17.12 -18.43 -28.68
N HIS D 343 -17.05 -19.75 -28.55
CA HIS D 343 -16.86 -20.36 -27.24
C HIS D 343 -15.46 -19.94 -26.77
N SER D 344 -15.42 -19.04 -25.81
CA SER D 344 -14.22 -18.28 -25.49
C SER D 344 -13.77 -18.63 -24.07
N PHE D 345 -12.50 -19.04 -23.95
CA PHE D 345 -12.07 -19.76 -22.76
C PHE D 345 -10.57 -19.89 -22.77
N ASN D 346 -10.00 -19.96 -21.58
CA ASN D 346 -8.57 -20.21 -21.41
C ASN D 346 -8.25 -21.67 -21.67
N CYS D 347 -7.06 -21.90 -22.24
CA CYS D 347 -6.44 -23.22 -22.30
C CYS D 347 -5.12 -23.10 -21.56
N GLY D 348 -5.17 -23.24 -20.24
CA GLY D 348 -3.98 -23.12 -19.43
C GLY D 348 -3.57 -21.67 -19.23
N GLY D 349 -3.01 -21.07 -20.26
CA GLY D 349 -2.60 -19.69 -20.19
C GLY D 349 -2.97 -18.91 -21.44
N GLU D 350 -3.54 -19.60 -22.42
CA GLU D 350 -3.88 -18.98 -23.70
C GLU D 350 -5.37 -19.21 -23.98
N PHE D 351 -5.97 -18.23 -24.63
CA PHE D 351 -7.42 -18.07 -24.61
C PHE D 351 -7.99 -18.41 -25.98
N PHE D 352 -8.55 -19.60 -26.08
CA PHE D 352 -9.03 -20.11 -27.37
C PHE D 352 -10.37 -19.50 -27.71
N TYR D 353 -10.48 -18.95 -28.93
CA TYR D 353 -11.71 -18.38 -29.44
C TYR D 353 -12.09 -19.23 -30.66
N CYS D 354 -12.97 -20.20 -30.45
CA CYS D 354 -13.21 -21.25 -31.44
C CYS D 354 -14.39 -20.90 -32.34
N ASN D 355 -14.20 -21.08 -33.64
CA ASN D 355 -15.28 -20.85 -34.59
C ASN D 355 -16.32 -21.94 -34.47
N THR D 356 -17.36 -21.68 -33.67
CA THR D 356 -18.42 -22.64 -33.45
C THR D 356 -19.55 -22.43 -34.46
N SER D 357 -19.19 -22.50 -35.74
CA SER D 357 -20.16 -22.39 -36.82
C SER D 357 -20.66 -23.75 -37.29
N GLY D 358 -19.78 -24.77 -37.28
CA GLY D 358 -20.17 -26.09 -37.72
C GLY D 358 -21.02 -26.84 -36.72
N LEU D 359 -20.94 -26.48 -35.44
CA LEU D 359 -21.71 -27.18 -34.41
C LEU D 359 -23.16 -26.74 -34.34
N PHE D 360 -23.56 -25.79 -35.16
CA PHE D 360 -24.92 -25.27 -35.16
C PHE D 360 -25.50 -25.34 -36.56
N ASN D 361 -25.35 -26.51 -37.17
CA ASN D 361 -25.83 -26.80 -38.51
C ASN D 361 -26.58 -28.13 -38.41
N SER D 362 -27.86 -28.04 -38.07
CA SER D 362 -28.70 -29.22 -37.99
C SER D 362 -30.15 -28.81 -38.20
N THR D 363 -31.00 -29.81 -38.41
CA THR D 363 -32.43 -29.62 -38.56
C THR D 363 -33.12 -30.83 -37.96
N TRP D 364 -34.13 -30.60 -37.12
CA TRP D 364 -34.85 -31.68 -36.47
C TRP D 364 -36.35 -31.40 -36.59
N ILE D 365 -37.08 -32.34 -37.20
CA ILE D 365 -38.50 -32.14 -37.44
C ILE D 365 -39.30 -33.23 -36.73
N SER D 366 -39.12 -34.48 -37.17
CA SER D 366 -39.79 -35.63 -36.58
C SER D 366 -38.82 -36.67 -36.06
N ASN D 367 -37.87 -37.10 -36.89
CA ASN D 367 -36.94 -38.15 -36.52
C ASN D 367 -35.52 -37.82 -36.96
N ASN D 379 -17.24 -43.06 -37.04
CA ASN D 379 -16.11 -42.79 -36.15
C ASN D 379 -15.30 -41.61 -36.68
N ASP D 380 -15.62 -40.41 -36.21
CA ASP D 380 -14.91 -39.21 -36.63
C ASP D 380 -15.09 -38.13 -35.57
N SER D 381 -14.00 -37.42 -35.29
CA SER D 381 -14.04 -36.23 -34.45
C SER D 381 -14.20 -34.99 -35.31
N ILE D 382 -14.83 -33.98 -34.73
CA ILE D 382 -15.14 -32.74 -35.44
C ILE D 382 -14.13 -31.69 -35.00
N THR D 383 -13.42 -31.13 -35.98
CA THR D 383 -12.32 -30.19 -35.72
C THR D 383 -12.74 -28.80 -36.16
N LEU D 384 -12.69 -27.84 -35.24
CA LEU D 384 -13.04 -26.46 -35.55
C LEU D 384 -11.85 -25.55 -35.34
N PRO D 385 -11.71 -24.51 -36.17
CA PRO D 385 -10.64 -23.53 -35.96
C PRO D 385 -10.84 -22.72 -34.69
N CYS D 386 -9.73 -22.48 -33.99
CA CYS D 386 -9.77 -21.71 -32.76
C CYS D 386 -8.70 -20.63 -32.82
N ARG D 387 -8.99 -19.50 -32.19
CA ARG D 387 -8.15 -18.32 -32.26
C ARG D 387 -7.71 -17.90 -30.87
N ILE D 388 -6.50 -17.36 -30.78
CA ILE D 388 -5.89 -16.99 -29.51
C ILE D 388 -5.69 -15.48 -29.51
N LYS D 389 -5.93 -14.85 -28.35
CA LYS D 389 -5.75 -13.42 -28.21
C LYS D 389 -5.16 -13.13 -26.83
N GLN D 390 -4.27 -12.14 -26.75
CA GLN D 390 -3.51 -11.86 -25.55
C GLN D 390 -3.92 -10.56 -24.87
N ILE D 391 -4.06 -9.46 -25.61
CA ILE D 391 -4.46 -8.19 -25.03
C ILE D 391 -5.97 -8.26 -24.81
N ILE D 392 -6.37 -8.50 -23.55
CA ILE D 392 -7.76 -8.76 -23.21
C ILE D 392 -8.18 -7.77 -22.13
N ASN D 393 -9.40 -7.25 -22.24
CA ASN D 393 -10.02 -6.36 -21.27
C ASN D 393 -11.35 -6.95 -20.81
N MET D 394 -11.30 -8.20 -20.35
CA MET D 394 -12.48 -9.01 -20.07
C MET D 394 -13.33 -8.42 -18.94
N TRP D 395 -14.62 -8.80 -18.98
CA TRP D 395 -15.75 -8.23 -18.25
C TRP D 395 -16.01 -6.76 -18.56
N GLN D 396 -15.33 -6.22 -19.58
CA GLN D 396 -15.48 -4.84 -20.08
C GLN D 396 -15.24 -3.78 -19.01
N ARG D 397 -14.45 -4.09 -17.98
CA ARG D 397 -14.08 -3.07 -17.00
C ARG D 397 -12.95 -2.27 -17.61
N ILE D 398 -13.35 -1.30 -18.45
CA ILE D 398 -12.41 -0.58 -19.29
C ILE D 398 -11.64 0.42 -18.47
N GLY D 399 -10.32 0.45 -18.66
CA GLY D 399 -9.43 1.25 -17.86
C GLY D 399 -8.18 0.46 -17.58
N GLN D 400 -8.29 -0.85 -17.75
CA GLN D 400 -7.15 -1.74 -17.51
C GLN D 400 -7.32 -2.97 -18.39
N ALA D 401 -6.49 -3.05 -19.43
CA ALA D 401 -6.41 -4.25 -20.26
C ALA D 401 -5.30 -5.16 -19.74
N MET D 402 -5.49 -6.46 -19.96
CA MET D 402 -4.56 -7.47 -19.49
C MET D 402 -3.80 -8.03 -20.69
N TYR D 403 -2.51 -8.29 -20.49
CA TYR D 403 -1.69 -8.90 -21.52
C TYR D 403 -1.22 -10.27 -21.08
N ALA D 404 -1.23 -11.22 -22.01
CA ALA D 404 -0.77 -12.57 -21.73
C ALA D 404 0.65 -12.76 -22.25
N PRO D 405 1.63 -13.00 -21.38
CA PRO D 405 2.97 -13.33 -21.87
C PRO D 405 2.96 -14.68 -22.57
N PRO D 406 3.84 -14.90 -23.54
CA PRO D 406 3.79 -16.12 -24.33
C PRO D 406 4.34 -17.33 -23.58
N ILE D 407 3.92 -18.51 -24.04
CA ILE D 407 4.30 -19.78 -23.45
C ILE D 407 4.95 -20.63 -24.54
N GLN D 408 6.07 -21.28 -24.19
CA GLN D 408 6.71 -22.18 -25.14
C GLN D 408 5.90 -23.46 -25.30
N GLY D 409 6.23 -24.22 -26.33
CA GLY D 409 5.80 -25.59 -26.43
C GLY D 409 4.38 -25.75 -26.95
N VAL D 410 4.14 -26.95 -27.50
CA VAL D 410 2.80 -27.36 -27.85
C VAL D 410 1.98 -27.54 -26.58
N ILE D 411 0.87 -26.82 -26.47
CA ILE D 411 -0.04 -26.94 -25.34
C ILE D 411 -1.22 -27.80 -25.75
N ARG D 412 -1.47 -28.87 -25.01
CA ARG D 412 -2.62 -29.72 -25.20
C ARG D 412 -3.39 -29.73 -23.88
N CYS D 413 -4.59 -29.16 -23.87
CA CYS D 413 -5.41 -29.15 -22.68
C CYS D 413 -6.65 -30.00 -22.92
N VAL D 414 -6.86 -30.98 -22.05
CA VAL D 414 -8.00 -31.87 -22.12
C VAL D 414 -9.06 -31.29 -21.18
N SER D 415 -10.05 -30.64 -21.75
CA SER D 415 -11.23 -30.21 -21.01
C SER D 415 -12.39 -31.12 -21.39
N ASN D 416 -13.41 -31.15 -20.55
CA ASN D 416 -14.61 -31.90 -20.88
C ASN D 416 -15.82 -30.97 -20.76
N ILE D 417 -16.66 -30.99 -21.79
CA ILE D 417 -17.75 -30.02 -21.88
C ILE D 417 -18.88 -30.47 -20.95
N THR D 418 -19.41 -29.52 -20.18
CA THR D 418 -20.36 -29.87 -19.13
C THR D 418 -21.67 -29.08 -19.20
N GLY D 419 -21.99 -28.44 -20.32
CA GLY D 419 -23.28 -27.80 -20.44
C GLY D 419 -23.37 -26.90 -21.64
N LEU D 420 -24.50 -26.18 -21.71
CA LEU D 420 -24.87 -25.35 -22.85
C LEU D 420 -25.35 -23.99 -22.40
N ILE D 421 -25.07 -22.98 -23.23
CA ILE D 421 -25.63 -21.64 -23.10
C ILE D 421 -26.12 -21.23 -24.47
N LEU D 422 -27.44 -21.09 -24.63
CA LEU D 422 -28.02 -20.79 -25.93
C LEU D 422 -29.05 -19.69 -25.81
N THR D 423 -29.48 -19.20 -26.97
CA THR D 423 -30.49 -18.15 -27.09
C THR D 423 -31.68 -18.66 -27.88
N ARG D 424 -32.86 -18.13 -27.55
CA ARG D 424 -34.04 -18.29 -28.38
C ARG D 424 -34.18 -17.05 -29.24
N ASP D 425 -34.27 -17.24 -30.56
CA ASP D 425 -34.42 -16.13 -31.46
C ASP D 425 -35.88 -15.66 -31.47
N GLY D 426 -36.16 -14.65 -32.28
CA GLY D 426 -37.54 -14.23 -32.47
C GLY D 426 -38.31 -15.29 -33.24
N GLY D 427 -39.50 -15.61 -32.74
CA GLY D 427 -40.33 -16.62 -33.35
C GLY D 427 -40.89 -16.17 -34.69
N SER D 428 -41.80 -15.20 -34.65
CA SER D 428 -42.35 -14.46 -35.81
C SER D 428 -43.11 -15.32 -36.81
N THR D 429 -43.30 -16.61 -36.52
CA THR D 429 -44.08 -17.51 -37.36
C THR D 429 -45.14 -18.17 -36.50
N ASN D 430 -45.88 -19.09 -37.10
CA ASN D 430 -46.88 -19.87 -36.37
C ASN D 430 -46.31 -21.25 -36.02
N SER D 431 -45.23 -21.22 -35.21
CA SER D 431 -44.51 -22.40 -34.72
C SER D 431 -44.04 -23.30 -35.86
N THR D 432 -43.59 -22.67 -36.95
CA THR D 432 -43.12 -23.44 -38.10
C THR D 432 -41.78 -24.08 -37.80
N THR D 433 -40.75 -23.26 -37.59
CA THR D 433 -39.44 -23.75 -37.19
C THR D 433 -38.93 -22.88 -36.07
N GLU D 434 -37.84 -23.34 -35.44
CA GLU D 434 -37.20 -22.61 -34.35
C GLU D 434 -35.70 -22.61 -34.55
N THR D 435 -35.14 -21.43 -34.74
CA THR D 435 -33.70 -21.25 -34.88
C THR D 435 -33.13 -20.83 -33.53
N PHE D 436 -32.20 -21.62 -33.02
CA PHE D 436 -31.59 -21.36 -31.72
C PHE D 436 -30.10 -21.10 -31.91
N ARG D 437 -29.59 -20.09 -31.23
CA ARG D 437 -28.28 -19.52 -31.49
C ARG D 437 -27.50 -19.41 -30.19
N PRO D 438 -26.17 -19.38 -30.26
CA PRO D 438 -25.36 -19.24 -29.05
C PRO D 438 -25.52 -17.87 -28.39
N GLY D 439 -25.12 -17.82 -27.14
CA GLY D 439 -25.13 -16.58 -26.39
C GLY D 439 -24.22 -16.66 -25.18
N GLY D 440 -24.28 -15.62 -24.36
CA GLY D 440 -23.48 -15.54 -23.16
C GLY D 440 -22.87 -14.15 -22.99
N GLY D 441 -21.64 -14.12 -22.47
CA GLY D 441 -20.93 -12.89 -22.21
C GLY D 441 -21.08 -12.34 -20.80
N ASP D 442 -22.09 -12.81 -20.06
CA ASP D 442 -22.33 -12.29 -18.72
C ASP D 442 -21.46 -13.01 -17.69
N MET D 443 -21.30 -14.33 -17.87
CA MET D 443 -20.72 -15.34 -16.96
C MET D 443 -21.59 -15.60 -15.74
N ARG D 444 -22.65 -14.81 -15.56
CA ARG D 444 -23.55 -15.00 -14.45
C ARG D 444 -24.46 -16.19 -14.65
N ASP D 445 -24.59 -16.65 -15.89
CA ASP D 445 -25.23 -17.93 -16.14
C ASP D 445 -24.30 -19.08 -15.76
N ASN D 446 -22.98 -18.86 -15.81
CA ASN D 446 -22.08 -19.85 -15.24
C ASN D 446 -22.17 -19.84 -13.73
N TRP D 447 -22.34 -18.64 -13.16
CA TRP D 447 -22.54 -18.51 -11.72
C TRP D 447 -23.81 -19.21 -11.26
N ARG D 448 -24.93 -18.94 -11.94
CA ARG D 448 -26.20 -19.54 -11.52
C ARG D 448 -26.27 -21.01 -11.86
N SER D 449 -25.67 -21.41 -13.00
CA SER D 449 -25.67 -22.80 -13.39
C SER D 449 -24.79 -23.64 -12.47
N GLU D 450 -23.77 -23.03 -11.88
CA GLU D 450 -22.94 -23.72 -10.90
C GLU D 450 -23.34 -23.39 -9.47
N LEU D 451 -24.39 -22.59 -9.28
CA LEU D 451 -24.77 -22.16 -7.94
C LEU D 451 -26.27 -22.16 -7.68
N TYR D 452 -27.06 -22.91 -8.45
CA TYR D 452 -28.47 -23.05 -8.11
C TYR D 452 -28.62 -24.09 -6.99
N LYS D 453 -29.87 -24.33 -6.59
CA LYS D 453 -30.37 -25.23 -5.54
C LYS D 453 -29.81 -24.95 -4.15
N TYR D 454 -29.01 -23.89 -4.00
CA TYR D 454 -28.42 -23.50 -2.74
C TYR D 454 -29.00 -22.15 -2.33
N LYS D 455 -29.12 -21.93 -1.03
CA LYS D 455 -29.71 -20.68 -0.56
C LYS D 455 -29.12 -20.30 0.79
N VAL D 456 -29.45 -19.09 1.22
CA VAL D 456 -28.90 -18.51 2.44
C VAL D 456 -30.07 -18.15 3.35
N VAL D 457 -30.04 -18.66 4.58
CA VAL D 457 -31.07 -18.38 5.56
C VAL D 457 -30.44 -17.77 6.79
N LYS D 458 -31.26 -17.05 7.56
CA LYS D 458 -30.92 -16.65 8.91
C LYS D 458 -31.72 -17.51 9.88
N ILE D 459 -31.22 -17.62 11.11
CA ILE D 459 -31.75 -18.56 12.07
C ILE D 459 -32.28 -17.80 13.28
N GLU D 460 -33.47 -18.17 13.74
CA GLU D 460 -34.07 -17.59 14.93
C GLU D 460 -34.31 -18.66 15.98
N PRO D 461 -33.67 -18.57 17.15
CA PRO D 461 -33.76 -19.65 18.14
C PRO D 461 -34.84 -19.45 19.19
N LEU D 462 -35.48 -18.29 19.26
CA LEU D 462 -36.31 -17.95 20.40
C LEU D 462 -37.74 -18.43 20.21
N GLY D 463 -38.28 -19.07 21.23
CA GLY D 463 -39.65 -19.54 21.19
C GLY D 463 -40.34 -19.26 22.51
N VAL D 464 -41.63 -18.94 22.42
CA VAL D 464 -42.45 -18.68 23.60
C VAL D 464 -43.72 -19.51 23.49
N ALA D 465 -43.95 -20.39 24.45
CA ALA D 465 -45.16 -21.21 24.46
C ALA D 465 -45.93 -21.04 25.75
N PRO D 466 -47.15 -20.51 25.69
CA PRO D 466 -48.00 -20.49 26.90
C PRO D 466 -48.50 -21.88 27.26
N THR D 467 -48.37 -22.19 28.55
CA THR D 467 -48.98 -23.38 29.13
C THR D 467 -49.29 -23.07 30.59
N ARG D 468 -49.64 -24.11 31.35
CA ARG D 468 -50.03 -23.94 32.74
C ARG D 468 -48.88 -24.13 33.71
N CYS D 469 -47.64 -24.15 33.23
CA CYS D 469 -46.50 -24.25 34.13
C CYS D 469 -46.15 -22.90 34.71
N LYS D 470 -45.65 -22.91 35.94
CA LYS D 470 -45.36 -21.70 36.68
C LYS D 470 -44.08 -21.90 37.48
N ARG D 471 -43.27 -20.84 37.58
CA ARG D 471 -42.14 -20.86 38.48
C ARG D 471 -42.59 -20.78 39.94
N ARG D 472 -41.65 -20.90 40.84
CA ARG D 472 -41.92 -20.77 42.26
C ARG D 472 -41.77 -19.31 42.67
N VAL D 473 -41.77 -19.04 43.97
CA VAL D 473 -41.59 -17.69 44.46
C VAL D 473 -40.21 -17.54 45.10
N ASN E 3 -27.08 -6.59 61.76
CA ASN E 3 -27.47 -5.32 61.18
C ASN E 3 -27.01 -5.18 59.73
N LEU E 4 -25.96 -4.38 59.54
CA LEU E 4 -25.61 -3.90 58.22
C LEU E 4 -24.86 -4.94 57.40
N TRP E 5 -25.14 -4.92 56.10
CA TRP E 5 -24.42 -5.69 55.10
C TRP E 5 -24.23 -4.71 53.94
N VAL E 6 -23.91 -5.19 52.74
CA VAL E 6 -23.96 -4.33 51.57
C VAL E 6 -24.83 -4.96 50.50
N THR E 7 -25.23 -4.14 49.53
CA THR E 7 -25.96 -4.58 48.36
C THR E 7 -25.32 -3.97 47.13
N VAL E 8 -25.37 -4.70 46.02
CA VAL E 8 -24.69 -4.31 44.79
C VAL E 8 -25.74 -4.04 43.72
N TYR E 9 -25.65 -2.86 43.09
CA TYR E 9 -26.65 -2.40 42.14
C TYR E 9 -25.99 -2.21 40.78
N TYR E 10 -26.78 -2.38 39.73
CA TYR E 10 -26.29 -2.22 38.36
C TYR E 10 -27.14 -1.20 37.61
N GLY E 11 -26.48 -0.42 36.77
CA GLY E 11 -27.18 0.53 35.92
C GLY E 11 -27.41 1.88 36.54
N VAL E 12 -26.68 2.25 37.59
CA VAL E 12 -26.90 3.49 38.32
C VAL E 12 -26.50 4.69 37.48
N PRO E 13 -27.17 5.85 37.63
CA PRO E 13 -26.80 7.02 36.83
C PRO E 13 -25.49 7.64 37.29
N VAL E 14 -24.38 7.04 36.87
CA VAL E 14 -23.05 7.54 37.18
C VAL E 14 -22.29 7.70 35.87
N TRP E 15 -21.83 8.91 35.61
CA TRP E 15 -21.15 9.18 34.35
C TRP E 15 -20.01 10.17 34.57
N LYS E 16 -18.93 9.95 33.82
CA LYS E 16 -17.85 10.91 33.76
C LYS E 16 -17.57 11.22 32.30
N ASP E 17 -16.65 12.14 32.03
CA ASP E 17 -16.28 12.49 30.68
C ASP E 17 -15.19 11.55 30.18
N ALA E 18 -15.18 11.35 28.87
CA ALA E 18 -14.14 10.56 28.21
C ALA E 18 -14.01 11.04 26.77
N GLU E 19 -13.05 10.46 26.06
CA GLU E 19 -12.83 10.77 24.66
C GLU E 19 -12.80 9.49 23.85
N THR E 20 -13.43 9.55 22.67
CA THR E 20 -13.51 8.41 21.78
C THR E 20 -13.69 8.93 20.36
N THR E 21 -13.94 8.02 19.43
CA THR E 21 -14.26 8.37 18.07
C THR E 21 -15.75 8.13 17.83
N LEU E 22 -16.44 9.16 17.35
CA LEU E 22 -17.85 9.02 17.02
C LEU E 22 -17.96 8.41 15.63
N PHE E 23 -19.18 8.38 15.08
CA PHE E 23 -19.36 7.89 13.73
C PHE E 23 -20.51 8.66 13.09
N CYS E 24 -20.55 8.60 11.78
CA CYS E 24 -21.48 9.38 10.97
C CYS E 24 -22.85 8.72 10.92
N ALA E 25 -23.83 9.49 10.44
CA ALA E 25 -25.14 8.93 10.09
C ALA E 25 -25.66 9.78 8.93
N SER E 26 -25.42 9.32 7.71
CA SER E 26 -25.90 10.00 6.52
C SER E 26 -27.29 9.50 6.17
N ASP E 27 -28.08 10.37 5.55
CA ASP E 27 -29.36 9.94 5.02
C ASP E 27 -29.15 9.06 3.80
N ALA E 28 -30.03 8.07 3.65
CA ALA E 28 -29.95 7.18 2.50
C ALA E 28 -30.44 7.82 1.22
N LYS E 29 -31.04 9.01 1.30
CA LYS E 29 -31.48 9.72 0.11
C LYS E 29 -30.29 10.21 -0.72
N ALA E 30 -29.22 10.64 -0.05
CA ALA E 30 -28.04 11.12 -0.73
C ALA E 30 -27.28 9.99 -1.44
N TYR E 31 -27.42 8.75 -0.97
CA TYR E 31 -26.80 7.63 -1.65
C TYR E 31 -27.56 7.21 -2.90
N GLU E 32 -28.79 7.66 -3.09
CA GLU E 32 -29.43 7.53 -4.39
C GLU E 32 -28.76 8.42 -5.43
N THR E 33 -28.12 9.49 -4.98
CA THR E 33 -27.27 10.37 -5.76
C THR E 33 -25.80 10.08 -5.48
N GLU E 34 -25.45 8.78 -5.46
CA GLU E 34 -24.14 8.31 -4.99
C GLU E 34 -22.98 8.90 -5.77
N LYS E 35 -23.16 9.20 -7.06
CA LYS E 35 -22.20 9.92 -7.92
C LYS E 35 -20.81 9.28 -7.94
N HIS E 36 -20.73 7.98 -7.68
CA HIS E 36 -19.48 7.27 -7.41
C HIS E 36 -18.69 7.96 -6.29
N ASN E 37 -19.23 7.80 -5.08
CA ASN E 37 -18.80 8.51 -3.86
C ASN E 37 -19.02 10.02 -4.00
N VAL E 38 -20.31 10.37 -3.95
CA VAL E 38 -20.78 11.70 -3.57
C VAL E 38 -19.97 12.19 -2.37
N TRP E 39 -19.50 13.44 -2.46
CA TRP E 39 -18.22 13.92 -1.93
C TRP E 39 -17.82 13.42 -0.55
N ALA E 40 -18.66 13.67 0.45
CA ALA E 40 -18.36 13.20 1.79
C ALA E 40 -18.72 11.74 1.97
N THR E 41 -19.99 11.39 1.77
CA THR E 41 -20.52 10.08 2.16
C THR E 41 -20.03 9.00 1.21
N HIS E 42 -19.22 8.09 1.72
CA HIS E 42 -18.80 6.91 0.97
C HIS E 42 -19.35 5.63 1.54
N ALA E 43 -19.11 5.36 2.82
CA ALA E 43 -19.53 4.12 3.48
C ALA E 43 -20.15 4.43 4.83
N CYS E 44 -21.04 5.41 4.87
CA CYS E 44 -21.58 5.90 6.12
C CYS E 44 -22.70 5.00 6.63
N VAL E 45 -23.20 5.35 7.82
CA VAL E 45 -24.30 4.65 8.46
C VAL E 45 -25.59 5.34 8.02
N PRO E 46 -26.67 4.59 7.78
CA PRO E 46 -27.98 5.25 7.60
C PRO E 46 -28.43 5.95 8.87
N THR E 47 -29.01 7.13 8.69
CA THR E 47 -29.52 7.91 9.81
C THR E 47 -30.71 7.22 10.45
N ASP E 48 -30.68 7.10 11.77
CA ASP E 48 -31.86 6.75 12.55
C ASP E 48 -32.90 7.85 12.39
N PRO E 49 -34.10 7.54 11.89
CA PRO E 49 -35.12 8.60 11.72
C PRO E 49 -35.71 9.11 13.02
N ASN E 50 -35.35 8.54 14.16
CA ASN E 50 -35.85 8.97 15.46
C ASN E 50 -34.72 9.51 16.30
N PRO E 51 -34.47 10.82 16.29
CA PRO E 51 -33.48 11.40 17.20
C PRO E 51 -34.02 11.40 18.62
N GLN E 52 -33.84 10.29 19.32
CA GLN E 52 -34.39 10.09 20.66
C GLN E 52 -33.73 11.04 21.63
N GLU E 53 -34.45 12.10 21.99
CA GLU E 53 -33.96 13.15 22.87
C GLU E 53 -34.74 13.06 24.18
N ILE E 54 -34.04 12.76 25.26
CA ILE E 54 -34.65 12.67 26.58
C ILE E 54 -34.11 13.82 27.41
N HIS E 55 -34.98 14.76 27.76
CA HIS E 55 -34.57 15.84 28.64
C HIS E 55 -34.30 15.33 30.05
N LEU E 56 -33.23 15.84 30.65
CA LEU E 56 -32.77 15.35 31.93
C LEU E 56 -32.93 16.45 32.97
N GLU E 57 -33.85 16.26 33.89
CA GLU E 57 -34.09 17.21 34.95
C GLU E 57 -32.95 17.15 35.95
N ASN E 58 -32.67 18.30 36.58
CA ASN E 58 -31.76 18.46 37.71
C ASN E 58 -30.31 18.19 37.32
N VAL E 59 -29.96 18.46 36.07
CA VAL E 59 -28.59 18.32 35.61
C VAL E 59 -28.08 19.72 35.31
N THR E 60 -26.97 20.08 35.96
CA THR E 60 -26.37 21.40 35.79
C THR E 60 -24.87 21.15 35.67
N GLU E 61 -24.41 20.94 34.45
CA GLU E 61 -23.03 20.61 34.18
C GLU E 61 -22.32 21.82 33.60
N GLU E 62 -21.15 22.15 34.16
CA GLU E 62 -20.32 23.20 33.62
C GLU E 62 -19.79 22.81 32.24
N PHE E 63 -19.88 23.72 31.29
CA PHE E 63 -19.53 23.45 29.90
C PHE E 63 -18.39 24.37 29.45
N ASN E 64 -17.70 23.92 28.41
CA ASN E 64 -16.85 24.80 27.63
C ASN E 64 -16.79 24.26 26.21
N MET E 65 -16.97 25.16 25.23
CA MET E 65 -16.78 24.83 23.83
C MET E 65 -15.34 25.01 23.39
N TRP E 66 -14.41 25.12 24.33
CA TRP E 66 -13.00 25.35 24.01
C TRP E 66 -12.10 24.30 24.61
N LYS E 67 -12.63 23.17 25.09
CA LYS E 67 -11.82 22.17 25.75
C LYS E 67 -11.75 20.86 24.98
N ASN E 68 -12.90 20.21 24.75
CA ASN E 68 -12.92 18.81 24.33
C ASN E 68 -13.97 18.61 23.26
N ASN E 69 -13.54 18.20 22.09
CA ASN E 69 -14.42 17.91 20.97
C ASN E 69 -13.63 17.10 19.96
N MET E 70 -14.31 16.64 18.91
CA MET E 70 -13.66 16.15 17.71
C MET E 70 -13.54 17.25 16.68
N VAL E 71 -13.29 18.48 17.15
CA VAL E 71 -12.87 19.55 16.27
C VAL E 71 -11.57 19.16 15.57
N GLU E 72 -10.57 18.75 16.35
CA GLU E 72 -9.32 18.31 15.77
C GLU E 72 -9.48 16.96 15.09
N GLN E 73 -10.25 16.06 15.70
CA GLN E 73 -10.33 14.70 15.21
C GLN E 73 -11.12 14.64 13.91
N MET E 74 -12.34 15.17 13.93
CA MET E 74 -13.14 15.29 12.71
C MET E 74 -12.56 16.30 11.73
N HIS E 75 -11.75 17.26 12.20
CA HIS E 75 -10.97 18.10 11.32
C HIS E 75 -10.04 17.27 10.46
N THR E 76 -9.24 16.43 11.10
CA THR E 76 -8.38 15.48 10.40
C THR E 76 -9.17 14.41 9.66
N ASP E 77 -10.42 14.15 10.06
CA ASP E 77 -11.24 13.19 9.33
C ASP E 77 -11.70 13.79 8.01
N ILE E 78 -12.06 15.07 8.01
CA ILE E 78 -12.51 15.73 6.79
C ILE E 78 -11.35 15.94 5.83
N ILE E 79 -10.20 16.39 6.36
CA ILE E 79 -9.06 16.55 5.45
C ILE E 79 -8.45 15.20 5.09
N SER E 80 -8.68 14.17 5.89
CA SER E 80 -8.29 12.83 5.47
C SER E 80 -9.21 12.33 4.36
N LEU E 81 -10.49 12.70 4.41
CA LEU E 81 -11.41 12.46 3.30
C LEU E 81 -10.97 13.21 2.06
N TRP E 82 -10.46 14.42 2.26
CA TRP E 82 -9.86 15.19 1.18
C TRP E 82 -8.69 14.44 0.56
N ASP E 83 -7.87 13.82 1.39
CA ASP E 83 -6.73 13.05 0.90
C ASP E 83 -7.17 11.79 0.18
N GLN E 84 -8.12 11.06 0.75
CA GLN E 84 -8.66 9.86 0.13
C GLN E 84 -9.41 10.16 -1.16
N SER E 85 -9.93 11.38 -1.31
CA SER E 85 -10.43 11.80 -2.61
C SER E 85 -9.28 12.08 -3.56
N LEU E 86 -8.20 12.70 -3.06
CA LEU E 86 -7.10 13.07 -3.95
C LEU E 86 -6.26 11.90 -4.42
N LYS E 87 -6.32 10.75 -3.72
CA LYS E 87 -5.40 9.66 -4.08
C LYS E 87 -5.76 8.97 -5.40
N PRO E 88 -6.95 8.38 -5.60
CA PRO E 88 -7.13 7.60 -6.83
C PRO E 88 -7.42 8.42 -8.07
N CYS E 89 -7.69 9.72 -7.93
CA CYS E 89 -8.17 10.51 -9.05
C CYS E 89 -6.98 11.07 -9.83
N VAL E 90 -7.23 12.02 -10.72
CA VAL E 90 -6.31 12.35 -11.80
C VAL E 90 -5.15 13.19 -11.26
N LYS E 91 -3.92 12.72 -11.49
CA LYS E 91 -2.72 13.45 -11.14
C LYS E 91 -2.27 14.30 -12.34
N LEU E 92 -1.56 15.37 -12.04
CA LEU E 92 -1.15 16.31 -13.09
C LEU E 92 0.36 16.51 -13.12
N THR E 93 1.10 15.41 -13.05
CA THR E 93 2.56 15.47 -12.91
C THR E 93 3.38 16.05 -14.07
N PRO E 94 3.09 15.82 -15.40
CA PRO E 94 4.02 16.37 -16.40
C PRO E 94 3.67 17.80 -16.80
N LEU E 95 2.88 18.48 -15.98
CA LEU E 95 2.29 19.75 -16.40
C LEU E 95 3.21 20.94 -16.21
N CYS E 96 4.36 20.78 -15.55
CA CYS E 96 5.24 21.91 -15.27
C CYS E 96 6.02 22.27 -16.54
N VAL E 97 5.31 22.91 -17.47
CA VAL E 97 5.83 23.29 -18.77
C VAL E 97 5.75 24.81 -18.86
N THR E 98 6.78 25.43 -19.46
CA THR E 98 6.75 26.87 -19.66
C THR E 98 5.65 27.25 -20.66
N LEU E 99 5.26 28.52 -20.60
CA LEU E 99 3.98 28.94 -21.17
C LEU E 99 4.15 30.15 -22.07
N GLN E 100 3.31 30.23 -23.10
CA GLN E 100 3.26 31.37 -24.01
C GLN E 100 1.86 31.95 -23.97
N CYS E 101 1.69 33.05 -23.25
CA CYS E 101 0.39 33.56 -22.89
C CYS E 101 0.22 34.98 -23.40
N THR E 102 -1.02 35.34 -23.70
CA THR E 102 -1.38 36.70 -24.14
C THR E 102 -2.60 37.18 -23.38
N ASN E 103 -2.72 38.51 -23.27
CA ASN E 103 -3.90 39.10 -22.67
C ASN E 103 -5.12 38.91 -23.56
N VAL E 104 -6.24 38.58 -22.92
CA VAL E 104 -7.49 38.32 -23.63
C VAL E 104 -8.05 39.63 -24.18
N THR E 105 -8.88 39.51 -25.23
CA THR E 105 -9.56 40.68 -25.79
C THR E 105 -10.99 40.28 -26.12
N ASN E 106 -11.88 40.45 -25.14
CA ASN E 106 -13.31 40.45 -25.42
C ASN E 106 -14.02 41.65 -24.81
N ASN E 107 -13.68 42.01 -23.57
CA ASN E 107 -14.41 43.03 -22.84
C ASN E 107 -13.46 43.72 -21.88
N ILE E 108 -14.02 44.59 -21.03
CA ILE E 108 -13.23 45.47 -20.17
C ILE E 108 -13.45 45.17 -18.69
N THR E 109 -14.45 44.35 -18.35
CA THR E 109 -14.77 44.05 -16.96
C THR E 109 -13.64 43.30 -16.25
N ASP E 110 -12.88 42.50 -17.00
CA ASP E 110 -11.64 41.94 -16.49
C ASP E 110 -10.43 42.77 -16.90
N ASP E 111 -10.60 43.68 -17.85
CA ASP E 111 -9.52 44.57 -18.27
C ASP E 111 -9.59 45.87 -17.45
N GLY E 114 -7.35 41.97 -18.88
CA GLY E 114 -6.31 41.24 -18.17
C GLY E 114 -6.82 39.95 -17.54
N GLU E 115 -5.93 39.29 -16.78
CA GLU E 115 -6.18 38.17 -15.87
C GLU E 115 -6.46 36.86 -16.60
N LEU E 116 -6.70 36.92 -17.90
CA LEU E 116 -7.04 35.73 -18.68
C LEU E 116 -5.98 35.57 -19.75
N LYS E 117 -5.17 34.54 -19.59
CA LYS E 117 -3.93 34.38 -20.35
C LYS E 117 -4.08 33.20 -21.30
N ASN E 118 -4.07 33.49 -22.60
CA ASN E 118 -4.24 32.49 -23.63
C ASN E 118 -2.91 31.74 -23.77
N CYS E 119 -2.75 30.70 -22.97
CA CYS E 119 -1.44 30.09 -22.75
C CYS E 119 -1.24 28.91 -23.70
N SER E 120 -0.43 29.10 -24.73
CA SER E 120 0.01 28.00 -25.57
C SER E 120 1.26 27.37 -24.97
N PHE E 121 1.48 26.10 -25.33
CA PHE E 121 2.47 25.26 -24.66
C PHE E 121 2.66 23.97 -25.44
N ASN E 122 3.87 23.43 -25.36
CA ASN E 122 4.12 22.07 -25.83
C ASN E 122 3.72 21.05 -24.77
N MET E 123 3.41 19.85 -25.23
CA MET E 123 2.93 18.75 -24.40
C MET E 123 3.12 17.49 -25.22
N THR E 124 3.09 16.34 -24.55
CA THR E 124 3.01 15.06 -25.25
C THR E 124 1.57 14.56 -25.20
N THR E 125 1.36 13.34 -25.70
CA THR E 125 0.04 12.74 -25.73
C THR E 125 0.10 11.25 -25.40
N GLU E 126 -0.92 10.51 -25.83
CA GLU E 126 -0.98 9.08 -25.59
C GLU E 126 0.28 8.37 -26.10
N LEU E 127 0.51 8.45 -27.40
CA LEU E 127 1.68 7.83 -28.01
C LEU E 127 2.97 8.44 -27.46
N ARG E 128 3.46 7.88 -26.37
CA ARG E 128 4.68 8.35 -25.73
C ARG E 128 5.62 9.00 -26.75
N ASP E 129 5.62 8.51 -27.99
CA ASP E 129 6.50 9.05 -29.01
C ASP E 129 6.00 10.37 -29.60
N LYS E 130 4.81 10.81 -29.22
CA LYS E 130 4.16 11.93 -29.88
C LYS E 130 4.18 13.18 -29.02
N LYS E 131 3.94 14.32 -29.67
CA LYS E 131 3.90 15.62 -29.01
C LYS E 131 2.53 16.25 -29.21
N GLN E 132 2.36 17.45 -28.66
CA GLN E 132 1.10 18.17 -28.78
C GLN E 132 1.07 19.43 -27.94
N LYS E 133 1.43 20.56 -28.55
CA LYS E 133 1.45 21.85 -27.87
C LYS E 133 0.13 22.58 -28.16
N VAL E 134 -0.68 22.75 -27.13
CA VAL E 134 -1.97 23.42 -27.30
C VAL E 134 -2.06 24.75 -26.54
N TYR E 135 -3.23 25.39 -26.65
CA TYR E 135 -3.49 26.66 -26.00
C TYR E 135 -4.70 26.53 -25.09
N SER E 136 -4.67 27.25 -23.97
CA SER E 136 -5.78 27.25 -23.03
C SER E 136 -5.82 28.61 -22.31
N LEU E 137 -6.97 28.89 -21.72
CA LEU E 137 -7.23 30.18 -21.07
C LEU E 137 -7.29 29.97 -19.56
N PHE E 138 -6.44 30.67 -18.82
CA PHE E 138 -6.33 30.45 -17.38
C PHE E 138 -6.53 31.76 -16.62
N TYR E 139 -7.14 31.64 -15.45
CA TYR E 139 -7.25 32.77 -14.54
C TYR E 139 -5.90 33.06 -13.91
N ARG E 140 -5.67 34.35 -13.59
CA ARG E 140 -4.35 34.78 -13.15
C ARG E 140 -3.94 34.15 -11.82
N LEU E 141 -4.89 33.62 -11.05
CA LEU E 141 -4.58 33.13 -9.71
C LEU E 141 -3.99 31.73 -9.72
N ASP E 142 -4.11 30.99 -10.82
CA ASP E 142 -3.57 29.64 -10.89
C ASP E 142 -2.14 29.58 -11.40
N VAL E 143 -1.58 30.70 -11.89
CA VAL E 143 -0.25 30.71 -12.49
C VAL E 143 0.57 31.83 -11.84
N VAL E 144 1.85 31.88 -12.21
CA VAL E 144 2.74 32.97 -11.85
C VAL E 144 3.86 33.01 -12.88
N GLN E 145 4.37 34.21 -13.15
CA GLN E 145 5.38 34.35 -14.20
C GLN E 145 6.75 33.94 -13.67
N ILE E 146 7.74 33.97 -14.56
CA ILE E 146 9.11 33.62 -14.22
C ILE E 146 10.04 34.51 -15.03
N ASN E 147 11.07 35.04 -14.39
CA ASN E 147 12.04 35.90 -15.06
C ASN E 147 13.45 35.33 -14.97
N SER E 157 11.27 39.83 -26.48
CA SER E 157 10.70 38.56 -26.06
C SER E 157 9.47 38.78 -25.18
N ASN E 158 8.63 37.76 -25.09
CA ASN E 158 7.36 37.83 -24.36
C ASN E 158 7.48 37.07 -23.04
N LYS E 159 6.73 37.54 -22.04
CA LYS E 159 6.82 36.99 -20.70
C LYS E 159 6.35 35.54 -20.67
N GLU E 160 7.01 34.74 -19.84
CA GLU E 160 6.67 33.32 -19.71
C GLU E 160 6.58 32.91 -18.24
N TYR E 161 5.39 32.49 -17.82
CA TYR E 161 5.16 32.07 -16.46
C TYR E 161 4.63 30.63 -16.41
N ARG E 162 5.07 29.87 -15.42
CA ARG E 162 4.65 28.49 -15.26
C ARG E 162 3.54 28.37 -14.20
N LEU E 163 3.82 27.61 -13.16
CA LEU E 163 2.85 27.41 -12.08
C LEU E 163 3.55 27.49 -10.73
N ILE E 164 2.85 28.11 -9.76
CA ILE E 164 3.47 28.47 -8.49
C ILE E 164 3.83 27.23 -7.67
N ASN E 165 3.13 26.12 -7.87
CA ASN E 165 3.45 24.89 -7.19
C ASN E 165 4.64 24.15 -7.82
N CYS E 166 5.05 24.52 -9.04
CA CYS E 166 6.05 23.74 -9.76
C CYS E 166 7.46 23.84 -9.17
N ASN E 167 7.68 24.64 -8.14
CA ASN E 167 8.88 24.48 -7.34
C ASN E 167 8.60 24.04 -5.91
N THR E 168 7.34 23.88 -5.52
CA THR E 168 7.03 23.51 -4.15
C THR E 168 6.37 22.14 -4.03
N SER E 169 5.24 21.91 -4.71
CA SER E 169 4.44 20.74 -4.43
C SER E 169 3.79 20.22 -5.70
N ALA E 170 3.47 18.92 -5.69
CA ALA E 170 2.82 18.30 -6.83
C ALA E 170 1.37 18.75 -6.93
N ILE E 171 0.76 18.46 -8.08
CA ILE E 171 -0.57 18.94 -8.42
C ILE E 171 -1.42 17.77 -8.93
N THR E 172 -2.64 17.68 -8.43
CA THR E 172 -3.66 16.78 -8.94
C THR E 172 -4.91 17.60 -9.22
N GLN E 173 -5.71 17.14 -10.18
CA GLN E 173 -7.04 17.67 -10.34
C GLN E 173 -8.06 16.66 -9.81
N ALA E 174 -9.25 17.18 -9.52
CA ALA E 174 -10.31 16.33 -9.02
C ALA E 174 -10.88 15.48 -10.15
N CYS E 175 -11.08 14.21 -9.86
CA CYS E 175 -11.85 13.37 -10.75
C CYS E 175 -13.30 13.87 -10.80
N PRO E 176 -13.86 14.10 -11.98
CA PRO E 176 -15.09 14.90 -12.09
C PRO E 176 -16.37 14.17 -11.71
N LYS E 177 -16.28 12.96 -11.17
CA LYS E 177 -17.48 12.19 -10.91
C LYS E 177 -18.07 12.53 -9.55
N VAL E 178 -17.19 12.83 -8.59
CA VAL E 178 -17.62 13.16 -7.23
C VAL E 178 -18.31 14.51 -7.22
N SER E 179 -19.08 14.75 -6.16
CA SER E 179 -19.73 16.02 -5.95
C SER E 179 -18.83 16.92 -5.13
N PHE E 180 -19.38 18.04 -4.63
CA PHE E 180 -18.71 18.86 -3.63
C PHE E 180 -19.69 19.39 -2.60
N GLU E 181 -20.74 18.65 -2.34
CA GLU E 181 -21.79 19.21 -1.50
C GLU E 181 -21.56 18.86 -0.04
N PRO E 182 -21.61 19.83 0.86
CA PRO E 182 -21.70 19.51 2.29
C PRO E 182 -23.03 18.83 2.59
N ILE E 183 -22.95 17.66 3.21
CA ILE E 183 -24.11 16.79 3.36
C ILE E 183 -24.59 16.87 4.81
N PRO E 184 -25.91 16.96 5.05
CA PRO E 184 -26.40 16.94 6.43
C PRO E 184 -26.20 15.55 7.05
N ILE E 185 -25.22 15.42 7.92
CA ILE E 185 -24.84 14.13 8.47
C ILE E 185 -24.97 14.20 9.99
N HIS E 186 -25.79 13.32 10.53
CA HIS E 186 -25.91 13.18 11.97
C HIS E 186 -24.68 12.46 12.50
N TYR E 187 -24.22 12.86 13.68
CA TYR E 187 -23.01 12.28 14.25
C TYR E 187 -23.42 11.53 15.51
N CYS E 188 -23.26 10.22 15.48
CA CYS E 188 -23.79 9.35 16.52
C CYS E 188 -22.65 8.79 17.37
N ALA E 189 -22.99 8.49 18.59
CA ALA E 189 -22.05 8.00 19.58
C ALA E 189 -22.04 6.49 19.62
N PRO E 190 -20.87 5.89 19.86
CA PRO E 190 -20.85 4.46 20.20
C PRO E 190 -21.55 4.23 21.52
N ALA E 191 -22.29 3.13 21.59
CA ALA E 191 -23.13 2.89 22.75
C ALA E 191 -22.29 2.51 23.96
N GLY E 192 -22.89 2.65 25.14
CA GLY E 192 -22.14 2.73 26.36
C GLY E 192 -21.66 4.14 26.69
N PHE E 193 -21.86 5.09 25.78
CA PHE E 193 -21.56 6.51 25.93
C PHE E 193 -22.85 7.30 25.72
N ALA E 194 -22.75 8.62 25.78
CA ALA E 194 -23.92 9.48 25.54
C ALA E 194 -23.48 10.85 25.08
N ILE E 195 -24.41 11.55 24.43
CA ILE E 195 -24.21 12.93 23.97
C ILE E 195 -25.23 13.79 24.69
N LEU E 196 -24.80 14.92 25.23
CA LEU E 196 -25.66 15.82 25.97
C LEU E 196 -25.90 17.10 25.19
N LYS E 197 -26.87 17.88 25.64
CA LYS E 197 -27.30 19.05 24.90
C LYS E 197 -27.75 20.15 25.86
N CYS E 198 -27.26 21.36 25.64
CA CYS E 198 -27.67 22.53 26.41
C CYS E 198 -28.78 23.25 25.65
N LYS E 199 -30.02 23.08 26.10
CA LYS E 199 -31.18 23.55 25.35
C LYS E 199 -31.62 24.96 25.76
N ASP E 200 -30.70 25.80 26.21
CA ASP E 200 -31.10 27.15 26.60
C ASP E 200 -31.25 28.04 25.36
N LYS E 201 -31.62 29.30 25.60
CA LYS E 201 -31.69 30.28 24.53
C LYS E 201 -30.36 30.98 24.32
N LYS E 202 -29.75 31.47 25.39
CA LYS E 202 -28.55 32.28 25.31
C LYS E 202 -27.41 31.52 25.97
N PHE E 203 -26.40 31.17 25.18
CA PHE E 203 -25.29 30.37 25.68
C PHE E 203 -24.06 30.69 24.85
N ASN E 204 -23.12 31.42 25.44
CA ASN E 204 -21.87 31.82 24.79
C ASN E 204 -20.84 30.70 24.72
N GLY E 205 -21.17 29.50 25.18
CA GLY E 205 -20.30 28.35 25.07
C GLY E 205 -19.70 27.89 26.38
N THR E 206 -19.69 28.73 27.40
CA THR E 206 -19.07 28.40 28.68
C THR E 206 -20.11 28.48 29.79
N GLY E 207 -19.80 27.83 30.90
CA GLY E 207 -20.63 27.90 32.08
C GLY E 207 -21.54 26.69 32.24
N PRO E 208 -22.42 26.74 33.24
CA PRO E 208 -23.33 25.64 33.48
C PRO E 208 -24.55 25.71 32.57
N CYS E 209 -25.40 24.69 32.68
CA CYS E 209 -26.60 24.63 31.88
C CYS E 209 -27.64 23.76 32.57
N PRO E 210 -28.81 24.30 32.90
CA PRO E 210 -29.88 23.45 33.45
C PRO E 210 -30.62 22.69 32.38
N SER E 211 -30.76 23.29 31.21
CA SER E 211 -31.57 22.73 30.11
C SER E 211 -30.78 21.60 29.46
N VAL E 212 -30.81 20.43 30.10
CA VAL E 212 -30.00 19.29 29.70
C VAL E 212 -30.90 18.22 29.10
N SER E 213 -30.56 17.81 27.88
CA SER E 213 -31.16 16.64 27.26
C SER E 213 -30.06 15.73 26.74
N THR E 214 -30.35 14.42 26.72
CA THR E 214 -29.45 13.45 26.12
C THR E 214 -29.99 12.98 24.79
N VAL E 215 -29.10 12.90 23.80
CA VAL E 215 -29.44 12.40 22.47
C VAL E 215 -28.41 11.33 22.15
N GLN E 216 -28.83 10.28 21.45
CA GLN E 216 -27.89 9.29 20.95
C GLN E 216 -26.97 9.87 19.88
N CYS E 217 -27.46 10.84 19.12
CA CYS E 217 -26.71 11.37 17.99
C CYS E 217 -26.64 12.89 18.05
N THR E 218 -26.21 13.52 16.96
CA THR E 218 -26.37 14.95 16.78
C THR E 218 -27.42 15.18 15.70
N HIS E 219 -27.61 16.45 15.34
CA HIS E 219 -28.40 16.76 14.17
C HIS E 219 -27.56 16.58 12.91
N GLY E 220 -28.20 16.76 11.76
CA GLY E 220 -27.49 16.66 10.49
C GLY E 220 -26.57 17.86 10.31
N ILE E 221 -25.28 17.61 10.17
CA ILE E 221 -24.27 18.65 10.17
C ILE E 221 -23.49 18.58 8.86
N LYS E 222 -23.35 19.73 8.19
CA LYS E 222 -22.73 19.97 6.90
C LYS E 222 -21.26 20.35 7.07
N PRO E 223 -20.37 19.73 6.30
CA PRO E 223 -18.98 20.21 6.25
C PRO E 223 -18.83 21.47 5.40
N VAL E 224 -19.10 22.62 5.99
CA VAL E 224 -19.09 23.88 5.27
C VAL E 224 -17.67 24.45 5.29
N VAL E 225 -17.19 24.90 4.12
CA VAL E 225 -15.89 25.52 3.99
C VAL E 225 -16.13 27.00 3.66
N SER E 226 -15.96 27.87 4.66
CA SER E 226 -16.12 29.30 4.44
C SER E 226 -15.24 30.05 5.43
N THR E 227 -14.65 31.14 4.96
CA THR E 227 -13.88 32.03 5.82
C THR E 227 -14.72 33.25 6.18
N GLN E 228 -14.43 33.81 7.37
CA GLN E 228 -14.90 35.10 7.86
C GLN E 228 -16.39 35.15 8.21
N LEU E 229 -17.15 34.11 7.89
CA LEU E 229 -18.60 34.11 8.06
C LEU E 229 -19.07 32.70 8.34
N LEU E 230 -20.37 32.48 8.22
CA LEU E 230 -20.97 31.15 8.23
C LEU E 230 -22.01 31.08 7.13
N LEU E 231 -22.00 29.99 6.38
CA LEU E 231 -22.96 29.74 5.32
C LEU E 231 -23.69 28.44 5.62
N ASN E 232 -25.02 28.47 5.55
CA ASN E 232 -25.91 27.31 5.75
C ASN E 232 -25.75 26.66 7.13
N GLY E 233 -25.18 27.36 8.10
CA GLY E 233 -25.01 26.80 9.42
C GLY E 233 -26.27 26.93 10.25
N SER E 234 -26.14 26.59 11.52
CA SER E 234 -27.26 26.73 12.44
C SER E 234 -27.50 28.20 12.75
N LEU E 235 -28.74 28.50 13.13
CA LEU E 235 -29.16 29.86 13.42
C LEU E 235 -29.37 30.02 14.92
N ALA E 236 -29.03 31.19 15.43
CA ALA E 236 -29.09 31.43 16.87
C ALA E 236 -30.54 31.65 17.30
N GLU E 237 -30.70 31.85 18.60
CA GLU E 237 -31.97 32.22 19.20
C GLU E 237 -32.18 33.72 19.10
N GLU E 238 -33.10 34.24 19.92
CA GLU E 238 -33.62 35.61 19.97
C GLU E 238 -32.63 36.72 19.69
N GLU E 239 -31.42 36.62 20.24
CA GLU E 239 -30.36 37.55 19.94
C GLU E 239 -29.26 36.86 19.15
N VAL E 240 -28.50 37.64 18.39
CA VAL E 240 -27.21 37.15 17.92
C VAL E 240 -26.27 37.05 19.12
N MET E 241 -25.60 35.91 19.24
CA MET E 241 -24.75 35.69 20.40
C MET E 241 -23.37 36.29 20.18
N ILE E 242 -22.63 36.42 21.27
CA ILE E 242 -21.23 36.82 21.23
C ILE E 242 -20.46 35.65 21.82
N ARG E 243 -19.90 34.81 20.94
CA ARG E 243 -19.17 33.63 21.35
C ARG E 243 -17.69 33.80 21.04
N SER E 244 -16.86 33.55 22.04
CA SER E 244 -15.41 33.51 21.90
C SER E 244 -14.87 32.68 23.05
N GLU E 245 -13.55 32.69 23.21
CA GLU E 245 -12.93 32.12 24.39
C GLU E 245 -12.38 33.19 25.31
N ASN E 246 -11.70 34.17 24.76
CA ASN E 246 -11.00 35.16 25.57
C ASN E 246 -11.12 36.49 24.83
N ILE E 247 -12.18 37.24 25.16
CA ILE E 247 -12.37 38.55 24.55
C ILE E 247 -11.37 39.56 25.13
N THR E 248 -10.87 39.31 26.34
CA THR E 248 -9.76 40.11 26.85
C THR E 248 -8.51 39.94 26.00
N ASN E 249 -8.27 38.73 25.52
CA ASN E 249 -7.29 38.54 24.47
C ASN E 249 -7.79 39.14 23.17
N ASN E 250 -6.86 39.67 22.39
CA ASN E 250 -7.17 40.15 21.05
C ASN E 250 -6.91 39.14 19.96
N ALA E 251 -6.13 38.09 20.26
CA ALA E 251 -5.86 37.07 19.27
C ALA E 251 -7.04 36.14 19.04
N LYS E 252 -7.98 36.09 19.97
CA LYS E 252 -9.15 35.24 19.81
C LYS E 252 -10.12 35.84 18.79
N ASN E 253 -10.75 34.96 18.02
CA ASN E 253 -11.78 35.41 17.10
C ASN E 253 -13.11 35.51 17.82
N ILE E 254 -14.10 36.05 17.11
CA ILE E 254 -15.42 36.33 17.67
C ILE E 254 -16.46 35.63 16.81
N LEU E 255 -17.24 34.76 17.42
CA LEU E 255 -18.27 34.01 16.73
C LEU E 255 -19.63 34.60 17.07
N VAL E 256 -20.36 35.03 16.05
CA VAL E 256 -21.66 35.66 16.21
C VAL E 256 -22.64 34.86 15.38
N GLN E 257 -23.40 33.98 16.01
CA GLN E 257 -24.39 33.16 15.32
C GLN E 257 -25.63 34.00 15.07
N PHE E 258 -26.25 33.81 13.90
CA PHE E 258 -27.33 34.67 13.48
C PHE E 258 -28.67 34.27 14.08
N ASN E 259 -29.33 35.23 14.73
CA ASN E 259 -30.76 35.14 14.95
C ASN E 259 -31.49 35.02 13.61
N THR E 260 -31.22 35.94 12.70
CA THR E 260 -31.86 35.97 11.41
C THR E 260 -30.84 35.68 10.32
N PRO E 261 -31.10 34.74 9.42
CA PRO E 261 -30.17 34.46 8.33
C PRO E 261 -30.17 35.58 7.31
N VAL E 262 -29.08 35.65 6.55
CA VAL E 262 -28.86 36.74 5.60
C VAL E 262 -28.78 36.14 4.20
N GLN E 263 -29.66 36.61 3.33
CA GLN E 263 -29.69 36.18 1.94
C GLN E 263 -28.46 36.68 1.18
N ILE E 264 -27.90 35.82 0.33
CA ILE E 264 -26.83 36.23 -0.57
C ILE E 264 -26.98 35.49 -1.89
N ASN E 265 -26.61 36.16 -2.98
CA ASN E 265 -26.71 35.62 -4.34
C ASN E 265 -25.35 35.63 -4.99
N CYS E 266 -24.57 34.60 -4.73
CA CYS E 266 -23.24 34.49 -5.31
C CYS E 266 -23.36 33.78 -6.65
N THR E 267 -22.89 34.46 -7.70
CA THR E 267 -23.09 34.02 -9.07
C THR E 267 -21.74 33.92 -9.77
N ARG E 268 -21.60 32.89 -10.61
CA ARG E 268 -20.57 32.90 -11.64
C ARG E 268 -21.30 33.25 -12.92
N PRO E 269 -21.32 34.51 -13.34
CA PRO E 269 -22.24 34.90 -14.41
C PRO E 269 -21.67 34.67 -15.81
N ASN E 270 -20.64 33.85 -15.94
CA ASN E 270 -19.98 33.64 -17.21
C ASN E 270 -20.23 32.22 -17.70
N ASN E 271 -21.04 32.10 -18.74
CA ASN E 271 -21.20 30.84 -19.46
C ASN E 271 -19.88 30.49 -20.14
N ASN E 272 -19.47 29.23 -20.00
CA ASN E 272 -18.15 28.78 -20.40
C ASN E 272 -18.25 27.49 -21.20
N THR E 273 -17.10 27.01 -21.67
CA THR E 273 -17.04 25.78 -22.45
C THR E 273 -16.17 24.74 -21.75
N ARG E 274 -16.49 23.47 -21.96
CA ARG E 274 -15.74 22.38 -21.34
C ARG E 274 -14.91 21.61 -22.36
N LYS E 275 -13.60 21.83 -22.35
CA LYS E 275 -12.69 21.16 -23.27
C LYS E 275 -12.08 19.92 -22.61
N SER E 276 -11.42 19.09 -23.41
CA SER E 276 -10.81 17.88 -22.89
C SER E 276 -9.69 17.49 -23.84
N ILE E 277 -8.46 17.56 -23.35
CA ILE E 277 -7.28 17.30 -24.15
C ILE E 277 -6.61 16.04 -23.63
N ARG E 278 -6.07 15.22 -24.54
CA ARG E 278 -5.61 13.88 -24.19
C ARG E 278 -4.14 13.92 -23.81
N ILE E 279 -3.87 13.74 -22.51
CA ILE E 279 -2.51 13.54 -21.99
C ILE E 279 -2.23 12.07 -21.69
N GLY E 280 -3.11 11.16 -22.11
CA GLY E 280 -3.11 9.79 -21.66
C GLY E 280 -1.97 8.92 -22.18
N PRO E 281 -2.18 7.59 -22.25
CA PRO E 281 -3.43 6.84 -22.11
C PRO E 281 -4.03 6.79 -20.71
N GLY E 282 -5.35 7.01 -20.66
CA GLY E 282 -6.11 7.00 -19.43
C GLY E 282 -6.11 8.32 -18.70
N GLN E 283 -5.06 9.11 -18.89
CA GLN E 283 -4.99 10.50 -18.45
C GLN E 283 -5.64 11.41 -19.50
N ALA E 284 -6.06 12.59 -19.04
CA ALA E 284 -6.59 13.65 -19.88
C ALA E 284 -6.85 14.86 -19.00
N PHE E 285 -6.89 16.04 -19.61
CA PHE E 285 -7.12 17.27 -18.86
C PHE E 285 -8.22 18.14 -19.46
N TYR E 286 -9.25 18.40 -18.66
CA TYR E 286 -10.37 19.24 -19.09
C TYR E 286 -9.99 20.70 -18.89
N ALA E 287 -9.54 21.34 -19.96
CA ALA E 287 -9.11 22.73 -19.89
C ALA E 287 -10.29 23.65 -20.17
N THR E 288 -10.03 24.95 -20.05
CA THR E 288 -11.04 25.97 -20.24
C THR E 288 -11.31 26.17 -21.72
N GLY E 289 -12.58 26.03 -22.13
CA GLY E 289 -12.96 26.32 -23.49
C GLY E 289 -13.19 27.79 -23.73
N ASP E 290 -14.24 28.12 -24.47
CA ASP E 290 -14.59 29.50 -24.72
C ASP E 290 -15.59 29.99 -23.68
N ILE E 291 -15.40 31.22 -23.23
CA ILE E 291 -16.42 31.87 -22.42
C ILE E 291 -17.54 32.29 -23.37
N ILE E 292 -18.66 31.57 -23.34
CA ILE E 292 -19.75 31.82 -24.26
C ILE E 292 -20.49 33.07 -23.81
N GLY E 293 -20.36 34.15 -24.57
CA GLY E 293 -21.03 35.38 -24.24
C GLY E 293 -20.07 36.52 -23.94
N ASP E 294 -20.21 37.10 -22.75
CA ASP E 294 -19.40 38.25 -22.36
C ASP E 294 -18.49 37.89 -21.21
N ILE E 295 -17.76 38.90 -20.73
CA ILE E 295 -16.80 38.76 -19.65
C ILE E 295 -17.37 39.49 -18.46
N ARG E 296 -17.57 38.78 -17.36
CA ARG E 296 -18.00 39.38 -16.11
C ARG E 296 -17.15 38.82 -14.98
N GLN E 297 -17.36 39.35 -13.79
CA GLN E 297 -16.72 38.84 -12.59
C GLN E 297 -17.77 38.17 -11.71
N ALA E 298 -17.29 37.29 -10.84
CA ALA E 298 -18.17 36.73 -9.82
C ALA E 298 -18.54 37.82 -8.83
N HIS E 299 -19.76 37.76 -8.32
CA HIS E 299 -20.24 38.77 -7.39
C HIS E 299 -21.38 38.18 -6.57
N CYS E 300 -21.69 38.86 -5.47
CA CYS E 300 -22.69 38.41 -4.52
C CYS E 300 -23.55 39.62 -4.15
N ASN E 301 -24.80 39.35 -3.75
CA ASN E 301 -25.74 40.42 -3.47
C ASN E 301 -26.37 40.25 -2.10
N VAL E 302 -26.24 41.26 -1.26
CA VAL E 302 -26.91 41.34 0.04
C VAL E 302 -27.68 42.65 0.09
N SER E 303 -28.96 42.57 0.46
CA SER E 303 -29.78 43.77 0.59
C SER E 303 -29.24 44.66 1.71
N LYS E 304 -29.27 45.97 1.46
CA LYS E 304 -28.59 46.92 2.33
C LYS E 304 -29.33 47.12 3.64
N ALA E 305 -30.67 47.03 3.64
CA ALA E 305 -31.44 47.30 4.84
C ALA E 305 -31.30 46.17 5.85
N THR E 306 -31.35 44.92 5.37
CA THR E 306 -31.12 43.77 6.24
C THR E 306 -29.69 43.78 6.77
N TRP E 307 -28.75 44.26 5.97
CA TRP E 307 -27.38 44.42 6.43
C TRP E 307 -27.29 45.48 7.52
N ASN E 308 -28.03 46.58 7.36
CA ASN E 308 -28.04 47.64 8.37
C ASN E 308 -28.64 47.14 9.68
N GLU E 309 -29.74 46.39 9.60
CA GLU E 309 -30.35 45.82 10.80
C GLU E 309 -29.45 44.78 11.44
N THR E 310 -28.68 44.07 10.62
CA THR E 310 -27.69 43.14 11.13
C THR E 310 -26.60 43.86 11.91
N LEU E 311 -26.05 44.94 11.32
CA LEU E 311 -25.00 45.72 11.99
C LEU E 311 -25.52 46.37 13.26
N GLY E 312 -26.79 46.81 13.23
CA GLY E 312 -27.37 47.44 14.40
C GLY E 312 -27.59 46.46 15.53
N LYS E 313 -28.13 45.28 15.21
CA LYS E 313 -28.35 44.27 16.24
C LYS E 313 -27.02 43.75 16.81
N VAL E 314 -26.02 43.61 15.93
CA VAL E 314 -24.68 43.20 16.35
C VAL E 314 -24.07 44.24 17.29
N VAL E 315 -24.16 45.52 16.93
CA VAL E 315 -23.54 46.54 17.76
C VAL E 315 -24.32 46.75 19.05
N LYS E 316 -25.62 46.42 19.07
CA LYS E 316 -26.32 46.34 20.34
C LYS E 316 -25.76 45.23 21.21
N GLN E 317 -25.44 44.08 20.61
CA GLN E 317 -24.81 43.02 21.40
C GLN E 317 -23.40 43.38 21.83
N LEU E 318 -22.72 44.24 21.07
CA LEU E 318 -21.43 44.76 21.48
C LEU E 318 -21.58 45.62 22.73
N ARG E 319 -22.55 46.54 22.72
CA ARG E 319 -22.80 47.35 23.90
C ARG E 319 -23.53 46.60 25.00
N LYS E 320 -23.92 45.34 24.78
CA LYS E 320 -24.27 44.45 25.87
C LYS E 320 -23.05 43.77 26.47
N HIS E 321 -22.12 43.37 25.62
CA HIS E 321 -21.03 42.50 26.04
C HIS E 321 -19.75 43.27 26.32
N PHE E 322 -19.24 44.01 25.34
CA PHE E 322 -18.03 44.80 25.53
C PHE E 322 -18.43 46.24 25.75
N GLY E 323 -18.41 46.67 27.02
CA GLY E 323 -18.73 48.04 27.35
C GLY E 323 -20.20 48.36 27.16
N ASN E 324 -20.53 49.61 27.44
CA ASN E 324 -21.89 50.08 27.22
C ASN E 324 -21.95 51.33 26.36
N ASN E 325 -20.97 52.23 26.48
CA ASN E 325 -21.00 53.50 25.78
C ASN E 325 -19.60 53.75 25.20
N THR E 326 -19.46 53.49 23.90
CA THR E 326 -18.20 53.68 23.20
C THR E 326 -18.51 53.89 21.72
N ILE E 327 -17.46 54.00 20.92
CA ILE E 327 -17.57 54.16 19.47
C ILE E 327 -17.20 52.84 18.83
N ILE E 328 -18.03 52.38 17.92
CA ILE E 328 -17.77 51.15 17.17
C ILE E 328 -17.68 51.52 15.70
N ARG E 329 -16.45 51.54 15.19
CA ARG E 329 -16.18 51.91 13.81
C ARG E 329 -15.58 50.70 13.09
N PHE E 330 -15.96 50.51 11.84
CA PHE E 330 -15.49 49.38 11.05
C PHE E 330 -14.16 49.64 10.33
N ALA E 331 -13.53 48.55 9.91
CA ALA E 331 -12.26 48.60 9.19
C ALA E 331 -12.05 47.24 8.54
N ASN E 332 -12.09 47.20 7.20
CA ASN E 332 -11.93 45.94 6.49
C ASN E 332 -10.77 45.15 7.08
N SER E 333 -10.51 43.97 6.52
CA SER E 333 -9.42 43.13 6.95
C SER E 333 -8.12 43.65 6.34
N SER E 334 -7.12 43.89 7.19
CA SER E 334 -6.01 44.77 6.85
C SER E 334 -5.20 44.30 5.65
N GLY E 335 -4.93 43.00 5.58
CA GLY E 335 -4.16 42.43 4.50
C GLY E 335 -3.78 41.00 4.81
N GLY E 336 -2.89 40.48 3.98
CA GLY E 336 -2.40 39.13 4.17
C GLY E 336 -2.74 38.22 3.00
N ASP E 337 -3.17 37.00 3.30
CA ASP E 337 -3.48 36.05 2.24
C ASP E 337 -4.83 36.35 1.62
N LEU E 338 -4.98 35.90 0.37
CA LEU E 338 -6.22 36.08 -0.36
C LEU E 338 -7.37 35.34 0.29
N GLU E 339 -7.11 34.16 0.87
CA GLU E 339 -8.15 33.47 1.62
C GLU E 339 -8.43 34.15 2.94
N VAL E 340 -7.44 34.85 3.50
CA VAL E 340 -7.65 35.57 4.75
C VAL E 340 -8.44 36.85 4.49
N THR E 341 -8.07 37.59 3.45
CA THR E 341 -8.72 38.87 3.17
C THR E 341 -10.14 38.71 2.62
N THR E 342 -10.47 37.57 2.04
CA THR E 342 -11.77 37.36 1.43
C THR E 342 -12.58 36.36 2.23
N HIS E 343 -13.90 36.56 2.23
CA HIS E 343 -14.82 35.48 2.56
C HIS E 343 -14.69 34.45 1.46
N SER E 344 -14.05 33.33 1.79
CA SER E 344 -13.53 32.40 0.81
C SER E 344 -14.25 31.07 0.94
N PHE E 345 -14.82 30.59 -0.17
CA PHE E 345 -15.85 29.56 -0.10
C PHE E 345 -16.13 29.03 -1.49
N ASN E 346 -16.56 27.78 -1.55
CA ASN E 346 -16.99 27.17 -2.80
C ASN E 346 -18.37 27.67 -3.20
N CYS E 347 -18.58 27.80 -4.50
CA CYS E 347 -19.90 27.96 -5.10
C CYS E 347 -20.10 26.77 -6.03
N GLY E 348 -20.56 25.66 -5.47
CA GLY E 348 -20.76 24.46 -6.24
C GLY E 348 -19.47 23.74 -6.54
N GLY E 349 -18.69 24.29 -7.47
CA GLY E 349 -17.41 23.70 -7.83
C GLY E 349 -16.32 24.74 -7.98
N GLU E 350 -16.68 26.01 -7.83
CA GLU E 350 -15.75 27.11 -8.01
C GLU E 350 -15.74 27.98 -6.76
N PHE E 351 -14.58 28.53 -6.45
CA PHE E 351 -14.25 29.00 -5.11
C PHE E 351 -14.19 30.53 -5.12
N PHE E 352 -15.26 31.15 -4.64
CA PHE E 352 -15.38 32.61 -4.70
C PHE E 352 -14.57 33.25 -3.59
N TYR E 353 -13.74 34.22 -3.98
CA TYR E 353 -12.93 35.00 -3.04
C TYR E 353 -13.41 36.43 -3.17
N CYS E 354 -14.30 36.84 -2.27
CA CYS E 354 -15.04 38.09 -2.43
C CYS E 354 -14.36 39.23 -1.69
N ASN E 355 -14.24 40.37 -2.38
CA ASN E 355 -13.67 41.56 -1.76
C ASN E 355 -14.64 42.13 -0.74
N THR E 356 -14.48 41.74 0.51
CA THR E 356 -15.34 42.20 1.59
C THR E 356 -14.77 43.47 2.23
N SER E 357 -14.61 44.49 1.39
CA SER E 357 -14.09 45.78 1.84
C SER E 357 -15.22 46.76 2.13
N GLY E 358 -16.30 46.67 1.35
CA GLY E 358 -17.43 47.56 1.55
C GLY E 358 -18.31 47.20 2.73
N LEU E 359 -18.29 45.93 3.14
CA LEU E 359 -19.13 45.49 4.25
C LEU E 359 -18.57 45.86 5.62
N PHE E 360 -17.41 46.49 5.66
CA PHE E 360 -16.77 46.86 6.92
C PHE E 360 -16.43 48.34 6.90
N ASN E 361 -17.42 49.13 6.53
CA ASN E 361 -17.33 50.57 6.44
C ASN E 361 -18.54 51.12 7.18
N SER E 362 -18.41 51.27 8.50
CA SER E 362 -19.48 51.84 9.32
C SER E 362 -18.87 52.46 10.56
N THR E 363 -19.70 53.23 11.25
CA THR E 363 -19.34 53.85 12.52
C THR E 363 -20.58 53.89 13.39
N TRP E 364 -20.45 53.47 14.64
CA TRP E 364 -21.57 53.46 15.56
C TRP E 364 -21.12 54.05 16.89
N ILE E 365 -21.79 55.11 17.34
CA ILE E 365 -21.39 55.80 18.55
C ILE E 365 -22.53 55.76 19.55
N SER E 366 -23.64 56.42 19.23
CA SER E 366 -24.81 56.46 20.09
C SER E 366 -26.05 55.90 19.39
N ASN E 367 -26.37 56.40 18.20
CA ASN E 367 -27.58 56.00 17.50
C ASN E 367 -27.29 55.76 16.02
N ASN E 379 -34.27 50.38 -0.85
CA ASN E 379 -34.34 49.10 -1.54
C ASN E 379 -33.17 48.95 -2.50
N ASP E 380 -32.09 48.33 -2.01
CA ASP E 380 -30.91 48.12 -2.83
C ASP E 380 -30.11 46.95 -2.27
N SER E 381 -29.61 46.12 -3.17
CA SER E 381 -28.67 45.07 -2.80
C SER E 381 -27.24 45.56 -2.99
N ILE E 382 -26.33 45.01 -2.18
CA ILE E 382 -24.93 45.42 -2.18
C ILE E 382 -24.14 44.38 -2.95
N THR E 383 -23.44 44.82 -3.99
CA THR E 383 -22.72 43.94 -4.89
C THR E 383 -21.22 44.13 -4.69
N LEU E 384 -20.52 43.03 -4.37
CA LEU E 384 -19.08 43.06 -4.18
C LEU E 384 -18.38 42.19 -5.19
N PRO E 385 -17.19 42.59 -5.64
CA PRO E 385 -16.41 41.75 -6.55
C PRO E 385 -15.93 40.48 -5.88
N CYS E 386 -15.97 39.37 -6.62
CA CYS E 386 -15.52 38.09 -6.11
C CYS E 386 -14.58 37.46 -7.13
N ARG E 387 -13.62 36.70 -6.62
CA ARG E 387 -12.55 36.15 -7.42
C ARG E 387 -12.54 34.62 -7.29
N ILE E 388 -12.17 33.95 -8.37
CA ILE E 388 -12.20 32.49 -8.44
C ILE E 388 -10.76 32.01 -8.62
N LYS E 389 -10.41 30.92 -7.95
CA LYS E 389 -9.08 30.33 -8.06
C LYS E 389 -9.21 28.82 -8.07
N GLN E 390 -8.36 28.15 -8.86
CA GLN E 390 -8.46 26.72 -9.09
C GLN E 390 -7.33 25.93 -8.46
N ILE E 391 -6.08 26.34 -8.62
CA ILE E 391 -4.96 25.63 -8.03
C ILE E 391 -4.92 26.02 -6.55
N ILE E 392 -5.40 25.13 -5.69
CA ILE E 392 -5.59 25.42 -4.27
C ILE E 392 -4.87 24.34 -3.47
N ASN E 393 -4.21 24.76 -2.39
CA ASN E 393 -3.51 23.89 -1.44
C ASN E 393 -4.06 24.14 -0.05
N MET E 394 -5.39 24.05 0.09
CA MET E 394 -6.10 24.46 1.29
C MET E 394 -5.73 23.62 2.51
N TRP E 395 -5.95 24.23 3.69
CA TRP E 395 -5.45 23.86 5.02
C TRP E 395 -3.93 23.84 5.12
N GLN E 396 -3.22 24.36 4.10
CA GLN E 396 -1.77 24.49 4.04
C GLN E 396 -1.03 23.16 4.24
N ARG E 397 -1.66 22.04 3.91
CA ARG E 397 -0.97 20.76 3.95
C ARG E 397 -0.15 20.65 2.66
N ILE E 398 1.02 21.28 2.70
CA ILE E 398 1.82 21.50 1.51
C ILE E 398 2.51 20.20 1.11
N GLY E 399 2.45 19.89 -0.17
CA GLY E 399 2.93 18.62 -0.68
C GLY E 399 1.96 18.11 -1.72
N GLN E 400 0.75 18.66 -1.69
CA GLN E 400 -0.29 18.25 -2.63
C GLN E 400 -1.24 19.43 -2.83
N ALA E 401 -1.15 20.06 -3.99
CA ALA E 401 -2.11 21.08 -4.37
C ALA E 401 -3.24 20.46 -5.19
N MET E 402 -4.41 21.06 -5.11
CA MET E 402 -5.60 20.57 -5.78
C MET E 402 -5.92 21.49 -6.94
N TYR E 403 -6.36 20.91 -8.06
CA TYR E 403 -6.78 21.67 -9.22
C TYR E 403 -8.27 21.46 -9.47
N ALA E 404 -8.97 22.55 -9.82
CA ALA E 404 -10.38 22.48 -10.13
C ALA E 404 -10.58 22.47 -11.64
N PRO E 405 -11.13 21.40 -12.21
CA PRO E 405 -11.47 21.42 -13.62
C PRO E 405 -12.60 22.40 -13.89
N PRO E 406 -12.66 22.99 -15.08
CA PRO E 406 -13.64 24.04 -15.34
C PRO E 406 -15.05 23.49 -15.54
N ILE E 407 -16.03 24.37 -15.34
CA ILE E 407 -17.44 24.04 -15.45
C ILE E 407 -18.06 24.99 -16.47
N GLN E 408 -18.90 24.44 -17.36
CA GLN E 408 -19.61 25.27 -18.31
C GLN E 408 -20.71 26.06 -17.63
N GLY E 409 -21.22 27.06 -18.33
CA GLY E 409 -22.48 27.67 -17.97
C GLY E 409 -22.36 28.71 -16.87
N VAL E 410 -23.34 29.61 -16.86
CA VAL E 410 -23.52 30.53 -15.76
C VAL E 410 -23.91 29.75 -14.51
N ILE E 411 -23.12 29.89 -13.45
CA ILE E 411 -23.43 29.24 -12.17
C ILE E 411 -24.02 30.28 -11.24
N ARG E 412 -25.20 30.00 -10.72
CA ARG E 412 -25.86 30.83 -9.72
C ARG E 412 -26.12 29.96 -8.51
N CYS E 413 -25.44 30.25 -7.41
CA CYS E 413 -25.64 29.49 -6.17
C CYS E 413 -26.25 30.40 -5.13
N VAL E 414 -27.39 29.97 -4.60
CA VAL E 414 -28.11 30.68 -3.56
C VAL E 414 -27.67 30.10 -2.23
N SER E 415 -26.79 30.80 -1.53
CA SER E 415 -26.44 30.47 -0.16
C SER E 415 -27.10 31.48 0.75
N ASN E 416 -27.23 31.13 2.02
CA ASN E 416 -27.75 32.07 3.01
C ASN E 416 -26.75 32.18 4.16
N ILE E 417 -26.42 33.40 4.54
CA ILE E 417 -25.35 33.65 5.50
C ILE E 417 -25.88 33.37 6.90
N THR E 418 -25.11 32.62 7.69
CA THR E 418 -25.59 32.14 8.98
C THR E 418 -24.68 32.48 10.15
N GLY E 419 -23.76 33.43 10.00
CA GLY E 419 -22.98 33.84 11.15
C GLY E 419 -21.80 34.71 10.76
N LEU E 420 -20.98 34.99 11.77
CA LEU E 420 -19.86 35.93 11.66
C LEU E 420 -18.59 35.34 12.27
N ILE E 421 -17.46 35.71 11.69
CA ILE E 421 -16.14 35.44 12.26
C ILE E 421 -15.35 36.74 12.18
N LEU E 422 -15.03 37.33 13.32
CA LEU E 422 -14.37 38.63 13.35
C LEU E 422 -13.23 38.63 14.35
N THR E 423 -12.42 39.68 14.28
CA THR E 423 -11.29 39.88 15.17
C THR E 423 -11.46 41.17 15.96
N ARG E 424 -10.91 41.17 17.16
CA ARG E 424 -10.73 42.39 17.93
C ARG E 424 -9.30 42.89 17.73
N ASP E 425 -9.17 44.13 17.30
CA ASP E 425 -7.84 44.71 17.08
C ASP E 425 -7.24 45.12 18.42
N GLY E 426 -6.04 45.68 18.36
CA GLY E 426 -5.45 46.26 19.54
C GLY E 426 -6.19 47.51 19.97
N GLY E 427 -6.49 47.60 21.25
CA GLY E 427 -7.23 48.73 21.78
C GLY E 427 -6.42 50.01 21.77
N SER E 428 -5.38 50.05 22.63
CA SER E 428 -4.34 51.09 22.68
C SER E 428 -4.84 52.49 23.00
N THR E 429 -6.13 52.66 23.28
CA THR E 429 -6.72 53.92 23.68
C THR E 429 -7.45 53.73 24.99
N ASN E 430 -8.11 54.79 25.45
CA ASN E 430 -8.93 54.71 26.65
C ASN E 430 -10.41 54.56 26.26
N SER E 431 -10.69 53.45 25.59
CA SER E 431 -12.03 53.05 25.13
C SER E 431 -12.66 54.12 24.24
N THR E 432 -11.84 54.76 23.40
CA THR E 432 -12.34 55.80 22.52
C THR E 432 -13.18 55.21 21.40
N THR E 433 -12.56 54.41 20.54
CA THR E 433 -13.26 53.70 19.48
C THR E 433 -12.75 52.28 19.45
N GLU E 434 -13.46 51.44 18.70
CA GLU E 434 -13.09 50.04 18.53
C GLU E 434 -13.21 49.66 17.07
N THR E 435 -12.09 49.29 16.47
CA THR E 435 -12.02 48.83 15.09
C THR E 435 -12.01 47.30 15.09
N PHE E 436 -13.00 46.71 14.44
CA PHE E 436 -13.13 45.26 14.38
C PHE E 436 -13.00 44.81 12.94
N ARG E 437 -12.24 43.74 12.74
CA ARG E 437 -11.76 43.33 11.43
C ARG E 437 -12.06 41.85 11.21
N PRO E 438 -12.15 41.40 9.95
CA PRO E 438 -12.40 39.98 9.68
C PRO E 438 -11.23 39.11 10.09
N GLY E 439 -11.53 37.81 10.20
CA GLY E 439 -10.52 36.83 10.50
C GLY E 439 -10.99 35.44 10.14
N GLY E 440 -10.17 34.45 10.51
CA GLY E 440 -10.47 33.06 10.24
C GLY E 440 -9.24 32.32 9.74
N GLY E 441 -9.48 31.38 8.81
CA GLY E 441 -8.42 30.57 8.25
C GLY E 441 -8.23 29.23 8.94
N ASP E 442 -8.74 29.07 10.15
CA ASP E 442 -8.55 27.84 10.89
C ASP E 442 -9.58 26.79 10.50
N MET E 443 -10.84 27.22 10.29
CA MET E 443 -12.08 26.48 10.10
C MET E 443 -12.54 25.78 11.38
N ARG E 444 -11.71 25.81 12.42
CA ARG E 444 -12.07 25.22 13.70
C ARG E 444 -13.07 26.06 14.45
N ASP E 445 -13.20 27.33 14.09
CA ASP E 445 -14.31 28.12 14.59
C ASP E 445 -15.61 27.75 13.89
N ASN E 446 -15.53 27.24 12.66
CA ASN E 446 -16.70 26.66 12.04
C ASN E 446 -17.06 25.35 12.71
N TRP E 447 -16.03 24.58 13.09
CA TRP E 447 -16.24 23.34 13.84
C TRP E 447 -16.89 23.61 15.20
N ARG E 448 -16.34 24.55 15.95
CA ARG E 448 -16.87 24.82 17.28
C ARG E 448 -18.21 25.54 17.22
N SER E 449 -18.38 26.42 16.24
CA SER E 449 -19.64 27.15 16.09
C SER E 449 -20.75 26.23 15.63
N GLU E 450 -20.41 25.16 14.92
CA GLU E 450 -21.41 24.16 14.55
C GLU E 450 -21.40 22.96 15.47
N LEU E 451 -20.56 22.96 16.51
CA LEU E 451 -20.43 21.80 17.37
C LEU E 451 -20.34 22.14 18.86
N TYR E 452 -20.79 23.31 19.29
CA TYR E 452 -20.86 23.57 20.72
C TYR E 452 -22.11 22.93 21.29
N LYS E 453 -22.31 23.10 22.61
CA LYS E 453 -23.39 22.59 23.47
C LYS E 453 -23.51 21.07 23.50
N TYR E 454 -22.61 20.36 22.82
CA TYR E 454 -22.60 18.91 22.77
C TYR E 454 -21.35 18.40 23.45
N LYS E 455 -21.43 17.23 24.07
CA LYS E 455 -20.29 16.71 24.79
C LYS E 455 -20.32 15.19 24.78
N VAL E 456 -19.22 14.60 25.24
CA VAL E 456 -19.00 13.16 25.22
C VAL E 456 -18.76 12.70 26.64
N VAL E 457 -19.56 11.73 27.10
CA VAL E 457 -19.41 11.18 28.43
C VAL E 457 -19.20 9.67 28.34
N LYS E 458 -18.60 9.12 29.38
CA LYS E 458 -18.58 7.68 29.60
C LYS E 458 -19.56 7.35 30.71
N ILE E 459 -20.02 6.10 30.72
CA ILE E 459 -21.12 5.69 31.60
C ILE E 459 -20.61 4.62 32.55
N GLU E 460 -20.97 4.75 33.82
CA GLU E 460 -20.63 3.77 34.84
C GLU E 460 -21.90 3.21 35.47
N PRO E 461 -22.15 1.91 35.34
CA PRO E 461 -23.42 1.34 35.82
C PRO E 461 -23.38 0.76 37.21
N LEU E 462 -22.21 0.63 37.83
CA LEU E 462 -22.07 -0.16 39.04
C LEU E 462 -22.34 0.68 40.28
N GLY E 463 -23.15 0.14 41.18
CA GLY E 463 -23.44 0.82 42.43
C GLY E 463 -23.43 -0.16 43.58
N VAL E 464 -22.96 0.31 44.74
CA VAL E 464 -22.91 -0.51 45.94
C VAL E 464 -23.54 0.29 47.07
N ALA E 465 -24.60 -0.23 47.66
CA ALA E 465 -25.27 0.43 48.77
C ALA E 465 -25.33 -0.48 49.99
N PRO E 466 -24.68 -0.11 51.09
CA PRO E 466 -24.87 -0.86 52.33
C PRO E 466 -26.25 -0.63 52.95
N THR E 467 -26.87 -1.74 53.34
CA THR E 467 -28.09 -1.71 54.13
C THR E 467 -28.12 -2.97 54.98
N ARG E 468 -29.27 -3.24 55.60
CA ARG E 468 -29.41 -4.37 56.50
C ARG E 468 -29.94 -5.62 55.82
N CYS E 469 -29.98 -5.64 54.49
CA CYS E 469 -30.42 -6.85 53.79
C CYS E 469 -29.29 -7.86 53.70
N LYS E 470 -29.66 -9.13 53.70
CA LYS E 470 -28.70 -10.22 53.73
C LYS E 470 -29.23 -11.36 52.85
N ARG E 471 -28.31 -12.03 52.16
CA ARG E 471 -28.67 -13.24 51.46
C ARG E 471 -28.90 -14.39 52.45
N ARG E 472 -29.35 -15.52 51.93
CA ARG E 472 -29.54 -16.72 52.73
C ARG E 472 -28.25 -17.52 52.74
N VAL E 473 -28.29 -18.74 53.24
CA VAL E 473 -27.13 -19.61 53.28
C VAL E 473 -27.30 -20.73 52.27
N ASN F 3 -22.25 -43.35 45.45
CA ASN F 3 -20.84 -43.01 45.59
C ASN F 3 -20.40 -41.94 44.62
N LEU F 4 -19.69 -42.34 43.58
CA LEU F 4 -18.94 -41.40 42.76
C LEU F 4 -19.82 -40.67 41.77
N TRP F 5 -19.46 -39.42 41.53
CA TRP F 5 -20.03 -38.57 40.50
C TRP F 5 -18.83 -37.86 39.89
N VAL F 6 -19.05 -36.77 39.15
CA VAL F 6 -17.93 -35.93 38.75
C VAL F 6 -18.19 -34.50 39.17
N THR F 7 -17.12 -33.70 39.16
CA THR F 7 -17.19 -32.27 39.43
C THR F 7 -16.36 -31.55 38.36
N VAL F 8 -16.80 -30.35 37.99
CA VAL F 8 -16.20 -29.59 36.91
C VAL F 8 -15.58 -28.33 37.49
N TYR F 9 -14.31 -28.11 37.16
CA TYR F 9 -13.51 -27.02 37.73
C TYR F 9 -13.08 -26.08 36.61
N TYR F 10 -12.90 -24.82 36.95
CA TYR F 10 -12.48 -23.81 35.99
C TYR F 10 -11.23 -23.10 36.49
N GLY F 11 -10.34 -22.78 35.56
CA GLY F 11 -9.14 -22.02 35.89
C GLY F 11 -7.95 -22.84 36.33
N VAL F 12 -7.94 -24.13 36.03
CA VAL F 12 -6.89 -25.04 36.51
C VAL F 12 -5.56 -24.74 35.81
N PRO F 13 -4.42 -24.95 36.49
CA PRO F 13 -3.14 -24.66 35.84
C PRO F 13 -2.78 -25.71 34.80
N VAL F 14 -3.36 -25.57 33.61
CA VAL F 14 -3.10 -26.46 32.50
C VAL F 14 -2.70 -25.61 31.30
N TRP F 15 -1.52 -25.85 30.76
CA TRP F 15 -1.02 -25.03 29.67
C TRP F 15 -0.24 -25.89 28.69
N LYS F 16 -0.38 -25.56 27.41
CA LYS F 16 0.45 -26.14 26.37
C LYS F 16 1.08 -25.01 25.58
N ASP F 17 1.94 -25.35 24.62
CA ASP F 17 2.56 -24.35 23.77
C ASP F 17 1.67 -24.04 22.57
N ALA F 18 1.79 -22.82 22.07
CA ALA F 18 1.07 -22.40 20.88
C ALA F 18 1.87 -21.29 20.21
N GLU F 19 1.39 -20.84 19.05
CA GLU F 19 2.00 -19.75 18.33
C GLU F 19 0.96 -18.69 18.01
N THR F 20 1.36 -17.44 18.15
CA THR F 20 0.49 -16.30 17.90
C THR F 20 1.35 -15.10 17.53
N THR F 21 0.72 -13.95 17.43
CA THR F 21 1.42 -12.70 17.22
C THR F 21 1.39 -11.89 18.50
N LEU F 22 2.57 -11.48 18.96
CA LEU F 22 2.66 -10.64 20.15
C LEU F 22 2.42 -9.20 19.74
N PHE F 23 2.65 -8.27 20.66
CA PHE F 23 2.53 -6.86 20.33
C PHE F 23 3.52 -6.07 21.16
N CYS F 24 3.79 -4.86 20.71
CA CYS F 24 4.83 -4.02 21.26
C CYS F 24 4.35 -3.31 22.52
N ALA F 25 5.30 -2.73 23.25
CA ALA F 25 4.99 -1.80 24.33
C ALA F 25 6.13 -0.79 24.39
N SER F 26 5.95 0.33 23.70
CA SER F 26 6.95 1.39 23.71
C SER F 26 6.69 2.35 24.87
N ASP F 27 7.76 2.95 25.36
CA ASP F 27 7.61 4.00 26.35
C ASP F 27 7.03 5.25 25.71
N ALA F 28 6.20 5.96 26.47
CA ALA F 28 5.60 7.19 25.98
C ALA F 28 6.58 8.35 25.95
N LYS F 29 7.77 8.18 26.53
CA LYS F 29 8.78 9.23 26.49
C LYS F 29 9.34 9.40 25.09
N ALA F 30 9.48 8.31 24.34
CA ALA F 30 9.99 8.38 22.98
C ALA F 30 9.00 9.02 22.02
N TYR F 31 7.71 8.99 22.34
CA TYR F 31 6.72 9.66 21.51
C TYR F 31 6.69 11.16 21.74
N GLU F 32 7.30 11.65 22.82
CA GLU F 32 7.54 13.09 22.92
C GLU F 32 8.60 13.55 21.92
N THR F 33 9.45 12.63 21.49
CA THR F 33 10.41 12.81 20.39
C THR F 33 9.91 12.09 19.14
N GLU F 34 8.62 12.30 18.83
CA GLU F 34 7.92 11.53 17.79
C GLU F 34 8.56 11.65 16.41
N LYS F 35 9.18 12.80 16.11
CA LYS F 35 9.98 13.04 14.89
C LYS F 35 9.24 12.73 13.59
N HIS F 36 7.89 12.79 13.63
CA HIS F 36 7.02 12.29 12.57
C HIS F 36 7.34 10.82 12.25
N ASN F 37 6.95 9.97 13.20
CA ASN F 37 7.29 8.55 13.26
C ASN F 37 8.81 8.36 13.41
N VAL F 38 9.26 8.68 14.62
CA VAL F 38 10.50 8.16 15.19
C VAL F 38 10.60 6.67 14.88
N TRP F 39 11.78 6.25 14.41
CA TRP F 39 11.99 5.20 13.41
C TRP F 39 11.14 3.95 13.56
N ALA F 40 11.22 3.29 14.71
CA ALA F 40 10.42 2.10 14.93
C ALA F 40 8.99 2.45 15.35
N THR F 41 8.84 3.17 16.45
CA THR F 41 7.54 3.36 17.09
C THR F 41 6.68 4.32 16.28
N HIS F 42 5.59 3.80 15.72
CA HIS F 42 4.59 4.63 15.06
C HIS F 42 3.26 4.66 15.79
N ALA F 43 2.67 3.49 16.04
CA ALA F 43 1.37 3.38 16.69
C ALA F 43 1.41 2.31 17.77
N CYS F 44 2.43 2.34 18.60
CA CYS F 44 2.65 1.29 19.57
C CYS F 44 1.78 1.46 20.80
N VAL F 45 1.87 0.48 21.71
CA VAL F 45 1.15 0.48 22.97
C VAL F 45 2.05 1.16 24.00
N PRO F 46 1.50 1.96 24.91
CA PRO F 46 2.31 2.42 26.05
C PRO F 46 2.73 1.26 26.94
N THR F 47 3.97 1.33 27.42
CA THR F 47 4.50 0.29 28.30
C THR F 47 3.81 0.33 29.65
N ASP F 48 3.37 -0.83 30.11
CA ASP F 48 2.96 -1.02 31.50
C ASP F 48 4.17 -0.79 32.40
N PRO F 49 4.12 0.17 33.33
CA PRO F 49 5.28 0.42 34.20
C PRO F 49 5.52 -0.67 35.24
N ASN F 50 4.66 -1.67 35.32
CA ASN F 50 4.81 -2.77 36.28
C ASN F 50 5.02 -4.08 35.53
N PRO F 51 6.26 -4.49 35.29
CA PRO F 51 6.49 -5.82 34.72
C PRO F 51 6.21 -6.90 35.75
N GLN F 52 4.95 -7.30 35.85
CA GLN F 52 4.49 -8.25 36.86
C GLN F 52 5.12 -9.61 36.59
N GLU F 53 6.11 -9.95 37.39
CA GLU F 53 6.86 -11.19 37.26
C GLU F 53 6.55 -12.06 38.48
N ILE F 54 5.92 -13.19 38.23
CA ILE F 54 5.58 -14.14 39.28
C ILE F 54 6.44 -15.38 39.08
N HIS F 55 7.35 -15.63 40.02
CA HIS F 55 8.15 -16.84 39.96
C HIS F 55 7.28 -18.06 40.24
N LEU F 56 7.52 -19.12 39.47
CA LEU F 56 6.69 -20.31 39.52
C LEU F 56 7.52 -21.46 40.05
N GLU F 57 7.20 -21.90 41.26
CA GLU F 57 7.89 -23.03 41.87
C GLU F 57 7.47 -24.32 41.18
N ASN F 58 8.41 -25.29 41.16
CA ASN F 58 8.20 -26.66 40.72
C ASN F 58 7.88 -26.76 39.24
N VAL F 59 8.40 -25.84 38.44
CA VAL F 59 8.25 -25.87 37.01
C VAL F 59 9.62 -26.16 36.41
N THR F 60 9.70 -27.24 35.63
CA THR F 60 10.96 -27.64 34.99
C THR F 60 10.60 -28.02 33.57
N GLU F 61 10.64 -27.02 32.68
CA GLU F 61 10.24 -27.19 31.30
C GLU F 61 11.48 -27.25 30.42
N GLU F 62 11.54 -28.25 29.55
CA GLU F 62 12.62 -28.33 28.57
C GLU F 62 12.50 -27.19 27.56
N PHE F 63 13.63 -26.54 27.29
CA PHE F 63 13.66 -25.36 26.44
C PHE F 63 14.54 -25.59 25.22
N ASN F 64 14.29 -24.79 24.20
CA ASN F 64 15.24 -24.62 23.11
C ASN F 64 15.06 -23.23 22.53
N MET F 65 16.17 -22.53 22.33
CA MET F 65 16.18 -21.25 21.63
C MET F 65 16.31 -21.42 20.12
N TRP F 66 16.09 -22.63 19.61
CA TRP F 66 16.25 -22.91 18.19
C TRP F 66 15.00 -23.50 17.57
N LYS F 67 13.86 -23.44 18.26
CA LYS F 67 12.64 -24.06 17.76
C LYS F 67 11.54 -23.05 17.42
N ASN F 68 11.10 -22.27 18.39
CA ASN F 68 9.85 -21.52 18.25
C ASN F 68 10.04 -20.14 18.84
N ASN F 69 9.87 -19.13 18.00
CA ASN F 69 9.94 -17.73 18.41
C ASN F 69 9.33 -16.90 17.30
N MET F 70 9.20 -15.60 17.54
CA MET F 70 8.95 -14.62 16.48
C MET F 70 10.26 -14.03 15.99
N VAL F 71 11.30 -14.87 15.92
CA VAL F 71 12.51 -14.50 15.20
C VAL F 71 12.17 -14.25 13.75
N GLU F 72 11.48 -15.19 13.11
CA GLU F 72 11.07 -15.01 11.73
C GLU F 72 9.95 -13.99 11.63
N GLN F 73 9.01 -14.03 12.57
CA GLN F 73 7.82 -13.20 12.47
C GLN F 73 8.15 -11.74 12.72
N MET F 74 8.79 -11.45 13.86
CA MET F 74 9.28 -10.11 14.14
C MET F 74 10.43 -9.70 13.24
N HIS F 75 11.14 -10.66 12.67
CA HIS F 75 12.11 -10.37 11.61
C HIS F 75 11.42 -9.71 10.42
N THR F 76 10.37 -10.36 9.92
CA THR F 76 9.54 -9.78 8.87
C THR F 76 8.76 -8.57 9.34
N ASP F 77 8.54 -8.41 10.65
CA ASP F 77 7.88 -7.21 11.13
C ASP F 77 8.81 -6.01 11.07
N ILE F 78 10.09 -6.22 11.40
CA ILE F 78 11.06 -5.14 11.36
C ILE F 78 11.39 -4.76 9.92
N ILE F 79 11.57 -5.76 9.05
CA ILE F 79 11.83 -5.39 7.66
C ILE F 79 10.55 -4.93 6.96
N SER F 80 9.38 -5.30 7.49
CA SER F 80 8.16 -4.71 6.97
C SER F 80 8.03 -3.26 7.40
N LEU F 81 8.51 -2.95 8.61
CA LEU F 81 8.62 -1.56 9.05
C LEU F 81 9.61 -0.80 8.17
N TRP F 82 10.69 -1.48 7.76
CA TRP F 82 11.63 -0.93 6.81
C TRP F 82 10.94 -0.58 5.49
N ASP F 83 10.05 -1.47 5.04
CA ASP F 83 9.32 -1.24 3.80
C ASP F 83 8.31 -0.10 3.95
N GLN F 84 7.56 -0.09 5.06
CA GLN F 84 6.61 0.99 5.34
C GLN F 84 7.28 2.33 5.54
N SER F 85 8.54 2.33 5.96
CA SER F 85 9.32 3.56 5.94
C SER F 85 9.71 3.94 4.51
N LEU F 86 10.08 2.94 3.70
CA LEU F 86 10.55 3.24 2.35
C LEU F 86 9.43 3.66 1.41
N LYS F 87 8.17 3.36 1.71
CA LYS F 87 7.10 3.64 0.74
C LYS F 87 6.79 5.13 0.57
N PRO F 88 6.39 5.89 1.62
CA PRO F 88 5.94 7.26 1.33
C PRO F 88 7.07 8.25 1.13
N CYS F 89 8.32 7.89 1.43
CA CYS F 89 9.40 8.86 1.45
C CYS F 89 10.00 8.99 0.05
N VAL F 90 11.17 9.63 -0.05
CA VAL F 90 11.66 10.17 -1.32
C VAL F 90 12.21 9.06 -2.19
N LYS F 91 11.68 8.94 -3.40
CA LYS F 91 12.19 8.02 -4.40
C LYS F 91 13.25 8.71 -5.26
N LEU F 92 14.15 7.90 -5.82
CA LEU F 92 15.26 8.44 -6.59
C LEU F 92 15.30 7.88 -8.00
N THR F 93 14.16 7.84 -8.67
CA THR F 93 14.03 7.18 -9.97
C THR F 93 14.80 7.77 -11.17
N PRO F 94 14.91 9.12 -11.39
CA PRO F 94 15.60 9.55 -12.62
C PRO F 94 17.11 9.66 -12.46
N LEU F 95 17.65 9.03 -11.42
CA LEU F 95 19.02 9.29 -11.03
C LEU F 95 20.05 8.47 -11.82
N CYS F 96 19.62 7.52 -12.64
CA CYS F 96 20.55 6.66 -13.36
C CYS F 96 21.12 7.41 -14.56
N VAL F 97 22.03 8.33 -14.25
CA VAL F 97 22.66 9.21 -15.22
C VAL F 97 24.16 8.93 -15.19
N THR F 98 24.79 8.93 -16.36
CA THR F 98 26.23 8.75 -16.43
C THR F 98 26.96 9.93 -15.77
N LEU F 99 28.21 9.70 -15.39
CA LEU F 99 28.88 10.55 -14.42
C LEU F 99 30.24 10.99 -14.92
N GLN F 100 30.65 12.19 -14.52
CA GLN F 100 31.98 12.73 -14.82
C GLN F 100 32.66 13.04 -13.51
N CYS F 101 33.58 12.17 -13.10
CA CYS F 101 34.12 12.18 -11.75
C CYS F 101 35.62 12.32 -11.79
N THR F 102 36.17 12.95 -10.75
CA THR F 102 37.62 13.11 -10.59
C THR F 102 38.03 12.74 -9.18
N ASN F 103 39.29 12.34 -9.03
CA ASN F 103 39.84 12.07 -7.71
C ASN F 103 39.99 13.35 -6.91
N VAL F 104 39.63 13.27 -5.62
CA VAL F 104 39.69 14.42 -4.73
C VAL F 104 41.14 14.78 -4.43
N THR F 105 41.36 16.04 -4.04
CA THR F 105 42.69 16.49 -3.64
C THR F 105 42.53 17.39 -2.42
N ASN F 106 42.56 16.80 -1.24
CA ASN F 106 42.76 17.56 -0.01
C ASN F 106 43.84 16.96 0.87
N ASN F 107 43.86 15.63 1.01
CA ASN F 107 44.74 14.96 1.97
C ASN F 107 45.08 13.57 1.44
N ILE F 108 45.77 12.80 2.27
CA ILE F 108 46.34 11.51 1.86
C ILE F 108 45.71 10.34 2.61
N THR F 109 44.94 10.61 3.67
CA THR F 109 44.35 9.56 4.49
C THR F 109 43.34 8.72 3.70
N ASP F 110 42.67 9.32 2.72
CA ASP F 110 41.88 8.57 1.76
C ASP F 110 42.66 8.28 0.49
N ASP F 111 43.79 8.96 0.28
CA ASP F 111 44.64 8.72 -0.88
C ASP F 111 45.69 7.67 -0.51
N GLY F 114 42.04 9.16 -3.10
CA GLY F 114 41.07 8.35 -3.80
C GLY F 114 39.73 8.30 -3.10
N GLU F 115 38.82 7.46 -3.64
CA GLU F 115 37.54 7.03 -3.06
C GLU F 115 36.47 8.13 -3.06
N LEU F 116 36.86 9.37 -3.33
CA LEU F 116 35.95 10.50 -3.30
C LEU F 116 35.94 11.13 -4.68
N LYS F 117 34.83 10.96 -5.38
CA LYS F 117 34.74 11.23 -6.80
C LYS F 117 33.84 12.45 -7.01
N ASN F 118 34.43 13.53 -7.50
CA ASN F 118 33.73 14.78 -7.72
C ASN F 118 32.91 14.62 -9.00
N CYS F 119 31.70 14.12 -8.85
CA CYS F 119 30.92 13.62 -9.99
C CYS F 119 29.99 14.70 -10.52
N SER F 120 30.34 15.29 -11.65
CA SER F 120 29.44 16.16 -12.38
C SER F 120 28.55 15.34 -13.31
N PHE F 121 27.39 15.91 -13.64
CA PHE F 121 26.32 15.18 -14.31
C PHE F 121 25.24 16.15 -14.76
N ASN F 122 24.57 15.80 -15.86
CA ASN F 122 23.35 16.47 -16.26
C ASN F 122 22.16 15.93 -15.48
N MET F 123 21.14 16.78 -15.37
CA MET F 123 19.93 16.49 -14.61
C MET F 123 18.88 17.48 -15.09
N THR F 124 17.62 17.20 -14.80
CA THR F 124 16.56 18.18 -14.98
C THR F 124 16.20 18.78 -13.62
N THR F 125 15.18 19.63 -13.62
CA THR F 125 14.74 20.29 -12.40
C THR F 125 13.21 20.36 -12.33
N GLU F 126 12.71 21.31 -11.55
CA GLU F 126 11.27 21.50 -11.40
C GLU F 126 10.59 21.68 -12.76
N LEU F 127 10.95 22.75 -13.46
CA LEU F 127 10.37 23.03 -14.76
C LEU F 127 10.68 21.93 -15.76
N ARG F 128 9.84 20.90 -15.78
CA ARG F 128 10.04 19.77 -16.69
C ARG F 128 10.80 20.17 -17.94
N ASP F 129 10.63 21.41 -18.40
CA ASP F 129 11.32 21.88 -19.59
C ASP F 129 12.78 22.24 -19.36
N LYS F 130 13.24 22.21 -18.11
CA LYS F 130 14.54 22.74 -17.75
C LYS F 130 15.54 21.63 -17.47
N LYS F 131 16.81 21.99 -17.48
CA LYS F 131 17.91 21.10 -17.21
C LYS F 131 18.71 21.59 -16.02
N GLN F 132 19.75 20.85 -15.65
CA GLN F 132 20.60 21.22 -14.54
C GLN F 132 21.63 20.15 -14.20
N LYS F 133 22.82 20.27 -14.77
CA LYS F 133 23.89 19.31 -14.52
C LYS F 133 24.80 19.85 -13.42
N VAL F 134 24.80 19.18 -12.28
CA VAL F 134 25.62 19.61 -11.14
C VAL F 134 26.73 18.62 -10.78
N TYR F 135 27.50 18.97 -9.76
CA TYR F 135 28.60 18.15 -9.28
C TYR F 135 28.37 17.81 -7.81
N SER F 136 28.79 16.61 -7.43
CA SER F 136 28.69 16.16 -6.05
C SER F 136 29.81 15.18 -5.75
N LEU F 137 30.07 14.98 -4.46
CA LEU F 137 31.18 14.16 -3.99
C LEU F 137 30.62 12.89 -3.36
N PHE F 138 31.03 11.73 -3.89
CA PHE F 138 30.47 10.46 -3.45
C PHE F 138 31.57 9.52 -2.99
N TYR F 139 31.23 8.72 -1.99
CA TYR F 139 32.12 7.65 -1.54
C TYR F 139 32.11 6.52 -2.57
N ARG F 140 33.25 5.81 -2.67
CA ARG F 140 33.42 4.83 -3.73
C ARG F 140 32.45 3.66 -3.61
N LEU F 141 31.86 3.45 -2.43
CA LEU F 141 31.03 2.27 -2.22
C LEU F 141 29.62 2.42 -2.77
N ASP F 142 29.19 3.65 -3.07
CA ASP F 142 27.84 3.87 -3.59
C ASP F 142 27.77 3.83 -5.11
N VAL F 143 28.90 3.78 -5.81
CA VAL F 143 28.93 3.82 -7.27
C VAL F 143 29.77 2.66 -7.80
N VAL F 144 29.77 2.52 -9.12
CA VAL F 144 30.65 1.59 -9.81
C VAL F 144 30.83 2.11 -11.23
N GLN F 145 31.99 1.85 -11.82
CA GLN F 145 32.28 2.39 -13.14
C GLN F 145 31.62 1.54 -14.22
N ILE F 146 31.76 1.97 -15.46
CA ILE F 146 31.21 1.26 -16.61
C ILE F 146 32.18 1.43 -17.78
N ASN F 147 32.41 0.34 -18.50
CA ASN F 147 33.32 0.37 -19.65
C ASN F 147 32.60 -0.06 -20.92
N SER F 157 39.94 9.85 -23.22
CA SER F 157 38.67 10.02 -22.52
C SER F 157 38.79 9.61 -21.05
N ASN F 158 37.86 10.10 -20.23
CA ASN F 158 37.88 9.87 -18.79
C ASN F 158 36.83 8.85 -18.40
N LYS F 159 37.13 8.10 -17.34
CA LYS F 159 36.25 7.01 -16.91
C LYS F 159 34.89 7.53 -16.46
N GLU F 160 33.85 6.76 -16.76
CA GLU F 160 32.50 7.13 -16.39
C GLU F 160 31.78 6.00 -15.67
N TYR F 161 31.11 6.34 -14.57
CA TYR F 161 30.38 5.34 -13.78
C TYR F 161 29.03 5.88 -13.34
N ARG F 162 28.05 4.98 -13.21
CA ARG F 162 26.71 5.36 -12.80
C ARG F 162 26.41 4.88 -11.38
N LEU F 163 25.68 3.78 -11.27
CA LEU F 163 25.33 3.21 -9.98
C LEU F 163 25.02 1.73 -10.13
N ILE F 164 25.44 0.95 -9.12
CA ILE F 164 25.42 -0.51 -9.21
C ILE F 164 23.99 -1.05 -9.25
N ASN F 165 23.05 -0.33 -8.66
CA ASN F 165 21.65 -0.73 -8.72
C ASN F 165 20.98 -0.39 -10.03
N CYS F 166 21.58 0.45 -10.87
CA CYS F 166 20.90 0.94 -12.07
C CYS F 166 20.71 -0.11 -13.15
N ASN F 167 21.22 -1.33 -12.98
CA ASN F 167 20.74 -2.43 -13.79
C ASN F 167 20.01 -3.50 -13.01
N THR F 168 19.88 -3.35 -11.68
CA THR F 168 19.23 -4.38 -10.88
C THR F 168 17.95 -3.88 -10.23
N SER F 169 18.00 -2.82 -9.43
CA SER F 169 16.89 -2.47 -8.57
C SER F 169 16.75 -0.96 -8.45
N ALA F 170 15.53 -0.53 -8.14
CA ALA F 170 15.27 0.90 -7.96
C ALA F 170 15.88 1.40 -6.65
N ILE F 171 15.93 2.72 -6.51
CA ILE F 171 16.61 3.37 -5.40
C ILE F 171 15.70 4.43 -4.81
N THR F 172 15.61 4.45 -3.48
CA THR F 172 14.98 5.50 -2.73
C THR F 172 15.95 6.00 -1.67
N GLN F 173 15.82 7.26 -1.28
CA GLN F 173 16.51 7.74 -0.11
C GLN F 173 15.52 7.91 1.04
N ALA F 174 16.06 7.93 2.25
CA ALA F 174 15.23 8.08 3.42
C ALA F 174 14.73 9.52 3.53
N CYS F 175 13.46 9.67 3.83
CA CYS F 175 12.94 10.97 4.22
C CYS F 175 13.58 11.39 5.54
N PRO F 176 14.14 12.59 5.62
CA PRO F 176 15.07 12.92 6.72
C PRO F 176 14.40 13.22 8.04
N LYS F 177 13.10 13.03 8.17
CA LYS F 177 12.41 13.44 9.39
C LYS F 177 12.48 12.33 10.44
N VAL F 178 12.44 11.08 9.98
CA VAL F 178 12.48 9.93 10.88
C VAL F 178 13.86 9.82 11.52
N SER F 179 13.90 9.08 12.63
CA SER F 179 15.14 8.80 13.32
C SER F 179 15.72 7.49 12.78
N PHE F 180 16.74 6.96 13.46
CA PHE F 180 17.22 5.60 13.21
C PHE F 180 17.58 4.90 14.51
N GLU F 181 16.91 5.23 15.58
CA GLU F 181 17.36 4.71 16.86
C GLU F 181 16.64 3.41 17.20
N PRO F 182 17.37 2.36 17.57
CA PRO F 182 16.72 1.20 18.18
C PRO F 182 16.13 1.58 19.54
N ILE F 183 14.84 1.32 19.70
CA ILE F 183 14.09 1.82 20.84
C ILE F 183 13.87 0.67 21.82
N PRO F 184 14.03 0.89 23.14
CA PRO F 184 13.71 -0.16 24.11
C PRO F 184 12.21 -0.42 24.17
N ILE F 185 11.78 -1.52 23.58
CA ILE F 185 10.36 -1.81 23.43
C ILE F 185 10.08 -3.13 24.11
N HIS F 186 9.18 -3.10 25.09
CA HIS F 186 8.71 -4.30 25.73
C HIS F 186 7.77 -5.03 24.79
N TYR F 187 7.82 -6.36 24.80
CA TYR F 187 6.99 -7.16 23.89
C TYR F 187 6.01 -7.95 24.74
N CYS F 188 4.73 -7.63 24.59
CA CYS F 188 3.71 -8.15 25.47
C CYS F 188 2.85 -9.17 24.75
N ALA F 189 2.30 -10.08 25.51
CA ALA F 189 1.49 -11.16 25.01
C ALA F 189 0.01 -10.81 25.02
N PRO F 190 -0.75 -11.29 24.03
CA PRO F 190 -2.21 -11.22 24.13
C PRO F 190 -2.67 -12.10 25.29
N ALA F 191 -3.68 -11.61 26.01
CA ALA F 191 -4.10 -12.29 27.22
C ALA F 191 -4.85 -13.57 26.89
N GLY F 192 -4.94 -14.45 27.88
CA GLY F 192 -5.22 -15.84 27.64
C GLY F 192 -4.00 -16.67 27.31
N PHE F 193 -2.84 -16.03 27.16
CA PHE F 193 -1.53 -16.65 26.93
C PHE F 193 -0.59 -16.20 28.04
N ALA F 194 0.67 -16.63 27.97
CA ALA F 194 1.66 -16.22 28.95
C ALA F 194 3.06 -16.33 28.37
N ILE F 195 3.98 -15.59 28.99
CA ILE F 195 5.40 -15.61 28.63
C ILE F 195 6.17 -16.11 29.85
N LEU F 196 7.08 -17.05 29.63
CA LEU F 196 7.86 -17.64 30.70
C LEU F 196 9.31 -17.19 30.62
N LYS F 197 10.05 -17.45 31.70
CA LYS F 197 11.41 -16.93 31.82
C LYS F 197 12.28 -17.92 32.59
N CYS F 198 13.46 -18.22 32.05
CA CYS F 198 14.44 -19.06 32.70
C CYS F 198 15.42 -18.18 33.45
N LYS F 199 15.28 -18.09 34.78
CA LYS F 199 16.04 -17.12 35.56
C LYS F 199 17.34 -17.70 36.12
N ASP F 200 17.94 -18.65 35.43
CA ASP F 200 19.20 -19.20 35.94
C ASP F 200 20.37 -18.28 35.62
N LYS F 201 21.56 -18.69 36.04
CA LYS F 201 22.77 -17.96 35.70
C LYS F 201 23.37 -18.43 34.38
N LYS F 202 23.53 -19.74 34.22
CA LYS F 202 24.20 -20.31 33.07
C LYS F 202 23.20 -21.10 32.25
N PHE F 203 22.94 -20.67 31.03
CA PHE F 203 21.94 -21.31 30.18
C PHE F 203 22.33 -21.08 28.74
N ASN F 204 22.79 -22.15 28.09
CA ASN F 204 23.20 -22.13 26.69
C ASN F 204 22.04 -22.14 25.71
N GLY F 205 20.80 -22.11 26.19
CA GLY F 205 19.63 -22.02 25.34
C GLY F 205 18.81 -23.30 25.27
N THR F 206 19.37 -24.43 25.65
CA THR F 206 18.69 -25.71 25.55
C THR F 206 18.60 -26.35 26.92
N GLY F 207 17.66 -27.30 27.05
CA GLY F 207 17.53 -28.07 28.26
C GLY F 207 16.43 -27.58 29.16
N PRO F 208 16.33 -28.16 30.35
CA PRO F 208 15.29 -27.77 31.31
C PRO F 208 15.71 -26.53 32.09
N CYS F 209 14.78 -26.06 32.93
CA CYS F 209 15.04 -24.89 33.75
C CYS F 209 14.13 -24.90 34.97
N PRO F 210 14.70 -24.93 36.18
CA PRO F 210 13.86 -24.83 37.37
C PRO F 210 13.44 -23.39 37.67
N SER F 211 14.33 -22.45 37.36
CA SER F 211 14.13 -21.04 37.70
C SER F 211 13.11 -20.44 36.73
N VAL F 212 11.84 -20.69 37.01
CA VAL F 212 10.75 -20.34 36.11
C VAL F 212 9.95 -19.19 36.72
N SER F 213 9.81 -18.11 35.96
CA SER F 213 8.89 -17.04 36.29
C SER F 213 8.02 -16.73 35.08
N THR F 214 6.82 -16.27 35.34
CA THR F 214 5.93 -15.80 34.28
C THR F 214 5.84 -14.29 34.29
N VAL F 215 5.92 -13.69 33.10
CA VAL F 215 5.78 -12.25 32.93
C VAL F 215 4.73 -12.06 31.85
N GLN F 216 3.92 -11.00 31.99
CA GLN F 216 2.99 -10.64 30.93
C GLN F 216 3.72 -10.16 29.67
N CYS F 217 4.89 -9.55 29.84
CA CYS F 217 5.59 -8.94 28.73
C CYS F 217 7.03 -9.42 28.68
N THR F 218 7.86 -8.76 27.87
CA THR F 218 9.31 -8.91 27.94
C THR F 218 9.89 -7.63 28.52
N HIS F 219 11.21 -7.57 28.55
CA HIS F 219 11.89 -6.33 28.85
C HIS F 219 11.93 -5.45 27.60
N GLY F 220 12.44 -4.24 27.76
CA GLY F 220 12.58 -3.33 26.64
C GLY F 220 13.69 -3.81 25.71
N ILE F 221 13.35 -4.07 24.46
CA ILE F 221 14.26 -4.72 23.51
C ILE F 221 14.43 -3.80 22.30
N LYS F 222 15.68 -3.55 21.92
CA LYS F 222 16.16 -2.68 20.86
C LYS F 222 16.34 -3.46 19.56
N PRO F 223 15.84 -2.93 18.46
CA PRO F 223 16.17 -3.50 17.14
C PRO F 223 17.57 -3.12 16.68
N VAL F 224 18.58 -3.86 17.14
CA VAL F 224 19.97 -3.55 16.86
C VAL F 224 20.37 -4.22 15.54
N VAL F 225 21.03 -3.46 14.67
CA VAL F 225 21.53 -3.98 13.41
C VAL F 225 23.05 -3.98 13.50
N SER F 226 23.64 -5.16 13.70
CA SER F 226 25.09 -5.29 13.77
C SER F 226 25.50 -6.68 13.32
N THR F 227 26.59 -6.76 12.59
CA THR F 227 27.18 -8.04 12.19
C THR F 227 28.35 -8.38 13.10
N GLN F 228 28.56 -9.68 13.28
CA GLN F 228 29.74 -10.31 13.89
C GLN F 228 29.86 -10.09 15.40
N LEU F 229 29.01 -9.26 16.00
CA LEU F 229 29.12 -8.89 17.40
C LEU F 229 27.73 -8.61 17.95
N LEU F 230 27.68 -7.98 19.12
CA LEU F 230 26.46 -7.42 19.67
C LEU F 230 26.76 -6.05 20.24
N LEU F 231 25.89 -5.09 19.94
CA LEU F 231 26.00 -3.73 20.46
C LEU F 231 24.74 -3.40 21.23
N ASN F 232 24.92 -2.87 22.45
CA ASN F 232 23.85 -2.43 23.35
C ASN F 232 22.87 -3.55 23.72
N GLY F 233 23.25 -4.81 23.55
CA GLY F 233 22.38 -5.92 23.89
C GLY F 233 22.43 -6.23 25.37
N SER F 234 21.78 -7.33 25.73
CA SER F 234 21.81 -7.79 27.10
C SER F 234 23.17 -8.36 27.44
N LEU F 235 23.51 -8.32 28.72
CA LEU F 235 24.79 -8.80 29.21
C LEU F 235 24.61 -10.11 29.97
N ALA F 236 25.58 -11.00 29.84
CA ALA F 236 25.47 -12.32 30.44
C ALA F 236 25.72 -12.26 31.93
N GLU F 237 25.62 -13.42 32.57
CA GLU F 237 25.95 -13.59 33.97
C GLU F 237 27.45 -13.81 34.12
N GLU F 238 27.85 -14.36 35.28
CA GLU F 238 29.21 -14.58 35.78
C GLU F 238 30.25 -14.97 34.74
N GLU F 239 29.90 -15.86 33.83
CA GLU F 239 30.77 -16.23 32.72
C GLU F 239 30.17 -15.73 31.42
N VAL F 240 31.03 -15.53 30.42
CA VAL F 240 30.54 -15.44 29.05
C VAL F 240 30.06 -16.82 28.62
N MET F 241 28.87 -16.87 28.06
CA MET F 241 28.29 -18.16 27.70
C MET F 241 28.79 -18.62 26.33
N ILE F 242 28.58 -19.90 26.05
CA ILE F 242 28.82 -20.46 24.74
C ILE F 242 27.47 -20.96 24.24
N ARG F 243 26.82 -20.16 23.41
CA ARG F 243 25.51 -20.48 22.88
C ARG F 243 25.59 -20.77 21.40
N SER F 244 25.03 -21.91 21.00
CA SER F 244 24.88 -22.28 19.60
C SER F 244 23.75 -23.30 19.53
N GLU F 245 23.59 -23.91 18.37
CA GLU F 245 22.69 -25.05 18.23
C GLU F 245 23.44 -26.35 18.06
N ASN F 246 24.46 -26.35 17.22
CA ASN F 246 25.14 -27.59 16.87
C ASN F 246 26.62 -27.24 16.70
N ILE F 247 27.37 -27.35 17.80
CA ILE F 247 28.80 -27.07 17.74
C ILE F 247 29.53 -28.20 17.04
N THR F 248 28.95 -29.40 17.01
CA THR F 248 29.49 -30.47 16.18
C THR F 248 29.40 -30.11 14.70
N ASN F 249 28.33 -29.45 14.31
CA ASN F 249 28.30 -28.82 13.00
C ASN F 249 29.24 -27.63 12.98
N ASN F 250 29.85 -27.39 11.81
CA ASN F 250 30.67 -26.21 11.61
C ASN F 250 29.92 -25.07 10.96
N ALA F 251 28.75 -25.34 10.36
CA ALA F 251 27.97 -24.28 9.73
C ALA F 251 27.26 -23.41 10.76
N LYS F 252 27.09 -23.90 11.98
CA LYS F 252 26.43 -23.11 13.01
C LYS F 252 27.34 -22.01 13.51
N ASN F 253 26.74 -20.86 13.83
CA ASN F 253 27.51 -19.78 14.43
C ASN F 253 27.57 -19.97 15.94
N ILE F 254 28.35 -19.12 16.59
CA ILE F 254 28.62 -19.23 18.02
C ILE F 254 28.25 -17.90 18.66
N LEU F 255 27.35 -17.94 19.62
CA LEU F 255 26.90 -16.76 20.33
C LEU F 255 27.52 -16.74 21.72
N VAL F 256 28.26 -15.67 22.01
CA VAL F 256 28.96 -15.51 23.27
C VAL F 256 28.48 -14.19 23.87
N GLN F 257 27.56 -14.26 24.82
CA GLN F 257 27.04 -13.08 25.48
C GLN F 257 28.03 -12.62 26.55
N PHE F 258 28.19 -11.31 26.68
CA PHE F 258 29.24 -10.76 27.53
C PHE F 258 28.83 -10.71 28.99
N ASN F 259 29.67 -11.32 29.83
CA ASN F 259 29.69 -10.97 31.25
C ASN F 259 29.95 -9.48 31.42
N THR F 260 31.04 -9.00 30.83
CA THR F 260 31.45 -7.62 30.95
C THR F 260 31.32 -6.94 29.60
N PRO F 261 30.66 -5.79 29.51
CA PRO F 261 30.56 -5.08 28.24
C PRO F 261 31.89 -4.46 27.85
N VAL F 262 32.03 -4.19 26.56
CA VAL F 262 33.28 -3.69 26.00
C VAL F 262 33.03 -2.31 25.42
N GLN F 263 33.78 -1.34 25.89
CA GLN F 263 33.70 0.03 25.40
C GLN F 263 34.25 0.14 23.98
N ILE F 264 33.56 0.92 23.15
CA ILE F 264 34.07 1.23 21.81
C ILE F 264 33.69 2.67 21.46
N ASN F 265 34.57 3.33 20.72
CA ASN F 265 34.38 4.73 20.31
C ASN F 265 34.42 4.82 18.79
N CYS F 266 33.27 4.58 18.18
CA CYS F 266 33.17 4.65 16.73
C CYS F 266 32.82 6.08 16.34
N THR F 267 33.68 6.68 15.52
CA THR F 267 33.61 8.09 15.18
C THR F 267 33.53 8.27 13.68
N ARG F 268 32.73 9.23 13.23
CA ARG F 268 32.88 9.78 11.90
C ARG F 268 33.61 11.10 12.09
N PRO F 269 34.92 11.15 11.96
CA PRO F 269 35.65 12.34 12.40
C PRO F 269 35.72 13.45 11.36
N ASN F 270 34.84 13.41 10.36
CA ASN F 270 34.88 14.37 9.26
C ASN F 270 33.65 15.26 9.33
N ASN F 271 33.87 16.52 9.68
CA ASN F 271 32.86 17.55 9.57
C ASN F 271 32.54 17.79 8.10
N ASN F 272 31.24 17.85 7.78
CA ASN F 272 30.78 17.85 6.40
C ASN F 272 29.74 18.94 6.21
N THR F 273 29.27 19.06 4.97
CA THR F 273 28.26 20.06 4.62
C THR F 273 26.98 19.41 4.12
N ARG F 274 25.85 20.05 4.37
CA ARG F 274 24.56 19.52 3.93
C ARG F 274 23.93 20.39 2.86
N LYS F 275 24.01 19.96 1.62
CA LYS F 275 23.43 20.71 0.50
C LYS F 275 22.00 20.24 0.23
N SER F 276 21.47 20.66 -0.92
CA SER F 276 20.11 20.29 -1.29
C SER F 276 19.85 20.84 -2.69
N ILE F 277 19.67 19.94 -3.64
CA ILE F 277 19.51 20.30 -5.03
C ILE F 277 18.09 19.92 -5.46
N ARG F 278 17.47 20.76 -6.29
CA ARG F 278 16.04 20.64 -6.58
C ARG F 278 15.83 19.76 -7.80
N ILE F 279 15.33 18.54 -7.57
CA ILE F 279 14.87 17.63 -8.63
C ILE F 279 13.35 17.65 -8.79
N GLY F 280 12.66 18.58 -8.10
CA GLY F 280 11.22 18.54 -7.94
C GLY F 280 10.40 18.83 -9.19
N PRO F 281 9.16 19.31 -9.02
CA PRO F 281 8.52 19.83 -7.80
C PRO F 281 8.21 18.81 -6.72
N GLY F 282 8.54 19.17 -5.48
CA GLY F 282 8.30 18.36 -4.32
C GLY F 282 9.40 17.34 -4.05
N GLN F 283 10.11 16.92 -5.09
CA GLN F 283 11.33 16.15 -5.00
C GLN F 283 12.53 17.07 -4.79
N ALA F 284 13.59 16.52 -4.21
CA ALA F 284 14.81 17.27 -3.94
C ALA F 284 16.02 16.33 -3.93
N PHE F 285 17.17 16.85 -3.48
CA PHE F 285 18.38 16.05 -3.42
C PHE F 285 19.41 16.60 -2.45
N TYR F 286 19.51 15.97 -1.27
CA TYR F 286 20.47 16.40 -0.26
C TYR F 286 21.80 15.70 -0.53
N ALA F 287 22.62 16.30 -1.39
CA ALA F 287 23.89 15.73 -1.77
C ALA F 287 24.97 16.16 -0.78
N THR F 288 26.17 15.62 -0.99
CA THR F 288 27.30 15.88 -0.12
C THR F 288 27.88 17.26 -0.42
N GLY F 289 27.98 18.11 0.60
CA GLY F 289 28.62 19.39 0.45
C GLY F 289 30.13 19.31 0.57
N ASP F 290 30.73 20.26 1.26
CA ASP F 290 32.16 20.26 1.49
C ASP F 290 32.47 19.55 2.79
N ILE F 291 33.54 18.76 2.79
CA ILE F 291 34.08 18.22 4.04
C ILE F 291 34.82 19.37 4.72
N ILE F 292 34.23 19.92 5.77
CA ILE F 292 34.80 21.09 6.44
C ILE F 292 35.97 20.61 7.28
N GLY F 293 37.18 20.97 6.88
CA GLY F 293 38.37 20.59 7.61
C GLY F 293 39.29 19.68 6.84
N ASP F 294 39.59 18.52 7.41
CA ASP F 294 40.52 17.58 6.80
C ASP F 294 39.80 16.31 6.38
N ILE F 295 40.58 15.36 5.88
CA ILE F 295 40.10 14.08 5.39
C ILE F 295 40.57 13.02 6.36
N ARG F 296 39.64 12.30 6.96
CA ARG F 296 39.96 11.17 7.82
C ARG F 296 39.06 10.00 7.45
N GLN F 297 39.31 8.87 8.08
CA GLN F 297 38.45 7.70 7.94
C GLN F 297 37.71 7.47 9.25
N ALA F 298 36.59 6.75 9.13
CA ALA F 298 35.91 6.29 10.33
C ALA F 298 36.76 5.25 11.04
N HIS F 299 36.69 5.25 12.36
CA HIS F 299 37.49 4.32 13.15
C HIS F 299 36.85 4.15 14.51
N CYS F 300 37.28 3.10 15.20
CA CYS F 300 36.72 2.73 16.50
C CYS F 300 37.87 2.38 17.42
N ASN F 301 37.64 2.55 18.72
CA ASN F 301 38.71 2.35 19.71
C ASN F 301 38.27 1.40 20.81
N VAL F 302 39.03 0.33 20.99
CA VAL F 302 38.86 -0.61 22.09
C VAL F 302 40.20 -0.72 22.82
N SER F 303 40.17 -0.57 24.14
CA SER F 303 41.37 -0.72 24.96
C SER F 303 41.90 -2.14 24.87
N LYS F 304 43.23 -2.25 24.80
CA LYS F 304 43.87 -3.51 24.49
C LYS F 304 43.82 -4.48 25.66
N ALA F 305 43.88 -3.98 26.89
CA ALA F 305 43.92 -4.85 28.06
C ALA F 305 42.56 -5.51 28.31
N THR F 306 41.48 -4.74 28.19
CA THR F 306 40.14 -5.30 28.30
C THR F 306 39.87 -6.29 27.18
N TRP F 307 40.45 -6.03 26.00
CA TRP F 307 40.35 -6.98 24.90
C TRP F 307 41.10 -8.26 25.21
N ASN F 308 42.28 -8.15 25.84
CA ASN F 308 43.05 -9.33 26.23
C ASN F 308 42.32 -10.15 27.28
N GLU F 309 41.72 -9.49 28.26
CA GLU F 309 40.96 -10.20 29.28
C GLU F 309 39.69 -10.82 28.68
N THR F 310 39.14 -10.18 27.66
CA THR F 310 38.01 -10.74 26.94
C THR F 310 38.41 -12.02 26.21
N LEU F 311 39.53 -11.97 25.47
CA LEU F 311 40.03 -13.15 24.75
C LEU F 311 40.40 -14.27 25.72
N GLY F 312 40.95 -13.90 26.87
CA GLY F 312 41.34 -14.92 27.85
C GLY F 312 40.14 -15.59 28.48
N LYS F 313 39.14 -14.80 28.87
CA LYS F 313 37.94 -15.39 29.45
C LYS F 313 37.17 -16.23 28.43
N VAL F 314 37.14 -15.77 27.18
CA VAL F 314 36.51 -16.52 26.10
C VAL F 314 37.22 -17.85 25.88
N VAL F 315 38.55 -17.82 25.81
CA VAL F 315 39.28 -19.05 25.54
C VAL F 315 39.25 -20.00 26.76
N LYS F 316 39.05 -19.46 27.96
CA LYS F 316 38.75 -20.33 29.10
C LYS F 316 37.41 -21.02 28.90
N GLN F 317 36.40 -20.30 28.38
CA GLN F 317 35.13 -20.95 28.10
C GLN F 317 35.22 -21.94 26.95
N LEU F 318 36.18 -21.71 26.03
CA LEU F 318 36.45 -22.69 24.99
C LEU F 318 37.00 -23.97 25.58
N ARG F 319 37.98 -23.86 26.48
CA ARG F 319 38.51 -25.04 27.15
C ARG F 319 37.59 -25.58 28.24
N LYS F 320 36.46 -24.90 28.52
CA LYS F 320 35.38 -25.52 29.27
C LYS F 320 34.45 -26.32 28.36
N HIS F 321 34.17 -25.78 27.17
CA HIS F 321 33.12 -26.32 26.32
C HIS F 321 33.68 -27.23 25.23
N PHE F 322 34.56 -26.74 24.39
CA PHE F 322 35.16 -27.54 23.34
C PHE F 322 36.56 -27.99 23.79
N GLY F 323 36.65 -29.22 24.23
CA GLY F 323 37.93 -29.77 24.65
C GLY F 323 38.43 -29.16 25.94
N ASN F 324 39.61 -29.61 26.35
CA ASN F 324 40.25 -29.07 27.53
C ASN F 324 41.67 -28.59 27.25
N ASN F 325 42.41 -29.29 26.39
CA ASN F 325 43.81 -28.98 26.14
C ASN F 325 44.04 -29.02 24.64
N THR F 326 44.09 -27.85 24.02
CA THR F 326 44.32 -27.72 22.59
C THR F 326 44.90 -26.34 22.32
N ILE F 327 45.09 -26.03 21.05
CA ILE F 327 45.61 -24.73 20.61
C ILE F 327 44.46 -23.95 20.03
N ILE F 328 44.32 -22.70 20.47
CA ILE F 328 43.28 -21.81 19.96
C ILE F 328 43.99 -20.62 19.32
N ARG F 329 44.01 -20.61 18.00
CA ARG F 329 44.66 -19.56 17.22
C ARG F 329 43.62 -18.82 16.40
N PHE F 330 43.76 -17.51 16.30
CA PHE F 330 42.75 -16.67 15.67
C PHE F 330 43.21 -16.20 14.30
N ALA F 331 42.32 -16.34 13.33
CA ALA F 331 42.46 -15.68 12.04
C ALA F 331 41.22 -14.84 11.80
N ASN F 332 41.35 -13.89 10.87
CA ASN F 332 40.25 -12.99 10.55
C ASN F 332 39.21 -13.70 9.69
N SER F 333 38.24 -12.93 9.19
CA SER F 333 37.32 -13.43 8.19
C SER F 333 38.09 -13.77 6.92
N SER F 334 37.67 -14.84 6.25
CA SER F 334 38.38 -15.31 5.07
C SER F 334 38.12 -14.39 3.88
N GLY F 335 36.91 -13.90 3.76
CA GLY F 335 36.55 -13.05 2.64
C GLY F 335 35.06 -13.10 2.40
N GLY F 336 34.65 -12.54 1.27
CA GLY F 336 33.26 -12.52 0.90
C GLY F 336 32.70 -11.12 0.77
N ASP F 337 31.50 -10.91 1.30
CA ASP F 337 30.86 -9.61 1.20
C ASP F 337 31.43 -8.65 2.21
N LEU F 338 31.31 -7.35 1.89
CA LEU F 338 31.80 -6.30 2.77
C LEU F 338 31.04 -6.28 4.09
N GLU F 339 29.74 -6.58 4.06
CA GLU F 339 28.99 -6.70 5.31
C GLU F 339 29.36 -7.97 6.05
N VAL F 340 29.79 -9.00 5.34
CA VAL F 340 30.21 -10.23 6.00
C VAL F 340 31.59 -10.06 6.63
N THR F 341 32.53 -9.45 5.90
CA THR F 341 33.89 -9.29 6.40
C THR F 341 34.01 -8.25 7.50
N THR F 342 33.07 -7.32 7.60
CA THR F 342 33.16 -6.26 8.58
C THR F 342 32.09 -6.41 9.64
N HIS F 343 32.41 -5.99 10.86
CA HIS F 343 31.38 -5.68 11.84
C HIS F 343 30.63 -4.47 11.31
N SER F 344 29.41 -4.71 10.84
CA SER F 344 28.68 -3.77 10.00
C SER F 344 27.45 -3.27 10.73
N PHE F 345 27.32 -1.96 10.85
CA PHE F 345 26.42 -1.38 11.83
C PHE F 345 26.27 0.10 11.58
N ASN F 346 25.12 0.64 11.96
CA ASN F 346 24.87 2.07 11.89
C ASN F 346 25.59 2.79 13.02
N CYS F 347 26.03 4.00 12.73
CA CYS F 347 26.48 4.96 13.73
C CYS F 347 25.58 6.19 13.58
N GLY F 348 24.41 6.13 14.21
CA GLY F 348 23.46 7.22 14.12
C GLY F 348 22.71 7.21 12.80
N GLY F 349 23.38 7.62 11.74
CA GLY F 349 22.78 7.63 10.43
C GLY F 349 23.70 7.11 9.35
N GLU F 350 24.93 6.77 9.74
CA GLU F 350 25.94 6.31 8.80
C GLU F 350 26.48 4.96 9.25
N PHE F 351 26.82 4.13 8.29
CA PHE F 351 26.92 2.68 8.49
C PHE F 351 28.39 2.27 8.42
N PHE F 352 28.98 2.07 9.59
CA PHE F 352 30.41 1.78 9.67
C PHE F 352 30.68 0.33 9.32
N TYR F 353 31.62 0.12 8.40
CA TYR F 353 32.07 -1.21 8.00
C TYR F 353 33.54 -1.30 8.39
N CYS F 354 33.80 -1.89 9.55
CA CYS F 354 35.12 -1.81 10.18
C CYS F 354 35.99 -3.01 9.81
N ASN F 355 37.23 -2.74 9.44
CA ASN F 355 38.17 -3.80 9.14
C ASN F 355 38.57 -4.52 10.42
N THR F 356 37.88 -5.60 10.73
CA THR F 356 38.15 -6.38 11.94
C THR F 356 39.16 -7.49 11.64
N SER F 357 40.32 -7.08 11.13
CA SER F 357 41.40 -8.01 10.86
C SER F 357 42.39 -8.10 12.02
N GLY F 358 42.63 -6.98 12.72
CA GLY F 358 43.55 -6.99 13.84
C GLY F 358 43.00 -7.64 15.09
N LEU F 359 41.68 -7.69 15.24
CA LEU F 359 41.06 -8.27 16.43
C LEU F 359 41.04 -9.78 16.41
N PHE F 360 41.52 -10.41 15.35
CA PHE F 360 41.51 -11.85 15.23
C PHE F 360 42.91 -12.34 14.89
N ASN F 361 43.86 -11.87 15.67
CA ASN F 361 45.27 -12.20 15.54
C ASN F 361 45.74 -12.57 16.96
N SER F 362 45.56 -13.83 17.32
CA SER F 362 46.01 -14.33 18.61
C SER F 362 46.25 -15.82 18.51
N THR F 363 46.91 -16.35 19.54
CA THR F 363 47.16 -17.78 19.66
C THR F 363 47.13 -18.13 21.14
N TRP F 364 46.40 -19.19 21.49
CA TRP F 364 46.28 -19.61 22.87
C TRP F 364 46.49 -21.11 22.94
N ILE F 365 47.47 -21.54 23.73
CA ILE F 365 47.81 -22.96 23.81
C ILE F 365 47.64 -23.44 25.24
N SER F 366 48.47 -22.93 26.14
CA SER F 366 48.42 -23.28 27.55
C SER F 366 48.17 -22.07 28.44
N ASN F 367 48.98 -21.01 28.30
CA ASN F 367 48.88 -19.84 29.15
C ASN F 367 48.98 -18.56 28.34
N ASN F 379 48.55 0.46 28.56
CA ASN F 379 47.49 1.44 28.38
C ASN F 379 47.46 1.91 26.93
N ASP F 380 46.63 1.26 26.11
CA ASP F 380 46.50 1.62 24.71
C ASP F 380 45.17 1.14 24.18
N SER F 381 44.51 1.98 23.38
CA SER F 381 43.32 1.59 22.65
C SER F 381 43.70 1.12 21.25
N ILE F 382 42.89 0.21 20.72
CA ILE F 382 43.14 -0.40 19.42
C ILE F 382 42.24 0.28 18.40
N THR F 383 42.85 0.83 17.36
CA THR F 383 42.13 1.62 16.36
C THR F 383 42.11 0.85 15.04
N LEU F 384 40.92 0.61 14.51
CA LEU F 384 40.76 -0.09 13.25
C LEU F 384 40.08 0.79 12.22
N PRO F 385 40.45 0.67 10.95
CA PRO F 385 39.78 1.43 9.89
C PRO F 385 38.35 0.97 9.70
N CYS F 386 37.47 1.94 9.47
CA CYS F 386 36.06 1.67 9.26
C CYS F 386 35.60 2.40 8.00
N ARG F 387 34.65 1.79 7.30
CA ARG F 387 34.19 2.27 6.01
C ARG F 387 32.69 2.55 6.06
N ILE F 388 32.26 3.56 5.32
CA ILE F 388 30.88 4.01 5.32
C ILE F 388 30.32 3.79 3.93
N LYS F 389 29.05 3.35 3.85
CA LYS F 389 28.39 3.12 2.58
C LYS F 389 26.94 3.59 2.70
N GLN F 390 26.41 4.15 1.62
CA GLN F 390 25.09 4.78 1.63
C GLN F 390 24.05 4.00 0.83
N ILE F 391 24.37 3.60 -0.40
CA ILE F 391 23.43 2.84 -1.21
C ILE F 391 23.44 1.40 -0.70
N ILE F 392 22.42 1.05 0.08
CA ILE F 392 22.37 -0.24 0.77
C ILE F 392 21.07 -0.94 0.40
N ASN F 393 21.15 -2.25 0.20
CA ASN F 393 20.02 -3.11 -0.09
C ASN F 393 19.97 -4.25 0.93
N MET F 394 19.99 -3.86 2.21
CA MET F 394 20.17 -4.79 3.33
C MET F 394 19.03 -5.80 3.43
N TRP F 395 19.36 -6.94 4.07
CA TRP F 395 18.62 -8.21 4.10
C TRP F 395 18.43 -8.84 2.74
N GLN F 396 19.10 -8.31 1.71
CA GLN F 396 19.09 -8.80 0.33
C GLN F 396 17.70 -8.91 -0.28
N ARG F 397 16.74 -8.09 0.19
CA ARG F 397 15.43 -8.05 -0.44
C ARG F 397 15.56 -7.16 -1.67
N ILE F 398 16.05 -7.78 -2.75
CA ILE F 398 16.46 -7.06 -3.94
C ILE F 398 15.23 -6.61 -4.71
N GLY F 399 15.24 -5.35 -5.13
CA GLY F 399 14.09 -4.73 -5.76
C GLY F 399 13.94 -3.32 -5.25
N GLN F 400 14.58 -3.06 -4.12
CA GLN F 400 14.53 -1.74 -3.50
C GLN F 400 15.81 -1.53 -2.70
N ALA F 401 16.69 -0.69 -3.22
CA ALA F 401 17.86 -0.26 -2.48
C ALA F 401 17.57 1.04 -1.73
N MET F 402 18.26 1.23 -0.61
CA MET F 402 18.06 2.38 0.24
C MET F 402 19.26 3.30 0.11
N TYR F 403 19.01 4.61 0.09
CA TYR F 403 20.07 5.60 0.05
C TYR F 403 20.09 6.42 1.35
N ALA F 404 21.29 6.68 1.85
CA ALA F 404 21.44 7.50 3.04
C ALA F 404 21.80 8.92 2.66
N PRO F 405 20.97 9.90 2.97
CA PRO F 405 21.37 11.30 2.77
C PRO F 405 22.49 11.68 3.71
N PRO F 406 23.35 12.61 3.31
CA PRO F 406 24.53 12.93 4.13
C PRO F 406 24.18 13.76 5.36
N ILE F 407 25.08 13.70 6.34
CA ILE F 407 24.94 14.39 7.61
C ILE F 407 26.15 15.28 7.80
N GLN F 408 25.93 16.51 8.25
CA GLN F 408 27.03 17.41 8.55
C GLN F 408 27.74 16.98 9.83
N GLY F 409 28.93 17.54 10.03
CA GLY F 409 29.55 17.51 11.33
C GLY F 409 30.29 16.21 11.62
N VAL F 410 31.25 16.32 12.53
CA VAL F 410 31.89 15.15 13.11
C VAL F 410 30.87 14.37 13.94
N ILE F 411 30.67 13.11 13.60
CA ILE F 411 29.78 12.24 14.36
C ILE F 411 30.62 11.34 15.26
N ARG F 412 30.34 11.38 16.55
CA ARG F 412 30.97 10.50 17.52
C ARG F 412 29.85 9.73 18.21
N CYS F 413 29.80 8.42 18.00
CA CYS F 413 28.80 7.59 18.65
C CYS F 413 29.48 6.63 19.61
N VAL F 414 29.05 6.68 20.86
CA VAL F 414 29.57 5.82 21.92
C VAL F 414 28.64 4.63 22.01
N SER F 415 29.06 3.50 21.44
CA SER F 415 28.37 2.24 21.63
C SER F 415 29.20 1.39 22.58
N ASN F 416 28.57 0.38 23.18
CA ASN F 416 29.30 -0.56 24.01
C ASN F 416 29.02 -1.97 23.52
N ILE F 417 30.07 -2.75 23.35
CA ILE F 417 29.97 -4.06 22.72
C ILE F 417 29.42 -5.05 23.73
N THR F 418 28.42 -5.84 23.32
CA THR F 418 27.69 -6.69 24.25
C THR F 418 27.66 -8.17 23.83
N GLY F 419 28.51 -8.60 22.92
CA GLY F 419 28.56 -10.02 22.62
C GLY F 419 29.37 -10.33 21.37
N LEU F 420 29.31 -11.60 20.98
CA LEU F 420 30.14 -12.14 19.90
C LEU F 420 29.30 -13.00 18.97
N ILE F 421 29.67 -12.98 17.69
CA ILE F 421 29.14 -13.88 16.67
C ILE F 421 30.33 -14.43 15.91
N LEU F 422 30.60 -15.73 16.04
CA LEU F 422 31.77 -16.33 15.43
C LEU F 422 31.41 -17.64 14.74
N THR F 423 32.37 -18.13 13.96
CA THR F 423 32.23 -19.39 13.25
C THR F 423 33.30 -20.38 13.69
N ARG F 424 32.97 -21.66 13.62
CA ARG F 424 33.94 -22.73 13.74
C ARG F 424 34.32 -23.18 12.34
N ASP F 425 35.61 -23.17 12.04
CA ASP F 425 36.08 -23.60 10.74
C ASP F 425 36.10 -25.12 10.67
N GLY F 426 36.54 -25.65 9.53
CA GLY F 426 36.75 -27.08 9.42
C GLY F 426 37.93 -27.51 10.27
N GLY F 427 37.73 -28.59 11.02
CA GLY F 427 38.77 -29.09 11.90
C GLY F 427 39.93 -29.70 11.14
N SER F 428 39.66 -30.85 10.49
CA SER F 428 40.54 -31.54 9.55
C SER F 428 41.87 -32.02 10.12
N THR F 429 42.08 -31.85 11.43
CA THR F 429 43.28 -32.33 12.10
C THR F 429 42.85 -33.19 13.28
N ASN F 430 43.83 -33.64 14.06
CA ASN F 430 43.55 -34.40 15.27
C ASN F 430 43.65 -33.49 16.49
N SER F 431 42.75 -32.49 16.51
CA SER F 431 42.62 -31.50 17.58
C SER F 431 43.93 -30.75 17.83
N THR F 432 44.67 -30.46 16.76
CA THR F 432 45.94 -29.77 16.90
C THR F 432 45.72 -28.30 17.26
N THR F 433 45.09 -27.55 16.36
CA THR F 433 44.73 -26.17 16.61
C THR F 433 43.31 -25.94 16.14
N GLU F 434 42.76 -24.79 16.53
CA GLU F 434 41.41 -24.41 16.12
C GLU F 434 41.41 -22.96 15.69
N THR F 435 41.08 -22.74 14.42
CA THR F 435 40.97 -21.40 13.86
C THR F 435 39.50 -21.01 13.85
N PHE F 436 39.17 -19.92 14.53
CA PHE F 436 37.80 -19.43 14.64
C PHE F 436 37.70 -18.07 13.97
N ARG F 437 36.64 -17.88 13.20
CA ARG F 437 36.51 -16.77 12.27
C ARG F 437 35.16 -16.09 12.47
N PRO F 438 35.05 -14.81 12.09
CA PRO F 438 33.77 -14.11 12.24
C PRO F 438 32.70 -14.66 11.29
N GLY F 439 31.46 -14.32 11.62
CA GLY F 439 30.33 -14.69 10.79
C GLY F 439 29.13 -13.84 11.11
N GLY F 440 28.01 -14.20 10.49
CA GLY F 440 26.76 -13.48 10.68
C GLY F 440 26.04 -13.28 9.35
N GLY F 441 25.38 -12.13 9.22
CA GLY F 441 24.62 -11.78 8.04
C GLY F 441 23.14 -12.12 8.12
N ASP F 442 22.75 -12.99 9.05
CA ASP F 442 21.36 -13.40 9.16
C ASP F 442 20.54 -12.40 9.97
N MET F 443 21.14 -11.88 11.05
CA MET F 443 20.60 -11.07 12.15
C MET F 443 19.66 -11.88 13.06
N ARG F 444 19.36 -13.11 12.67
CA ARG F 444 18.50 -13.97 13.48
C ARG F 444 19.24 -14.50 14.69
N ASP F 445 20.57 -14.47 14.67
CA ASP F 445 21.32 -14.72 15.87
C ASP F 445 21.27 -13.53 16.82
N ASN F 446 21.07 -12.33 16.29
CA ASN F 446 20.78 -11.19 17.16
C ASN F 446 19.38 -11.33 17.74
N TRP F 447 18.45 -11.84 16.93
CA TRP F 447 17.09 -12.12 17.40
C TRP F 447 17.08 -13.16 18.51
N ARG F 448 17.76 -14.28 18.29
CA ARG F 448 17.74 -15.36 19.28
C ARG F 448 18.60 -15.01 20.49
N SER F 449 19.71 -14.30 20.27
CA SER F 449 20.56 -13.90 21.38
C SER F 449 19.89 -12.85 22.25
N GLU F 450 19.01 -12.05 21.68
CA GLU F 450 18.23 -11.10 22.46
C GLU F 450 16.85 -11.63 22.81
N LEU F 451 16.52 -12.85 22.42
CA LEU F 451 15.18 -13.37 22.63
C LEU F 451 15.14 -14.82 23.09
N TYR F 452 16.21 -15.36 23.66
CA TYR F 452 16.13 -16.67 24.26
C TYR F 452 15.49 -16.57 25.64
N LYS F 453 15.35 -17.72 26.31
CA LYS F 453 14.77 -17.98 27.64
C LYS F 453 13.31 -17.56 27.77
N TYR F 454 12.69 -17.10 26.69
CA TYR F 454 11.30 -16.67 26.66
C TYR F 454 10.53 -17.61 25.76
N LYS F 455 9.25 -17.82 26.07
CA LYS F 455 8.45 -18.74 25.27
C LYS F 455 7.00 -18.32 25.31
N VAL F 456 6.21 -18.98 24.47
CA VAL F 456 4.81 -18.66 24.26
C VAL F 456 3.99 -19.90 24.57
N VAL F 457 3.02 -19.76 25.48
CA VAL F 457 2.15 -20.87 25.84
C VAL F 457 0.70 -20.47 25.62
N LYS F 458 -0.15 -21.48 25.46
CA LYS F 458 -1.58 -21.29 25.53
C LYS F 458 -2.08 -21.86 26.85
N ILE F 459 -3.24 -21.38 27.29
CA ILE F 459 -3.73 -21.67 28.62
C ILE F 459 -5.05 -22.42 28.52
N GLU F 460 -5.20 -23.47 29.33
CA GLU F 460 -6.42 -24.25 29.39
C GLU F 460 -6.99 -24.22 30.80
N PRO F 461 -8.19 -23.66 31.01
CA PRO F 461 -8.71 -23.48 32.36
C PRO F 461 -9.62 -24.60 32.84
N LEU F 462 -10.00 -25.53 31.99
CA LEU F 462 -11.09 -26.46 32.31
C LEU F 462 -10.54 -27.70 33.02
N GLY F 463 -11.19 -28.07 34.11
CA GLY F 463 -10.80 -29.26 34.85
C GLY F 463 -12.03 -30.05 35.26
N VAL F 464 -11.90 -31.37 35.25
CA VAL F 464 -12.98 -32.26 35.66
C VAL F 464 -12.42 -33.26 36.67
N ALA F 465 -12.97 -33.27 37.87
CA ALA F 465 -12.53 -34.19 38.91
C ALA F 465 -13.69 -35.03 39.42
N PRO F 466 -13.67 -36.35 39.22
CA PRO F 466 -14.66 -37.19 39.87
C PRO F 466 -14.46 -37.31 41.37
N THR F 467 -15.55 -37.14 42.11
CA THR F 467 -15.59 -37.42 43.53
C THR F 467 -17.01 -37.84 43.88
N ARG F 468 -17.30 -37.92 45.18
CA ARG F 468 -18.60 -38.38 45.64
C ARG F 468 -19.59 -37.25 45.90
N CYS F 469 -19.29 -36.04 45.43
CA CYS F 469 -20.23 -34.95 45.58
C CYS F 469 -21.31 -35.00 44.51
N LYS F 470 -22.50 -34.54 44.86
CA LYS F 470 -23.66 -34.62 43.98
C LYS F 470 -24.49 -33.36 44.14
N ARG F 471 -25.06 -32.88 43.04
CA ARG F 471 -26.03 -31.81 43.12
C ARG F 471 -27.35 -32.32 43.71
N ARG F 472 -28.27 -31.39 43.93
CA ARG F 472 -29.60 -31.74 44.42
C ARG F 472 -30.51 -32.00 43.23
N VAL F 473 -31.81 -32.11 43.47
CA VAL F 473 -32.76 -32.33 42.40
C VAL F 473 -33.59 -31.07 42.18
N ASP G 1 37.40 24.95 -44.15
CA ASP G 1 37.44 25.84 -43.01
C ASP G 1 36.64 27.10 -43.26
N ILE G 2 36.13 27.69 -42.18
CA ILE G 2 35.38 28.94 -42.25
C ILE G 2 36.38 30.06 -42.03
N HIS G 3 36.59 30.89 -43.04
CA HIS G 3 37.67 31.87 -43.04
C HIS G 3 37.13 33.27 -42.81
N MET G 4 37.86 34.06 -42.03
CA MET G 4 37.53 35.43 -41.74
C MET G 4 38.42 36.32 -42.60
N THR G 5 37.82 37.13 -43.46
CA THR G 5 38.53 38.15 -44.21
C THR G 5 38.10 39.50 -43.67
N GLN G 6 38.93 40.07 -42.79
CA GLN G 6 38.59 41.27 -42.05
C GLN G 6 38.97 42.49 -42.85
N SER G 7 38.04 43.44 -42.96
CA SER G 7 38.23 44.63 -43.75
C SER G 7 38.14 45.87 -42.87
N PRO G 8 39.03 46.85 -43.03
CA PRO G 8 40.15 46.86 -43.99
C PRO G 8 41.41 46.18 -43.44
N VAL G 9 42.53 46.39 -44.14
CA VAL G 9 43.80 45.84 -43.69
C VAL G 9 44.53 46.83 -42.81
N SER G 10 44.55 48.10 -43.21
CA SER G 10 45.00 49.19 -42.36
C SER G 10 43.95 50.29 -42.38
N LEU G 11 44.07 51.22 -41.45
CA LEU G 11 43.08 52.29 -41.36
C LEU G 11 43.75 53.55 -40.84
N SER G 12 43.30 54.70 -41.32
CA SER G 12 43.87 55.98 -40.96
C SER G 12 42.75 56.97 -40.68
N ALA G 13 42.78 57.56 -39.50
CA ALA G 13 41.83 58.59 -39.10
C ALA G 13 42.58 59.55 -38.18
N SER G 14 41.86 60.39 -37.46
CA SER G 14 42.50 61.30 -36.53
C SER G 14 41.76 61.28 -35.21
N GLY G 16 39.47 61.61 -32.45
CA GLY G 16 38.07 61.93 -32.43
C GLY G 16 37.38 61.77 -33.78
N ASP G 17 37.72 60.70 -34.49
CA ASP G 17 37.00 60.35 -35.70
C ASP G 17 36.08 59.16 -35.43
N ARG G 18 35.34 58.75 -36.46
CA ARG G 18 34.48 57.58 -36.39
C ARG G 18 35.09 56.47 -37.24
N VAL G 19 35.32 55.33 -36.63
CA VAL G 19 36.00 54.20 -37.25
C VAL G 19 35.00 53.06 -37.38
N THR G 20 35.04 52.34 -38.51
CA THR G 20 34.13 51.24 -38.75
C THR G 20 34.89 50.10 -39.43
N ILE G 21 34.81 48.90 -38.85
CA ILE G 21 35.54 47.74 -39.32
C ILE G 21 34.56 46.62 -39.61
N THR G 22 34.61 46.08 -40.83
CA THR G 22 33.69 45.05 -41.28
C THR G 22 34.44 43.74 -41.45
N CYS G 23 34.00 42.70 -40.76
CA CYS G 23 34.60 41.37 -40.86
C CYS G 23 33.53 40.37 -41.29
N ARG G 24 33.73 39.75 -42.44
CA ARG G 24 32.77 38.81 -42.98
C ARG G 24 33.22 37.37 -42.73
N ALA G 25 32.42 36.44 -43.24
CA ALA G 25 32.64 35.01 -43.05
C ALA G 25 32.52 34.30 -44.40
N SER G 26 32.59 32.98 -44.34
CA SER G 26 32.26 32.14 -45.47
C SER G 26 31.00 31.33 -45.26
N HIS G 27 30.41 31.38 -44.07
CA HIS G 27 29.23 30.59 -43.73
C HIS G 27 28.36 31.41 -42.78
N PHE G 28 27.31 30.78 -42.26
CA PHE G 28 26.32 31.45 -41.41
C PHE G 28 26.69 31.22 -39.95
N ILE G 29 27.09 32.30 -39.27
CA ILE G 29 27.71 32.24 -37.96
C ILE G 29 26.94 33.09 -36.94
N ALA G 30 25.61 33.09 -37.03
CA ALA G 30 24.68 34.19 -36.80
C ALA G 30 25.09 35.29 -35.82
N ASN G 31 25.64 34.93 -34.65
CA ASN G 31 26.18 35.95 -33.77
C ASN G 31 27.46 35.52 -33.06
N TYR G 32 28.18 34.54 -33.59
CA TYR G 32 29.25 33.88 -32.84
C TYR G 32 30.62 34.40 -33.26
N VAL G 33 30.90 35.66 -32.93
CA VAL G 33 32.20 36.28 -33.19
C VAL G 33 32.62 37.10 -31.98
N ASN G 34 33.85 36.89 -31.53
CA ASN G 34 34.45 37.70 -30.48
C ASN G 34 35.43 38.70 -31.09
N TRP G 35 35.25 39.98 -30.76
CA TRP G 35 36.03 41.07 -31.35
C TRP G 35 37.20 41.41 -30.43
N TYR G 36 38.42 41.35 -30.98
CA TYR G 36 39.63 41.40 -30.17
C TYR G 36 40.40 42.69 -30.42
N GLN G 37 41.32 42.97 -29.50
CA GLN G 37 42.29 44.06 -29.63
C GLN G 37 43.64 43.57 -29.16
N GLN G 38 44.62 43.56 -30.05
CA GLN G 38 46.00 43.35 -29.64
C GLN G 38 46.80 44.58 -30.03
N LYS G 39 47.23 45.34 -29.04
CA LYS G 39 48.23 46.35 -29.27
C LYS G 39 49.57 45.68 -29.56
N PRO G 40 50.44 46.32 -30.36
CA PRO G 40 51.68 45.65 -30.79
C PRO G 40 52.62 45.35 -29.64
N GLY G 41 53.16 44.13 -29.66
CA GLY G 41 54.00 43.65 -28.59
C GLY G 41 53.27 43.35 -27.30
N LYS G 42 51.96 43.15 -27.36
CA LYS G 42 51.15 42.97 -26.16
C LYS G 42 50.20 41.80 -26.34
N ALA G 43 49.37 41.60 -25.31
CA ALA G 43 48.39 40.54 -25.30
C ALA G 43 47.15 40.93 -26.10
N PRO G 44 46.33 39.97 -26.51
CA PRO G 44 45.01 40.31 -27.06
C PRO G 44 44.09 40.87 -25.98
N THR G 45 43.00 41.48 -26.42
CA THR G 45 41.98 42.00 -25.51
C THR G 45 40.64 41.95 -26.20
N LEU G 46 39.72 41.16 -25.64
CA LEU G 46 38.36 41.09 -26.14
C LEU G 46 37.65 42.41 -25.98
N LEU G 47 36.99 42.86 -27.05
CA LEU G 47 36.26 44.13 -27.04
C LEU G 47 34.75 43.91 -27.10
N ILE G 48 34.29 43.18 -28.11
CA ILE G 48 32.88 42.85 -28.26
C ILE G 48 32.79 41.34 -28.34
N PHE G 49 32.31 40.72 -27.28
CA PHE G 49 32.01 39.30 -27.34
C PHE G 49 30.66 39.09 -28.00
N GLU G 50 30.55 37.97 -28.73
CA GLU G 50 29.33 37.50 -29.36
C GLU G 50 28.77 38.51 -30.37
N SER G 51 29.68 39.26 -30.99
CA SER G 51 29.50 40.11 -32.18
C SER G 51 28.60 41.32 -31.96
N SER G 52 27.99 41.46 -30.79
CA SER G 52 27.12 42.61 -30.54
C SER G 52 27.22 43.19 -29.14
N THR G 53 27.79 42.49 -28.17
CA THR G 53 27.63 42.87 -26.77
C THR G 53 28.94 43.39 -26.21
N LEU G 54 28.87 44.51 -25.49
CA LEU G 54 30.05 45.16 -24.96
C LEU G 54 30.67 44.35 -23.83
N GLN G 55 31.96 44.09 -23.94
CA GLN G 55 32.71 43.49 -22.84
C GLN G 55 32.80 44.46 -21.67
N ARG G 56 32.56 43.95 -20.46
CA ARG G 56 32.69 44.75 -19.26
C ARG G 56 34.14 45.15 -19.04
N GLY G 57 34.38 46.46 -18.96
CA GLY G 57 35.72 47.00 -18.92
C GLY G 57 36.15 47.67 -20.20
N VAL G 58 35.44 47.42 -21.30
CA VAL G 58 35.69 48.09 -22.58
C VAL G 58 34.76 49.29 -22.66
N PRO G 59 35.26 50.48 -23.02
CA PRO G 59 34.41 51.68 -23.02
C PRO G 59 33.34 51.63 -24.11
N SER G 60 32.35 52.51 -23.93
CA SER G 60 31.13 52.50 -24.73
C SER G 60 31.30 53.13 -26.11
N ARG G 61 32.51 53.56 -26.47
CA ARG G 61 32.73 54.16 -27.77
C ARG G 61 32.77 53.14 -28.90
N PHE G 62 32.77 51.85 -28.59
CA PHE G 62 32.84 50.79 -29.60
C PHE G 62 31.44 50.21 -29.81
N SER G 63 31.22 49.64 -30.99
CA SER G 63 29.91 49.09 -31.33
C SER G 63 30.05 48.08 -32.46
N ALA G 64 29.71 46.83 -32.19
CA ALA G 64 29.75 45.81 -33.23
C ALA G 64 28.35 45.23 -33.43
N TYR G 65 28.14 44.66 -34.60
CA TYR G 65 26.85 44.14 -35.05
C TYR G 65 27.12 43.26 -36.26
N GLY G 66 26.06 42.81 -36.92
CA GLY G 66 26.23 42.05 -38.14
C GLY G 66 24.91 41.57 -38.69
N ASP G 67 25.00 40.48 -39.46
CA ASP G 67 23.86 39.96 -40.20
C ASP G 67 23.65 38.46 -40.07
N GLY G 68 24.69 37.70 -39.75
CA GLY G 68 24.67 36.26 -39.86
C GLY G 68 25.92 35.75 -40.55
N THR G 69 26.40 36.49 -41.55
CA THR G 69 27.67 36.19 -42.21
C THR G 69 28.66 37.32 -42.10
N GLU G 70 28.28 38.53 -42.52
CA GLU G 70 29.20 39.66 -42.63
C GLU G 70 28.98 40.61 -41.46
N PHE G 71 29.88 40.56 -40.49
CA PHE G 71 29.72 41.33 -39.26
C PHE G 71 30.50 42.63 -39.36
N THR G 72 30.14 43.59 -38.52
CA THR G 72 30.71 44.93 -38.64
C THR G 72 30.88 45.54 -37.26
N LEU G 73 32.10 45.92 -36.94
CA LEU G 73 32.42 46.73 -35.76
C LEU G 73 32.50 48.20 -36.16
N SER G 74 31.99 49.07 -35.29
CA SER G 74 32.09 50.50 -35.49
C SER G 74 32.55 51.17 -34.20
N ILE G 75 33.23 52.30 -34.35
CA ILE G 75 33.83 53.03 -33.23
C ILE G 75 33.36 54.46 -33.29
N ASN G 76 32.67 54.90 -32.25
CA ASN G 76 32.26 56.31 -32.14
C ASN G 76 32.46 56.71 -30.68
N THR G 77 33.58 57.39 -30.39
CA THR G 77 34.51 57.90 -31.39
C THR G 77 35.94 57.40 -31.20
N LEU G 78 36.85 57.86 -32.04
CA LEU G 78 38.26 57.49 -31.90
C LEU G 78 38.88 58.17 -30.69
N GLN G 79 39.82 57.47 -30.07
CA GLN G 79 40.68 57.98 -29.02
C GLN G 79 42.13 57.74 -29.41
N PRO G 80 43.07 58.59 -28.96
CA PRO G 80 44.47 58.46 -29.42
C PRO G 80 45.17 57.18 -28.99
N GLU G 81 44.62 56.43 -28.04
CA GLU G 81 45.15 55.12 -27.68
C GLU G 81 44.49 53.99 -28.47
N ASP G 82 43.51 54.30 -29.32
CA ASP G 82 42.80 53.26 -30.05
C ASP G 82 43.54 52.78 -31.30
N PHE G 83 44.71 53.36 -31.60
CA PHE G 83 45.48 52.96 -32.79
C PHE G 83 46.17 51.63 -32.49
N ALA G 84 45.40 50.55 -32.64
CA ALA G 84 45.87 49.20 -32.35
C ALA G 84 45.42 48.28 -33.47
N SER G 85 45.69 46.99 -33.30
CA SER G 85 45.27 45.97 -34.25
C SER G 85 44.02 45.30 -33.71
N TYR G 86 42.95 45.32 -34.51
CA TYR G 86 41.64 44.87 -34.08
C TYR G 86 41.28 43.63 -34.89
N ILE G 87 41.02 42.52 -34.21
CA ILE G 87 40.87 41.22 -34.85
C ILE G 87 39.48 40.67 -34.55
N CYS G 88 38.76 40.29 -35.59
CA CYS G 88 37.56 39.50 -35.45
C CYS G 88 37.91 38.02 -35.34
N GLN G 89 37.10 37.28 -34.59
CA GLN G 89 37.36 35.86 -34.42
C GLN G 89 36.07 35.13 -34.11
N GLN G 90 35.81 34.05 -34.84
CA GLN G 90 34.55 33.33 -34.73
C GLN G 90 34.50 32.47 -33.48
N SER G 91 33.29 32.30 -32.96
CA SER G 91 33.05 31.35 -31.88
C SER G 91 31.95 30.38 -32.26
N HIS G 92 31.85 30.04 -33.54
CA HIS G 92 30.77 29.18 -34.00
C HIS G 92 31.20 27.73 -34.14
N SER G 93 32.44 27.51 -34.55
CA SER G 93 32.84 26.15 -34.90
C SER G 93 34.33 25.96 -34.65
N PRO G 94 34.72 24.82 -34.09
CA PRO G 94 36.12 24.44 -34.13
C PRO G 94 36.51 24.02 -35.53
N PRO G 95 37.74 24.32 -35.98
CA PRO G 95 38.82 25.01 -35.28
C PRO G 95 38.66 26.52 -35.21
N VAL G 96 39.34 27.14 -34.25
CA VAL G 96 39.32 28.58 -34.09
C VAL G 96 40.04 29.23 -35.28
N THR G 97 39.32 30.10 -35.98
CA THR G 97 39.91 30.92 -37.03
C THR G 97 39.81 32.39 -36.65
N PHE G 98 40.89 33.11 -36.89
CA PHE G 98 41.01 34.52 -36.55
C PHE G 98 40.77 35.39 -37.77
N GLY G 99 40.76 36.69 -37.56
CA GLY G 99 40.60 37.63 -38.65
C GLY G 99 41.93 38.18 -39.14
N ALA G 100 41.84 39.04 -40.15
CA ALA G 100 43.03 39.62 -40.75
C ALA G 100 43.67 40.67 -39.85
N GLY G 101 42.89 41.30 -38.98
CA GLY G 101 43.39 42.40 -38.19
C GLY G 101 43.40 43.70 -38.97
N THR G 102 43.55 44.80 -38.24
CA THR G 102 43.62 46.13 -38.86
C THR G 102 44.61 46.96 -38.07
N ARG G 103 45.84 47.08 -38.58
CA ARG G 103 46.85 47.94 -37.98
C ARG G 103 46.51 49.38 -38.31
N VAL G 104 46.04 50.12 -37.32
CA VAL G 104 45.49 51.46 -37.52
C VAL G 104 46.56 52.49 -37.16
N ASP G 105 46.91 53.34 -38.12
CA ASP G 105 47.72 54.52 -37.86
C ASP G 105 46.85 55.76 -37.95
N GLN G 106 47.47 56.93 -37.81
CA GLN G 106 46.75 58.19 -37.81
C GLN G 106 46.83 58.84 -39.19
N LYS G 107 45.68 59.28 -39.68
CA LYS G 107 45.64 60.03 -40.93
C LYS G 107 46.34 61.37 -40.75
N ARG G 108 47.30 61.64 -41.62
CA ARG G 108 48.18 62.79 -41.47
C ARG G 108 48.75 63.13 -42.84
N THR G 109 49.79 63.97 -42.85
CA THR G 109 50.47 64.31 -44.09
C THR G 109 51.25 63.12 -44.62
N VAL G 110 51.19 62.94 -45.93
CA VAL G 110 51.91 61.87 -46.61
C VAL G 110 53.39 62.24 -46.64
N ALA G 111 54.19 61.57 -45.81
CA ALA G 111 55.57 61.96 -45.59
C ALA G 111 56.52 61.12 -46.45
N ALA G 112 57.53 61.78 -47.02
CA ALA G 112 58.46 61.01 -47.82
C ALA G 112 59.56 60.40 -46.94
N PRO G 113 60.02 59.19 -47.25
CA PRO G 113 61.07 58.58 -46.42
C PRO G 113 62.42 59.22 -46.63
N SER G 114 63.18 59.32 -45.55
CA SER G 114 64.59 59.68 -45.61
C SER G 114 65.33 58.42 -46.04
N VAL G 115 65.46 58.26 -47.36
CA VAL G 115 65.98 57.02 -47.93
C VAL G 115 67.50 57.07 -47.89
N PHE G 116 68.12 56.00 -47.38
CA PHE G 116 69.56 55.88 -47.32
C PHE G 116 69.97 54.45 -47.61
N ILE G 117 71.20 54.29 -48.07
CA ILE G 117 71.79 52.98 -48.27
C ILE G 117 73.14 52.97 -47.55
N PHE G 118 73.59 51.78 -47.15
CA PHE G 118 74.81 51.68 -46.36
C PHE G 118 75.68 50.49 -46.72
N PRO G 119 76.97 50.71 -46.95
CA PRO G 119 77.91 49.61 -47.03
C PRO G 119 78.16 49.02 -45.65
N PRO G 120 78.39 47.72 -45.55
CA PRO G 120 78.87 47.16 -44.29
C PRO G 120 80.30 47.61 -44.01
N SER G 121 80.65 47.67 -42.73
CA SER G 121 82.00 48.03 -42.34
C SER G 121 82.97 46.92 -42.73
N ASP G 122 84.24 47.27 -42.83
CA ASP G 122 85.21 46.32 -43.35
C ASP G 122 85.65 45.29 -42.32
N GLU G 123 85.41 45.55 -41.03
CA GLU G 123 85.50 44.49 -40.05
C GLU G 123 84.25 43.61 -40.05
N GLN G 124 83.14 44.11 -40.58
CA GLN G 124 82.01 43.25 -40.85
C GLN G 124 82.21 42.48 -42.15
N LEU G 125 82.96 43.05 -43.10
CA LEU G 125 83.55 42.25 -44.16
C LEU G 125 84.50 41.20 -43.61
N LYS G 126 85.24 41.55 -42.54
CA LYS G 126 86.07 40.56 -41.87
C LYS G 126 85.24 39.51 -41.15
N SER G 127 83.99 39.83 -40.80
CA SER G 127 83.05 38.79 -40.38
C SER G 127 82.45 38.04 -41.56
N GLY G 128 82.67 38.53 -42.79
CA GLY G 128 82.17 37.89 -43.98
C GLY G 128 80.80 38.34 -44.43
N THR G 129 79.97 38.83 -43.51
CA THR G 129 78.58 39.17 -43.83
C THR G 129 78.53 40.56 -44.46
N ALA G 130 77.96 40.63 -45.66
CA ALA G 130 77.78 41.90 -46.37
C ALA G 130 76.35 42.37 -46.16
N SER G 131 76.08 42.91 -44.97
CA SER G 131 74.75 43.39 -44.63
C SER G 131 74.54 44.75 -45.28
N VAL G 132 73.97 44.74 -46.47
CA VAL G 132 73.64 45.98 -47.16
C VAL G 132 72.38 46.55 -46.54
N VAL G 133 72.50 47.66 -45.83
CA VAL G 133 71.41 48.25 -45.06
C VAL G 133 70.77 49.36 -45.88
N CYS G 134 69.44 49.29 -46.03
CA CYS G 134 68.69 50.30 -46.75
C CYS G 134 67.80 51.02 -45.73
N LEU G 135 68.20 52.23 -45.36
CA LEU G 135 67.49 52.98 -44.33
C LEU G 135 66.36 53.81 -44.95
N LEU G 136 65.21 53.79 -44.29
CA LEU G 136 64.15 54.75 -44.53
C LEU G 136 63.79 55.38 -43.19
N ASN G 137 63.35 56.63 -43.25
CA ASN G 137 63.01 57.33 -42.01
C ASN G 137 61.94 58.37 -42.30
N ASN G 138 60.98 58.46 -41.37
CA ASN G 138 59.94 59.49 -41.34
C ASN G 138 59.07 59.46 -42.60
N PHE G 139 58.47 58.29 -42.86
CA PHE G 139 57.53 58.19 -43.96
C PHE G 139 56.14 57.83 -43.48
N TYR G 140 55.17 58.42 -44.17
CA TYR G 140 53.79 58.17 -44.03
C TYR G 140 53.29 58.16 -45.46
N PRO G 141 52.46 57.20 -45.86
CA PRO G 141 51.88 56.13 -45.07
C PRO G 141 52.72 54.86 -44.97
N ARG G 142 52.01 53.79 -44.63
CA ARG G 142 52.56 52.45 -44.56
C ARG G 142 53.01 51.93 -45.93
N GLU G 143 52.44 52.46 -47.02
CA GLU G 143 52.68 51.93 -48.35
C GLU G 143 54.09 52.25 -48.84
N ALA G 144 55.02 51.32 -48.58
CA ALA G 144 56.41 51.45 -48.98
C ALA G 144 56.84 50.16 -49.67
N LYS G 145 57.71 50.29 -50.67
CA LYS G 145 58.26 49.14 -51.38
C LYS G 145 59.77 49.26 -51.44
N VAL G 146 60.46 48.17 -51.14
CA VAL G 146 61.92 48.11 -51.18
C VAL G 146 62.31 47.08 -52.23
N GLN G 147 63.11 47.51 -53.21
CA GLN G 147 63.59 46.63 -54.27
C GLN G 147 65.11 46.61 -54.24
N TRP G 148 65.69 45.42 -54.34
CA TRP G 148 67.13 45.23 -54.23
C TRP G 148 67.76 45.00 -55.59
N LYS G 149 69.04 45.39 -55.70
CA LYS G 149 69.84 45.16 -56.91
C LYS G 149 71.27 44.84 -56.50
N VAL G 150 71.78 43.71 -56.96
CA VAL G 150 73.20 43.35 -56.83
C VAL G 150 73.70 43.07 -58.23
N ASP G 151 74.48 44.01 -58.79
CA ASP G 151 74.83 44.08 -60.21
C ASP G 151 73.61 43.95 -61.11
N ASN G 152 72.54 44.66 -60.73
CA ASN G 152 71.22 44.62 -61.36
C ASN G 152 70.68 43.19 -61.42
N ALA G 153 70.80 42.47 -60.32
CA ALA G 153 70.06 41.24 -60.09
C ALA G 153 69.08 41.52 -58.96
N LEU G 154 67.79 41.37 -59.25
CA LEU G 154 66.74 41.76 -58.34
C LEU G 154 66.71 40.79 -57.17
N GLN G 155 67.35 41.18 -56.07
CA GLN G 155 67.55 40.26 -54.96
C GLN G 155 66.30 40.15 -54.10
N SER G 156 66.01 38.93 -53.66
CA SER G 156 64.84 38.65 -52.85
C SER G 156 65.18 37.48 -51.94
N GLY G 157 64.66 37.52 -50.71
CA GLY G 157 64.92 36.49 -49.72
C GLY G 157 66.23 36.65 -48.96
N ASN G 158 67.22 37.31 -49.56
CA ASN G 158 68.49 37.59 -48.91
C ASN G 158 68.50 38.92 -48.17
N SER G 159 67.34 39.38 -47.70
CA SER G 159 67.24 40.63 -46.98
C SER G 159 66.34 40.46 -45.77
N GLN G 160 66.74 41.09 -44.67
CA GLN G 160 65.95 41.09 -43.44
C GLN G 160 65.55 42.53 -43.13
N GLU G 161 64.25 42.77 -43.05
CA GLU G 161 63.71 44.13 -42.96
C GLU G 161 63.16 44.39 -41.57
N SER G 162 63.46 45.58 -41.04
CA SER G 162 62.98 46.00 -39.73
C SER G 162 62.43 47.41 -39.84
N VAL G 163 61.18 47.58 -39.44
CA VAL G 163 60.46 48.84 -39.57
C VAL G 163 60.08 49.32 -38.18
N THR G 164 60.19 50.63 -37.94
CA THR G 164 59.69 51.17 -36.68
C THR G 164 58.16 51.18 -36.68
N GLU G 165 57.60 51.42 -35.49
CA GLU G 165 56.16 51.47 -35.32
C GLU G 165 55.64 52.85 -35.73
N GLN G 166 54.40 53.14 -35.38
CA GLN G 166 53.87 54.48 -35.54
C GLN G 166 54.57 55.43 -34.58
N ASP G 167 55.09 56.52 -35.14
CA ASP G 167 55.85 57.50 -34.38
C ASP G 167 54.92 58.27 -33.43
N SER G 168 55.50 58.84 -32.38
CA SER G 168 54.75 59.74 -31.52
C SER G 168 54.85 61.20 -31.99
N LYS G 169 56.04 61.65 -32.38
CA LYS G 169 56.24 63.06 -32.68
C LYS G 169 55.70 63.47 -34.04
N ASP G 170 55.63 62.55 -35.01
CA ASP G 170 54.96 62.88 -36.27
C ASP G 170 54.14 61.75 -36.87
N SER G 171 53.95 60.62 -36.17
CA SER G 171 53.14 59.47 -36.60
C SER G 171 53.57 58.91 -37.95
N THR G 172 54.87 58.97 -38.24
CA THR G 172 55.44 58.39 -39.44
C THR G 172 56.10 57.06 -39.10
N TYR G 173 56.68 56.42 -40.11
CA TYR G 173 57.40 55.18 -39.91
C TYR G 173 58.86 55.38 -40.30
N SER G 174 59.71 54.47 -39.85
CA SER G 174 61.09 54.41 -40.30
C SER G 174 61.41 52.96 -40.58
N LEU G 175 62.20 52.70 -41.62
CA LEU G 175 62.42 51.35 -42.12
C LEU G 175 63.90 51.06 -42.25
N SER G 176 64.26 49.79 -42.10
CA SER G 176 65.62 49.31 -42.34
C SER G 176 65.53 47.92 -42.95
N SER G 177 65.58 47.85 -44.28
CA SER G 177 65.72 46.59 -44.97
C SER G 177 67.21 46.30 -45.12
N THR G 178 67.65 45.18 -44.55
CA THR G 178 69.08 44.87 -44.45
C THR G 178 69.35 43.63 -45.31
N LEU G 179 69.99 43.85 -46.46
CA LEU G 179 70.28 42.78 -47.42
C LEU G 179 71.39 41.91 -46.88
N THR G 180 71.03 40.75 -46.34
CA THR G 180 72.00 39.83 -45.75
C THR G 180 72.74 39.08 -46.86
N LEU G 181 74.04 39.34 -46.98
CA LEU G 181 74.86 38.71 -48.02
C LEU G 181 76.15 38.17 -47.39
N SER G 182 77.02 37.66 -48.26
CA SER G 182 78.33 37.13 -47.89
C SER G 182 79.43 37.97 -48.54
N LYS G 183 80.67 37.61 -48.25
CA LYS G 183 81.82 38.36 -48.74
C LYS G 183 82.26 37.95 -50.14
N ALA G 184 82.10 36.66 -50.48
CA ALA G 184 82.52 36.17 -51.79
C ALA G 184 81.69 36.80 -52.91
N ASP G 185 80.40 37.01 -52.67
CA ASP G 185 79.58 37.76 -53.60
C ASP G 185 79.55 39.25 -53.28
N TYR G 186 80.10 39.68 -52.14
CA TYR G 186 80.37 41.10 -51.98
C TYR G 186 81.47 41.55 -52.92
N GLU G 187 82.56 40.79 -52.99
CA GLU G 187 83.66 41.12 -53.88
C GLU G 187 83.46 40.58 -55.29
N LYS G 188 82.59 39.59 -55.47
CA LYS G 188 82.27 39.07 -56.79
C LYS G 188 81.25 39.94 -57.53
N HIS G 189 80.77 41.02 -56.92
CA HIS G 189 79.80 41.89 -57.55
C HIS G 189 80.10 43.34 -57.18
N LYS G 190 79.54 44.27 -57.94
CA LYS G 190 79.80 45.68 -57.66
C LYS G 190 78.53 46.48 -57.35
N VAL G 191 77.55 46.51 -58.25
CA VAL G 191 76.50 47.52 -58.21
C VAL G 191 75.47 47.12 -57.15
N TYR G 192 75.47 47.85 -56.03
CA TYR G 192 74.70 47.47 -54.83
C TYR G 192 73.63 48.53 -54.63
N ALA G 193 72.47 48.33 -55.24
CA ALA G 193 71.41 49.33 -55.27
C ALA G 193 70.20 48.87 -54.50
N CYS G 194 69.60 49.80 -53.75
CA CYS G 194 68.32 49.60 -53.06
C CYS G 194 67.31 50.56 -53.67
N GLU G 195 66.39 50.02 -54.47
CA GLU G 195 65.32 50.82 -55.05
C GLU G 195 64.15 50.91 -54.07
N VAL G 196 63.78 52.12 -53.68
CA VAL G 196 62.77 52.34 -52.67
C VAL G 196 61.59 53.09 -53.28
N THR G 197 60.42 52.47 -53.26
CA THR G 197 59.19 53.09 -53.72
C THR G 197 58.30 53.39 -52.51
N HIS G 198 57.80 54.62 -52.43
CA HIS G 198 56.89 55.02 -51.38
C HIS G 198 55.91 56.02 -52.00
N GLN G 199 54.77 56.24 -51.33
CA GLN G 199 53.76 57.15 -51.85
C GLN G 199 54.21 58.60 -51.73
N GLY G 200 54.82 58.96 -50.59
CA GLY G 200 55.43 60.27 -50.44
C GLY G 200 56.57 60.50 -51.40
N LEU G 201 57.25 59.45 -51.82
CA LEU G 201 58.15 59.54 -52.95
C LEU G 201 57.35 59.68 -54.24
N SER G 202 57.82 60.52 -55.15
CA SER G 202 57.18 60.58 -56.46
C SER G 202 57.65 59.44 -57.35
N SER G 203 58.81 58.88 -57.05
CA SER G 203 59.48 57.90 -57.91
C SER G 203 60.10 56.82 -57.05
N PRO G 204 60.41 55.66 -57.64
CA PRO G 204 61.25 54.69 -56.93
C PRO G 204 62.68 55.19 -56.73
N VAL G 205 63.01 55.56 -55.50
CA VAL G 205 64.33 56.10 -55.20
C VAL G 205 65.33 54.95 -55.11
N THR G 206 66.34 54.97 -55.96
CA THR G 206 67.33 53.90 -56.04
C THR G 206 68.65 54.44 -55.51
N LYS G 207 68.82 54.34 -54.18
CA LYS G 207 70.12 54.58 -53.59
C LYS G 207 71.04 53.40 -53.91
N SER G 208 72.33 53.70 -54.07
CA SER G 208 73.26 52.68 -54.52
C SER G 208 74.67 52.98 -54.02
N PHE G 209 75.48 51.92 -53.98
CA PHE G 209 76.91 52.03 -53.73
C PHE G 209 77.60 50.86 -54.43
N ASN G 210 78.90 50.69 -54.16
CA ASN G 210 79.69 49.65 -54.81
C ASN G 210 80.55 48.93 -53.78
N ARG G 211 81.38 48.01 -54.26
CA ARG G 211 82.20 47.14 -53.42
C ARG G 211 83.24 47.99 -52.70
N GLY G 212 83.03 48.20 -51.40
CA GLY G 212 83.89 49.07 -50.61
C GLY G 212 83.54 50.53 -50.69
N GLU G 213 82.78 50.95 -51.71
CA GLU G 213 82.43 52.34 -51.90
C GLU G 213 81.13 52.67 -51.19
N ALA H 1 46.20 39.28 -10.39
CA ALA H 1 45.49 38.25 -9.64
C ALA H 1 45.30 37.01 -10.49
N GLU H 2 44.21 36.99 -11.24
CA GLU H 2 43.93 35.89 -12.16
C GLU H 2 44.88 36.00 -13.34
N GLN H 3 46.02 35.32 -13.24
CA GLN H 3 47.11 35.50 -14.19
C GLN H 3 47.59 34.16 -14.70
N LEU H 4 48.17 34.18 -15.90
CA LEU H 4 48.60 32.99 -16.60
C LEU H 4 50.07 33.15 -16.98
N VAL H 5 50.87 32.15 -16.65
CA VAL H 5 52.32 32.24 -16.78
C VAL H 5 52.78 31.16 -17.75
N GLU H 6 53.24 31.58 -18.93
CA GLU H 6 53.72 30.67 -19.95
C GLU H 6 55.23 30.53 -19.88
N SER H 7 55.70 29.28 -19.86
CA SER H 7 57.12 29.00 -19.87
C SER H 7 57.35 27.64 -20.50
N GLY H 8 58.62 27.29 -20.70
CA GLY H 8 58.95 26.01 -21.27
C GLY H 8 60.16 25.93 -22.16
N GLY H 9 60.75 27.06 -22.52
CA GLY H 9 62.04 27.05 -23.20
C GLY H 9 62.17 28.17 -24.23
N GLY H 10 63.40 28.36 -24.67
CA GLY H 10 63.74 29.29 -25.73
C GLY H 10 64.28 28.59 -26.96
N LEU H 11 65.60 28.58 -27.11
CA LEU H 11 66.24 27.83 -28.20
C LEU H 11 66.11 26.34 -27.95
N VAL H 12 65.42 25.65 -28.85
CA VAL H 12 65.37 24.19 -28.81
C VAL H 12 65.88 23.65 -30.15
N PRO H 13 66.72 22.62 -30.16
CA PRO H 13 67.05 21.95 -31.41
C PRO H 13 65.83 21.23 -31.96
N PRO H 14 65.68 21.20 -33.29
CA PRO H 14 64.53 20.50 -33.87
C PRO H 14 64.60 19.00 -33.66
N GLY H 15 63.42 18.39 -33.52
CA GLY H 15 63.30 16.98 -33.20
C GLY H 15 63.27 16.69 -31.73
N ARG H 16 64.10 17.39 -30.95
CA ARG H 16 64.14 17.22 -29.50
C ARG H 16 62.87 17.80 -28.90
N SER H 17 62.04 16.93 -28.32
CA SER H 17 60.69 17.26 -27.90
C SER H 17 60.67 18.30 -26.79
N LEU H 18 59.52 18.97 -26.66
CA LEU H 18 59.40 20.18 -25.86
C LEU H 18 58.28 20.04 -24.85
N ARG H 19 58.51 20.56 -23.64
CA ARG H 19 57.50 20.68 -22.61
C ARG H 19 57.24 22.15 -22.33
N LEU H 20 55.97 22.54 -22.32
CA LEU H 20 55.57 23.88 -21.94
C LEU H 20 54.85 23.84 -20.60
N SER H 21 54.49 25.01 -20.10
CA SER H 21 53.85 25.12 -18.78
C SER H 21 53.05 26.41 -18.73
N CYS H 22 51.74 26.29 -18.62
CA CYS H 22 50.83 27.43 -18.55
C CYS H 22 50.41 27.59 -17.08
N SER H 23 51.26 28.24 -16.30
CA SER H 23 51.05 28.33 -14.86
C SER H 23 49.99 29.37 -14.54
N ALA H 24 48.94 28.96 -13.83
CA ALA H 24 47.81 29.81 -13.53
C ALA H 24 47.87 30.32 -12.10
N SER H 25 46.97 31.26 -11.81
CA SER H 25 46.85 31.87 -10.50
C SER H 25 45.51 32.59 -10.43
N GLY H 26 45.10 32.92 -9.20
CA GLY H 26 44.07 33.91 -8.98
C GLY H 26 42.64 33.41 -8.92
N PHE H 27 42.36 32.18 -9.36
CA PHE H 27 40.97 31.72 -9.41
C PHE H 27 40.94 30.22 -9.24
N TYR H 28 39.73 29.70 -9.02
CA TYR H 28 39.51 28.26 -8.99
C TYR H 28 39.64 27.73 -10.40
N PHE H 29 40.75 27.03 -10.64
CA PHE H 29 41.20 26.78 -12.01
C PHE H 29 40.41 25.73 -12.80
N PRO H 30 39.95 24.60 -12.25
CA PRO H 30 39.09 23.72 -13.07
C PRO H 30 37.66 24.20 -13.27
N ASP H 31 37.32 25.43 -12.91
CA ASP H 31 36.11 26.05 -13.47
C ASP H 31 36.21 26.24 -14.97
N TYR H 32 37.41 26.53 -15.46
CA TYR H 32 37.60 27.04 -16.81
C TYR H 32 38.30 26.02 -17.69
N ALA H 33 37.87 25.96 -18.95
CA ALA H 33 38.61 25.20 -19.95
C ALA H 33 39.83 25.98 -20.39
N MET H 34 40.78 25.26 -20.99
CA MET H 34 42.06 25.84 -21.37
C MET H 34 42.32 25.64 -22.85
N ALA H 35 43.10 26.55 -23.43
CA ALA H 35 43.43 26.50 -24.83
C ALA H 35 44.83 27.04 -25.07
N TRP H 36 45.37 26.73 -26.25
CA TRP H 36 46.67 27.21 -26.68
C TRP H 36 46.53 27.88 -28.04
N VAL H 37 47.04 29.10 -28.15
CA VAL H 37 47.14 29.82 -29.41
C VAL H 37 48.59 30.19 -29.61
N ARG H 38 49.21 29.68 -30.66
CA ARG H 38 50.55 30.11 -30.96
C ARG H 38 50.51 31.30 -31.90
N GLN H 39 51.68 31.89 -32.12
CA GLN H 39 51.79 33.00 -33.06
C GLN H 39 53.22 33.07 -33.55
N ALA H 40 53.41 32.84 -34.85
CA ALA H 40 54.69 33.11 -35.47
C ALA H 40 54.97 34.61 -35.41
N PRO H 41 56.24 35.00 -35.26
CA PRO H 41 56.57 36.43 -35.14
C PRO H 41 56.29 37.18 -36.43
N GLY H 42 55.62 38.32 -36.29
CA GLY H 42 55.17 39.06 -37.45
C GLY H 42 53.99 38.46 -38.15
N GLN H 43 53.25 37.56 -37.50
CA GLN H 43 52.13 36.89 -38.11
C GLN H 43 50.90 37.02 -37.22
N GLY H 44 49.76 36.59 -37.75
CA GLY H 44 48.54 36.56 -37.00
C GLY H 44 48.52 35.42 -35.99
N LEU H 45 47.46 35.41 -35.18
CA LEU H 45 47.31 34.39 -34.17
C LEU H 45 47.01 33.04 -34.81
N GLN H 46 47.63 31.99 -34.28
CA GLN H 46 47.50 30.64 -34.81
C GLN H 46 47.07 29.73 -33.66
N TRP H 47 45.77 29.48 -33.58
CA TRP H 47 45.23 28.61 -32.55
C TRP H 47 45.72 27.19 -32.74
N VAL H 48 46.09 26.54 -31.64
CA VAL H 48 46.66 25.21 -31.66
C VAL H 48 45.64 24.17 -31.23
N GLY H 49 45.18 24.24 -29.99
CA GLY H 49 44.23 23.28 -29.47
C GLY H 49 43.62 23.84 -28.21
N PHE H 50 42.50 23.25 -27.82
CA PHE H 50 41.93 23.54 -26.51
C PHE H 50 41.95 22.27 -25.68
N MET H 51 41.56 22.42 -24.43
CA MET H 51 41.19 21.29 -23.59
C MET H 51 40.02 21.71 -22.72
N ARG H 52 38.96 20.92 -22.75
CA ARG H 52 37.78 21.20 -21.94
C ARG H 52 38.08 21.02 -20.46
N GLY H 53 37.20 21.59 -19.65
CA GLY H 53 37.16 21.21 -18.25
C GLY H 53 36.67 19.79 -18.08
N TRP H 54 37.00 19.21 -16.92
CA TRP H 54 36.67 17.83 -16.64
C TRP H 54 35.18 17.59 -16.57
N ALA H 55 34.41 18.61 -16.17
CA ALA H 55 32.95 18.49 -16.18
C ALA H 55 32.40 18.44 -17.60
N TYR H 56 33.12 19.03 -18.56
CA TYR H 56 32.82 18.86 -19.97
C TYR H 56 33.56 17.67 -20.57
N GLY H 57 34.11 16.80 -19.74
CA GLY H 57 34.85 15.65 -20.21
C GLY H 57 36.34 15.77 -20.06
N GLY H 58 36.87 16.98 -19.94
CA GLY H 58 38.30 17.15 -20.05
C GLY H 58 38.83 16.94 -21.44
N SER H 59 37.95 17.03 -22.44
CA SER H 59 38.31 16.64 -23.79
C SER H 59 39.20 17.72 -24.43
N ALA H 60 40.18 17.26 -25.19
CA ALA H 60 41.12 18.15 -25.85
C ALA H 60 41.10 17.87 -27.35
N GLN H 61 40.72 18.86 -28.12
CA GLN H 61 40.85 18.79 -29.58
C GLN H 61 41.96 19.75 -30.00
N PHE H 62 42.19 19.80 -31.31
CA PHE H 62 43.31 20.53 -31.85
C PHE H 62 42.88 21.24 -33.13
N ALA H 63 43.82 22.00 -33.70
CA ALA H 63 43.69 22.46 -35.07
C ALA H 63 44.21 21.38 -36.01
N ALA H 64 44.17 21.65 -37.31
CA ALA H 64 44.50 20.63 -38.30
C ALA H 64 45.98 20.32 -38.33
N PHE H 65 46.84 21.34 -38.25
CA PHE H 65 48.26 21.11 -38.15
C PHE H 65 48.64 20.47 -36.82
N ALA H 66 47.88 20.78 -35.77
CA ALA H 66 48.18 20.29 -34.43
C ALA H 66 47.72 18.86 -34.20
N VAL H 67 47.09 18.23 -35.20
CA VAL H 67 46.78 16.81 -35.12
C VAL H 67 48.09 16.03 -35.16
N GLY H 68 48.44 15.41 -34.06
CA GLY H 68 49.66 14.62 -33.95
C GLY H 68 50.91 15.40 -33.54
N LYS H 69 51.00 16.65 -33.97
CA LYS H 69 52.20 17.45 -33.71
C LYS H 69 52.27 17.98 -32.28
N PHE H 70 51.16 17.99 -31.55
CA PHE H 70 51.11 18.61 -30.23
C PHE H 70 50.29 17.77 -29.28
N ALA H 71 50.43 18.06 -27.99
CA ALA H 71 49.71 17.32 -26.95
C ALA H 71 49.54 18.20 -25.72
N ILE H 72 48.29 18.48 -25.37
CA ILE H 72 47.95 19.32 -24.22
C ILE H 72 47.76 18.42 -23.00
N SER H 73 48.16 18.89 -21.83
CA SER H 73 47.84 18.21 -20.58
C SER H 73 47.80 19.23 -19.45
N ARG H 74 46.67 19.32 -18.77
CA ARG H 74 46.51 20.23 -17.65
C ARG H 74 46.75 19.48 -16.34
N ASP H 75 47.00 20.25 -15.29
CA ASP H 75 47.20 19.70 -13.95
C ASP H 75 46.52 20.62 -12.94
N ASP H 76 45.33 20.24 -12.48
CA ASP H 76 44.61 21.04 -11.50
C ASP H 76 45.25 20.98 -10.12
N GLY H 77 46.08 19.97 -9.84
CA GLY H 77 46.81 19.94 -8.58
C GLY H 77 47.84 21.04 -8.44
N ARG H 78 48.31 21.60 -9.57
CA ARG H 78 49.24 22.70 -9.57
C ARG H 78 48.64 23.94 -10.23
N ASN H 79 47.48 23.79 -10.88
CA ASN H 79 46.85 24.81 -11.73
C ASN H 79 47.83 25.25 -12.83
N VAL H 80 48.18 24.27 -13.67
CA VAL H 80 49.14 24.45 -14.74
C VAL H 80 48.72 23.57 -15.90
N VAL H 81 49.04 24.00 -17.11
CA VAL H 81 48.77 23.23 -18.32
C VAL H 81 50.10 22.99 -19.03
N TYR H 82 50.43 21.72 -19.22
CA TYR H 82 51.62 21.35 -19.96
C TYR H 82 51.26 21.10 -21.41
N LEU H 83 52.07 21.64 -22.32
CA LEU H 83 51.93 21.39 -23.74
C LEU H 83 53.15 20.63 -24.23
N ASP H 84 52.92 19.55 -24.96
CA ASP H 84 53.97 18.66 -25.42
C ASP H 84 54.17 18.86 -26.92
N VAL H 85 55.33 19.39 -27.29
CA VAL H 85 55.66 19.53 -28.71
C VAL H 85 56.65 18.45 -29.05
N LYS H 86 56.16 17.30 -29.49
CA LYS H 86 57.05 16.24 -29.92
C LYS H 86 57.41 16.43 -31.39
N ASN H 87 58.67 16.16 -31.71
CA ASN H 87 59.36 16.51 -32.95
C ASN H 87 59.11 17.97 -33.33
N PRO H 88 59.72 18.94 -32.64
CA PRO H 88 59.53 20.34 -33.04
C PRO H 88 60.25 20.62 -34.35
N THR H 89 59.62 21.43 -35.19
CA THR H 89 60.20 21.87 -36.45
C THR H 89 60.43 23.37 -36.40
N PHE H 90 61.28 23.84 -37.33
CA PHE H 90 61.58 25.27 -37.43
C PHE H 90 60.35 26.10 -37.81
N GLU H 91 59.36 25.46 -38.44
CA GLU H 91 58.03 26.05 -38.61
C GLU H 91 57.40 26.43 -37.28
N ASP H 92 57.71 25.70 -36.20
CA ASP H 92 57.11 25.93 -34.90
C ASP H 92 57.88 26.95 -34.06
N THR H 93 58.56 27.89 -34.70
CA THR H 93 59.18 29.00 -34.01
C THR H 93 58.18 30.14 -33.86
N GLY H 94 57.80 30.46 -32.64
CA GLY H 94 56.83 31.52 -32.44
C GLY H 94 56.54 31.75 -30.97
N VAL H 95 55.76 32.80 -30.72
CA VAL H 95 55.34 33.17 -29.38
C VAL H 95 54.05 32.42 -29.07
N TYR H 96 53.99 31.81 -27.88
CA TYR H 96 52.98 30.81 -27.57
C TYR H 96 52.06 31.35 -26.48
N PHE H 97 50.90 31.87 -26.89
CA PHE H 97 49.93 32.36 -25.93
C PHE H 97 49.14 31.20 -25.34
N CYS H 98 48.69 31.40 -24.11
CA CYS H 98 47.84 30.44 -23.41
C CYS H 98 46.78 31.22 -22.67
N ALA H 99 45.52 30.81 -22.81
CA ALA H 99 44.42 31.55 -22.24
C ALA H 99 43.38 30.59 -21.67
N ARG H 100 42.51 31.13 -20.84
CA ARG H 100 41.45 30.40 -20.18
C ARG H 100 40.14 30.69 -20.89
N GLU H 101 39.06 30.11 -20.39
CA GLU H 101 37.74 30.34 -20.96
C GLU H 101 36.88 31.10 -19.97
N GLN H 102 35.92 31.86 -20.49
CA GLN H 102 35.14 32.77 -19.68
C GLN H 102 33.70 32.29 -19.55
N ARG H 103 33.22 32.21 -18.31
CA ARG H 103 31.83 31.89 -18.05
C ARG H 103 30.98 33.17 -18.11
N ASN H 104 29.67 33.01 -18.20
CA ASN H 104 28.80 34.15 -18.42
C ASN H 104 28.55 34.92 -17.12
N LYS H 105 27.57 35.83 -17.15
CA LYS H 105 27.17 36.55 -15.95
C LYS H 105 26.49 35.63 -14.95
N ASP H 106 25.87 34.56 -15.43
CA ASP H 106 25.35 33.51 -14.58
C ASP H 106 26.40 32.46 -14.23
N TYR H 107 27.66 32.69 -14.61
CA TYR H 107 28.80 31.81 -14.39
C TYR H 107 28.54 30.43 -15.00
N ARG H 108 28.49 30.42 -16.32
CA ARG H 108 28.18 29.22 -17.09
C ARG H 108 28.66 29.46 -18.51
N TYR H 109 28.92 28.36 -19.21
CA TYR H 109 29.17 28.44 -20.64
C TYR H 109 27.85 28.25 -21.37
N GLY H 110 27.91 28.07 -22.70
CA GLY H 110 26.70 27.85 -23.45
C GLY H 110 26.21 26.43 -23.36
N GLN H 111 24.89 26.28 -23.28
CA GLN H 111 24.29 24.96 -23.19
C GLN H 111 24.27 24.27 -24.56
N GLU H 112 23.58 24.87 -25.52
CA GLU H 112 23.60 24.37 -26.88
C GLU H 112 24.76 24.98 -27.65
N GLY H 113 24.85 24.62 -28.93
CA GLY H 113 25.97 25.07 -29.72
C GLY H 113 27.25 24.37 -29.30
N PHE H 114 28.39 24.96 -29.68
CA PHE H 114 29.69 24.47 -29.25
C PHE H 114 29.85 24.48 -27.73
N GLY H 115 29.28 25.47 -27.07
CA GLY H 115 29.38 25.64 -25.63
C GLY H 115 30.21 26.83 -25.23
N TYR H 116 31.30 27.09 -25.94
CA TYR H 116 32.23 28.15 -25.57
C TYR H 116 32.01 29.33 -26.49
N SER H 117 31.50 30.43 -25.93
CA SER H 117 31.15 31.60 -26.71
C SER H 117 31.60 32.91 -26.09
N TYR H 118 32.02 32.94 -24.83
CA TYR H 118 32.30 34.18 -24.14
C TYR H 118 33.78 34.55 -24.17
N GLY H 119 34.56 33.93 -25.03
CA GLY H 119 35.92 34.37 -25.29
C GLY H 119 36.90 34.00 -24.19
N MET H 120 38.11 34.53 -24.36
CA MET H 120 39.24 34.25 -23.49
C MET H 120 39.62 35.56 -22.82
N ASP H 121 39.18 35.74 -21.57
CA ASP H 121 39.31 37.04 -20.92
C ASP H 121 40.76 37.32 -20.53
N VAL H 122 41.35 36.48 -19.69
CA VAL H 122 42.74 36.66 -19.27
C VAL H 122 43.65 35.96 -20.27
N TRP H 123 44.59 36.72 -20.81
CA TRP H 123 45.63 36.22 -21.68
C TRP H 123 46.95 36.22 -20.93
N GLY H 124 47.69 35.13 -21.06
CA GLY H 124 48.98 35.05 -20.41
C GLY H 124 50.02 35.90 -21.10
N ARG H 125 51.22 35.91 -20.51
CA ARG H 125 52.34 36.64 -21.08
C ARG H 125 52.81 36.07 -22.41
N GLY H 126 52.58 34.79 -22.65
CA GLY H 126 53.09 34.13 -23.84
C GLY H 126 54.54 33.75 -23.71
N THR H 127 54.88 32.51 -24.02
CA THR H 127 56.27 32.10 -24.03
C THR H 127 56.76 32.04 -25.48
N THR H 128 58.05 32.32 -25.65
CA THR H 128 58.66 32.41 -26.97
C THR H 128 59.65 31.27 -27.11
N VAL H 129 59.40 30.38 -28.07
CA VAL H 129 60.25 29.22 -28.32
C VAL H 129 60.80 29.35 -29.73
N VAL H 130 62.11 29.27 -29.85
CA VAL H 130 62.79 29.27 -31.15
C VAL H 130 63.31 27.87 -31.39
N VAL H 131 62.83 27.22 -32.46
CA VAL H 131 63.21 25.85 -32.74
C VAL H 131 64.43 25.91 -33.65
N SER H 132 65.61 26.02 -33.03
CA SER H 132 66.85 26.12 -33.78
C SER H 132 68.01 25.72 -32.88
N THR H 133 69.12 25.35 -33.53
CA THR H 133 70.33 24.89 -32.85
C THR H 133 71.32 26.01 -32.59
N ALA H 134 70.85 27.23 -32.36
CA ALA H 134 71.72 28.34 -32.05
C ALA H 134 72.19 28.26 -30.60
N SER H 135 72.88 29.30 -30.14
CA SER H 135 73.39 29.33 -28.78
C SER H 135 73.26 30.73 -28.20
N THR H 136 73.22 30.79 -26.87
CA THR H 136 73.27 32.05 -26.16
C THR H 136 74.63 32.70 -26.38
N LYS H 137 74.63 33.92 -26.91
CA LYS H 137 75.88 34.55 -27.30
C LYS H 137 75.73 36.05 -27.27
N GLY H 138 76.88 36.72 -27.14
CA GLY H 138 76.95 38.15 -27.33
C GLY H 138 76.84 38.50 -28.78
N PRO H 139 76.42 39.73 -29.08
CA PRO H 139 76.22 40.12 -30.47
C PRO H 139 77.52 40.47 -31.18
N SER H 140 77.52 40.22 -32.48
CA SER H 140 78.57 40.69 -33.37
C SER H 140 78.17 42.08 -33.83
N VAL H 141 78.37 43.06 -32.97
CA VAL H 141 77.98 44.43 -33.26
C VAL H 141 78.98 45.02 -34.25
N PHE H 142 78.49 45.41 -35.42
CA PHE H 142 79.32 46.07 -36.41
C PHE H 142 78.67 47.39 -36.78
N PRO H 143 79.42 48.47 -36.86
CA PRO H 143 78.84 49.77 -37.23
C PRO H 143 78.54 49.83 -38.72
N LEU H 144 77.90 50.92 -39.11
CA LEU H 144 77.47 51.13 -40.49
C LEU H 144 78.18 52.34 -41.07
N ALA H 145 78.91 52.12 -42.15
CA ALA H 145 79.60 53.21 -42.84
C ALA H 145 78.60 54.03 -43.63
N PRO H 146 78.50 55.35 -43.40
CA PRO H 146 77.65 56.23 -44.20
C PRO H 146 78.10 56.33 -45.66
N THR H 155 72.35 65.97 -44.62
CA THR H 155 72.17 65.05 -43.50
C THR H 155 72.17 63.61 -43.96
N ALA H 156 73.22 62.89 -43.59
CA ALA H 156 73.33 61.45 -43.81
C ALA H 156 72.78 60.75 -42.56
N ALA H 157 73.10 59.47 -42.40
CA ALA H 157 72.92 58.80 -41.13
C ALA H 157 74.03 57.78 -40.96
N LEU H 158 73.96 57.04 -39.87
CA LEU H 158 74.87 55.94 -39.59
C LEU H 158 74.16 54.97 -38.66
N GLY H 159 74.84 53.90 -38.31
CA GLY H 159 74.20 52.90 -37.46
C GLY H 159 75.18 51.86 -36.97
N CYS H 160 74.63 50.92 -36.20
CA CYS H 160 75.35 49.74 -35.74
C CYS H 160 74.43 48.54 -35.86
N LEU H 161 74.86 47.53 -36.62
CA LEU H 161 74.10 46.29 -36.73
C LEU H 161 74.43 45.41 -35.54
N VAL H 162 73.49 45.32 -34.60
CA VAL H 162 73.67 44.49 -33.41
C VAL H 162 73.24 43.09 -33.83
N LYS H 163 74.19 42.36 -34.40
CA LYS H 163 73.93 41.14 -35.14
C LYS H 163 74.34 39.94 -34.30
N ASP H 164 73.55 38.85 -34.41
CA ASP H 164 73.91 37.52 -33.91
C ASP H 164 74.10 37.47 -32.40
N TYR H 165 73.01 37.73 -31.68
CA TYR H 165 72.98 37.46 -30.26
C TYR H 165 71.80 36.57 -29.91
N PHE H 166 71.88 36.02 -28.70
CA PHE H 166 70.79 35.36 -28.03
C PHE H 166 71.12 35.53 -26.55
N PRO H 167 70.13 35.85 -25.70
CA PRO H 167 68.77 36.21 -26.07
C PRO H 167 68.50 37.70 -26.07
N GLU H 168 67.21 38.02 -26.26
CA GLU H 168 66.73 39.37 -26.07
C GLU H 168 66.93 39.78 -24.61
N PRO H 169 67.31 41.04 -24.32
CA PRO H 169 67.69 42.12 -25.23
C PRO H 169 69.15 42.56 -25.21
N VAL H 170 69.44 43.51 -26.07
CA VAL H 170 70.58 44.40 -25.92
C VAL H 170 70.05 45.78 -25.54
N THR H 171 70.95 46.69 -25.20
CA THR H 171 70.59 48.09 -24.98
C THR H 171 71.66 49.00 -25.56
N VAL H 172 71.36 49.62 -26.69
CA VAL H 172 72.30 50.43 -27.46
C VAL H 172 72.21 51.87 -26.96
N SER H 173 73.36 52.49 -26.69
CA SER H 173 73.42 53.88 -26.31
C SER H 173 74.53 54.58 -27.10
N TRP H 174 74.14 55.61 -27.84
CA TRP H 174 75.05 56.29 -28.77
C TRP H 174 75.90 57.29 -27.98
N ASN H 175 77.21 57.02 -27.94
CA ASN H 175 78.18 57.69 -27.06
C ASN H 175 77.70 57.66 -25.61
N SER H 176 77.23 56.47 -25.19
CA SER H 176 76.64 56.22 -23.87
C SER H 176 75.47 57.16 -23.57
N GLY H 177 74.61 57.32 -24.57
CA GLY H 177 73.44 58.15 -24.43
C GLY H 177 73.67 59.63 -24.62
N ALA H 178 74.91 60.06 -24.88
CA ALA H 178 75.17 61.47 -25.14
C ALA H 178 74.64 61.90 -26.51
N LEU H 179 74.49 60.95 -27.43
CA LEU H 179 73.84 61.21 -28.71
C LEU H 179 72.46 60.57 -28.69
N THR H 180 71.42 61.38 -28.88
CA THR H 180 70.05 60.90 -29.01
C THR H 180 69.30 61.43 -30.22
N SER H 181 69.85 62.42 -30.92
CA SER H 181 69.11 63.15 -31.95
C SER H 181 68.98 62.31 -33.21
N GLY H 182 67.83 61.67 -33.38
CA GLY H 182 67.57 60.88 -34.56
C GLY H 182 67.71 59.39 -34.39
N VAL H 183 67.81 58.90 -33.15
CA VAL H 183 68.02 57.47 -32.90
C VAL H 183 66.75 56.71 -33.24
N HIS H 184 66.83 55.85 -34.25
CA HIS H 184 65.77 54.92 -34.59
C HIS H 184 66.34 53.53 -34.41
N THR H 185 66.29 53.03 -33.18
CA THR H 185 66.71 51.67 -32.89
C THR H 185 65.62 50.72 -33.38
N PHE H 186 65.89 50.06 -34.50
CA PHE H 186 64.90 49.17 -35.10
C PHE H 186 64.79 47.89 -34.28
N PRO H 187 63.64 47.21 -34.33
CA PRO H 187 63.50 45.93 -33.63
C PRO H 187 64.42 44.86 -34.19
N ALA H 188 64.79 43.93 -33.31
CA ALA H 188 65.71 42.87 -33.69
C ALA H 188 65.00 41.82 -34.55
N VAL H 189 65.59 41.50 -35.68
CA VAL H 189 65.08 40.45 -36.56
C VAL H 189 65.93 39.20 -36.35
N LEU H 190 65.27 38.05 -36.30
CA LEU H 190 65.97 36.78 -36.19
C LEU H 190 66.53 36.37 -37.55
N GLN H 191 67.26 35.26 -37.53
CA GLN H 191 67.87 34.72 -38.74
C GLN H 191 67.44 33.28 -38.93
N SER H 192 67.98 32.66 -39.98
CA SER H 192 67.77 31.22 -40.18
C SER H 192 68.51 30.41 -39.12
N SER H 193 69.61 30.96 -38.59
CA SER H 193 70.25 30.36 -37.43
C SER H 193 69.39 30.50 -36.18
N GLY H 194 68.54 31.51 -36.14
CA GLY H 194 67.79 31.83 -34.94
C GLY H 194 68.42 32.89 -34.07
N LEU H 195 69.41 33.62 -34.59
CA LEU H 195 70.12 34.63 -33.84
C LEU H 195 69.52 35.99 -34.11
N TYR H 196 69.44 36.80 -33.05
CA TYR H 196 68.90 38.15 -33.17
C TYR H 196 69.88 39.05 -33.92
N SER H 197 69.38 39.70 -34.97
CA SER H 197 70.12 40.76 -35.65
C SER H 197 69.35 42.04 -35.45
N LEU H 198 69.84 42.90 -34.56
CA LEU H 198 69.18 44.16 -34.25
C LEU H 198 69.81 45.28 -35.05
N SER H 199 68.97 46.17 -35.56
CA SER H 199 69.41 47.39 -36.23
C SER H 199 69.18 48.56 -35.29
N SER H 200 70.18 49.44 -35.19
CA SER H 200 70.05 50.67 -34.42
C SER H 200 70.77 51.75 -35.20
N VAL H 201 70.03 52.76 -35.65
CA VAL H 201 70.59 53.83 -36.46
C VAL H 201 70.40 55.15 -35.72
N VAL H 202 71.03 56.19 -36.26
CA VAL H 202 70.80 57.57 -35.83
C VAL H 202 71.10 58.49 -37.00
N THR H 203 70.20 59.44 -37.24
CA THR H 203 70.41 60.42 -38.31
C THR H 203 71.43 61.44 -37.85
N VAL H 204 72.68 61.21 -38.21
CA VAL H 204 73.78 62.13 -37.96
C VAL H 204 73.90 63.04 -39.17
N PRO H 205 73.83 64.36 -39.01
CA PRO H 205 73.96 65.27 -40.15
C PRO H 205 75.34 65.16 -40.80
N SER H 206 75.35 65.11 -42.14
CA SER H 206 76.51 64.74 -42.93
C SER H 206 77.67 65.71 -42.80
N SER H 207 77.44 66.92 -42.30
CA SER H 207 78.53 67.81 -41.95
C SER H 207 79.28 67.34 -40.70
N SER H 208 78.68 66.47 -39.89
CA SER H 208 79.29 66.01 -38.65
C SER H 208 79.61 64.51 -38.67
N LEU H 209 79.77 63.91 -39.84
CA LEU H 209 80.18 62.50 -39.92
C LEU H 209 81.65 62.35 -39.56
N GLN H 212 81.28 63.91 -34.52
CA GLN H 212 82.09 63.26 -33.50
C GLN H 212 82.36 61.80 -33.87
N THR H 213 83.16 61.14 -33.05
CA THR H 213 83.27 59.68 -33.13
C THR H 213 82.08 59.07 -32.40
N TYR H 214 81.22 58.40 -33.14
CA TYR H 214 79.98 57.88 -32.57
C TYR H 214 80.18 56.43 -32.17
N ILE H 215 80.24 56.20 -30.87
CA ILE H 215 80.43 54.87 -30.31
C ILE H 215 79.07 54.38 -29.84
N CYS H 216 78.51 53.40 -30.55
CA CYS H 216 77.33 52.72 -30.03
C CYS H 216 77.74 51.84 -28.86
N ASN H 217 77.26 52.19 -27.67
CA ASN H 217 77.62 51.49 -26.45
C ASN H 217 76.47 50.53 -26.14
N VAL H 218 76.50 49.37 -26.79
CA VAL H 218 75.44 48.39 -26.62
C VAL H 218 75.72 47.66 -25.32
N ASN H 219 74.75 46.89 -24.82
CA ASN H 219 75.00 46.03 -23.66
C ASN H 219 74.04 44.86 -23.74
N HIS H 220 74.56 43.67 -24.01
CA HIS H 220 73.73 42.46 -24.01
C HIS H 220 73.84 41.81 -22.64
N LYS H 221 73.12 42.40 -21.68
CA LYS H 221 73.11 41.93 -20.29
C LYS H 221 72.72 40.47 -20.06
N PRO H 222 71.93 39.78 -20.90
CA PRO H 222 71.83 38.31 -20.73
C PRO H 222 73.15 37.57 -20.93
N SER H 223 74.06 38.06 -21.76
CA SER H 223 75.41 37.50 -21.80
C SER H 223 76.46 38.51 -21.34
N ASN H 224 76.02 39.66 -20.79
CA ASN H 224 76.88 40.72 -20.25
C ASN H 224 77.86 41.24 -21.30
N THR H 225 77.40 41.29 -22.55
CA THR H 225 78.25 41.65 -23.68
C THR H 225 77.98 43.11 -24.02
N LYS H 226 78.88 43.99 -23.59
CA LYS H 226 78.76 45.41 -23.81
C LYS H 226 79.80 45.82 -24.86
N VAL H 227 79.40 45.80 -26.14
CA VAL H 227 80.27 46.15 -27.24
C VAL H 227 80.17 47.65 -27.46
N ASP H 228 81.32 48.32 -27.48
CA ASP H 228 81.40 49.76 -27.67
C ASP H 228 82.04 49.99 -29.03
N LYS H 229 81.23 49.98 -30.08
CA LYS H 229 81.70 50.04 -31.46
C LYS H 229 81.62 51.47 -31.97
N ARG H 230 82.77 52.05 -32.26
CA ARG H 230 82.81 53.36 -32.91
C ARG H 230 82.41 53.23 -34.37
N VAL H 231 81.63 54.22 -34.85
CA VAL H 231 81.14 54.22 -36.21
C VAL H 231 82.09 55.06 -37.06
N GLU H 232 82.52 54.50 -38.19
CA GLU H 232 83.38 55.20 -39.12
C GLU H 232 82.95 54.89 -40.55
N PRO H 233 82.96 55.90 -41.45
CA PRO H 233 82.70 55.67 -42.88
C PRO H 233 83.79 54.85 -43.57
N ASP I 1 21.89 22.90 -52.34
CA ASP I 1 22.56 21.62 -52.18
C ASP I 1 23.95 21.78 -51.60
N ILE I 2 24.41 20.76 -50.89
CA ILE I 2 25.74 20.75 -50.32
C ILE I 2 26.66 20.08 -51.34
N HIS I 3 27.62 20.83 -51.88
CA HIS I 3 28.41 20.38 -53.01
C HIS I 3 29.81 20.00 -52.56
N MET I 4 30.33 18.93 -53.16
CA MET I 4 31.69 18.46 -52.90
C MET I 4 32.57 18.89 -54.06
N THR I 5 33.58 19.69 -53.77
CA THR I 5 34.60 20.03 -54.76
C THR I 5 35.88 19.34 -54.33
N GLN I 6 36.16 18.21 -54.97
CA GLN I 6 37.26 17.33 -54.57
C GLN I 6 38.53 17.77 -55.26
N SER I 7 39.61 17.89 -54.48
CA SER I 7 40.88 18.36 -54.99
C SER I 7 41.95 17.29 -54.80
N PRO I 8 42.81 17.05 -55.80
CA PRO I 8 42.81 17.70 -57.11
C PRO I 8 41.88 17.03 -58.12
N VAL I 9 42.05 17.40 -59.39
CA VAL I 9 41.25 16.79 -60.46
C VAL I 9 41.96 15.58 -61.03
N SER I 10 43.26 15.69 -61.28
CA SER I 10 44.11 14.57 -61.60
C SER I 10 45.33 14.61 -60.71
N LEU I 11 46.07 13.51 -60.67
CA LEU I 11 47.23 13.42 -59.81
C LEU I 11 48.28 12.53 -60.46
N SER I 12 49.54 12.87 -60.25
CA SER I 12 50.66 12.13 -60.83
C SER I 12 51.73 11.92 -59.78
N ALA I 13 52.10 10.67 -59.57
CA ALA I 13 53.17 10.30 -58.66
C ALA I 13 53.85 9.06 -59.24
N SER I 14 54.64 8.36 -58.45
CA SER I 14 55.28 7.15 -58.92
C SER I 14 55.14 6.06 -57.88
N VAL I 15 55.65 4.88 -58.20
CA VAL I 15 55.48 3.65 -57.41
C VAL I 15 56.14 3.85 -56.06
N GLY I 16 55.31 3.90 -55.01
CA GLY I 16 55.83 4.13 -53.69
C GLY I 16 56.00 5.60 -53.34
N ASP I 17 55.03 6.41 -53.74
CA ASP I 17 54.99 7.81 -53.32
C ASP I 17 53.93 8.00 -52.25
N ARG I 18 53.82 9.23 -51.76
CA ARG I 18 52.78 9.60 -50.81
C ARG I 18 51.77 10.49 -51.49
N VAL I 19 50.51 10.08 -51.45
CA VAL I 19 49.41 10.76 -52.15
C VAL I 19 48.47 11.34 -51.11
N THR I 20 47.97 12.54 -51.36
CA THR I 20 47.05 13.20 -50.43
C THR I 20 45.96 13.89 -51.22
N ILE I 21 44.70 13.62 -50.87
CA ILE I 21 43.54 14.13 -51.59
C ILE I 21 42.64 14.85 -50.61
N THR I 22 42.32 16.12 -50.91
CA THR I 22 41.52 16.96 -50.03
C THR I 22 40.17 17.22 -50.68
N CYS I 23 39.10 16.87 -49.97
CA CYS I 23 37.74 17.10 -50.44
C CYS I 23 37.00 17.95 -49.42
N ARG I 24 36.55 19.13 -49.85
CA ARG I 24 35.87 20.04 -48.96
C ARG I 24 34.36 20.00 -49.19
N ALA I 25 33.65 20.85 -48.46
CA ALA I 25 32.20 20.92 -48.48
C ALA I 25 31.76 22.36 -48.64
N SER I 26 30.45 22.56 -48.56
CA SER I 26 29.88 23.89 -48.44
C SER I 26 29.23 24.13 -47.09
N HIS I 27 29.16 23.12 -46.23
CA HIS I 27 28.51 23.22 -44.93
C HIS I 27 29.26 22.34 -43.94
N PHE I 28 28.71 22.23 -42.74
CA PHE I 28 29.35 21.51 -41.64
C PHE I 28 28.83 20.08 -41.61
N ILE I 29 29.71 19.13 -41.91
CA ILE I 29 29.34 17.74 -42.18
C ILE I 29 30.10 16.77 -41.27
N ALA I 30 30.30 17.16 -40.01
CA ALA I 30 31.48 16.94 -39.15
C ALA I 30 32.32 15.69 -39.41
N ASN I 31 31.69 14.53 -39.61
CA ASN I 31 32.46 13.36 -40.02
C ASN I 31 31.73 12.47 -41.02
N TYR I 32 30.76 13.01 -41.76
CA TYR I 32 29.83 12.20 -42.53
C TYR I 32 30.21 12.17 -44.01
N VAL I 33 31.35 11.54 -44.31
CA VAL I 33 31.80 11.36 -45.69
C VAL I 33 32.34 9.96 -45.88
N ASN I 34 31.89 9.27 -46.93
CA ASN I 34 32.41 7.98 -47.32
C ASN I 34 33.34 8.14 -48.52
N TRP I 35 34.55 7.60 -48.40
CA TRP I 35 35.59 7.77 -49.40
C TRP I 35 35.61 6.56 -50.33
N TYR I 36 35.47 6.81 -51.63
CA TYR I 36 35.22 5.76 -52.60
C TYR I 36 36.40 5.56 -53.53
N GLN I 37 36.38 4.42 -54.20
CA GLN I 37 37.31 4.10 -55.28
C GLN I 37 36.56 3.44 -56.41
N GLN I 38 36.57 4.06 -57.58
CA GLN I 38 36.10 3.40 -58.78
C GLN I 38 37.24 3.34 -59.78
N LYS I 39 37.74 2.15 -60.02
CA LYS I 39 38.63 1.93 -61.13
C LYS I 39 37.83 2.05 -62.43
N PRO I 40 38.46 2.47 -63.53
CA PRO I 40 37.71 2.73 -64.76
C PRO I 40 37.08 1.49 -65.35
N GLY I 41 35.82 1.63 -65.75
CA GLY I 41 35.06 0.50 -66.25
C GLY I 41 34.64 -0.49 -65.19
N LYS I 42 34.65 -0.09 -63.92
CA LYS I 42 34.39 -1.01 -62.83
C LYS I 42 33.41 -0.39 -61.84
N ALA I 43 33.16 -1.13 -60.77
CA ALA I 43 32.25 -0.71 -59.71
C ALA I 43 32.97 0.26 -58.77
N PRO I 44 32.21 1.03 -57.98
CA PRO I 44 32.83 1.78 -56.88
C PRO I 44 33.33 0.84 -55.78
N THR I 45 34.16 1.40 -54.90
CA THR I 45 34.65 0.66 -53.74
C THR I 45 34.92 1.64 -52.61
N LEU I 46 34.17 1.47 -51.52
CA LEU I 46 34.39 2.28 -50.33
C LEU I 46 35.76 2.02 -49.73
N LEU I 47 36.48 3.09 -49.41
CA LEU I 47 37.81 2.99 -48.83
C LEU I 47 37.83 3.45 -47.38
N ILE I 48 37.36 4.66 -47.11
CA ILE I 48 37.28 5.19 -45.76
C ILE I 48 35.82 5.59 -45.54
N PHE I 49 35.10 4.82 -44.75
CA PHE I 49 33.78 5.23 -44.35
C PHE I 49 33.87 6.21 -43.19
N GLU I 50 32.93 7.15 -43.16
CA GLU I 50 32.75 8.13 -42.09
C GLU I 50 33.98 9.02 -41.91
N SER I 51 34.70 9.25 -43.02
CA SER I 51 35.75 10.24 -43.21
C SER I 51 37.04 10.00 -42.42
N SER I 52 37.05 8.99 -41.55
CA SER I 52 38.25 8.72 -40.76
C SER I 52 38.57 7.25 -40.57
N THR I 53 37.64 6.33 -40.81
CA THR I 53 37.79 4.96 -40.33
C THR I 53 38.01 4.03 -41.50
N LEU I 54 38.98 3.14 -41.36
CA LEU I 54 39.36 2.23 -42.44
C LEU I 54 38.29 1.17 -42.66
N GLN I 55 37.87 1.03 -43.91
CA GLN I 55 36.99 -0.07 -44.29
C GLN I 55 37.72 -1.40 -44.18
N ARG I 56 37.05 -2.38 -43.59
CA ARG I 56 37.60 -3.73 -43.49
C ARG I 56 37.75 -4.34 -44.88
N GLY I 57 38.97 -4.74 -45.21
CA GLY I 57 39.30 -5.19 -46.55
C GLY I 57 40.12 -4.20 -47.35
N VAL I 58 40.16 -2.95 -46.92
CA VAL I 58 40.98 -1.92 -47.55
C VAL I 58 42.32 -1.87 -46.80
N PRO I 59 43.46 -1.89 -47.48
CA PRO I 59 44.74 -1.92 -46.78
C PRO I 59 45.05 -0.64 -46.02
N SER I 60 46.02 -0.76 -45.11
CA SER I 60 46.33 0.28 -44.14
C SER I 60 47.14 1.43 -44.72
N ARG I 61 47.44 1.41 -46.01
CA ARG I 61 48.22 2.48 -46.61
C ARG I 61 47.42 3.75 -46.83
N PHE I 62 46.11 3.72 -46.62
CA PHE I 62 45.24 4.87 -46.83
C PHE I 62 44.92 5.51 -45.49
N SER I 63 44.59 6.80 -45.51
CA SER I 63 44.30 7.54 -44.29
C SER I 63 43.49 8.78 -44.61
N ALA I 64 42.27 8.86 -44.09
CA ALA I 64 41.46 10.04 -44.28
C ALA I 64 41.13 10.66 -42.93
N TYR I 65 40.80 11.95 -42.98
CA TYR I 65 40.55 12.77 -41.79
C TYR I 65 39.87 14.05 -42.27
N GLY I 66 39.70 15.00 -41.36
CA GLY I 66 39.14 16.27 -41.77
C GLY I 66 38.96 17.21 -40.59
N ASP I 67 38.01 18.13 -40.76
CA ASP I 67 37.79 19.21 -39.80
C ASP I 67 36.35 19.44 -39.42
N GLY I 68 35.40 19.04 -40.26
CA GLY I 68 34.02 19.44 -40.13
C GLY I 68 33.45 19.91 -41.46
N THR I 69 34.28 20.61 -42.24
CA THR I 69 33.91 21.01 -43.60
C THR I 69 34.87 20.44 -44.64
N GLU I 70 36.17 20.69 -44.51
CA GLU I 70 37.16 20.36 -45.52
C GLU I 70 37.91 19.10 -45.11
N PHE I 71 37.56 17.98 -45.72
CA PHE I 71 38.12 16.70 -45.33
C PHE I 71 39.30 16.35 -46.25
N THR I 72 40.14 15.44 -45.78
CA THR I 72 41.38 15.15 -46.48
C THR I 72 41.73 13.68 -46.36
N LEU I 73 41.86 13.01 -47.50
CA LEU I 73 42.40 11.66 -47.58
C LEU I 73 43.89 11.72 -47.91
N SER I 74 44.66 10.84 -47.28
CA SER I 74 46.08 10.72 -47.58
C SER I 74 46.44 9.25 -47.76
N ILE I 75 47.47 9.00 -48.55
CA ILE I 75 47.89 7.66 -48.93
C ILE I 75 49.37 7.53 -48.63
N ASN I 76 49.73 6.60 -47.74
CA ASN I 76 51.13 6.31 -47.46
C ASN I 76 51.25 4.79 -47.34
N THR I 77 51.70 4.13 -48.40
CA THR I 77 52.24 4.76 -49.60
C THR I 77 51.50 4.35 -50.88
N LEU I 78 51.96 4.86 -52.02
CA LEU I 78 51.37 4.48 -53.29
C LEU I 78 51.75 3.05 -53.65
N GLN I 79 50.82 2.38 -54.34
CA GLN I 79 51.01 1.08 -54.95
C GLN I 79 50.64 1.18 -56.42
N PRO I 80 51.25 0.35 -57.29
CA PRO I 80 51.00 0.49 -58.74
C PRO I 80 49.58 0.18 -59.19
N GLU I 81 48.77 -0.44 -58.34
CA GLU I 81 47.35 -0.65 -58.63
C GLU I 81 46.49 0.49 -58.09
N ASP I 82 47.07 1.45 -57.39
CA ASP I 82 46.29 2.54 -56.78
C ASP I 82 45.93 3.64 -57.77
N PHE I 83 46.37 3.56 -59.02
CA PHE I 83 46.08 4.57 -60.03
C PHE I 83 44.63 4.41 -60.47
N ALA I 84 43.71 4.95 -59.67
CA ALA I 84 42.29 4.83 -59.92
C ALA I 84 41.64 6.18 -59.68
N SER I 85 40.31 6.23 -59.77
CA SER I 85 39.54 7.42 -59.50
C SER I 85 38.97 7.33 -58.09
N TYR I 86 39.29 8.33 -57.27
CA TYR I 86 38.96 8.32 -55.85
C TYR I 86 37.95 9.42 -55.58
N ILE I 87 36.79 9.06 -55.06
CA ILE I 87 35.65 9.96 -54.95
C ILE I 87 35.26 10.10 -53.48
N CYS I 88 35.17 11.34 -53.02
CA CYS I 88 34.55 11.64 -51.73
C CYS I 88 33.04 11.75 -51.91
N GLN I 89 32.31 11.37 -50.86
CA GLN I 89 30.86 11.44 -50.94
C GLN I 89 30.28 11.59 -49.54
N GLN I 90 29.39 12.56 -49.36
CA GLN I 90 28.86 12.88 -48.06
C GLN I 90 27.81 11.89 -47.61
N SER I 91 27.74 11.69 -46.29
CA SER I 91 26.66 10.91 -45.70
C SER I 91 25.93 11.72 -44.63
N HIS I 92 25.83 13.03 -44.83
CA HIS I 92 25.24 13.90 -43.82
C HIS I 92 23.79 14.21 -44.13
N SER I 93 23.45 14.37 -45.41
CA SER I 93 22.14 14.89 -45.76
C SER I 93 21.70 14.34 -47.10
N PRO I 94 20.43 13.94 -47.22
CA PRO I 94 19.86 13.74 -48.55
C PRO I 94 19.64 15.08 -49.22
N PRO I 95 19.83 15.17 -50.55
CA PRO I 95 20.22 14.11 -51.49
C PRO I 95 21.72 13.78 -51.46
N VAL I 96 22.04 12.58 -51.94
CA VAL I 96 23.43 12.14 -52.03
C VAL I 96 24.15 12.98 -53.06
N THR I 97 25.23 13.63 -52.65
CA THR I 97 26.12 14.33 -53.56
C THR I 97 27.50 13.70 -53.51
N PHE I 98 28.10 13.53 -54.69
CA PHE I 98 29.40 12.89 -54.85
C PHE I 98 30.47 13.96 -55.02
N GLY I 99 31.73 13.49 -55.08
CA GLY I 99 32.85 14.38 -55.30
C GLY I 99 33.28 14.42 -56.75
N ALA I 100 34.30 15.23 -57.00
CA ALA I 100 34.79 15.41 -58.36
C ALA I 100 35.57 14.20 -58.84
N GLY I 101 36.15 13.42 -57.94
CA GLY I 101 37.01 12.34 -58.33
C GLY I 101 38.41 12.82 -58.67
N THR I 102 39.34 11.86 -58.73
CA THR I 102 40.72 12.17 -59.09
C THR I 102 41.27 11.02 -59.93
N ARG I 103 41.28 11.20 -61.25
CA ARG I 103 41.87 10.22 -62.16
C ARG I 103 43.38 10.33 -62.06
N VAL I 104 44.00 9.34 -61.42
CA VAL I 104 45.42 9.39 -61.08
C VAL I 104 46.20 8.59 -62.12
N ASP I 105 47.15 9.26 -62.78
CA ASP I 105 48.13 8.58 -63.61
C ASP I 105 49.50 8.62 -62.91
N GLN I 106 50.51 8.12 -63.60
CA GLN I 106 51.85 8.02 -63.04
C GLN I 106 52.71 9.18 -63.52
N LYS I 107 53.39 9.83 -62.58
CA LYS I 107 54.34 10.88 -62.93
C LYS I 107 55.51 10.27 -63.69
N ARG I 108 55.78 10.84 -64.86
CA ARG I 108 56.75 10.26 -65.78
C ARG I 108 57.23 11.36 -66.71
N THR I 109 57.91 10.96 -67.79
CA THR I 109 58.35 11.91 -68.79
C THR I 109 57.16 12.48 -69.56
N VAL I 110 57.22 13.79 -69.81
CA VAL I 110 56.19 14.49 -70.58
C VAL I 110 56.35 14.10 -72.05
N ALA I 111 55.44 13.26 -72.54
CA ALA I 111 55.57 12.65 -73.86
C ALA I 111 54.77 13.42 -74.90
N ALA I 112 55.36 13.60 -76.07
CA ALA I 112 54.61 14.31 -77.10
C ALA I 112 53.71 13.34 -77.87
N PRO I 113 52.52 13.77 -78.27
CA PRO I 113 51.62 12.88 -79.02
C PRO I 113 52.09 12.64 -80.44
N SER I 114 51.89 11.40 -80.90
CA SER I 114 52.05 11.07 -82.31
C SER I 114 50.80 11.57 -83.02
N VAL I 115 50.84 12.82 -83.45
CA VAL I 115 49.67 13.50 -83.98
C VAL I 115 49.48 13.10 -85.44
N PHE I 116 48.27 12.69 -85.79
CA PHE I 116 47.93 12.33 -87.16
C PHE I 116 46.53 12.81 -87.48
N ILE I 117 46.27 12.99 -88.77
CA ILE I 117 44.93 13.31 -89.26
C ILE I 117 44.61 12.32 -90.37
N PHE I 118 43.32 12.07 -90.59
CA PHE I 118 42.91 11.05 -91.56
C PHE I 118 41.69 11.45 -92.37
N PRO I 119 41.76 11.32 -93.69
CA PRO I 119 40.55 11.41 -94.50
C PRO I 119 39.71 10.16 -94.34
N PRO I 120 38.40 10.28 -94.41
CA PRO I 120 37.57 9.07 -94.50
C PRO I 120 37.75 8.39 -95.85
N SER I 121 37.53 7.08 -95.86
CA SER I 121 37.62 6.33 -97.11
C SER I 121 36.47 6.69 -98.03
N ASP I 122 36.65 6.43 -99.32
CA ASP I 122 35.67 6.90 -100.28
C ASP I 122 34.43 6.02 -100.34
N GLU I 123 34.49 4.80 -99.81
CA GLU I 123 33.27 4.05 -99.55
C GLU I 123 32.59 4.51 -98.27
N GLN I 124 33.34 5.17 -97.37
CA GLN I 124 32.71 5.87 -96.26
C GLN I 124 32.16 7.22 -96.71
N LEU I 125 32.77 7.82 -97.73
CA LEU I 125 32.08 8.87 -98.49
C LEU I 125 30.83 8.33 -99.15
N LYS I 126 30.87 7.08 -99.63
CA LYS I 126 29.66 6.46 -100.17
C LYS I 126 28.65 6.16 -99.08
N SER I 127 29.08 6.05 -97.82
CA SER I 127 28.12 6.08 -96.72
C SER I 127 27.69 7.50 -96.36
N GLY I 128 28.35 8.51 -96.92
CA GLY I 128 28.00 9.89 -96.68
C GLY I 128 28.71 10.53 -95.51
N THR I 129 29.16 9.76 -94.53
CA THR I 129 29.74 10.30 -93.32
C THR I 129 31.21 10.64 -93.57
N ALA I 130 31.57 11.90 -93.32
CA ALA I 130 32.95 12.36 -93.46
C ALA I 130 33.58 12.39 -92.07
N SER I 131 33.94 11.21 -91.57
CA SER I 131 34.54 11.10 -90.25
C SER I 131 36.00 11.48 -90.34
N VAL I 132 36.29 12.76 -90.10
CA VAL I 132 37.67 13.24 -90.07
C VAL I 132 38.29 12.82 -88.74
N VAL I 133 39.23 11.89 -88.81
CA VAL I 133 39.83 11.28 -87.62
C VAL I 133 41.14 11.99 -87.31
N CYS I 134 41.29 12.46 -86.08
CA CYS I 134 42.53 13.10 -85.62
C CYS I 134 43.17 12.20 -84.59
N LEU I 135 44.23 11.50 -84.99
CA LEU I 135 44.90 10.55 -84.13
C LEU I 135 45.96 11.22 -83.28
N LEU I 136 46.01 10.86 -82.01
CA LEU I 136 47.13 11.14 -81.13
C LEU I 136 47.57 9.82 -80.51
N ASN I 137 48.86 9.72 -80.23
CA ASN I 137 49.38 8.48 -79.66
C ASN I 137 50.59 8.79 -78.80
N ASN I 138 50.66 8.11 -77.66
CA ASN I 138 51.81 8.10 -76.75
C ASN I 138 52.12 9.51 -76.21
N PHE I 139 51.12 10.13 -75.59
CA PHE I 139 51.33 11.41 -74.96
C PHE I 139 51.11 11.34 -73.46
N TYR I 140 51.94 12.11 -72.76
CA TYR I 140 51.88 12.34 -71.37
C TYR I 140 52.18 13.83 -71.26
N PRO I 141 51.44 14.59 -70.45
CA PRO I 141 50.33 14.17 -69.59
C PRO I 141 48.97 14.14 -70.25
N ARG I 142 47.97 14.20 -69.38
CA ARG I 142 46.57 14.28 -69.76
C ARG I 142 46.23 15.59 -70.48
N GLU I 143 47.02 16.64 -70.26
CA GLU I 143 46.70 17.97 -70.77
C GLU I 143 46.88 18.04 -72.29
N ALA I 144 45.80 17.77 -73.02
CA ALA I 144 45.79 17.81 -74.48
C ALA I 144 44.60 18.63 -74.94
N LYS I 145 44.76 19.35 -76.05
CA LYS I 145 43.69 20.14 -76.64
C LYS I 145 43.60 19.82 -78.12
N VAL I 146 42.38 19.60 -78.60
CA VAL I 146 42.12 19.32 -80.01
C VAL I 146 41.24 20.43 -80.55
N GLN I 147 41.70 21.10 -81.61
CA GLN I 147 40.97 22.17 -82.25
C GLN I 147 40.73 21.80 -83.71
N TRP I 148 39.50 22.01 -84.17
CA TRP I 148 39.09 21.61 -85.51
C TRP I 148 39.01 22.81 -86.45
N LYS I 149 39.22 22.56 -87.73
CA LYS I 149 39.08 23.55 -88.78
C LYS I 149 38.50 22.90 -90.03
N VAL I 150 37.40 23.47 -90.53
CA VAL I 150 36.82 23.08 -91.82
C VAL I 150 36.72 24.36 -92.63
N ASP I 151 37.62 24.52 -93.61
CA ASP I 151 37.89 25.78 -94.32
C ASP I 151 38.08 26.95 -93.35
N ASN I 152 38.86 26.68 -92.30
CA ASN I 152 39.12 27.59 -91.18
C ASN I 152 37.81 28.07 -90.53
N ALA I 153 36.90 27.13 -90.30
CA ALA I 153 35.78 27.33 -89.41
C ALA I 153 36.00 26.43 -88.21
N LEU I 154 36.08 27.02 -87.03
CA LEU I 154 36.47 26.30 -85.83
C LEU I 154 35.32 25.40 -85.41
N GLN I 155 35.42 24.13 -85.79
CA GLN I 155 34.30 23.21 -85.61
C GLN I 155 34.24 22.71 -84.18
N SER I 156 33.01 22.60 -83.68
CA SER I 156 32.77 22.15 -82.32
C SER I 156 31.42 21.44 -82.28
N GLY I 157 31.33 20.37 -81.48
CA GLY I 157 30.11 19.58 -81.38
C GLY I 157 29.95 18.53 -82.46
N ASN I 158 30.55 18.74 -83.64
CA ASN I 158 30.53 17.76 -84.73
C ASN I 158 31.69 16.79 -84.67
N SER I 159 32.23 16.53 -83.49
CA SER I 159 33.35 15.61 -83.34
C SER I 159 33.10 14.70 -82.15
N GLN I 160 33.47 13.43 -82.30
CA GLN I 160 33.38 12.44 -81.25
C GLN I 160 34.78 11.95 -80.92
N GLU I 161 35.19 12.11 -79.68
CA GLU I 161 36.57 11.89 -79.27
C GLU I 161 36.68 10.63 -78.42
N SER I 162 37.70 9.83 -78.69
CA SER I 162 37.95 8.60 -77.94
C SER I 162 39.42 8.55 -77.58
N VAL I 163 39.71 8.41 -76.28
CA VAL I 163 41.05 8.45 -75.74
C VAL I 163 41.34 7.11 -75.08
N THR I 164 42.56 6.59 -75.25
CA THR I 164 42.94 5.40 -74.51
C THR I 164 43.17 5.74 -73.04
N GLU I 165 43.27 4.70 -72.23
CA GLU I 165 43.51 4.85 -70.80
C GLU I 165 45.00 5.09 -70.55
N GLN I 166 45.40 4.97 -69.29
CA GLN I 166 46.81 4.99 -68.95
C GLN I 166 47.47 3.72 -69.47
N ASP I 167 48.56 3.90 -70.22
CA ASP I 167 49.27 2.81 -70.86
C ASP I 167 50.00 1.97 -69.79
N SER I 168 50.29 0.72 -70.15
CA SER I 168 51.13 -0.11 -69.31
C SER I 168 52.60 0.02 -69.66
N LYS I 169 52.94 0.03 -70.95
CA LYS I 169 54.35 -0.02 -71.34
C LYS I 169 55.06 1.32 -71.21
N ASP I 170 54.33 2.45 -71.29
CA ASP I 170 54.96 3.73 -71.01
C ASP I 170 54.09 4.72 -70.26
N SER I 171 52.90 4.32 -69.80
CA SER I 171 51.96 5.15 -69.01
C SER I 171 51.58 6.45 -69.70
N THR I 172 51.52 6.42 -71.03
CA THR I 172 51.06 7.55 -71.82
C THR I 172 49.62 7.34 -72.24
N TYR I 173 49.08 8.30 -72.99
CA TYR I 173 47.74 8.19 -73.51
C TYR I 173 47.79 8.20 -75.04
N SER I 174 46.70 7.75 -75.65
CA SER I 174 46.52 7.87 -77.09
C SER I 174 45.10 8.36 -77.32
N LEU I 175 44.91 9.22 -78.32
CA LEU I 175 43.65 9.91 -78.52
C LEU I 175 43.19 9.76 -79.95
N SER I 176 41.86 9.80 -80.14
CA SER I 176 41.24 9.81 -81.46
C SER I 176 40.00 10.70 -81.39
N SER I 177 40.16 11.96 -81.77
CA SER I 177 39.02 12.84 -81.95
C SER I 177 38.55 12.70 -83.39
N THR I 178 37.30 12.29 -83.57
CA THR I 178 36.77 11.93 -84.88
C THR I 178 35.68 12.93 -85.25
N LEU I 179 35.99 13.84 -86.16
CA LEU I 179 35.08 14.90 -86.58
C LEU I 179 33.97 14.31 -87.44
N THR I 180 32.80 14.12 -86.84
CA THR I 180 31.67 13.51 -87.53
C THR I 180 31.03 14.55 -88.44
N LEU I 181 31.11 14.32 -89.76
CA LEU I 181 30.55 15.24 -90.75
C LEU I 181 29.73 14.46 -91.77
N SER I 182 29.25 15.19 -92.78
CA SER I 182 28.49 14.64 -93.89
C SER I 182 29.25 14.85 -95.19
N LYS I 183 28.67 14.36 -96.29
CA LYS I 183 29.32 14.41 -97.59
C LYS I 183 29.10 15.73 -98.32
N ALA I 184 27.93 16.35 -98.13
CA ALA I 184 27.61 17.60 -98.82
C ALA I 184 28.53 18.72 -98.36
N ASP I 185 28.89 18.75 -97.08
CA ASP I 185 29.90 19.66 -96.60
C ASP I 185 31.30 19.07 -96.63
N TYR I 186 31.44 17.77 -96.93
CA TYR I 186 32.76 17.27 -97.27
C TYR I 186 33.21 17.83 -98.62
N GLU I 187 32.32 17.80 -99.61
CA GLU I 187 32.64 18.33 -100.93
C GLU I 187 32.37 19.83 -101.03
N LYS I 188 31.57 20.39 -100.14
CA LYS I 188 31.34 21.83 -100.11
C LYS I 188 32.45 22.60 -99.41
N HIS I 189 33.47 21.90 -98.90
CA HIS I 189 34.58 22.55 -98.20
C HIS I 189 35.87 21.83 -98.56
N LYS I 190 36.99 22.50 -98.30
CA LYS I 190 38.28 21.90 -98.61
C LYS I 190 39.19 21.73 -97.40
N VAL I 191 39.51 22.80 -96.68
CA VAL I 191 40.65 22.79 -95.76
C VAL I 191 40.22 22.10 -94.46
N TYR I 192 40.73 20.89 -94.25
CA TYR I 192 40.28 20.00 -93.17
C TYR I 192 41.43 19.84 -92.19
N ALA I 193 41.51 20.73 -91.20
CA ALA I 193 42.64 20.80 -90.30
C ALA I 193 42.23 20.43 -88.89
N CYS I 194 43.10 19.67 -88.21
CA CYS I 194 42.97 19.36 -86.80
C CYS I 194 44.16 19.96 -86.06
N GLU I 195 43.90 21.04 -85.33
CA GLU I 195 44.93 21.68 -84.52
C GLU I 195 45.01 21.00 -83.16
N VAL I 196 46.19 20.47 -82.83
CA VAL I 196 46.38 19.69 -81.60
C VAL I 196 47.38 20.40 -80.71
N THR I 197 46.95 20.76 -79.52
CA THR I 197 47.81 21.35 -78.50
C THR I 197 48.02 20.34 -77.39
N HIS I 198 49.27 20.15 -77.00
CA HIS I 198 49.62 19.27 -75.90
C HIS I 198 50.84 19.87 -75.21
N GLN I 199 51.10 19.46 -73.97
CA GLN I 199 52.23 20.01 -73.22
C GLN I 199 53.56 19.48 -73.76
N GLY I 200 53.62 18.19 -74.09
CA GLY I 200 54.78 17.65 -74.77
C GLY I 200 55.02 18.26 -76.14
N LEU I 201 53.95 18.71 -76.79
CA LEU I 201 54.11 19.56 -77.96
C LEU I 201 54.58 20.95 -77.52
N SER I 202 55.49 21.53 -78.28
CA SER I 202 55.87 22.91 -78.01
C SER I 202 54.83 23.88 -78.56
N SER I 203 54.07 23.45 -79.56
CA SER I 203 53.17 24.31 -80.32
C SER I 203 51.88 23.57 -80.59
N PRO I 204 50.81 24.29 -80.93
CA PRO I 204 49.61 23.62 -81.47
C PRO I 204 49.86 23.01 -82.83
N VAL I 205 49.97 21.69 -82.89
CA VAL I 205 50.25 20.99 -84.14
C VAL I 205 48.96 20.91 -84.95
N THR I 206 48.98 21.48 -86.15
CA THR I 206 47.82 21.55 -87.01
C THR I 206 48.06 20.62 -88.20
N LYS I 207 47.71 19.35 -88.02
CA LYS I 207 47.65 18.44 -89.15
C LYS I 207 46.43 18.76 -90.00
N SER I 208 46.56 18.56 -91.31
CA SER I 208 45.51 18.99 -92.22
C SER I 208 45.51 18.13 -93.47
N PHE I 209 44.36 18.12 -94.14
CA PHE I 209 44.21 17.52 -95.47
C PHE I 209 43.09 18.27 -96.19
N ASN I 210 42.69 17.76 -97.35
CA ASN I 210 41.68 18.40 -98.18
C ASN I 210 40.67 17.37 -98.68
N ARG I 211 39.74 17.83 -99.52
CA ARG I 211 38.62 17.01 -100.00
C ARG I 211 39.18 15.91 -100.91
N GLY I 212 39.20 14.68 -100.40
CA GLY I 212 39.78 13.56 -101.10
C GLY I 212 41.27 13.43 -100.94
N GLU I 213 41.96 14.48 -100.50
CA GLU I 213 43.41 14.47 -100.35
C GLU I 213 43.79 14.02 -98.95
N ALA J 1 29.44 -14.40 -53.65
CA ALA J 1 28.45 -14.76 -52.65
C ALA J 1 27.39 -13.68 -52.55
N GLU J 2 27.66 -12.70 -51.69
CA GLU J 2 26.76 -11.55 -51.53
C GLU J 2 26.90 -10.67 -52.76
N GLN J 3 26.03 -10.91 -53.74
CA GLN J 3 26.17 -10.30 -55.06
C GLN J 3 24.85 -9.67 -55.48
N LEU J 4 24.96 -8.67 -56.35
CA LEU J 4 23.83 -7.89 -56.81
C LEU J 4 23.80 -7.91 -58.33
N VAL J 5 22.64 -8.22 -58.89
CA VAL J 5 22.51 -8.47 -60.32
C VAL J 5 21.53 -7.44 -60.88
N GLU J 6 22.04 -6.51 -61.69
CA GLU J 6 21.21 -5.48 -62.30
C GLU J 6 20.82 -5.87 -63.72
N SER J 7 19.53 -5.78 -64.00
CA SER J 7 19.02 -6.06 -65.34
C SER J 7 17.75 -5.25 -65.55
N GLY J 8 17.23 -5.31 -66.78
CA GLY J 8 16.00 -4.60 -67.08
C GLY J 8 15.86 -4.02 -68.47
N GLY J 9 16.91 -4.03 -69.27
CA GLY J 9 16.80 -3.68 -70.68
C GLY J 9 18.02 -2.95 -71.20
N GLY J 10 18.06 -2.85 -72.53
CA GLY J 10 19.08 -2.10 -73.24
C GLY J 10 18.48 -0.92 -74.00
N LEU J 11 18.28 -1.09 -75.30
CA LEU J 11 17.61 -0.07 -76.10
C LEU J 11 16.13 0.01 -75.73
N VAL J 12 15.71 1.16 -75.22
CA VAL J 12 14.28 1.40 -74.99
C VAL J 12 13.88 2.66 -75.76
N PRO J 13 12.74 2.65 -76.44
CA PRO J 13 12.20 3.89 -77.00
C PRO J 13 11.79 4.84 -75.90
N PRO J 14 11.98 6.15 -76.09
CA PRO J 14 11.58 7.11 -75.06
C PRO J 14 10.07 7.17 -74.88
N GLY J 15 9.66 7.42 -73.65
CA GLY J 15 8.25 7.42 -73.27
C GLY J 15 7.75 6.07 -72.82
N ARG J 16 8.18 5.00 -73.50
CA ARG J 16 7.80 3.65 -73.14
C ARG J 16 8.48 3.27 -71.84
N SER J 17 7.68 3.07 -70.78
CA SER J 17 8.17 2.94 -69.42
C SER J 17 9.02 1.69 -69.23
N LEU J 18 9.85 1.71 -68.19
CA LEU J 18 10.92 0.75 -68.01
C LEU J 18 10.83 0.08 -66.65
N ARG J 19 11.11 -1.22 -66.62
CA ARG J 19 11.24 -1.99 -65.39
C ARG J 19 12.68 -2.46 -65.26
N LEU J 20 13.27 -2.24 -64.09
CA LEU J 20 14.59 -2.76 -63.77
C LEU J 20 14.46 -3.86 -62.72
N SER J 21 15.60 -4.48 -62.39
CA SER J 21 15.61 -5.59 -61.45
C SER J 21 16.99 -5.70 -60.83
N CYS J 22 17.07 -5.46 -59.52
CA CYS J 22 18.33 -5.53 -58.78
C CYS J 22 18.34 -6.86 -58.01
N SER J 23 18.71 -7.93 -58.69
CA SER J 23 18.62 -9.27 -58.13
C SER J 23 19.77 -9.51 -57.15
N ALA J 24 19.43 -9.86 -55.91
CA ALA J 24 20.41 -10.03 -54.86
C ALA J 24 20.68 -11.51 -54.60
N SER J 25 21.71 -11.75 -53.78
CA SER J 25 22.13 -13.08 -53.41
C SER J 25 23.04 -12.97 -52.19
N GLY J 26 23.25 -14.09 -51.51
CA GLY J 26 24.34 -14.24 -50.59
C GLY J 26 24.08 -13.87 -49.14
N PHE J 27 23.01 -13.16 -48.83
CA PHE J 27 22.79 -12.69 -47.47
C PHE J 27 21.30 -12.57 -47.19
N TYR J 28 20.97 -12.39 -45.92
CA TYR J 28 19.59 -12.10 -45.53
C TYR J 28 19.26 -10.69 -45.97
N PHE J 29 18.44 -10.59 -47.00
CA PHE J 29 18.32 -9.35 -47.76
C PHE J 29 17.54 -8.21 -47.09
N PRO J 30 16.44 -8.41 -46.35
CA PRO J 30 15.84 -7.28 -45.65
C PRO J 30 16.57 -6.83 -44.39
N ASP J 31 17.79 -7.32 -44.12
CA ASP J 31 18.66 -6.62 -43.18
C ASP J 31 19.05 -5.25 -43.70
N TYR J 32 19.21 -5.11 -45.01
CA TYR J 32 19.88 -3.97 -45.61
C TYR J 32 18.90 -3.11 -46.39
N ALA J 33 19.10 -1.79 -46.30
CA ALA J 33 18.39 -0.88 -47.17
C ALA J 33 19.00 -0.89 -48.56
N MET J 34 18.24 -0.41 -49.53
CA MET J 34 18.64 -0.46 -50.92
C MET J 34 18.63 0.93 -51.54
N ALA J 35 19.47 1.12 -52.55
CA ALA J 35 19.57 2.40 -53.23
C ALA J 35 19.92 2.19 -54.69
N TRP J 36 19.69 3.24 -55.48
CA TRP J 36 20.01 3.27 -56.90
C TRP J 36 20.89 4.46 -57.21
N VAL J 37 22.01 4.22 -57.87
CA VAL J 37 22.89 5.26 -58.38
C VAL J 37 23.04 5.04 -59.87
N ARG J 38 22.59 5.99 -60.67
CA ARG J 38 22.82 5.87 -62.10
C ARG J 38 24.14 6.56 -62.45
N GLN J 39 24.56 6.38 -63.70
CA GLN J 39 25.76 7.05 -64.19
C GLN J 39 25.65 7.16 -65.69
N ALA J 40 25.60 8.40 -66.18
CA ALA J 40 25.74 8.64 -67.61
C ALA J 40 27.15 8.23 -68.05
N PRO J 41 27.30 7.72 -69.27
CA PRO J 41 28.62 7.25 -69.72
C PRO J 41 29.58 8.41 -69.88
N GLY J 42 30.79 8.22 -69.35
CA GLY J 42 31.76 9.30 -69.31
C GLY J 42 31.48 10.37 -68.29
N GLN J 43 30.62 10.09 -67.31
CA GLN J 43 30.24 11.06 -66.31
C GLN J 43 30.43 10.48 -64.92
N GLY J 44 30.28 11.34 -63.92
CA GLY J 44 30.35 10.92 -62.54
C GLY J 44 29.10 10.17 -62.12
N LEU J 45 29.14 9.65 -60.89
CA LEU J 45 28.01 8.91 -60.35
C LEU J 45 26.84 9.84 -60.07
N GLN J 46 25.64 9.38 -60.40
CA GLN J 46 24.43 10.18 -60.25
C GLN J 46 23.44 9.35 -59.43
N TRP J 47 23.40 9.63 -58.12
CA TRP J 47 22.49 8.92 -57.24
C TRP J 47 21.04 9.26 -57.57
N VAL J 48 20.19 8.24 -57.57
CA VAL J 48 18.80 8.38 -57.95
C VAL J 48 17.89 8.40 -56.73
N GLY J 49 17.86 7.31 -55.98
CA GLY J 49 17.00 7.23 -54.82
C GLY J 49 17.45 6.06 -53.97
N PHE J 50 17.01 6.06 -52.72
CA PHE J 50 17.20 4.90 -51.87
C PHE J 50 15.84 4.35 -51.51
N MET J 51 15.85 3.21 -50.82
CA MET J 51 14.69 2.71 -50.12
C MET J 51 15.15 2.07 -48.83
N ARG J 52 14.57 2.51 -47.71
CA ARG J 52 14.92 1.97 -46.41
C ARG J 52 14.47 0.52 -46.29
N GLY J 53 15.06 -0.16 -45.30
CA GLY J 53 14.49 -1.41 -44.85
C GLY J 53 13.16 -1.19 -44.16
N TRP J 54 12.37 -2.27 -44.11
CA TRP J 54 11.02 -2.20 -43.54
C TRP J 54 11.04 -1.86 -42.06
N ALA J 55 12.09 -2.25 -41.34
CA ALA J 55 12.22 -1.87 -39.94
C ALA J 55 12.47 -0.38 -39.79
N TYR J 56 13.07 0.25 -40.79
CA TYR J 56 13.16 1.70 -40.86
C TYR J 56 11.98 2.32 -41.58
N GLY J 57 10.91 1.57 -41.78
CA GLY J 57 9.74 2.04 -42.47
C GLY J 57 9.58 1.52 -43.88
N GLY J 58 10.65 1.05 -44.50
CA GLY J 58 10.61 0.78 -45.92
C GLY J 58 10.51 2.03 -46.76
N SER J 59 10.90 3.18 -46.20
CA SER J 59 10.67 4.45 -46.85
C SER J 59 11.66 4.65 -47.99
N ALA J 60 11.16 5.23 -49.08
CA ALA J 60 11.98 5.47 -50.26
C ALA J 60 11.92 6.94 -50.59
N GLN J 61 13.07 7.60 -50.57
CA GLN J 61 13.20 8.96 -51.06
C GLN J 61 14.00 8.93 -52.36
N PHE J 62 14.21 10.12 -52.91
CA PHE J 62 14.83 10.23 -54.22
C PHE J 62 15.77 11.42 -54.24
N ALA J 63 16.44 11.59 -55.37
CA ALA J 63 17.11 12.85 -55.67
C ALA J 63 16.12 13.81 -56.28
N ALA J 64 16.59 15.02 -56.61
CA ALA J 64 15.68 16.08 -57.06
C ALA J 64 15.13 15.80 -58.45
N PHE J 65 15.97 15.33 -59.37
CA PHE J 65 15.50 14.95 -60.70
C PHE J 65 14.62 13.70 -60.62
N ALA J 66 14.89 12.82 -59.66
CA ALA J 66 14.17 11.57 -59.53
C ALA J 66 12.81 11.73 -58.85
N VAL J 67 12.45 12.94 -58.44
CA VAL J 67 11.11 13.21 -57.94
C VAL J 67 10.14 13.09 -59.12
N GLY J 68 9.30 12.05 -59.09
CA GLY J 68 8.32 11.81 -60.13
C GLY J 68 8.82 10.99 -61.30
N LYS J 69 10.09 11.13 -61.67
CA LYS J 69 10.62 10.45 -62.84
C LYS J 69 10.91 8.98 -62.60
N PHE J 70 10.99 8.54 -61.34
CA PHE J 70 11.43 7.18 -61.03
C PHE J 70 10.58 6.63 -59.89
N ALA J 71 10.66 5.30 -59.71
CA ALA J 71 9.90 4.63 -58.67
C ALA J 71 10.61 3.32 -58.30
N ILE J 72 11.04 3.24 -57.04
CA ILE J 72 11.75 2.07 -56.51
C ILE J 72 10.71 1.13 -55.90
N SER J 73 10.94 -0.18 -56.03
CA SER J 73 10.14 -1.17 -55.32
C SER J 73 10.97 -2.43 -55.11
N ARG J 74 11.15 -2.82 -53.85
CA ARG J 74 11.89 -4.02 -53.52
C ARG J 74 10.93 -5.19 -53.31
N ASP J 75 11.48 -6.40 -53.37
CA ASP J 75 10.71 -7.62 -53.14
C ASP J 75 11.58 -8.59 -52.34
N ASP J 76 11.32 -8.67 -51.04
CA ASP J 76 12.08 -9.59 -50.20
C ASP J 76 11.72 -11.04 -50.43
N GLY J 77 10.56 -11.32 -51.03
CA GLY J 77 10.21 -12.68 -51.39
C GLY J 77 11.09 -13.26 -52.47
N ARG J 78 11.72 -12.42 -53.28
CA ARG J 78 12.65 -12.83 -54.32
C ARG J 78 14.06 -12.29 -54.07
N ASN J 79 14.20 -11.36 -53.11
CA ASN J 79 15.42 -10.60 -52.85
C ASN J 79 15.85 -9.86 -54.13
N VAL J 80 14.97 -8.97 -54.56
CA VAL J 80 15.15 -8.21 -55.80
C VAL J 80 14.52 -6.84 -55.59
N VAL J 81 15.07 -5.84 -56.27
CA VAL J 81 14.55 -4.48 -56.23
C VAL J 81 14.20 -4.07 -57.66
N TYR J 82 12.92 -3.73 -57.86
CA TYR J 82 12.48 -3.24 -59.15
C TYR J 82 12.51 -1.73 -59.17
N LEU J 83 13.04 -1.15 -60.24
CA LEU J 83 13.03 0.28 -60.45
C LEU J 83 12.16 0.60 -61.66
N ASP J 84 11.25 1.55 -61.49
CA ASP J 84 10.29 1.90 -62.51
C ASP J 84 10.67 3.24 -63.11
N VAL J 85 11.05 3.23 -64.39
CA VAL J 85 11.35 4.47 -65.09
C VAL J 85 10.17 4.76 -66.01
N LYS J 86 9.19 5.52 -65.51
CA LYS J 86 8.07 5.91 -66.34
C LYS J 86 8.43 7.19 -67.09
N ASN J 87 7.99 7.25 -68.36
CA ASN J 87 8.41 8.21 -69.37
C ASN J 87 9.93 8.34 -69.42
N PRO J 88 10.67 7.37 -69.94
CA PRO J 88 12.12 7.55 -70.04
C PRO J 88 12.48 8.56 -71.10
N THR J 89 13.50 9.36 -70.82
CA THR J 89 14.01 10.35 -71.75
C THR J 89 15.43 9.97 -72.15
N PHE J 90 15.89 10.56 -73.26
CA PHE J 90 17.24 10.32 -73.75
C PHE J 90 18.31 10.83 -72.79
N GLU J 91 17.95 11.78 -71.92
CA GLU J 91 18.76 12.14 -70.76
C GLU J 91 19.04 10.95 -69.86
N ASP J 92 18.12 9.99 -69.78
CA ASP J 92 18.25 8.84 -68.89
C ASP J 92 19.00 7.68 -69.54
N THR J 93 19.91 7.95 -70.47
CA THR J 93 20.77 6.93 -71.02
C THR J 93 22.03 6.82 -70.16
N GLY J 94 22.22 5.69 -69.51
CA GLY J 94 23.39 5.53 -68.66
C GLY J 94 23.43 4.16 -68.03
N VAL J 95 24.56 3.91 -67.35
CA VAL J 95 24.79 2.66 -66.63
C VAL J 95 24.23 2.80 -65.23
N TYR J 96 23.46 1.80 -64.79
CA TYR J 96 22.61 1.93 -63.61
C TYR J 96 23.13 1.01 -62.52
N PHE J 97 23.88 1.59 -61.58
CA PHE J 97 24.38 0.82 -60.46
C PHE J 97 23.30 0.64 -59.40
N CYS J 98 23.38 -0.46 -58.67
CA CYS J 98 22.48 -0.73 -57.56
C CYS J 98 23.31 -1.33 -56.44
N ALA J 99 23.13 -0.84 -55.23
CA ALA J 99 23.96 -1.26 -54.12
C ALA J 99 23.11 -1.36 -52.85
N ARG J 100 23.65 -2.05 -51.88
CA ARG J 100 23.02 -2.29 -50.59
C ARG J 100 23.63 -1.35 -49.56
N GLU J 101 23.17 -1.47 -48.32
CA GLU J 101 23.69 -0.66 -47.23
C GLU J 101 24.43 -1.53 -46.25
N GLN J 102 25.40 -0.95 -45.55
CA GLN J 102 26.30 -1.71 -44.71
C GLN J 102 26.06 -1.40 -43.24
N ARG J 103 25.87 -2.45 -42.43
CA ARG J 103 25.75 -2.31 -40.99
C ARG J 103 27.15 -2.29 -40.37
N ASN J 104 27.21 -1.86 -39.11
CA ASN J 104 28.52 -1.66 -38.48
C ASN J 104 29.10 -2.98 -37.99
N LYS J 105 30.16 -2.88 -37.17
CA LYS J 105 30.75 -4.07 -36.56
C LYS J 105 29.82 -4.69 -35.54
N ASP J 106 28.95 -3.89 -34.94
CA ASP J 106 27.88 -4.39 -34.08
C ASP J 106 26.64 -4.77 -34.87
N TYR J 107 26.72 -4.75 -36.20
CA TYR J 107 25.63 -5.06 -37.14
C TYR J 107 24.40 -4.17 -36.88
N ARG J 108 24.62 -2.89 -37.16
CA ARG J 108 23.61 -1.87 -36.93
C ARG J 108 23.96 -0.67 -37.80
N TYR J 109 22.97 0.14 -38.10
CA TYR J 109 23.20 1.42 -38.72
C TYR J 109 23.35 2.48 -37.62
N GLY J 110 23.36 3.75 -38.01
CA GLY J 110 23.47 4.81 -37.02
C GLY J 110 22.14 5.10 -36.35
N GLN J 111 22.20 5.36 -35.05
CA GLN J 111 21.00 5.67 -34.29
C GLN J 111 20.54 7.09 -34.55
N GLU J 112 21.37 8.07 -34.21
CA GLU J 112 21.09 9.46 -34.52
C GLU J 112 21.60 9.79 -35.91
N GLY J 113 21.43 11.06 -36.30
CA GLY J 113 21.79 11.47 -37.63
C GLY J 113 20.84 10.89 -38.66
N PHE J 114 21.28 10.88 -39.92
CA PHE J 114 20.53 10.24 -40.99
C PHE J 114 20.29 8.76 -40.75
N GLY J 115 21.25 8.08 -40.14
CA GLY J 115 21.18 6.65 -39.88
C GLY J 115 22.15 5.85 -40.71
N TYR J 116 22.32 6.23 -41.97
CA TYR J 116 23.14 5.46 -42.91
C TYR J 116 24.48 6.17 -43.08
N SER J 117 25.55 5.56 -42.58
CA SER J 117 26.86 6.16 -42.59
C SER J 117 27.98 5.23 -43.02
N TYR J 118 27.74 3.92 -43.09
CA TYR J 118 28.81 2.96 -43.33
C TYR J 118 28.93 2.56 -44.80
N GLY J 119 28.31 3.32 -45.70
CA GLY J 119 28.56 3.16 -47.11
C GLY J 119 27.88 1.94 -47.72
N MET J 120 28.21 1.73 -48.99
CA MET J 120 27.63 0.67 -49.81
C MET J 120 28.75 -0.30 -50.16
N ASP J 121 28.81 -1.42 -49.43
CA ASP J 121 29.96 -2.32 -49.56
C ASP J 121 29.93 -3.08 -50.87
N VAL J 122 28.89 -3.87 -51.12
CA VAL J 122 28.77 -4.62 -52.34
C VAL J 122 28.09 -3.77 -53.40
N TRP J 123 28.76 -3.61 -54.54
CA TRP J 123 28.23 -2.93 -55.70
C TRP J 123 27.89 -3.96 -56.76
N GLY J 124 26.73 -3.82 -57.38
CA GLY J 124 26.35 -4.73 -58.43
C GLY J 124 27.11 -4.48 -59.71
N ARG J 125 26.82 -5.32 -60.71
CA ARG J 125 27.44 -5.18 -62.01
C ARG J 125 27.00 -3.92 -62.74
N GLY J 126 25.82 -3.40 -62.43
CA GLY J 126 25.28 -2.25 -63.14
C GLY J 126 24.65 -2.66 -64.46
N THR J 127 23.42 -2.22 -64.71
CA THR J 127 22.79 -2.46 -66.00
C THR J 127 22.87 -1.19 -66.84
N THR J 128 22.96 -1.38 -68.14
CA THR J 128 23.13 -0.28 -69.09
C THR J 128 21.88 -0.18 -69.93
N VAL J 129 21.20 0.96 -69.83
CA VAL J 129 19.97 1.21 -70.57
C VAL J 129 20.22 2.40 -71.48
N VAL J 130 19.93 2.23 -72.77
CA VAL J 130 20.01 3.30 -73.75
C VAL J 130 18.59 3.67 -74.14
N VAL J 131 18.21 4.92 -73.89
CA VAL J 131 16.84 5.37 -74.16
C VAL J 131 16.83 5.92 -75.57
N SER J 132 16.67 5.03 -76.55
CA SER J 132 16.65 5.43 -77.95
C SER J 132 15.94 4.37 -78.77
N THR J 133 15.50 4.79 -79.95
CA THR J 133 14.75 3.94 -80.87
C THR J 133 15.64 3.25 -81.90
N ALA J 134 16.87 2.92 -81.53
CA ALA J 134 17.77 2.21 -82.43
C ALA J 134 17.39 0.72 -82.49
N SER J 135 18.22 -0.07 -83.16
CA SER J 135 17.96 -1.48 -83.29
C SER J 135 19.27 -2.27 -83.18
N THR J 136 19.13 -3.54 -82.81
CA THR J 136 20.24 -4.47 -82.82
C THR J 136 20.68 -4.70 -84.25
N LYS J 137 21.95 -4.41 -84.54
CA LYS J 137 22.42 -4.45 -85.92
C LYS J 137 23.91 -4.73 -85.96
N GLY J 138 24.35 -5.25 -87.10
CA GLY J 138 25.75 -5.37 -87.39
C GLY J 138 26.34 -4.00 -87.71
N PRO J 139 27.65 -3.85 -87.54
CA PRO J 139 28.27 -2.55 -87.75
C PRO J 139 28.50 -2.26 -89.23
N SER J 140 28.46 -0.96 -89.54
CA SER J 140 28.85 -0.45 -90.84
C SER J 140 30.35 -0.17 -90.75
N VAL J 141 31.15 -1.23 -90.83
CA VAL J 141 32.59 -1.10 -90.70
C VAL J 141 33.15 -0.52 -91.99
N PHE J 142 33.78 0.65 -91.88
CA PHE J 142 34.44 1.27 -93.01
C PHE J 142 35.89 1.54 -92.65
N PRO J 143 36.84 1.22 -93.53
CA PRO J 143 38.25 1.48 -93.23
C PRO J 143 38.57 2.96 -93.34
N LEU J 144 39.80 3.29 -92.96
CA LEU J 144 40.28 4.66 -92.93
C LEU J 144 41.43 4.82 -93.91
N ALA J 145 41.25 5.72 -94.87
CA ALA J 145 42.30 6.01 -95.84
C ALA J 145 43.39 6.86 -95.19
N PRO J 146 44.66 6.41 -95.20
CA PRO J 146 45.78 7.21 -94.70
C PRO J 146 46.02 8.49 -95.52
N THR J 155 56.21 7.07 -90.94
CA THR J 155 55.18 6.21 -90.35
C THR J 155 53.84 6.92 -90.30
N ALA J 156 52.91 6.45 -91.12
CA ALA J 156 51.52 6.89 -91.10
C ALA J 156 50.74 5.97 -90.17
N ALA J 157 49.42 5.98 -90.28
CA ALA J 157 48.60 4.93 -89.69
C ALA J 157 47.41 4.69 -90.58
N LEU J 158 46.53 3.80 -90.13
CA LEU J 158 45.27 3.53 -90.80
C LEU J 158 44.31 2.99 -89.75
N GLY J 159 43.09 2.69 -90.18
CA GLY J 159 42.10 2.22 -89.23
C GLY J 159 40.86 1.71 -89.91
N CYS J 160 39.91 1.28 -89.07
CA CYS J 160 38.57 0.89 -89.49
C CYS J 160 37.57 1.45 -88.50
N LEU J 161 36.64 2.26 -88.98
CA LEU J 161 35.56 2.78 -88.13
C LEU J 161 34.47 1.72 -88.03
N VAL J 162 34.40 1.07 -86.88
CA VAL J 162 33.39 0.04 -86.63
C VAL J 162 32.16 0.80 -86.15
N LYS J 163 31.37 1.26 -87.12
CA LYS J 163 30.33 2.25 -86.92
C LYS J 163 28.96 1.59 -86.94
N ASP J 164 28.06 2.07 -86.09
CA ASP J 164 26.62 1.77 -86.13
C ASP J 164 26.33 0.29 -85.90
N TYR J 165 26.66 -0.19 -84.71
CA TYR J 165 26.19 -1.49 -84.29
C TYR J 165 25.46 -1.38 -82.96
N PHE J 166 24.73 -2.45 -82.64
CA PHE J 166 24.17 -2.71 -81.34
C PHE J 166 24.06 -4.22 -81.29
N PRO J 167 24.39 -4.87 -80.15
CA PRO J 167 25.04 -4.25 -78.99
C PRO J 167 26.54 -4.47 -78.91
N GLU J 168 27.08 -4.04 -77.78
CA GLU J 168 28.46 -4.36 -77.43
C GLU J 168 28.61 -5.87 -77.28
N PRO J 169 29.73 -6.47 -77.72
CA PRO J 169 30.86 -5.88 -78.47
C PRO J 169 31.04 -6.34 -79.91
N VAL J 170 32.05 -5.76 -80.54
CA VAL J 170 32.71 -6.34 -81.70
C VAL J 170 34.07 -6.84 -81.25
N THR J 171 34.77 -7.54 -82.14
CA THR J 171 36.16 -7.92 -81.90
C THR J 171 36.95 -7.80 -83.19
N VAL J 172 37.77 -6.76 -83.28
CA VAL J 172 38.52 -6.40 -84.48
C VAL J 172 39.87 -7.12 -84.44
N SER J 173 40.23 -7.77 -85.54
CA SER J 173 41.53 -8.41 -85.68
C SER J 173 42.14 -8.04 -87.02
N TRP J 174 43.33 -7.44 -86.98
CA TRP J 174 43.98 -6.90 -88.18
C TRP J 174 44.69 -8.04 -88.90
N ASN J 175 44.21 -8.34 -90.11
CA ASN J 175 44.58 -9.53 -90.88
C ASN J 175 44.40 -10.80 -90.05
N SER J 176 43.26 -10.86 -89.34
CA SER J 176 42.91 -11.94 -88.40
C SER J 176 43.98 -12.11 -87.33
N GLY J 177 44.43 -10.98 -86.78
CA GLY J 177 45.42 -10.99 -85.72
C GLY J 177 46.85 -11.14 -86.18
N ALA J 178 47.10 -11.28 -87.48
CA ALA J 178 48.46 -11.34 -87.97
C ALA J 178 49.17 -10.00 -87.87
N LEU J 179 48.42 -8.90 -87.85
CA LEU J 179 48.96 -7.57 -87.60
C LEU J 179 48.56 -7.14 -86.19
N THR J 180 49.56 -6.87 -85.35
CA THR J 180 49.33 -6.33 -84.02
C THR J 180 50.16 -5.11 -83.68
N SER J 181 51.13 -4.74 -84.52
CA SER J 181 52.13 -3.73 -84.17
C SER J 181 51.51 -2.33 -84.27
N GLY J 182 51.10 -1.78 -83.14
CA GLY J 182 50.55 -0.45 -83.09
C GLY J 182 49.04 -0.37 -83.00
N VAL J 183 48.36 -1.48 -82.71
CA VAL J 183 46.91 -1.50 -82.67
C VAL J 183 46.42 -0.73 -81.45
N HIS J 184 45.73 0.36 -81.70
CA HIS J 184 45.04 1.12 -80.65
C HIS J 184 43.56 1.07 -80.98
N THR J 185 42.91 0.00 -80.54
CA THR J 185 41.46 -0.12 -80.71
C THR J 185 40.79 0.77 -79.68
N PHE J 186 40.27 1.90 -80.15
CA PHE J 186 39.65 2.86 -79.26
C PHE J 186 38.29 2.35 -78.77
N PRO J 187 37.84 2.80 -77.60
CA PRO J 187 36.52 2.41 -77.12
C PRO J 187 35.39 2.93 -78.01
N ALA J 188 34.30 2.17 -78.03
CA ALA J 188 33.16 2.51 -78.88
C ALA J 188 32.39 3.67 -78.29
N VAL J 189 32.15 4.70 -79.12
CA VAL J 189 31.34 5.85 -78.73
C VAL J 189 29.95 5.67 -79.34
N LEU J 190 28.92 6.00 -78.55
CA LEU J 190 27.56 5.96 -79.04
C LEU J 190 27.26 7.19 -79.89
N GLN J 191 26.06 7.22 -80.43
CA GLN J 191 25.61 8.32 -81.27
C GLN J 191 24.30 8.87 -80.73
N SER J 192 23.77 9.87 -81.45
CA SER J 192 22.43 10.37 -81.13
C SER J 192 21.37 9.33 -81.46
N SER J 193 21.63 8.46 -82.44
CA SER J 193 20.77 7.31 -82.68
C SER J 193 20.86 6.30 -81.55
N GLY J 194 21.98 6.27 -80.83
CA GLY J 194 22.25 5.26 -79.85
C GLY J 194 23.05 4.09 -80.36
N LEU J 195 23.66 4.20 -81.53
CA LEU J 195 24.42 3.12 -82.13
C LEU J 195 25.89 3.27 -81.80
N TYR J 196 26.54 2.13 -81.54
CA TYR J 196 27.96 2.13 -81.22
C TYR J 196 28.78 2.44 -82.46
N SER J 197 29.66 3.44 -82.34
CA SER J 197 30.66 3.72 -83.36
C SER J 197 32.02 3.47 -82.73
N LEU J 198 32.65 2.34 -83.06
CA LEU J 198 33.94 1.97 -82.51
C LEU J 198 35.05 2.38 -83.47
N SER J 199 36.13 2.91 -82.90
CA SER J 199 37.34 3.20 -83.65
C SER J 199 38.39 2.16 -83.32
N SER J 200 39.05 1.65 -84.35
CA SER J 200 40.16 0.72 -84.19
C SER J 200 41.22 1.09 -85.21
N VAL J 201 42.39 1.52 -84.74
CA VAL J 201 43.46 1.96 -85.62
C VAL J 201 44.66 1.05 -85.41
N VAL J 202 45.65 1.23 -86.27
CA VAL J 202 46.96 0.61 -86.11
C VAL J 202 48.00 1.49 -86.82
N THR J 203 49.11 1.76 -86.14
CA THR J 203 50.18 2.54 -86.74
C THR J 203 50.94 1.67 -87.73
N VAL J 204 50.56 1.75 -88.99
CA VAL J 204 51.25 1.09 -90.09
C VAL J 204 52.29 2.04 -90.63
N PRO J 205 53.57 1.66 -90.68
CA PRO J 205 54.60 2.56 -91.23
C PRO J 205 54.36 2.86 -92.69
N SER J 206 54.51 4.14 -93.05
CA SER J 206 54.07 4.69 -94.32
C SER J 206 54.80 4.12 -95.52
N SER J 207 55.96 3.46 -95.31
CA SER J 207 56.58 2.70 -96.38
C SER J 207 55.82 1.42 -96.71
N SER J 208 54.95 0.96 -95.82
CA SER J 208 54.21 -0.27 -96.01
C SER J 208 52.71 -0.06 -96.14
N LEU J 209 52.26 1.12 -96.54
CA LEU J 209 50.84 1.36 -96.77
C LEU J 209 50.39 0.70 -98.06
N GLN J 212 51.23 -4.31 -96.58
CA GLN J 212 50.30 -5.35 -97.01
C GLN J 212 48.90 -4.79 -97.17
N THR J 213 47.99 -5.64 -97.65
CA THR J 213 46.57 -5.32 -97.61
C THR J 213 46.07 -5.62 -96.21
N TYR J 214 45.66 -4.59 -95.47
CA TYR J 214 45.28 -4.74 -94.08
C TYR J 214 43.77 -4.90 -93.99
N ILE J 215 43.34 -6.11 -93.68
CA ILE J 215 41.93 -6.43 -93.55
C ILE J 215 41.61 -6.47 -92.08
N CYS J 216 40.85 -5.49 -91.60
CA CYS J 216 40.31 -5.57 -90.25
C CYS J 216 39.20 -6.63 -90.23
N ASN J 217 39.45 -7.71 -89.49
CA ASN J 217 38.52 -8.83 -89.43
C ASN J 217 37.73 -8.67 -88.14
N VAL J 218 36.69 -7.85 -88.20
CA VAL J 218 35.89 -7.57 -87.01
C VAL J 218 34.94 -8.74 -86.85
N ASN J 219 34.27 -8.85 -85.70
CA ASN J 219 33.22 -9.85 -85.53
C ASN J 219 32.25 -9.33 -84.48
N HIS J 220 31.05 -8.98 -84.90
CA HIS J 220 30.01 -8.56 -83.96
C HIS J 220 29.15 -9.77 -83.63
N LYS J 221 29.71 -10.63 -82.77
CA LYS J 221 29.04 -11.85 -82.35
C LYS J 221 27.64 -11.72 -81.72
N PRO J 222 27.22 -10.59 -81.09
CA PRO J 222 25.79 -10.46 -80.78
C PRO J 222 24.86 -10.45 -82.00
N SER J 223 25.32 -9.96 -83.15
CA SER J 223 24.57 -10.13 -84.38
C SER J 223 25.31 -11.01 -85.39
N ASN J 224 26.41 -11.65 -84.97
CA ASN J 224 27.23 -12.56 -85.79
C ASN J 224 27.73 -11.90 -87.06
N THR J 225 28.04 -10.60 -86.96
CA THR J 225 28.42 -9.80 -88.11
C THR J 225 29.94 -9.68 -88.12
N LYS J 226 30.58 -10.46 -88.97
CA LYS J 226 32.03 -10.48 -89.10
C LYS J 226 32.40 -9.80 -90.41
N VAL J 227 32.63 -8.50 -90.35
CA VAL J 227 33.01 -7.71 -91.53
C VAL J 227 34.51 -7.76 -91.68
N ASP J 228 34.98 -8.14 -92.86
CA ASP J 228 36.40 -8.24 -93.16
C ASP J 228 36.71 -7.14 -94.17
N LYS J 229 36.99 -5.95 -93.65
CA LYS J 229 37.18 -4.75 -94.47
C LYS J 229 38.67 -4.51 -94.71
N ARG J 230 39.09 -4.61 -95.96
CA ARG J 230 40.45 -4.25 -96.33
C ARG J 230 40.61 -2.73 -96.30
N VAL J 231 41.76 -2.28 -95.82
CA VAL J 231 42.07 -0.86 -95.70
C VAL J 231 42.85 -0.44 -96.93
N GLU J 232 42.39 0.64 -97.58
CA GLU J 232 43.07 1.20 -98.73
C GLU J 232 43.05 2.73 -98.66
N PRO J 233 44.16 3.40 -99.03
CA PRO J 233 44.19 4.86 -99.12
C PRO J 233 43.32 5.40 -100.24
N GLN K 1 -45.91 -5.84 -15.99
CA GLN K 1 -47.04 -5.76 -15.07
C GLN K 1 -47.97 -6.97 -15.25
N ILE K 2 -48.69 -7.32 -14.19
CA ILE K 2 -49.61 -8.46 -14.24
C ILE K 2 -51.07 -8.04 -14.12
N HIS K 3 -51.89 -8.52 -15.04
CA HIS K 3 -53.31 -8.22 -15.04
C HIS K 3 -54.12 -9.52 -14.98
N LEU K 4 -54.47 -10.05 -16.14
CA LEU K 4 -55.22 -11.29 -16.22
C LEU K 4 -56.39 -11.08 -17.17
N VAL K 5 -56.40 -11.83 -18.26
CA VAL K 5 -57.46 -11.75 -19.26
C VAL K 5 -58.17 -13.09 -19.32
N GLN K 6 -59.50 -13.04 -19.30
CA GLN K 6 -60.33 -14.24 -19.30
C GLN K 6 -61.00 -14.42 -20.65
N SER K 7 -61.70 -15.55 -20.79
CA SER K 7 -62.35 -15.87 -22.07
C SER K 7 -63.54 -14.94 -22.31
N GLY K 8 -64.13 -15.07 -23.50
CA GLY K 8 -65.29 -14.27 -23.83
C GLY K 8 -66.55 -14.73 -23.12
N THR K 9 -67.54 -13.85 -23.10
CA THR K 9 -68.83 -14.17 -22.52
C THR K 9 -69.47 -15.33 -23.28
N GLU K 10 -70.09 -16.25 -22.54
CA GLU K 10 -70.70 -17.43 -23.13
C GLU K 10 -72.10 -17.63 -22.60
N VAL K 11 -72.98 -18.06 -23.48
CA VAL K 11 -74.36 -18.39 -23.16
C VAL K 11 -74.49 -19.90 -23.23
N LYS K 12 -75.11 -20.49 -22.20
CA LYS K 12 -75.23 -21.93 -22.12
C LYS K 12 -76.60 -22.31 -21.59
N LYS K 13 -77.05 -23.48 -21.96
CA LYS K 13 -78.34 -24.01 -21.56
C LYS K 13 -78.19 -24.97 -20.38
N PRO K 14 -79.24 -25.12 -19.55
CA PRO K 14 -79.12 -25.91 -18.33
C PRO K 14 -78.65 -27.34 -18.61
N GLY K 15 -77.85 -27.88 -17.68
CA GLY K 15 -77.27 -29.18 -17.82
C GLY K 15 -76.01 -29.25 -18.66
N SER K 16 -75.63 -28.16 -19.31
CA SER K 16 -74.42 -28.15 -20.13
C SER K 16 -73.19 -27.94 -19.25
N SER K 17 -72.02 -28.10 -19.86
CA SER K 17 -70.74 -27.79 -19.24
C SER K 17 -70.12 -26.59 -19.96
N VAL K 18 -69.03 -26.09 -19.38
CA VAL K 18 -68.40 -24.88 -19.87
C VAL K 18 -67.01 -24.76 -19.26
N THR K 19 -66.05 -24.26 -20.06
CA THR K 19 -64.68 -24.05 -19.59
C THR K 19 -64.28 -22.61 -19.90
N VAL K 20 -63.92 -21.86 -18.87
CA VAL K 20 -63.45 -20.49 -19.04
C VAL K 20 -61.94 -20.46 -18.88
N SER K 21 -61.27 -19.73 -19.78
CA SER K 21 -59.83 -19.62 -19.82
C SER K 21 -59.38 -18.32 -19.15
N CYS K 22 -58.11 -18.28 -18.73
CA CYS K 22 -57.57 -17.10 -18.08
C CYS K 22 -56.07 -17.03 -18.35
N LYS K 23 -55.67 -16.16 -19.26
CA LYS K 23 -54.26 -15.93 -19.52
C LYS K 23 -53.69 -14.98 -18.48
N ALA K 24 -52.64 -15.44 -17.81
CA ALA K 24 -51.97 -14.64 -16.84
C ALA K 24 -50.74 -14.09 -17.51
N TYR K 25 -50.85 -12.84 -17.93
CA TYR K 25 -49.70 -12.06 -18.36
C TYR K 25 -49.06 -11.37 -17.17
N GLY K 26 -47.73 -11.20 -17.25
CA GLY K 26 -46.92 -10.68 -16.17
C GLY K 26 -46.60 -11.69 -15.07
N VAL K 27 -47.43 -12.72 -14.92
CA VAL K 27 -47.16 -13.76 -13.94
C VAL K 27 -45.93 -14.55 -14.38
N ASN K 28 -44.98 -14.73 -13.45
CA ASN K 28 -43.74 -15.44 -13.80
C ASN K 28 -43.93 -16.95 -13.82
N THR K 29 -44.63 -17.49 -12.82
CA THR K 29 -44.98 -18.91 -12.80
C THR K 29 -46.07 -19.11 -11.77
N PHE K 30 -46.80 -20.21 -11.92
CA PHE K 30 -47.76 -20.61 -10.90
C PHE K 30 -47.11 -21.36 -9.74
N GLY K 31 -45.79 -21.53 -9.78
CA GLY K 31 -45.07 -21.97 -8.60
C GLY K 31 -44.84 -20.88 -7.59
N LEU K 32 -44.89 -19.61 -8.01
CA LEU K 32 -44.74 -18.46 -7.13
C LEU K 32 -46.00 -17.60 -7.06
N TYR K 33 -47.09 -18.04 -7.69
CA TYR K 33 -48.39 -17.38 -7.61
C TYR K 33 -49.47 -18.44 -7.58
N ALA K 34 -50.56 -18.15 -6.89
CA ALA K 34 -51.68 -19.07 -6.79
C ALA K 34 -52.89 -18.48 -7.50
N VAL K 35 -53.74 -19.35 -8.02
CA VAL K 35 -54.90 -18.95 -8.82
C VAL K 35 -56.16 -19.34 -8.06
N ASN K 36 -57.03 -18.36 -7.82
CA ASN K 36 -58.30 -18.57 -7.15
C ASN K 36 -59.43 -18.13 -8.07
N TRP K 37 -60.48 -18.96 -8.18
CA TRP K 37 -61.63 -18.66 -9.02
C TRP K 37 -62.81 -18.30 -8.14
N VAL K 38 -63.37 -17.11 -8.34
CA VAL K 38 -64.48 -16.60 -7.55
C VAL K 38 -65.56 -16.10 -8.50
N ARG K 39 -66.81 -16.44 -8.19
CA ARG K 39 -67.94 -15.95 -8.96
C ARG K 39 -68.73 -14.94 -8.15
N GLN K 40 -69.35 -13.99 -8.85
CA GLN K 40 -70.21 -12.99 -8.25
C GLN K 40 -71.57 -13.06 -8.94
N ALA K 41 -72.57 -13.55 -8.20
CA ALA K 41 -73.93 -13.58 -8.70
C ALA K 41 -74.40 -12.15 -9.01
N PRO K 42 -75.39 -11.99 -9.90
CA PRO K 42 -75.86 -10.64 -10.26
C PRO K 42 -76.27 -9.81 -9.06
N GLY K 43 -75.68 -8.63 -8.90
CA GLY K 43 -76.00 -7.76 -7.78
C GLY K 43 -75.88 -8.46 -6.44
N GLN K 44 -74.91 -9.35 -6.30
CA GLN K 44 -74.74 -10.15 -5.10
C GLN K 44 -73.32 -10.02 -4.57
N SER K 45 -73.09 -10.74 -3.47
CA SER K 45 -71.78 -10.95 -2.86
C SER K 45 -70.97 -12.01 -3.59
N LEU K 46 -69.66 -12.04 -3.34
CA LEU K 46 -68.75 -12.93 -4.05
C LEU K 46 -68.69 -14.27 -3.33
N GLU K 47 -68.32 -15.31 -4.07
CA GLU K 47 -68.32 -16.66 -3.54
C GLU K 47 -67.11 -17.41 -4.09
N TYR K 48 -66.38 -18.07 -3.19
CA TYR K 48 -65.19 -18.81 -3.57
C TYR K 48 -65.59 -20.16 -4.17
N ILE K 49 -65.04 -20.44 -5.35
CA ILE K 49 -65.32 -21.70 -6.05
C ILE K 49 -64.18 -22.67 -5.80
N GLY K 50 -62.98 -22.27 -6.18
CA GLY K 50 -61.82 -23.12 -5.94
C GLY K 50 -60.54 -22.35 -6.19
N GLN K 51 -59.43 -23.10 -6.17
CA GLN K 51 -58.11 -22.52 -6.38
C GLN K 51 -57.20 -23.58 -6.96
N ILE K 52 -55.97 -23.17 -7.27
CA ILE K 52 -54.92 -24.12 -7.61
C ILE K 52 -53.58 -23.57 -7.14
N TRP K 53 -53.02 -24.18 -6.11
CA TRP K 53 -51.79 -23.72 -5.49
C TRP K 53 -50.84 -24.91 -5.31
N ARG K 54 -49.56 -24.67 -5.55
CA ARG K 54 -48.55 -25.73 -5.58
C ARG K 54 -48.97 -26.86 -6.53
N TRP K 55 -49.66 -26.49 -7.60
CA TRP K 55 -50.20 -27.45 -8.58
C TRP K 55 -51.15 -28.44 -7.91
N LYS K 56 -51.96 -27.95 -6.98
CA LYS K 56 -52.96 -28.75 -6.29
C LYS K 56 -54.33 -28.15 -6.52
N SER K 57 -55.20 -28.90 -7.19
CA SER K 57 -56.55 -28.46 -7.48
C SER K 57 -57.46 -28.68 -6.27
N SER K 58 -58.43 -27.78 -6.10
CA SER K 58 -59.31 -27.82 -4.93
C SER K 58 -60.58 -27.03 -5.23
N ALA K 59 -61.64 -27.36 -4.51
CA ALA K 59 -62.91 -26.67 -4.68
C ALA K 59 -63.67 -26.63 -3.36
N SER K 60 -64.48 -25.57 -3.21
CA SER K 60 -65.29 -25.40 -2.02
C SER K 60 -66.35 -26.49 -1.91
N HIS K 61 -66.75 -26.80 -0.67
CA HIS K 61 -67.68 -27.89 -0.43
C HIS K 61 -68.99 -27.71 -1.19
N HIS K 62 -69.46 -26.47 -1.29
CA HIS K 62 -70.70 -26.22 -2.03
C HIS K 62 -70.55 -26.56 -3.50
N PHE K 63 -69.39 -26.27 -4.07
CA PHE K 63 -69.07 -26.59 -5.45
C PHE K 63 -68.19 -27.83 -5.58
N ARG K 64 -67.97 -28.55 -4.49
CA ARG K 64 -67.02 -29.67 -4.48
C ARG K 64 -67.47 -30.77 -5.42
N GLY K 65 -66.53 -31.24 -6.26
CA GLY K 65 -66.80 -32.30 -7.20
C GLY K 65 -67.59 -31.91 -8.43
N ARG K 66 -68.18 -30.71 -8.45
CA ARG K 66 -68.97 -30.21 -9.56
C ARG K 66 -68.16 -29.39 -10.56
N VAL K 67 -66.92 -29.04 -10.20
CA VAL K 67 -66.10 -28.10 -10.97
C VAL K 67 -64.69 -28.67 -11.06
N LEU K 68 -64.00 -28.35 -12.15
CA LEU K 68 -62.62 -28.78 -12.37
C LEU K 68 -61.78 -27.56 -12.75
N ILE K 69 -60.72 -27.31 -11.98
CA ILE K 69 -59.87 -26.13 -12.15
C ILE K 69 -58.48 -26.60 -12.52
N SER K 70 -58.09 -26.40 -13.77
CA SER K 70 -56.77 -26.75 -14.25
C SER K 70 -56.00 -25.48 -14.63
N ALA K 71 -54.68 -25.61 -14.63
CA ALA K 71 -53.79 -24.52 -15.05
C ALA K 71 -52.54 -25.14 -15.65
N VAL K 72 -51.92 -24.40 -16.57
CA VAL K 72 -50.69 -24.83 -17.22
C VAL K 72 -49.66 -23.71 -17.11
N ASP K 73 -48.41 -24.09 -16.88
CA ASP K 73 -47.33 -23.15 -16.70
C ASP K 73 -47.02 -22.39 -18.00
N LEU K 74 -46.09 -21.45 -17.87
CA LEU K 74 -45.60 -20.63 -18.96
C LEU K 74 -45.05 -21.48 -20.10
N THR K 75 -45.25 -20.99 -21.33
CA THR K 75 -44.59 -21.53 -22.51
C THR K 75 -43.94 -20.38 -23.28
N GLY K 76 -42.99 -20.71 -24.14
CA GLY K 76 -42.40 -19.70 -25.00
C GLY K 76 -43.41 -19.04 -25.90
N SER K 77 -44.47 -19.78 -26.27
CA SER K 77 -45.54 -19.22 -27.09
C SER K 77 -46.48 -18.33 -26.29
N SER K 78 -46.84 -18.75 -25.07
CA SER K 78 -47.96 -18.12 -24.37
C SER K 78 -47.68 -18.05 -22.87
N PRO K 79 -48.23 -17.03 -22.20
CA PRO K 79 -48.10 -16.92 -20.74
C PRO K 79 -48.84 -18.04 -20.03
N PRO K 80 -48.59 -18.26 -18.73
CA PRO K 80 -49.30 -19.33 -18.03
C PRO K 80 -50.78 -19.04 -17.96
N ILE K 81 -51.58 -20.10 -17.96
CA ILE K 81 -53.02 -20.00 -18.09
C ILE K 81 -53.69 -20.98 -17.13
N SER K 82 -54.80 -20.55 -16.53
CA SER K 82 -55.66 -21.39 -15.72
C SER K 82 -57.02 -21.53 -16.38
N SER K 83 -57.71 -22.63 -16.07
CA SER K 83 -59.00 -22.93 -16.68
C SER K 83 -59.98 -23.36 -15.61
N LEU K 84 -61.18 -22.77 -15.64
CA LEU K 84 -62.26 -23.11 -14.71
C LEU K 84 -63.37 -23.77 -15.50
N GLU K 85 -63.59 -25.06 -15.27
CA GLU K 85 -64.64 -25.81 -15.95
C GLU K 85 -65.75 -26.13 -14.97
N ILE K 86 -66.98 -25.82 -15.37
CA ILE K 86 -68.16 -26.05 -14.54
C ILE K 86 -69.16 -26.95 -15.27
N LYS K 87 -69.46 -28.09 -14.66
CA LYS K 87 -70.36 -29.07 -15.25
C LYS K 87 -71.77 -28.88 -14.71
N ASN K 88 -72.75 -29.23 -15.54
CA ASN K 88 -74.16 -29.26 -15.16
C ASN K 88 -74.62 -27.92 -14.59
N LEU K 89 -74.71 -26.95 -15.49
CA LEU K 89 -75.10 -25.60 -15.11
C LEU K 89 -76.56 -25.55 -14.71
N THR K 90 -76.86 -24.68 -13.76
CA THR K 90 -78.23 -24.35 -13.38
C THR K 90 -78.39 -22.84 -13.43
N SER K 91 -79.64 -22.38 -13.38
CA SER K 91 -79.91 -20.95 -13.43
C SER K 91 -79.29 -20.22 -12.23
N ASP K 92 -79.12 -20.92 -11.12
CA ASP K 92 -78.46 -20.35 -9.95
C ASP K 92 -76.96 -20.16 -10.15
N ASP K 93 -76.40 -20.64 -11.27
CA ASP K 93 -75.00 -20.43 -11.58
C ASP K 93 -74.76 -19.21 -12.46
N THR K 94 -75.81 -18.56 -12.94
CA THR K 94 -75.64 -17.32 -13.70
C THR K 94 -74.94 -16.31 -12.83
N ALA K 95 -73.70 -15.98 -13.19
CA ALA K 95 -72.87 -15.09 -12.40
C ALA K 95 -71.67 -14.69 -13.25
N VAL K 96 -70.89 -13.75 -12.73
CA VAL K 96 -69.63 -13.32 -13.32
C VAL K 96 -68.52 -14.07 -12.62
N TYR K 97 -67.52 -14.52 -13.38
CA TYR K 97 -66.46 -15.38 -12.88
C TYR K 97 -65.12 -14.67 -13.02
N PHE K 98 -64.34 -14.64 -11.94
CA PHE K 98 -63.14 -13.82 -11.84
C PHE K 98 -61.91 -14.69 -11.65
N CYS K 99 -60.81 -14.26 -12.26
CA CYS K 99 -59.50 -14.86 -12.09
C CYS K 99 -58.74 -14.11 -11.00
N THR K 100 -57.97 -14.85 -10.19
CA THR K 100 -57.24 -14.24 -9.08
C THR K 100 -55.81 -14.74 -9.08
N THR K 101 -54.88 -13.80 -8.94
CA THR K 101 -53.46 -14.13 -8.84
C THR K 101 -52.88 -13.45 -7.60
N THR K 102 -52.27 -14.24 -6.73
CA THR K 102 -51.65 -13.75 -5.51
C THR K 102 -50.28 -14.37 -5.36
N SER K 103 -49.26 -13.56 -5.12
CA SER K 103 -47.90 -14.08 -5.00
C SER K 103 -47.77 -15.01 -3.80
N THR K 104 -47.02 -16.10 -4.00
CA THR K 104 -46.88 -17.14 -2.98
C THR K 104 -45.42 -17.37 -2.59
N TYR K 105 -44.50 -16.56 -3.10
CA TYR K 105 -43.09 -16.83 -2.84
C TYR K 105 -42.74 -16.68 -1.36
N ASP K 106 -43.31 -15.68 -0.69
CA ASP K 106 -42.97 -15.37 0.69
C ASP K 106 -43.98 -16.02 1.64
N ARG K 107 -43.47 -16.67 2.69
CA ARG K 107 -44.34 -17.33 3.66
C ARG K 107 -45.06 -16.33 4.55
N TRP K 108 -44.43 -15.20 4.86
CA TRP K 108 -44.96 -14.23 5.81
C TRP K 108 -45.88 -13.20 5.18
N SER K 109 -46.21 -13.34 3.89
CA SER K 109 -46.86 -12.26 3.16
C SER K 109 -48.09 -11.74 3.89
N GLY K 110 -48.83 -12.62 4.56
CA GLY K 110 -50.10 -12.24 5.11
C GLY K 110 -51.20 -12.11 4.08
N LEU K 111 -50.86 -12.24 2.80
CA LEU K 111 -51.88 -12.41 1.78
C LEU K 111 -52.48 -13.81 1.81
N HIS K 112 -51.68 -14.81 2.16
CA HIS K 112 -52.10 -16.19 2.19
C HIS K 112 -51.91 -16.79 3.57
N HIS K 113 -52.82 -17.70 3.92
CA HIS K 113 -52.87 -18.34 5.23
C HIS K 113 -53.09 -19.83 4.99
N ASP K 114 -52.00 -20.54 4.68
CA ASP K 114 -52.01 -21.98 4.47
C ASP K 114 -53.01 -22.38 3.37
N GLY K 115 -52.90 -21.70 2.22
CA GLY K 115 -53.75 -21.97 1.09
C GLY K 115 -55.02 -21.14 1.03
N VAL K 116 -55.52 -20.71 2.19
CA VAL K 116 -56.65 -19.78 2.24
C VAL K 116 -56.07 -18.37 2.18
N MET K 117 -56.48 -17.59 1.18
CA MET K 117 -55.76 -16.37 0.88
C MET K 117 -56.70 -15.26 0.41
N ALA K 118 -56.18 -14.04 0.44
CA ALA K 118 -56.78 -12.90 -0.23
C ALA K 118 -56.32 -12.86 -1.68
N PHE K 119 -56.82 -11.90 -2.44
CA PHE K 119 -56.76 -11.94 -3.90
C PHE K 119 -56.10 -10.65 -4.42
N SER K 120 -54.83 -10.75 -4.83
CA SER K 120 -54.05 -9.57 -5.18
C SER K 120 -54.23 -9.12 -6.62
N SER K 121 -54.50 -10.04 -7.56
CA SER K 121 -54.71 -9.69 -8.96
C SER K 121 -56.07 -10.22 -9.42
N TRP K 122 -56.73 -9.46 -10.29
CA TRP K 122 -58.08 -9.78 -10.73
C TRP K 122 -58.18 -9.60 -12.25
N GLY K 123 -59.22 -10.19 -12.83
CA GLY K 123 -59.45 -10.15 -14.24
C GLY K 123 -60.71 -9.37 -14.63
N GLN K 124 -60.89 -9.22 -15.94
CA GLN K 124 -62.01 -8.45 -16.46
C GLN K 124 -63.36 -9.05 -16.07
N GLY K 125 -63.49 -10.38 -16.10
CA GLY K 125 -64.73 -11.04 -15.78
C GLY K 125 -65.35 -11.77 -16.94
N THR K 126 -65.96 -12.93 -16.67
CA THR K 126 -66.67 -13.70 -17.69
C THR K 126 -68.11 -13.89 -17.26
N LEU K 127 -69.04 -13.39 -18.07
CA LEU K 127 -70.46 -13.54 -17.80
C LEU K 127 -70.91 -14.92 -18.28
N ILE K 128 -71.31 -15.77 -17.36
CA ILE K 128 -71.87 -17.08 -17.69
C ILE K 128 -73.36 -17.01 -17.42
N SER K 129 -74.15 -17.03 -18.50
CA SER K 129 -75.61 -16.99 -18.42
C SER K 129 -76.16 -18.37 -18.70
N VAL K 130 -76.98 -18.88 -17.79
CA VAL K 130 -77.58 -20.20 -17.91
C VAL K 130 -79.09 -20.00 -17.99
N SER K 131 -79.67 -20.32 -19.15
CA SER K 131 -81.09 -20.18 -19.35
C SER K 131 -81.53 -21.14 -20.45
N ALA K 132 -82.77 -21.61 -20.35
CA ALA K 132 -83.30 -22.51 -21.38
C ALA K 132 -83.64 -21.77 -22.67
N ALA K 133 -83.73 -20.44 -22.62
CA ALA K 133 -84.08 -19.69 -23.80
C ALA K 133 -82.92 -19.64 -24.80
N SER K 134 -83.26 -19.40 -26.05
CA SER K 134 -82.28 -19.22 -27.12
C SER K 134 -82.22 -17.75 -27.50
N THR K 135 -81.23 -17.42 -28.33
CA THR K 135 -81.05 -16.04 -28.79
C THR K 135 -82.34 -15.51 -29.42
N LYS K 136 -82.61 -14.22 -29.19
CA LYS K 136 -83.81 -13.58 -29.72
C LYS K 136 -83.57 -12.09 -29.81
N GLY K 137 -83.89 -11.52 -30.98
CA GLY K 137 -83.81 -10.10 -31.16
C GLY K 137 -84.88 -9.39 -30.36
N PRO K 138 -84.61 -8.14 -29.98
CA PRO K 138 -85.56 -7.41 -29.14
C PRO K 138 -86.67 -6.77 -29.97
N SER K 139 -87.90 -6.88 -29.45
CA SER K 139 -89.02 -6.10 -29.94
C SER K 139 -89.02 -4.76 -29.23
N VAL K 140 -88.95 -3.68 -29.99
CA VAL K 140 -88.83 -2.34 -29.45
C VAL K 140 -90.15 -1.61 -29.63
N PHE K 141 -90.69 -1.07 -28.54
CA PHE K 141 -91.92 -0.32 -28.57
C PHE K 141 -91.71 1.09 -28.03
N PRO K 142 -92.43 2.08 -28.55
CA PRO K 142 -92.21 3.47 -28.12
C PRO K 142 -93.00 3.83 -26.87
N LEU K 143 -92.36 4.61 -26.00
CA LEU K 143 -93.01 5.20 -24.84
C LEU K 143 -93.27 6.66 -25.18
N ALA K 144 -94.53 6.96 -25.54
CA ALA K 144 -94.86 8.25 -26.13
C ALA K 144 -95.28 9.27 -25.08
N PRO K 145 -94.90 10.52 -25.27
CA PRO K 145 -95.34 11.59 -24.36
C PRO K 145 -96.76 12.05 -24.68
N SER K 146 -97.36 12.73 -23.70
CA SER K 146 -98.72 13.20 -23.84
C SER K 146 -98.99 14.30 -22.82
N SER K 147 -100.18 14.88 -22.91
CA SER K 147 -100.64 15.94 -22.01
C SER K 147 -99.71 17.14 -22.04
N THR K 154 -91.89 20.67 -18.83
CA THR K 154 -90.91 19.67 -19.24
C THR K 154 -91.53 18.27 -19.15
N ALA K 155 -91.35 17.48 -20.20
CA ALA K 155 -91.96 16.15 -20.32
C ALA K 155 -90.90 15.12 -20.69
N ALA K 156 -91.29 13.85 -20.61
CA ALA K 156 -90.36 12.75 -20.78
C ALA K 156 -90.96 11.68 -21.68
N LEU K 157 -90.08 11.02 -22.45
CA LEU K 157 -90.45 9.96 -23.36
C LEU K 157 -89.38 8.87 -23.31
N GLY K 158 -89.62 7.76 -23.99
CA GLY K 158 -88.65 6.69 -23.95
C GLY K 158 -88.96 5.58 -24.93
N CYS K 159 -88.09 4.56 -24.87
CA CYS K 159 -88.23 3.33 -25.65
C CYS K 159 -88.39 2.15 -24.71
N LEU K 160 -89.16 1.15 -25.13
CA LEU K 160 -89.32 -0.09 -24.38
C LEU K 160 -88.70 -1.24 -25.19
N VAL K 161 -87.58 -1.75 -24.71
CA VAL K 161 -86.90 -2.89 -25.31
C VAL K 161 -87.27 -4.13 -24.52
N LYS K 162 -87.90 -5.10 -25.18
CA LYS K 162 -88.54 -6.20 -24.48
C LYS K 162 -88.23 -7.52 -25.16
N ASP K 163 -88.10 -8.57 -24.34
CA ASP K 163 -88.01 -9.95 -24.81
C ASP K 163 -86.77 -10.19 -25.67
N TYR K 164 -85.63 -9.74 -25.18
CA TYR K 164 -84.35 -10.00 -25.84
C TYR K 164 -83.50 -10.92 -24.97
N PHE K 165 -82.80 -11.84 -25.62
CA PHE K 165 -81.86 -12.71 -24.94
C PHE K 165 -80.74 -13.07 -25.90
N PRO K 166 -79.51 -13.18 -25.39
CA PRO K 166 -79.18 -12.78 -24.02
C PRO K 166 -78.80 -11.31 -23.93
N GLU K 167 -78.27 -10.91 -22.77
CA GLU K 167 -77.71 -9.58 -22.63
C GLU K 167 -76.42 -9.51 -23.45
N PRO K 168 -75.99 -8.29 -23.82
CA PRO K 168 -76.66 -7.00 -23.57
C PRO K 168 -77.21 -6.32 -24.81
N VAL K 169 -77.99 -5.26 -24.59
CA VAL K 169 -78.45 -4.37 -25.65
C VAL K 169 -77.91 -2.97 -25.35
N THR K 170 -77.52 -2.27 -26.41
CA THR K 170 -77.06 -0.89 -26.30
C THR K 170 -78.12 0.04 -26.89
N VAL K 171 -78.39 1.14 -26.21
CA VAL K 171 -79.42 2.08 -26.60
C VAL K 171 -78.78 3.46 -26.77
N SER K 172 -79.04 4.08 -27.92
CA SER K 172 -78.58 5.43 -28.21
C SER K 172 -79.74 6.20 -28.83
N TRP K 173 -79.68 7.53 -28.75
CA TRP K 173 -80.76 8.39 -29.21
C TRP K 173 -80.28 9.33 -30.29
N ASN K 174 -81.09 9.43 -31.36
CA ASN K 174 -80.79 10.28 -32.52
C ASN K 174 -79.39 10.02 -33.06
N SER K 175 -79.01 8.74 -33.09
CA SER K 175 -77.69 8.30 -33.53
C SER K 175 -76.59 8.95 -32.70
N GLY K 176 -76.83 9.07 -31.39
CA GLY K 176 -75.87 9.66 -30.49
C GLY K 176 -76.01 11.16 -30.30
N ALA K 177 -76.85 11.83 -31.10
CA ALA K 177 -76.98 13.28 -30.99
C ALA K 177 -77.51 13.69 -29.62
N LEU K 178 -78.44 12.91 -29.06
CA LEU K 178 -79.08 13.24 -27.80
C LEU K 178 -78.50 12.35 -26.70
N THR K 179 -77.73 12.98 -25.80
CA THR K 179 -77.11 12.28 -24.68
C THR K 179 -77.47 12.83 -23.29
N SER K 180 -77.86 14.09 -23.21
CA SER K 180 -78.17 14.73 -21.94
C SER K 180 -79.57 14.34 -21.47
N GLY K 181 -79.68 13.93 -20.21
CA GLY K 181 -80.95 13.52 -19.65
C GLY K 181 -81.37 12.10 -19.95
N VAL K 182 -80.46 11.28 -20.50
CA VAL K 182 -80.78 9.94 -20.96
C VAL K 182 -80.51 8.95 -19.83
N HIS K 183 -81.55 8.23 -19.42
CA HIS K 183 -81.46 7.19 -18.39
C HIS K 183 -81.85 5.85 -19.02
N THR K 184 -80.86 4.99 -19.25
CA THR K 184 -81.10 3.64 -19.74
C THR K 184 -81.07 2.70 -18.55
N PHE K 185 -82.24 2.15 -18.19
CA PHE K 185 -82.34 1.32 -17.02
C PHE K 185 -81.67 -0.03 -17.25
N PRO K 186 -81.12 -0.63 -16.21
CA PRO K 186 -80.53 -1.97 -16.35
C PRO K 186 -81.59 -3.00 -16.69
N ALA K 187 -81.12 -4.11 -17.25
CA ALA K 187 -82.02 -5.17 -17.68
C ALA K 187 -82.65 -5.86 -16.48
N VAL K 188 -83.93 -6.21 -16.62
CA VAL K 188 -84.59 -7.14 -15.72
C VAL K 188 -84.86 -8.41 -16.49
N LEU K 189 -84.79 -9.54 -15.79
CA LEU K 189 -85.03 -10.84 -16.39
C LEU K 189 -86.46 -11.26 -16.12
N GLN K 190 -87.21 -11.52 -17.18
CA GLN K 190 -88.64 -11.77 -17.06
C GLN K 190 -88.94 -13.20 -16.63
N SER K 191 -90.19 -13.42 -16.26
CA SER K 191 -90.68 -14.77 -15.98
C SER K 191 -90.44 -15.71 -17.15
N SER K 192 -90.54 -15.20 -18.38
CA SER K 192 -90.25 -15.98 -19.57
C SER K 192 -88.75 -16.23 -19.76
N GLY K 193 -87.92 -16.01 -18.76
CA GLY K 193 -86.48 -16.17 -18.93
C GLY K 193 -85.89 -15.25 -19.97
N LEU K 194 -86.54 -14.13 -20.26
CA LEU K 194 -86.09 -13.18 -21.25
C LEU K 194 -85.78 -11.85 -20.57
N TYR K 195 -84.93 -11.06 -21.21
CA TYR K 195 -84.56 -9.77 -20.68
C TYR K 195 -85.40 -8.67 -21.31
N SER K 196 -85.55 -7.57 -20.57
CA SER K 196 -86.36 -6.43 -21.00
C SER K 196 -85.96 -5.21 -20.19
N LEU K 197 -85.90 -4.06 -20.85
CA LEU K 197 -85.58 -2.81 -20.17
C LEU K 197 -86.25 -1.66 -20.91
N SER K 198 -86.16 -0.48 -20.33
CA SER K 198 -86.64 0.73 -20.98
C SER K 198 -85.59 1.82 -20.85
N SER K 199 -85.59 2.73 -21.82
CA SER K 199 -84.66 3.85 -21.87
C SER K 199 -85.45 5.12 -22.12
N VAL K 200 -85.37 6.07 -21.19
CA VAL K 200 -86.21 7.26 -21.20
C VAL K 200 -85.35 8.51 -21.34
N VAL K 201 -86.01 9.62 -21.71
CA VAL K 201 -85.35 10.91 -21.90
C VAL K 201 -86.26 12.02 -21.38
N THR K 202 -85.66 13.02 -20.73
CA THR K 202 -86.37 14.23 -20.32
C THR K 202 -85.95 15.37 -21.24
N VAL K 203 -86.93 15.97 -21.92
CA VAL K 203 -86.68 17.12 -22.81
C VAL K 203 -87.76 18.15 -22.59
N PRO K 204 -87.50 19.41 -22.93
CA PRO K 204 -88.53 20.43 -22.79
C PRO K 204 -89.71 20.13 -23.71
N SER K 205 -90.91 20.11 -23.12
CA SER K 205 -92.12 19.82 -23.88
C SER K 205 -92.25 20.75 -25.07
N SER K 206 -91.79 22.00 -24.92
CA SER K 206 -91.86 22.96 -26.01
C SER K 206 -91.15 22.47 -27.27
N SER K 207 -90.21 21.53 -27.14
CA SER K 207 -89.48 20.99 -28.28
C SER K 207 -90.04 19.65 -28.75
N LEU K 208 -91.25 19.29 -28.32
CA LEU K 208 -91.81 17.99 -28.70
C LEU K 208 -92.20 17.97 -30.17
N GLY K 209 -92.88 19.02 -30.65
CA GLY K 209 -93.22 19.10 -32.05
C GLY K 209 -92.09 19.58 -32.93
N THR K 210 -91.13 20.32 -32.37
CA THR K 210 -90.03 20.84 -33.16
C THR K 210 -89.10 19.73 -33.61
N GLN K 211 -88.50 19.02 -32.67
CA GLN K 211 -87.49 18.01 -32.96
C GLN K 211 -88.08 16.61 -32.92
N THR K 212 -87.52 15.72 -33.74
CA THR K 212 -87.93 14.33 -33.79
C THR K 212 -86.98 13.47 -32.96
N TYR K 213 -87.52 12.47 -32.28
CA TYR K 213 -86.76 11.66 -31.32
C TYR K 213 -86.78 10.20 -31.75
N ILE K 214 -85.60 9.62 -31.92
CA ILE K 214 -85.42 8.23 -32.33
C ILE K 214 -84.40 7.59 -31.40
N CYS K 215 -84.68 6.36 -30.97
CA CYS K 215 -83.71 5.57 -30.21
C CYS K 215 -83.15 4.46 -31.09
N ASN K 216 -81.88 4.13 -30.86
CA ASN K 216 -81.15 3.16 -31.66
C ASN K 216 -80.74 2.00 -30.77
N VAL K 217 -81.40 0.87 -30.93
CA VAL K 217 -81.12 -0.34 -30.17
C VAL K 217 -80.30 -1.29 -31.05
N ASN K 218 -79.25 -1.87 -30.48
CA ASN K 218 -78.43 -2.85 -31.17
C ASN K 218 -78.22 -4.05 -30.25
N HIS K 219 -78.39 -5.24 -30.81
CA HIS K 219 -78.18 -6.50 -30.09
C HIS K 219 -77.25 -7.35 -30.94
N LYS K 220 -75.96 -7.36 -30.60
CA LYS K 220 -74.95 -8.13 -31.31
C LYS K 220 -75.15 -9.65 -31.21
N PRO K 221 -75.62 -10.20 -30.06
CA PRO K 221 -75.86 -11.65 -30.02
C PRO K 221 -76.77 -12.15 -31.13
N SER K 222 -77.93 -11.54 -31.31
CA SER K 222 -78.77 -11.85 -32.46
C SER K 222 -78.33 -11.10 -33.71
N ASN K 223 -77.34 -10.21 -33.60
CA ASN K 223 -76.91 -9.34 -34.69
C ASN K 223 -78.08 -8.52 -35.23
N THR K 224 -78.92 -8.04 -34.31
CA THR K 224 -80.12 -7.27 -34.62
C THR K 224 -79.89 -5.81 -34.26
N LYS K 225 -80.39 -4.90 -35.11
CA LYS K 225 -80.30 -3.47 -34.87
C LYS K 225 -81.57 -2.81 -35.37
N VAL K 226 -82.31 -2.19 -34.46
CA VAL K 226 -83.59 -1.57 -34.76
C VAL K 226 -83.50 -0.07 -34.44
N ASP K 227 -84.25 0.73 -35.20
CA ASP K 227 -84.35 2.17 -34.99
C ASP K 227 -85.83 2.52 -34.91
N LYS K 228 -86.29 2.92 -33.73
CA LYS K 228 -87.71 3.12 -33.47
C LYS K 228 -88.02 4.59 -33.25
N ARG K 229 -89.00 5.11 -33.97
CA ARG K 229 -89.32 6.51 -33.81
C ARG K 229 -90.32 6.68 -32.69
N VAL K 230 -89.97 7.52 -31.73
CA VAL K 230 -90.90 7.83 -30.64
C VAL K 230 -91.72 9.08 -30.89
N GLU K 231 -92.71 8.97 -31.77
CA GLU K 231 -93.64 10.07 -32.04
C GLU K 231 -94.60 10.24 -30.88
N PRO K 232 -94.86 11.57 -30.51
CA PRO K 232 -95.73 11.69 -29.33
C PRO K 232 -97.17 11.36 -29.65
N LYS K 233 -97.94 11.01 -28.64
CA LYS K 233 -99.36 10.77 -28.79
C LYS K 233 -100.16 11.79 -27.97
N ASP L 1 -67.44 -23.02 8.05
CA ASP L 1 -67.29 -21.75 7.34
C ASP L 1 -67.46 -20.57 8.28
N ILE L 2 -66.72 -19.50 8.02
CA ILE L 2 -66.85 -18.24 8.75
C ILE L 2 -67.94 -17.42 8.09
N GLN L 3 -68.78 -16.77 8.90
CA GLN L 3 -69.85 -15.93 8.39
C GLN L 3 -69.49 -14.48 8.67
N MET L 4 -69.31 -13.70 7.60
CA MET L 4 -68.94 -12.30 7.69
C MET L 4 -70.20 -11.45 7.54
N THR L 5 -70.59 -10.78 8.62
CA THR L 5 -71.76 -9.91 8.63
C THR L 5 -71.26 -8.46 8.54
N GLN L 6 -71.49 -7.82 7.40
CA GLN L 6 -70.98 -6.48 7.15
C GLN L 6 -72.01 -5.42 7.55
N SER L 7 -71.52 -4.24 7.91
CA SER L 7 -72.37 -3.15 8.38
C SER L 7 -71.69 -1.79 8.32
N PRO L 8 -72.42 -0.75 7.87
CA PRO L 8 -73.82 -0.77 7.45
C PRO L 8 -73.98 -1.22 6.00
N SER L 9 -75.21 -1.49 5.57
CA SER L 9 -75.42 -1.92 4.18
C SER L 9 -75.24 -0.76 3.21
N THR L 10 -75.77 0.42 3.55
CA THR L 10 -75.59 1.61 2.75
C THR L 10 -75.24 2.77 3.67
N LEU L 11 -74.34 3.63 3.20
CA LEU L 11 -74.01 4.87 3.91
C LEU L 11 -73.84 5.98 2.90
N SER L 12 -74.17 7.20 3.31
CA SER L 12 -73.99 8.40 2.50
C SER L 12 -72.95 9.29 3.14
N ALA L 13 -72.10 9.89 2.30
CA ALA L 13 -71.05 10.78 2.77
C ALA L 13 -70.71 11.76 1.65
N SER L 14 -69.81 12.69 1.96
CA SER L 14 -69.38 13.71 1.01
C SER L 14 -67.87 13.72 0.94
N THR L 15 -67.34 14.46 -0.03
CA THR L 15 -65.90 14.52 -0.18
C THR L 15 -65.25 15.12 1.06
N GLY L 16 -64.08 14.60 1.41
CA GLY L 16 -63.39 15.02 2.62
C GLY L 16 -63.88 14.40 3.89
N ASP L 17 -65.08 13.80 3.89
CA ASP L 17 -65.61 13.14 5.07
C ASP L 17 -64.68 12.01 5.53
N THR L 18 -64.89 11.58 6.77
CA THR L 18 -64.26 10.39 7.31
C THR L 18 -65.34 9.35 7.57
N VAL L 19 -65.18 8.17 7.00
CA VAL L 19 -66.25 7.16 6.99
C VAL L 19 -65.70 5.84 7.49
N ARG L 20 -66.55 5.09 8.19
CA ARG L 20 -66.17 3.84 8.84
C ARG L 20 -67.19 2.76 8.50
N ILE L 21 -66.68 1.63 8.01
CA ILE L 21 -67.50 0.48 7.65
C ILE L 21 -67.08 -0.68 8.53
N SER L 22 -68.05 -1.32 9.18
CA SER L 22 -67.79 -2.39 10.12
C SER L 22 -68.13 -3.74 9.50
N CYS L 23 -67.44 -4.78 9.98
CA CYS L 23 -67.65 -6.14 9.48
C CYS L 23 -67.36 -7.11 10.62
N ARG L 24 -68.39 -7.84 11.03
CA ARG L 24 -68.29 -8.80 12.12
C ARG L 24 -68.25 -10.21 11.56
N ALA L 25 -67.50 -11.09 12.23
CA ALA L 25 -67.41 -12.49 11.87
C ALA L 25 -68.18 -13.33 12.86
N SER L 26 -68.64 -14.50 12.41
CA SER L 26 -69.33 -15.43 13.29
C SER L 26 -68.40 -15.94 14.38
N GLN L 27 -67.16 -16.26 14.03
CA GLN L 27 -66.12 -16.62 14.97
C GLN L 27 -65.14 -15.45 15.12
N SER L 28 -64.23 -15.57 16.09
CA SER L 28 -63.19 -14.58 16.28
C SER L 28 -61.97 -14.96 15.45
N ILE L 29 -61.42 -13.98 14.72
CA ILE L 29 -60.29 -14.23 13.84
C ILE L 29 -59.04 -13.60 14.44
N THR L 30 -58.28 -14.39 15.20
CA THR L 30 -57.10 -13.86 15.88
C THR L 30 -56.04 -13.44 14.87
N GLY L 31 -55.64 -14.36 13.98
CA GLY L 31 -54.58 -14.08 13.02
C GLY L 31 -54.83 -12.85 12.17
N ASN L 32 -56.00 -12.23 12.26
CA ASN L 32 -56.34 -11.04 11.49
C ASN L 32 -56.31 -11.33 9.99
N TRP L 33 -56.78 -12.52 9.60
CA TRP L 33 -56.81 -12.92 8.20
C TRP L 33 -58.07 -12.39 7.54
N VAL L 34 -58.09 -11.07 7.35
CA VAL L 34 -59.24 -10.39 6.77
C VAL L 34 -58.75 -9.35 5.76
N ALA L 35 -59.41 -9.30 4.61
CA ALA L 35 -59.09 -8.36 3.55
C ALA L 35 -60.29 -7.47 3.24
N TRP L 36 -60.01 -6.32 2.62
CA TRP L 36 -61.02 -5.37 2.20
C TRP L 36 -60.89 -5.10 0.71
N TYR L 37 -62.03 -4.94 0.04
CA TYR L 37 -62.08 -4.77 -1.40
C TYR L 37 -62.99 -3.62 -1.78
N GLN L 38 -62.59 -2.89 -2.82
CA GLN L 38 -63.40 -1.85 -3.43
C GLN L 38 -63.82 -2.30 -4.82
N GLN L 39 -65.10 -2.15 -5.14
CA GLN L 39 -65.62 -2.54 -6.44
C GLN L 39 -66.56 -1.45 -6.93
N ARG L 40 -66.16 -0.74 -7.96
CA ARG L 40 -67.07 0.16 -8.66
C ARG L 40 -67.90 -0.64 -9.64
N PRO L 41 -69.15 -0.24 -9.89
CA PRO L 41 -70.05 -1.07 -10.70
C PRO L 41 -69.46 -1.36 -12.08
N GLY L 42 -69.44 -2.65 -12.42
CA GLY L 42 -69.03 -3.12 -13.72
C GLY L 42 -67.58 -3.58 -13.80
N LYS L 43 -66.69 -2.95 -13.04
CA LYS L 43 -65.26 -3.28 -13.07
C LYS L 43 -64.89 -4.21 -11.93
N ALA L 44 -63.70 -4.80 -12.04
CA ALA L 44 -63.29 -5.82 -11.10
C ALA L 44 -62.90 -5.22 -9.75
N PRO L 45 -63.11 -5.96 -8.66
CA PRO L 45 -62.71 -5.45 -7.35
C PRO L 45 -61.21 -5.21 -7.26
N ARG L 46 -60.85 -4.29 -6.37
CA ARG L 46 -59.46 -3.97 -6.06
C ARG L 46 -59.17 -4.39 -4.63
N LEU L 47 -58.03 -5.06 -4.42
CA LEU L 47 -57.60 -5.39 -3.07
C LEU L 47 -57.00 -4.15 -2.42
N LEU L 48 -57.65 -3.67 -1.38
CA LEU L 48 -57.23 -2.46 -0.67
C LEU L 48 -56.39 -2.77 0.56
N ILE L 49 -56.87 -3.67 1.42
CA ILE L 49 -56.25 -3.96 2.70
C ILE L 49 -56.29 -5.46 2.93
N TYR L 50 -55.16 -6.03 3.35
CA TYR L 50 -55.07 -7.41 3.76
C TYR L 50 -54.54 -7.47 5.18
N ARG L 51 -55.00 -8.44 5.96
CA ARG L 51 -54.51 -8.66 7.32
C ARG L 51 -54.77 -7.47 8.23
N GLY L 52 -55.80 -6.69 7.94
CA GLY L 52 -56.24 -5.63 8.84
C GLY L 52 -55.54 -4.29 8.69
N ALA L 53 -54.27 -4.20 9.05
CA ALA L 53 -53.55 -2.94 9.02
C ALA L 53 -52.64 -2.79 7.81
N ALA L 54 -52.61 -3.79 6.93
CA ALA L 54 -51.66 -3.79 5.83
C ALA L 54 -52.28 -3.19 4.58
N LEU L 55 -51.64 -2.15 4.04
CA LEU L 55 -52.07 -1.53 2.80
C LEU L 55 -51.32 -2.18 1.64
N LEU L 56 -52.04 -2.51 0.58
CA LEU L 56 -51.44 -3.07 -0.62
C LEU L 56 -50.74 -1.97 -1.41
N GLY L 57 -49.62 -2.33 -2.02
CA GLY L 57 -48.82 -1.38 -2.78
C GLY L 57 -49.61 -0.57 -3.78
N GLY L 58 -49.67 0.75 -3.57
CA GLY L 58 -50.40 1.65 -4.43
C GLY L 58 -51.71 2.15 -3.88
N VAL L 59 -52.21 1.55 -2.81
CA VAL L 59 -53.47 2.00 -2.20
C VAL L 59 -53.19 3.24 -1.36
N PRO L 60 -54.01 4.29 -1.47
CA PRO L 60 -53.71 5.54 -0.76
C PRO L 60 -53.61 5.36 0.75
N SER L 61 -52.89 6.31 1.38
CA SER L 61 -52.68 6.26 2.81
C SER L 61 -53.98 6.46 3.59
N ARG L 62 -54.97 7.14 2.99
CA ARG L 62 -56.20 7.43 3.71
C ARG L 62 -57.05 6.19 3.97
N PHE L 63 -56.72 5.06 3.36
CA PHE L 63 -57.34 3.80 3.69
C PHE L 63 -56.53 3.12 4.79
N ARG L 64 -57.19 2.81 5.91
CA ARG L 64 -56.55 2.15 7.03
C ARG L 64 -57.58 1.28 7.73
N GLY L 65 -57.18 0.08 8.11
CA GLY L 65 -58.09 -0.86 8.75
C GLY L 65 -57.65 -1.24 10.15
N SER L 66 -58.62 -1.68 10.96
CA SER L 66 -58.37 -2.03 12.36
C SER L 66 -59.11 -3.32 12.70
N ALA L 67 -58.44 -4.20 13.44
CA ALA L 67 -58.96 -5.54 13.71
C ALA L 67 -58.79 -5.87 15.18
N ALA L 68 -59.90 -6.14 15.87
CA ALA L 68 -59.87 -6.51 17.28
C ALA L 68 -60.93 -7.58 17.50
N GLY L 69 -60.49 -8.80 17.77
CA GLY L 69 -61.42 -9.87 18.10
C GLY L 69 -62.28 -10.22 16.90
N THR L 70 -63.60 -10.14 17.09
CA THR L 70 -64.54 -10.46 16.02
C THR L 70 -64.84 -9.26 15.11
N ASP L 71 -64.83 -8.05 15.66
CA ASP L 71 -65.18 -6.87 14.88
C ASP L 71 -64.00 -6.38 14.05
N PHE L 72 -64.31 -5.85 12.87
CA PHE L 72 -63.33 -5.28 11.94
C PHE L 72 -63.90 -3.99 11.38
N THR L 73 -63.02 -3.00 11.14
CA THR L 73 -63.47 -1.71 10.66
C THR L 73 -62.53 -1.18 9.58
N LEU L 74 -63.11 -0.81 8.43
CA LEU L 74 -62.40 -0.10 7.39
C LEU L 74 -62.70 1.39 7.50
N THR L 75 -61.65 2.21 7.53
CA THR L 75 -61.78 3.64 7.76
C THR L 75 -61.25 4.41 6.57
N ILE L 76 -62.08 5.28 6.00
CA ILE L 76 -61.71 6.13 4.87
C ILE L 76 -61.86 7.57 5.33
N GLY L 77 -60.75 8.20 5.71
CA GLY L 77 -60.76 9.63 5.95
C GLY L 77 -60.56 10.40 4.67
N ASN L 78 -60.98 11.67 4.69
CA ASN L 78 -60.88 12.56 3.53
C ASN L 78 -61.44 11.88 2.29
N LEU L 79 -62.73 11.52 2.38
CA LEU L 79 -63.39 10.78 1.31
C LEU L 79 -63.23 11.52 -0.01
N GLN L 80 -62.88 10.76 -1.04
CA GLN L 80 -62.65 11.31 -2.36
C GLN L 80 -63.69 10.74 -3.32
N ALA L 81 -63.86 11.41 -4.46
CA ALA L 81 -64.83 10.95 -5.45
C ALA L 81 -64.51 9.54 -5.93
N GLU L 82 -63.22 9.24 -6.14
CA GLU L 82 -62.82 7.92 -6.60
C GLU L 82 -63.14 6.83 -5.59
N ASP L 83 -63.38 7.19 -4.33
CA ASP L 83 -63.59 6.18 -3.29
C ASP L 83 -65.01 5.66 -3.24
N PHE L 84 -65.98 6.40 -3.77
CA PHE L 84 -67.36 5.96 -3.74
C PHE L 84 -67.53 4.64 -4.49
N GLY L 85 -68.42 3.81 -3.98
CA GLY L 85 -68.69 2.51 -4.57
C GLY L 85 -69.19 1.54 -3.51
N THR L 86 -68.93 0.26 -3.76
CA THR L 86 -69.29 -0.83 -2.85
C THR L 86 -68.01 -1.45 -2.27
N PHE L 87 -68.05 -1.79 -0.98
CA PHE L 87 -66.91 -2.34 -0.28
C PHE L 87 -67.29 -3.68 0.34
N TYR L 88 -66.35 -4.62 0.31
CA TYR L 88 -66.55 -5.97 0.83
C TYR L 88 -65.40 -6.35 1.75
N CYS L 89 -65.74 -6.92 2.91
CA CYS L 89 -64.77 -7.55 3.78
C CYS L 89 -64.69 -9.03 3.46
N GLN L 90 -63.48 -9.58 3.48
CA GLN L 90 -63.25 -10.99 3.20
C GLN L 90 -62.36 -11.59 4.27
N GLN L 91 -62.80 -12.69 4.87
CA GLN L 91 -61.97 -13.44 5.79
C GLN L 91 -61.31 -14.59 5.04
N TYR L 92 -60.13 -14.98 5.51
CA TYR L 92 -59.43 -16.15 5.00
C TYR L 92 -58.67 -16.84 6.13
N ASP L 93 -59.31 -16.95 7.29
CA ASP L 93 -58.76 -17.67 8.43
C ASP L 93 -59.08 -19.16 8.38
N THR L 94 -60.33 -19.51 8.03
CA THR L 94 -60.73 -20.89 7.82
C THR L 94 -61.19 -21.08 6.38
N TYR L 95 -60.90 -22.25 5.84
CA TYR L 95 -61.40 -22.64 4.51
C TYR L 95 -62.89 -22.91 4.61
N PRO L 96 -63.68 -22.36 3.68
CA PRO L 96 -63.25 -21.51 2.57
C PRO L 96 -63.31 -20.01 2.92
N GLY L 97 -62.56 -19.20 2.18
CA GLY L 97 -62.64 -17.76 2.36
C GLY L 97 -64.05 -17.26 2.11
N THR L 98 -64.56 -16.41 3.00
CA THR L 98 -65.91 -15.90 2.88
C THR L 98 -65.92 -14.38 2.88
N PHE L 99 -66.79 -13.81 2.06
CA PHE L 99 -66.95 -12.37 1.92
C PHE L 99 -68.17 -11.91 2.71
N GLY L 100 -68.28 -10.60 2.87
CA GLY L 100 -69.43 -10.02 3.52
C GLY L 100 -70.55 -9.70 2.55
N GLN L 101 -71.69 -9.30 3.12
CA GLN L 101 -72.80 -8.85 2.29
C GLN L 101 -72.42 -7.66 1.45
N GLY L 102 -71.53 -6.81 1.95
CA GLY L 102 -71.11 -5.61 1.26
C GLY L 102 -71.68 -4.35 1.89
N THR L 103 -71.06 -3.22 1.57
CA THR L 103 -71.48 -1.92 2.07
C THR L 103 -71.43 -0.90 0.94
N LYS L 104 -72.57 -0.29 0.65
CA LYS L 104 -72.67 0.72 -0.40
C LYS L 104 -72.39 2.11 0.16
N VAL L 105 -71.61 2.88 -0.59
CA VAL L 105 -71.19 4.21 -0.19
C VAL L 105 -71.69 5.18 -1.24
N GLU L 106 -72.79 5.87 -0.95
CA GLU L 106 -73.40 6.79 -1.89
C GLU L 106 -73.05 8.23 -1.53
N VAL L 107 -73.30 9.13 -2.48
CA VAL L 107 -73.04 10.55 -2.29
C VAL L 107 -74.20 11.18 -1.55
N LYS L 108 -73.89 12.16 -0.71
CA LYS L 108 -74.92 12.98 -0.09
C LYS L 108 -75.49 13.96 -1.11
N ARG L 109 -76.78 14.24 -0.97
CA ARG L 109 -77.45 15.25 -1.78
C ARG L 109 -78.65 15.71 -1.00
N THR L 110 -79.11 16.93 -1.29
CA THR L 110 -80.36 17.38 -0.71
C THR L 110 -81.48 16.46 -1.19
N VAL L 111 -82.45 16.20 -0.31
CA VAL L 111 -83.54 15.32 -0.68
C VAL L 111 -84.27 15.89 -1.89
N ALA L 112 -84.67 15.01 -2.81
CA ALA L 112 -85.19 15.42 -4.11
C ALA L 112 -86.47 14.67 -4.42
N ALA L 113 -87.53 15.42 -4.73
CA ALA L 113 -88.79 14.81 -5.12
C ALA L 113 -88.66 14.23 -6.52
N PRO L 114 -89.32 13.10 -6.78
CA PRO L 114 -89.21 12.45 -8.09
C PRO L 114 -90.19 13.02 -9.12
N SER L 115 -89.69 13.23 -10.33
CA SER L 115 -90.56 13.49 -11.46
C SER L 115 -91.25 12.20 -11.86
N VAL L 116 -92.58 12.19 -11.79
CA VAL L 116 -93.38 10.99 -12.06
C VAL L 116 -94.00 11.12 -13.44
N PHE L 117 -93.86 10.07 -14.24
CA PHE L 117 -94.52 9.97 -15.53
C PHE L 117 -95.15 8.58 -15.64
N ILE L 118 -96.28 8.51 -16.33
CA ILE L 118 -96.93 7.23 -16.62
C ILE L 118 -97.04 7.07 -18.13
N PHE L 119 -96.76 5.86 -18.60
CA PHE L 119 -96.78 5.55 -20.03
C PHE L 119 -97.73 4.40 -20.29
N PRO L 120 -98.79 4.61 -21.09
CA PRO L 120 -99.65 3.51 -21.48
C PRO L 120 -98.96 2.61 -22.50
N PRO L 121 -99.49 1.43 -22.78
CA PRO L 121 -98.83 0.55 -23.74
C PRO L 121 -98.94 1.08 -25.16
N SER L 122 -97.92 0.77 -25.95
CA SER L 122 -97.92 1.15 -27.35
C SER L 122 -99.04 0.43 -28.11
N ASP L 123 -99.67 1.15 -29.04
CA ASP L 123 -100.67 0.51 -29.89
C ASP L 123 -100.05 -0.64 -30.70
N GLU L 124 -98.81 -0.48 -31.15
CA GLU L 124 -98.14 -1.54 -31.88
C GLU L 124 -97.91 -2.75 -30.99
N GLN L 125 -97.55 -2.52 -29.72
CA GLN L 125 -97.39 -3.62 -28.78
C GLN L 125 -98.69 -4.43 -28.65
N LEU L 126 -99.83 -3.78 -28.83
CA LEU L 126 -101.11 -4.49 -28.75
C LEU L 126 -101.30 -5.47 -29.91
N LYS L 127 -100.80 -5.13 -31.10
CA LYS L 127 -100.87 -6.07 -32.21
C LYS L 127 -99.97 -7.27 -32.03
N SER L 128 -99.01 -7.20 -31.10
CA SER L 128 -98.21 -8.37 -30.72
C SER L 128 -98.96 -9.29 -29.77
N GLY L 129 -100.03 -8.79 -29.14
CA GLY L 129 -100.81 -9.58 -28.21
C GLY L 129 -100.45 -9.43 -26.74
N THR L 130 -99.56 -8.49 -26.40
CA THR L 130 -99.16 -8.26 -25.02
C THR L 130 -99.20 -6.76 -24.75
N ALA L 131 -99.38 -6.38 -23.49
CA ALA L 131 -99.47 -4.99 -23.09
C ALA L 131 -98.58 -4.74 -21.88
N SER L 132 -97.75 -3.70 -21.96
CA SER L 132 -96.84 -3.34 -20.88
C SER L 132 -97.12 -1.90 -20.45
N VAL L 133 -97.24 -1.68 -19.14
CA VAL L 133 -97.45 -0.35 -18.57
C VAL L 133 -96.22 0.03 -17.77
N VAL L 134 -95.74 1.26 -17.95
CA VAL L 134 -94.52 1.75 -17.35
C VAL L 134 -94.82 3.01 -16.55
N CYS L 135 -94.29 3.07 -15.33
CA CYS L 135 -94.30 4.28 -14.51
C CYS L 135 -92.86 4.70 -14.28
N LEU L 136 -92.56 5.96 -14.58
CA LEU L 136 -91.20 6.48 -14.51
C LEU L 136 -91.03 7.39 -13.30
N LEU L 137 -89.99 7.14 -12.52
CA LEU L 137 -89.57 8.01 -11.42
C LEU L 137 -88.16 8.48 -11.76
N ASN L 138 -87.96 9.80 -11.77
CA ASN L 138 -86.72 10.35 -12.31
C ASN L 138 -86.14 11.43 -11.40
N ASN L 139 -84.80 11.43 -11.31
CA ASN L 139 -84.03 12.47 -10.60
C ASN L 139 -84.36 12.72 -9.13
N PHE L 140 -84.45 11.65 -8.35
CA PHE L 140 -84.93 11.74 -6.98
C PHE L 140 -83.87 11.25 -6.00
N TYR L 141 -84.04 11.66 -4.74
CA TYR L 141 -83.16 11.27 -3.65
C TYR L 141 -83.90 11.41 -2.32
N PRO L 142 -83.74 10.44 -1.41
CA PRO L 142 -82.90 9.25 -1.54
C PRO L 142 -83.56 8.10 -2.29
N ARG L 143 -82.85 6.98 -2.39
CA ARG L 143 -83.27 5.88 -3.25
C ARG L 143 -84.44 5.08 -2.70
N GLU L 144 -84.80 5.25 -1.43
CA GLU L 144 -85.92 4.49 -0.86
C GLU L 144 -87.24 5.07 -1.36
N ALA L 145 -87.98 4.27 -2.11
CA ALA L 145 -89.27 4.67 -2.65
C ALA L 145 -90.04 3.42 -3.05
N LYS L 146 -91.37 3.49 -2.90
CA LYS L 146 -92.24 2.35 -3.16
C LYS L 146 -93.31 2.74 -4.17
N VAL L 147 -93.55 1.88 -5.14
CA VAL L 147 -94.59 2.09 -6.14
C VAL L 147 -95.59 0.94 -6.06
N GLN L 148 -96.87 1.29 -6.18
CA GLN L 148 -97.94 0.31 -6.33
C GLN L 148 -98.79 0.72 -7.52
N TRP L 149 -99.38 -0.28 -8.18
CA TRP L 149 -100.21 -0.06 -9.35
C TRP L 149 -101.67 -0.24 -8.98
N LYS L 150 -102.51 0.70 -9.40
CA LYS L 150 -103.95 0.68 -9.13
C LYS L 150 -104.70 0.63 -10.45
N VAL L 151 -105.38 -0.49 -10.70
CA VAL L 151 -106.13 -0.72 -11.93
C VAL L 151 -107.60 -0.86 -11.56
N ASP L 152 -108.45 -0.04 -12.20
CA ASP L 152 -109.86 0.07 -11.80
C ASP L 152 -109.97 0.33 -10.30
N ASN L 153 -109.04 1.15 -9.78
CA ASN L 153 -108.99 1.52 -8.36
C ASN L 153 -108.76 0.32 -7.45
N ALA L 154 -108.14 -0.74 -7.98
CA ALA L 154 -107.84 -1.95 -7.22
C ALA L 154 -106.36 -2.23 -7.24
N LEU L 155 -105.83 -2.70 -6.11
CA LEU L 155 -104.41 -3.00 -6.00
C LEU L 155 -104.01 -4.14 -6.94
N GLN L 156 -102.75 -4.13 -7.34
CA GLN L 156 -102.19 -5.11 -8.26
C GLN L 156 -100.77 -5.45 -7.83
N SER L 157 -100.49 -6.74 -7.69
CA SER L 157 -99.17 -7.17 -7.26
C SER L 157 -98.84 -8.50 -7.90
N GLY L 158 -97.56 -8.87 -7.84
CA GLY L 158 -97.07 -10.09 -8.43
C GLY L 158 -96.73 -9.99 -9.91
N ASN L 159 -97.11 -8.91 -10.58
CA ASN L 159 -96.87 -8.74 -12.01
C ASN L 159 -96.10 -7.47 -12.33
N SER L 160 -95.55 -6.79 -11.33
CA SER L 160 -94.78 -5.58 -11.54
C SER L 160 -93.31 -5.84 -11.28
N GLN L 161 -92.45 -5.26 -12.12
CA GLN L 161 -91.01 -5.38 -12.00
C GLN L 161 -90.38 -3.99 -11.96
N GLU L 162 -89.20 -3.90 -11.34
CA GLU L 162 -88.53 -2.63 -11.14
C GLU L 162 -87.09 -2.70 -11.61
N SER L 163 -86.57 -1.55 -12.06
CA SER L 163 -85.21 -1.40 -12.54
C SER L 163 -84.74 -0.01 -12.17
N VAL L 164 -83.49 0.11 -11.71
CA VAL L 164 -82.99 1.35 -11.14
C VAL L 164 -81.60 1.66 -11.71
N THR L 165 -81.40 2.93 -12.07
CA THR L 165 -80.09 3.40 -12.47
C THR L 165 -79.16 3.49 -11.26
N GLU L 166 -77.87 3.56 -11.55
CA GLU L 166 -76.91 3.92 -10.50
C GLU L 166 -76.86 5.44 -10.38
N GLN L 167 -76.40 5.92 -9.22
CA GLN L 167 -76.45 7.33 -8.88
C GLN L 167 -75.76 8.18 -9.94
N ASP L 168 -76.43 9.27 -10.32
CA ASP L 168 -75.88 10.17 -11.33
C ASP L 168 -74.68 10.92 -10.75
N SER L 169 -73.59 10.93 -11.51
CA SER L 169 -72.35 11.53 -11.02
C SER L 169 -72.49 13.02 -10.81
N LYS L 170 -73.32 13.70 -11.62
CA LYS L 170 -73.37 15.15 -11.61
C LYS L 170 -74.33 15.71 -10.56
N ASP L 171 -75.54 15.14 -10.44
CA ASP L 171 -76.55 15.65 -9.53
C ASP L 171 -76.73 14.80 -8.28
N SER L 172 -76.16 13.58 -8.25
CA SER L 172 -76.30 12.67 -7.12
C SER L 172 -77.75 12.25 -6.90
N THR L 173 -78.49 12.09 -8.00
CA THR L 173 -79.87 11.62 -7.97
C THR L 173 -79.99 10.29 -8.68
N TYR L 174 -81.12 9.61 -8.44
CA TYR L 174 -81.39 8.28 -8.97
C TYR L 174 -82.60 8.36 -9.91
N SER L 175 -82.88 7.24 -10.58
CA SER L 175 -84.02 7.13 -11.49
C SER L 175 -84.49 5.69 -11.52
N LEU L 176 -85.81 5.49 -11.57
CA LEU L 176 -86.39 4.15 -11.44
C LEU L 176 -87.47 3.90 -12.48
N SER L 177 -87.55 2.64 -12.91
CA SER L 177 -88.53 2.18 -13.89
C SER L 177 -89.36 1.06 -13.27
N SER L 178 -90.68 1.24 -13.27
CA SER L 178 -91.61 0.22 -12.82
C SER L 178 -92.43 -0.24 -14.01
N THR L 179 -92.21 -1.49 -14.44
CA THR L 179 -92.87 -2.04 -15.61
C THR L 179 -93.94 -3.04 -15.17
N LEU L 180 -95.20 -2.74 -15.48
CA LEU L 180 -96.33 -3.61 -15.20
C LEU L 180 -96.76 -4.29 -16.50
N THR L 181 -96.75 -5.62 -16.50
CA THR L 181 -97.04 -6.41 -17.69
C THR L 181 -98.24 -7.32 -17.43
N LEU L 182 -99.10 -7.45 -18.44
CA LEU L 182 -100.27 -8.30 -18.34
C LEU L 182 -100.79 -8.60 -19.74
N SER L 183 -101.76 -9.51 -19.80
CA SER L 183 -102.27 -10.01 -21.08
C SER L 183 -103.07 -8.95 -21.81
N LYS L 184 -103.16 -9.13 -23.13
CA LYS L 184 -103.88 -8.17 -23.97
C LYS L 184 -105.37 -8.18 -23.66
N ALA L 185 -105.95 -9.37 -23.45
CA ALA L 185 -107.37 -9.46 -23.19
C ALA L 185 -107.74 -8.78 -21.88
N ASP L 186 -106.89 -8.91 -20.86
CA ASP L 186 -107.18 -8.31 -19.56
C ASP L 186 -107.15 -6.78 -19.65
N TYR L 187 -106.23 -6.24 -20.45
CA TYR L 187 -106.08 -4.78 -20.52
C TYR L 187 -107.38 -4.12 -20.95
N GLU L 188 -107.95 -4.56 -22.08
CA GLU L 188 -109.20 -3.97 -22.56
C GLU L 188 -110.31 -4.08 -21.52
N LYS L 189 -110.31 -5.14 -20.72
CA LYS L 189 -111.35 -5.29 -19.70
C LYS L 189 -111.19 -4.27 -18.58
N HIS L 190 -109.98 -4.06 -18.10
CA HIS L 190 -109.74 -3.09 -17.04
C HIS L 190 -110.15 -1.69 -17.50
N LYS L 191 -110.76 -0.94 -16.58
CA LYS L 191 -111.32 0.36 -16.94
C LYS L 191 -110.26 1.45 -16.99
N VAL L 192 -109.34 1.48 -16.02
CA VAL L 192 -108.42 2.60 -15.87
C VAL L 192 -107.13 2.10 -15.22
N TYR L 193 -106.04 2.82 -15.48
CA TYR L 193 -104.71 2.47 -15.00
C TYR L 193 -104.07 3.66 -14.29
N ALA L 194 -103.52 3.41 -13.11
CA ALA L 194 -103.00 4.47 -12.26
C ALA L 194 -101.70 4.06 -11.62
N CYS L 195 -100.84 5.05 -11.37
CA CYS L 195 -99.57 4.85 -10.69
C CYS L 195 -99.51 5.80 -9.49
N GLU L 196 -99.44 5.24 -8.29
CA GLU L 196 -99.32 6.00 -7.06
C GLU L 196 -97.95 5.78 -6.46
N VAL L 197 -97.25 6.87 -6.16
CA VAL L 197 -95.86 6.84 -5.73
C VAL L 197 -95.76 7.39 -4.32
N THR L 198 -95.09 6.66 -3.43
CA THR L 198 -94.83 7.11 -2.07
C THR L 198 -93.33 7.34 -1.90
N HIS L 199 -92.95 8.59 -1.65
CA HIS L 199 -91.55 8.96 -1.48
C HIS L 199 -91.44 10.06 -0.43
N GLN L 200 -90.25 10.17 0.15
CA GLN L 200 -90.02 11.13 1.23
C GLN L 200 -90.16 12.56 0.75
N GLY L 201 -89.66 12.85 -0.46
CA GLY L 201 -89.67 14.22 -0.97
C GLY L 201 -91.05 14.77 -1.26
N LEU L 202 -92.09 13.95 -1.27
CA LEU L 202 -93.45 14.37 -1.59
C LEU L 202 -94.29 14.42 -0.32
N SER L 203 -95.04 15.51 -0.15
CA SER L 203 -95.80 15.72 1.08
C SER L 203 -96.83 14.63 1.29
N SER L 204 -97.49 14.19 0.22
CA SER L 204 -98.47 13.11 0.28
C SER L 204 -98.33 12.28 -0.99
N PRO L 205 -98.71 10.99 -0.94
CA PRO L 205 -98.51 10.11 -2.10
C PRO L 205 -99.02 10.68 -3.42
N VAL L 206 -98.10 10.92 -4.35
CA VAL L 206 -98.44 11.46 -5.66
C VAL L 206 -98.90 10.33 -6.56
N THR L 207 -100.06 10.50 -7.17
CA THR L 207 -100.64 9.50 -8.08
C THR L 207 -100.82 10.13 -9.45
N LYS L 208 -100.24 9.52 -10.47
CA LYS L 208 -100.39 9.95 -11.86
C LYS L 208 -100.95 8.79 -12.67
N SER L 209 -101.95 9.06 -13.49
CA SER L 209 -102.81 8.01 -14.00
C SER L 209 -103.29 8.33 -15.40
N PHE L 210 -103.93 7.33 -16.02
CA PHE L 210 -104.55 7.46 -17.33
C PHE L 210 -105.68 6.44 -17.45
N ASN L 211 -106.78 6.86 -18.05
CA ASN L 211 -107.83 5.93 -18.46
C ASN L 211 -107.59 5.51 -19.90
N ARG L 212 -108.01 4.29 -20.23
CA ARG L 212 -107.83 3.77 -21.58
C ARG L 212 -108.46 4.71 -22.60
N GLY L 213 -107.62 5.34 -23.41
CA GLY L 213 -108.05 6.32 -24.38
C GLY L 213 -107.67 7.72 -23.95
N GLU L 214 -107.26 8.54 -24.91
CA GLU L 214 -106.81 9.89 -24.61
C GLU L 214 -106.99 10.82 -25.81
N GLN M 1 19.49 -38.99 11.29
CA GLN M 1 18.72 -40.09 11.84
C GLN M 1 19.38 -40.68 13.09
N ILE M 2 18.59 -41.28 13.95
CA ILE M 2 19.11 -41.85 15.19
C ILE M 2 19.67 -43.23 14.89
N HIS M 3 20.94 -43.44 15.20
CA HIS M 3 21.55 -44.76 15.18
C HIS M 3 22.21 -45.01 16.51
N LEU M 4 21.88 -46.14 17.13
CA LEU M 4 22.45 -46.54 18.41
C LEU M 4 23.38 -47.72 18.16
N VAL M 5 24.66 -47.54 18.46
CA VAL M 5 25.67 -48.58 18.28
C VAL M 5 26.25 -48.92 19.65
N GLN M 6 26.34 -50.21 19.93
CA GLN M 6 26.81 -50.70 21.22
C GLN M 6 28.21 -51.30 21.06
N SER M 7 28.80 -51.68 22.19
CA SER M 7 30.15 -52.21 22.20
C SER M 7 30.18 -53.61 21.56
N GLY M 8 31.39 -54.15 21.40
CA GLY M 8 31.53 -55.47 20.85
C GLY M 8 31.15 -56.57 21.83
N THR M 9 30.92 -57.76 21.27
CA THR M 9 30.61 -58.92 22.09
C THR M 9 31.77 -59.23 23.03
N GLU M 10 31.45 -59.58 24.27
CA GLU M 10 32.47 -59.86 25.27
C GLU M 10 32.17 -61.17 25.99
N VAL M 11 33.24 -61.90 26.27
CA VAL M 11 33.18 -63.15 27.03
C VAL M 11 33.76 -62.87 28.40
N LYS M 12 33.08 -63.32 29.44
CA LYS M 12 33.51 -63.06 30.80
C LYS M 12 33.27 -64.29 31.66
N LYS M 13 34.05 -64.40 32.70
CA LYS M 13 33.99 -65.52 33.64
C LYS M 13 33.18 -65.12 34.88
N PRO M 14 32.57 -66.09 35.56
CA PRO M 14 31.69 -65.76 36.69
C PRO M 14 32.40 -64.94 37.77
N GLY M 15 31.64 -64.03 38.38
CA GLY M 15 32.17 -63.12 39.37
C GLY M 15 32.84 -61.89 38.83
N SER M 16 33.06 -61.81 37.51
CA SER M 16 33.70 -60.64 36.92
C SER M 16 32.69 -59.51 36.74
N SER M 17 33.21 -58.34 36.38
CA SER M 17 32.40 -57.19 36.00
C SER M 17 32.60 -56.90 34.53
N VAL M 18 31.79 -55.99 34.01
CA VAL M 18 31.77 -55.69 32.58
C VAL M 18 31.03 -54.38 32.35
N THR M 19 31.52 -53.59 31.39
CA THR M 19 30.88 -52.33 31.02
C THR M 19 30.64 -52.33 29.52
N VAL M 20 29.38 -52.16 29.12
CA VAL M 20 29.02 -52.07 27.70
C VAL M 20 28.72 -50.62 27.37
N SER M 21 29.25 -50.17 26.23
CA SER M 21 29.11 -48.81 25.76
C SER M 21 28.00 -48.72 24.72
N CYS M 22 27.48 -47.50 24.52
CA CYS M 22 26.40 -47.28 23.56
C CYS M 22 26.49 -45.85 23.03
N LYS M 23 27.01 -45.71 21.82
CA LYS M 23 27.04 -44.39 21.17
C LYS M 23 25.69 -44.10 20.55
N ALA M 24 25.13 -42.96 20.96
CA ALA M 24 23.88 -42.52 20.41
C ALA M 24 24.20 -41.48 19.38
N TYR M 25 24.18 -41.92 18.13
CA TYR M 25 24.21 -41.01 16.99
C TYR M 25 22.79 -40.57 16.63
N GLY M 26 22.69 -39.34 16.13
CA GLY M 26 21.42 -38.69 15.85
C GLY M 26 20.72 -38.11 17.06
N VAL M 27 21.00 -38.65 18.25
CA VAL M 27 20.42 -38.11 19.48
C VAL M 27 20.98 -36.72 19.73
N ASN M 28 20.10 -35.75 19.99
CA ASN M 28 20.54 -34.38 20.19
C ASN M 28 21.10 -34.16 21.60
N THR M 29 20.42 -34.69 22.62
CA THR M 29 20.92 -34.66 23.99
C THR M 29 20.12 -35.66 24.80
N PHE M 30 20.72 -36.08 25.92
CA PHE M 30 19.99 -36.91 26.88
C PHE M 30 19.10 -36.07 27.81
N GLY M 31 19.07 -34.75 27.62
CA GLY M 31 18.05 -33.95 28.27
C GLY M 31 16.71 -34.02 27.58
N LEU M 32 16.68 -34.39 26.30
CA LEU M 32 15.45 -34.55 25.55
C LEU M 32 15.21 -35.99 25.10
N TYR M 33 16.04 -36.93 25.53
CA TYR M 33 15.87 -38.35 25.29
C TYR M 33 16.30 -39.12 26.52
N ALA M 34 15.65 -40.25 26.78
CA ALA M 34 15.98 -41.10 27.92
C ALA M 34 16.56 -42.42 27.42
N VAL M 35 17.44 -43.00 28.23
CA VAL M 35 18.15 -44.23 27.87
C VAL M 35 17.68 -45.34 28.79
N ASN M 36 17.20 -46.44 28.22
CA ASN M 36 16.77 -47.61 28.96
C ASN M 36 17.59 -48.81 28.51
N TRP M 37 18.07 -49.60 29.47
CA TRP M 37 18.86 -50.79 29.19
C TRP M 37 18.02 -52.03 29.47
N VAL M 38 17.86 -52.87 28.46
CA VAL M 38 17.04 -54.08 28.55
C VAL M 38 17.87 -55.26 28.03
N ARG M 39 17.81 -56.38 28.74
CA ARG M 39 18.46 -57.60 28.32
C ARG M 39 17.44 -58.63 27.89
N GLN M 40 17.83 -59.46 26.92
CA GLN M 40 16.99 -60.57 26.45
C GLN M 40 17.79 -61.86 26.60
N ALA M 41 17.37 -62.69 27.55
CA ALA M 41 17.98 -64.00 27.72
C ALA M 41 17.81 -64.83 26.45
N PRO M 42 18.67 -65.82 26.23
CA PRO M 42 18.60 -66.63 24.99
C PRO M 42 17.22 -67.24 24.78
N GLY M 43 16.63 -66.98 23.62
CA GLY M 43 15.30 -67.52 23.32
C GLY M 43 14.27 -67.22 24.40
N GLN M 44 14.37 -66.05 25.01
CA GLN M 44 13.50 -65.68 26.12
C GLN M 44 12.83 -64.34 25.84
N SER M 45 12.03 -63.93 26.83
CA SER M 45 11.41 -62.61 26.90
C SER M 45 12.38 -61.55 27.40
N LEU M 46 12.03 -60.29 27.21
CA LEU M 46 12.91 -59.18 27.53
C LEU M 46 12.69 -58.76 28.98
N GLU M 47 13.71 -58.14 29.56
CA GLU M 47 13.69 -57.78 30.98
C GLU M 47 14.33 -56.42 31.17
N TYR M 48 13.65 -55.54 31.89
CA TYR M 48 14.14 -54.19 32.14
C TYR M 48 15.22 -54.22 33.24
N ILE M 49 16.37 -53.63 32.94
CA ILE M 49 17.48 -53.56 33.89
C ILE M 49 17.47 -52.20 34.57
N GLY M 50 17.57 -51.14 33.79
CA GLY M 50 17.53 -49.81 34.35
C GLY M 50 17.38 -48.78 33.26
N GLN M 51 17.51 -47.52 33.67
CA GLN M 51 17.39 -46.40 32.75
C GLN M 51 18.22 -45.24 33.27
N ILE M 52 18.24 -44.16 32.49
CA ILE M 52 18.79 -42.90 32.98
C ILE M 52 18.04 -41.74 32.31
N TRP M 53 17.23 -41.04 33.09
CA TRP M 53 16.38 -39.98 32.60
C TRP M 53 16.54 -38.76 33.50
N ARG M 54 16.56 -37.57 32.88
CA ARG M 54 16.86 -36.32 33.59
C ARG M 54 18.16 -36.43 34.36
N TRP M 55 19.10 -37.20 33.82
CA TRP M 55 20.39 -37.46 34.47
C TRP M 55 20.21 -38.12 35.83
N LYS M 56 19.23 -39.03 35.92
CA LYS M 56 18.96 -39.79 37.14
C LYS M 56 19.10 -41.27 36.85
N SER M 57 20.07 -41.91 37.50
CA SER M 57 20.31 -43.33 37.33
C SER M 57 19.35 -44.15 38.18
N SER M 58 18.96 -45.31 37.67
CA SER M 58 17.98 -46.16 38.34
C SER M 58 18.09 -47.59 37.83
N ALA M 59 17.64 -48.53 38.64
CA ALA M 59 17.68 -49.94 38.27
C ALA M 59 16.50 -50.67 38.88
N SER M 60 16.07 -51.73 38.19
CA SER M 60 14.97 -52.57 38.65
C SER M 60 15.36 -53.30 39.94
N HIS M 61 14.33 -53.61 40.75
CA HIS M 61 14.58 -54.21 42.06
C HIS M 61 15.35 -55.52 41.94
N HIS M 62 15.06 -56.31 40.90
CA HIS M 62 15.77 -57.58 40.71
C HIS M 62 17.26 -57.34 40.47
N PHE M 63 17.59 -56.29 39.71
CA PHE M 63 18.95 -55.90 39.43
C PHE M 63 19.41 -54.72 40.28
N ARG M 64 18.62 -54.32 41.28
CA ARG M 64 18.91 -53.12 42.05
C ARG M 64 20.21 -53.25 42.82
N GLY M 65 21.06 -52.23 42.72
CA GLY M 65 22.34 -52.21 43.41
C GLY M 65 23.42 -53.07 42.80
N ARG M 66 23.08 -53.96 41.85
CA ARG M 66 24.02 -54.85 41.21
C ARG M 66 24.60 -54.28 39.92
N VAL M 67 24.03 -53.18 39.42
CA VAL M 67 24.35 -52.63 38.10
C VAL M 67 24.50 -51.12 38.24
N LEU M 68 25.34 -50.54 37.39
CA LEU M 68 25.56 -49.09 37.36
C LEU M 68 25.41 -48.60 35.92
N ILE M 69 24.51 -47.65 35.71
CA ILE M 69 24.19 -47.15 34.38
C ILE M 69 24.56 -45.67 34.34
N SER M 70 25.62 -45.35 33.61
CA SER M 70 26.07 -43.98 33.43
C SER M 70 25.93 -43.57 31.97
N ALA M 71 25.84 -42.26 31.75
CA ALA M 71 25.77 -41.70 30.41
C ALA M 71 26.43 -40.33 30.44
N VAL M 72 26.97 -39.92 29.30
CA VAL M 72 27.61 -38.62 29.16
C VAL M 72 27.03 -37.92 27.94
N ASP M 73 26.84 -36.61 28.05
CA ASP M 73 26.24 -35.82 26.99
C ASP M 73 27.16 -35.72 25.78
N LEU M 74 26.63 -35.08 24.74
CA LEU M 74 27.32 -34.81 23.50
C LEU M 74 28.63 -34.05 23.72
N THR M 75 29.63 -34.37 22.89
CA THR M 75 30.86 -33.59 22.79
C THR M 75 31.12 -33.28 21.33
N GLY M 76 31.96 -32.27 21.10
CA GLY M 76 32.36 -31.96 19.72
C GLY M 76 33.06 -33.11 19.05
N SER M 77 33.75 -33.93 19.85
CA SER M 77 34.43 -35.11 19.32
C SER M 77 33.46 -36.26 19.03
N SER M 78 32.51 -36.50 19.92
CA SER M 78 31.74 -37.74 19.89
C SER M 78 30.28 -37.50 20.29
N PRO M 79 29.36 -38.29 19.75
CA PRO M 79 27.95 -38.19 20.13
C PRO M 79 27.74 -38.62 21.57
N PRO M 80 26.58 -38.32 22.16
CA PRO M 80 26.36 -38.72 23.56
C PRO M 80 26.33 -40.22 23.68
N ILE M 81 26.77 -40.71 24.84
CA ILE M 81 26.99 -42.13 25.06
C ILE M 81 26.49 -42.52 26.44
N SER M 82 25.89 -43.71 26.54
CA SER M 82 25.50 -44.31 27.81
C SER M 82 26.30 -45.59 28.02
N SER M 83 26.44 -45.97 29.29
CA SER M 83 27.25 -47.14 29.66
C SER M 83 26.47 -47.98 30.67
N LEU M 84 26.41 -49.28 30.43
CA LEU M 84 25.76 -50.24 31.32
C LEU M 84 26.84 -51.13 31.91
N GLU M 85 27.08 -51.01 33.21
CA GLU M 85 28.08 -51.82 33.90
C GLU M 85 27.38 -52.82 34.82
N ILE M 86 27.76 -54.09 34.69
CA ILE M 86 27.17 -55.16 35.48
C ILE M 86 28.25 -55.88 36.28
N LYS M 87 28.10 -55.88 37.59
CA LYS M 87 29.08 -56.50 38.49
C LYS M 87 28.64 -57.91 38.86
N ASN M 88 29.63 -58.77 39.11
CA ASN M 88 29.42 -60.11 39.63
C ASN M 88 28.46 -60.91 38.74
N LEU M 89 28.98 -61.25 37.56
CA LEU M 89 28.19 -61.97 36.58
C LEU M 89 27.95 -63.40 37.03
N THR M 90 26.78 -63.93 36.65
CA THR M 90 26.44 -65.32 36.83
C THR M 90 25.98 -65.87 35.49
N SER M 91 25.89 -67.20 35.39
CA SER M 91 25.48 -67.83 34.15
C SER M 91 24.05 -67.44 33.78
N ASP M 92 23.22 -67.08 34.76
CA ASP M 92 21.89 -66.59 34.50
C ASP M 92 21.87 -65.19 33.89
N ASP M 93 23.02 -64.53 33.79
CA ASP M 93 23.12 -63.23 33.14
C ASP M 93 23.49 -63.31 31.67
N THR M 94 23.82 -64.51 31.17
CA THR M 94 24.10 -64.67 29.75
C THR M 94 22.85 -64.25 28.97
N ALA M 95 22.97 -63.15 28.23
CA ALA M 95 21.85 -62.57 27.51
C ALA M 95 22.38 -61.52 26.56
N VAL M 96 21.50 -61.02 25.70
CA VAL M 96 21.79 -59.92 24.80
C VAL M 96 21.30 -58.64 25.45
N TYR M 97 22.07 -57.57 25.34
CA TYR M 97 21.79 -56.32 26.03
C TYR M 97 21.56 -55.21 25.01
N PHE M 98 20.46 -54.47 25.18
CA PHE M 98 19.97 -53.52 24.20
C PHE M 98 19.98 -52.11 24.75
N CYS M 99 20.30 -51.15 23.86
CA CYS M 99 20.23 -49.73 24.15
C CYS M 99 18.87 -49.20 23.68
N THR M 100 18.30 -48.27 24.43
CA THR M 100 16.99 -47.72 24.11
C THR M 100 17.02 -46.21 24.21
N THR M 101 16.48 -45.55 23.18
CA THR M 101 16.37 -44.10 23.17
C THR M 101 14.92 -43.72 22.85
N THR M 102 14.33 -42.92 23.73
CA THR M 102 12.96 -42.46 23.57
C THR M 102 12.91 -40.97 23.85
N SER M 103 12.30 -40.20 22.95
CA SER M 103 12.25 -38.75 23.12
C SER M 103 11.44 -38.39 24.36
N THR M 104 11.92 -37.38 25.09
CA THR M 104 11.31 -36.97 26.35
C THR M 104 10.90 -35.50 26.35
N TYR M 105 11.01 -34.81 25.21
CA TYR M 105 10.73 -33.38 25.19
C TYR M 105 9.26 -33.09 25.50
N ASP M 106 8.34 -33.91 24.98
CA ASP M 106 6.91 -33.65 25.12
C ASP M 106 6.34 -34.46 26.29
N ARG M 107 5.53 -33.79 27.11
CA ARG M 107 4.95 -34.47 28.27
C ARG M 107 3.83 -35.42 27.86
N TRP M 108 3.09 -35.11 26.80
CA TRP M 108 1.91 -35.88 26.39
C TRP M 108 2.24 -37.04 25.47
N SER M 109 3.52 -37.30 25.21
CA SER M 109 3.90 -38.23 24.14
C SER M 109 3.16 -39.55 24.23
N GLY M 110 2.89 -40.03 25.44
CA GLY M 110 2.37 -41.36 25.60
C GLY M 110 3.40 -42.45 25.40
N LEU M 111 4.60 -42.10 24.97
CA LEU M 111 5.71 -43.04 25.01
C LEU M 111 6.22 -43.24 26.43
N HIS M 112 6.15 -42.20 27.26
CA HIS M 112 6.66 -42.26 28.62
C HIS M 112 5.55 -41.91 29.61
N HIS M 113 5.62 -42.55 30.77
CA HIS M 113 4.62 -42.44 31.84
C HIS M 113 5.37 -42.26 33.14
N ASP M 114 5.80 -41.02 33.41
CA ASP M 114 6.50 -40.66 34.63
C ASP M 114 7.76 -41.50 34.84
N GLY M 115 8.59 -41.57 33.80
CA GLY M 115 9.82 -42.33 33.85
C GLY M 115 9.70 -43.77 33.38
N VAL M 116 8.52 -44.37 33.53
CA VAL M 116 8.26 -45.70 32.98
C VAL M 116 7.77 -45.51 31.55
N MET M 117 8.47 -46.12 30.59
CA MET M 117 8.26 -45.74 29.21
C MET M 117 8.43 -46.93 28.27
N ALA M 118 7.92 -46.75 27.05
CA ALA M 118 8.21 -47.63 25.93
C ALA M 118 9.52 -47.19 25.27
N PHE M 119 9.94 -47.93 24.26
CA PHE M 119 11.31 -47.85 23.75
C PHE M 119 11.29 -47.56 22.26
N SER M 120 11.60 -46.30 21.89
CA SER M 120 11.45 -45.86 20.51
C SER M 120 12.66 -46.16 19.63
N SER M 121 13.86 -46.18 20.19
CA SER M 121 15.08 -46.47 19.42
C SER M 121 15.80 -47.64 20.07
N TRP M 122 16.43 -48.48 19.24
CA TRP M 122 17.08 -49.70 19.70
C TRP M 122 18.44 -49.84 19.02
N GLY M 123 19.27 -50.69 19.61
CA GLY M 123 20.61 -50.93 19.12
C GLY M 123 20.82 -52.34 18.59
N GLN M 124 22.02 -52.55 18.03
CA GLN M 124 22.34 -53.84 17.42
C GLN M 124 22.30 -54.98 18.43
N GLY M 125 22.80 -54.75 19.65
CA GLY M 125 22.85 -55.79 20.67
C GLY M 125 24.25 -56.18 21.06
N THR M 126 24.44 -56.48 22.35
CA THR M 126 25.72 -56.96 22.85
C THR M 126 25.53 -58.31 23.54
N LEU M 127 26.20 -59.32 23.02
CA LEU M 127 26.14 -60.66 23.60
C LEU M 127 27.10 -60.73 24.78
N ILE M 128 26.57 -60.89 25.98
CA ILE M 128 27.38 -61.09 27.18
C ILE M 128 27.25 -62.55 27.58
N SER M 129 28.33 -63.30 27.40
CA SER M 129 28.38 -64.71 27.74
C SER M 129 29.17 -64.88 29.04
N VAL M 130 28.56 -65.55 30.02
CA VAL M 130 29.20 -65.79 31.31
C VAL M 130 29.34 -67.29 31.47
N SER M 131 30.59 -67.76 31.49
CA SER M 131 30.86 -69.18 31.65
C SER M 131 32.26 -69.34 32.22
N ALA M 132 32.45 -70.41 32.99
CA ALA M 132 33.76 -70.69 33.56
C ALA M 132 34.74 -71.22 32.52
N ALA M 133 34.26 -71.65 31.36
CA ALA M 133 35.13 -72.19 30.34
C ALA M 133 35.93 -71.08 29.66
N SER M 134 37.06 -71.46 29.09
CA SER M 134 37.90 -70.58 28.30
C SER M 134 37.75 -70.90 26.82
N THR M 135 38.31 -70.03 25.98
CA THR M 135 38.25 -70.22 24.54
C THR M 135 38.78 -71.59 24.15
N LYS M 136 38.15 -72.20 23.13
CA LYS M 136 38.54 -73.53 22.67
C LYS M 136 38.09 -73.69 21.23
N GLY M 137 39.00 -74.14 20.38
CA GLY M 137 38.68 -74.44 19.00
C GLY M 137 37.79 -75.65 18.92
N PRO M 138 36.98 -75.72 17.87
CA PRO M 138 36.04 -76.85 17.74
C PRO M 138 36.69 -78.08 17.14
N SER M 139 36.36 -79.22 17.72
CA SER M 139 36.66 -80.51 17.12
C SER M 139 35.53 -80.86 16.16
N VAL M 140 35.86 -81.08 14.89
CA VAL M 140 34.89 -81.31 13.84
C VAL M 140 34.93 -82.78 13.44
N PHE M 141 33.78 -83.44 13.48
CA PHE M 141 33.67 -84.83 13.10
C PHE M 141 32.66 -84.99 11.97
N PRO M 142 32.86 -85.95 11.07
CA PRO M 142 31.96 -86.10 9.91
C PRO M 142 30.75 -86.96 10.22
N LEU M 143 29.61 -86.54 9.67
CA LEU M 143 28.38 -87.33 9.72
C LEU M 143 28.22 -87.97 8.34
N ALA M 144 28.58 -89.26 8.26
CA ALA M 144 28.72 -89.91 6.96
C ALA M 144 27.43 -90.58 6.52
N PRO M 145 27.13 -90.54 5.23
CA PRO M 145 25.96 -91.25 4.69
C PRO M 145 26.23 -92.74 4.52
N SER M 146 25.14 -93.49 4.41
CA SER M 146 25.23 -94.94 4.26
C SER M 146 23.92 -95.49 3.70
N SER M 147 23.92 -96.79 3.43
CA SER M 147 22.76 -97.51 2.91
C SER M 147 22.29 -96.92 1.58
N THR M 154 17.35 -90.31 -2.36
CA THR M 154 17.98 -89.09 -1.84
C THR M 154 18.43 -89.32 -0.40
N ALA M 155 19.68 -88.94 -0.10
CA ALA M 155 20.29 -89.19 1.19
C ALA M 155 20.90 -87.91 1.74
N ALA M 156 21.29 -87.95 3.00
CA ALA M 156 21.75 -86.75 3.71
C ALA M 156 23.01 -87.05 4.50
N LEU M 157 23.87 -86.03 4.61
CA LEU M 157 25.13 -86.11 5.33
C LEU M 157 25.35 -84.78 6.06
N GLY M 158 26.39 -84.73 6.89
CA GLY M 158 26.64 -83.51 7.61
C GLY M 158 27.95 -83.51 8.35
N CYS M 159 28.18 -82.42 9.08
CA CYS M 159 29.33 -82.23 9.94
C CYS M 159 28.87 -82.07 11.38
N LEU M 160 29.68 -82.55 12.32
CA LEU M 160 29.42 -82.38 13.75
C LEU M 160 30.51 -81.49 14.34
N VAL M 161 30.13 -80.27 14.71
CA VAL M 161 31.04 -79.31 15.35
C VAL M 161 30.76 -79.35 16.84
N LYS M 162 31.76 -79.70 17.63
CA LYS M 162 31.54 -80.03 19.03
C LYS M 162 32.61 -79.38 19.90
N ASP M 163 32.19 -78.98 21.11
CA ASP M 163 33.09 -78.53 22.17
C ASP M 163 33.86 -77.27 21.78
N TYR M 164 33.14 -76.29 21.27
CA TYR M 164 33.73 -74.99 20.94
C TYR M 164 33.16 -73.93 21.86
N PHE M 165 34.01 -73.02 22.30
CA PHE M 165 33.59 -71.87 23.10
C PHE M 165 34.51 -70.70 22.81
N PRO M 166 33.94 -69.48 22.79
CA PRO M 166 32.50 -69.26 22.84
C PRO M 166 31.87 -69.28 21.46
N GLU M 167 30.61 -68.89 21.37
CA GLU M 167 29.96 -68.69 20.09
C GLU M 167 30.58 -67.46 19.42
N PRO M 168 30.47 -67.37 18.08
CA PRO M 168 29.86 -68.34 17.18
C PRO M 168 30.83 -69.07 16.25
N VAL M 169 30.34 -70.09 15.56
CA VAL M 169 31.06 -70.77 14.49
C VAL M 169 30.26 -70.62 13.21
N THR M 170 30.96 -70.41 12.10
CA THR M 170 30.34 -70.34 10.78
C THR M 170 30.68 -71.60 10.00
N VAL M 171 29.69 -72.15 9.32
CA VAL M 171 29.83 -73.39 8.57
C VAL M 171 29.46 -73.14 7.11
N SER M 172 30.33 -73.56 6.21
CA SER M 172 30.11 -73.47 4.78
C SER M 172 30.52 -74.79 4.14
N TRP M 173 29.98 -75.08 2.96
CA TRP M 173 30.22 -76.35 2.29
C TRP M 173 30.87 -76.13 0.93
N ASN M 174 31.90 -76.93 0.66
CA ASN M 174 32.66 -76.87 -0.60
C ASN M 174 33.13 -75.45 -0.88
N SER M 175 33.56 -74.75 0.17
CA SER M 175 34.00 -73.36 0.08
C SER M 175 32.89 -72.47 -0.49
N GLY M 176 31.66 -72.72 -0.07
CA GLY M 176 30.51 -71.96 -0.51
C GLY M 176 29.85 -72.48 -1.76
N ALA M 177 30.44 -73.46 -2.45
CA ALA M 177 29.85 -73.97 -3.69
C ALA M 177 28.48 -74.59 -3.43
N LEU M 178 28.31 -75.28 -2.31
CA LEU M 178 27.09 -76.00 -1.99
C LEU M 178 26.30 -75.21 -0.95
N THR M 179 25.18 -74.62 -1.39
CA THR M 179 24.31 -73.84 -0.50
C THR M 179 22.85 -74.33 -0.41
N SER M 180 22.39 -75.05 -1.43
CA SER M 180 21.00 -75.51 -1.48
C SER M 180 20.83 -76.76 -0.63
N GLY M 181 19.81 -76.76 0.23
CA GLY M 181 19.55 -77.87 1.12
C GLY M 181 20.36 -77.90 2.38
N VAL M 182 21.06 -76.82 2.71
CA VAL M 182 21.98 -76.77 3.83
C VAL M 182 21.24 -76.25 5.07
N HIS M 183 21.19 -77.07 6.12
CA HIS M 183 20.59 -76.71 7.40
C HIS M 183 21.67 -76.74 8.47
N THR M 184 22.09 -75.56 8.92
CA THR M 184 23.04 -75.43 10.02
C THR M 184 22.24 -75.16 11.29
N PHE M 185 22.21 -76.13 12.19
CA PHE M 185 21.41 -76.02 13.40
C PHE M 185 22.03 -75.03 14.36
N PRO M 186 21.20 -74.33 15.14
CA PRO M 186 21.75 -73.41 16.14
C PRO M 186 22.52 -74.15 17.22
N ALA M 187 23.38 -73.42 17.91
CA ALA M 187 24.23 -74.01 18.93
C ALA M 187 23.40 -74.44 20.14
N VAL M 188 23.77 -75.58 20.70
CA VAL M 188 23.31 -75.98 22.03
C VAL M 188 24.50 -75.90 22.98
N LEU M 189 24.23 -75.54 24.22
CA LEU M 189 25.25 -75.41 25.24
C LEU M 189 25.27 -76.70 26.06
N GLN M 190 26.42 -77.35 26.11
CA GLN M 190 26.53 -78.66 26.71
C GLN M 190 26.65 -78.57 28.24
N SER M 191 26.50 -79.74 28.88
CA SER M 191 26.75 -79.85 30.31
C SER M 191 28.14 -79.37 30.68
N SER M 192 29.13 -79.60 29.81
CA SER M 192 30.48 -79.11 30.02
C SER M 192 30.61 -77.61 29.80
N GLY M 193 29.51 -76.86 29.77
CA GLY M 193 29.59 -75.43 29.49
C GLY M 193 30.20 -75.09 28.15
N LEU M 194 30.14 -76.02 27.19
CA LEU M 194 30.70 -75.84 25.87
C LEU M 194 29.58 -75.89 24.84
N TYR M 195 29.83 -75.27 23.69
CA TYR M 195 28.85 -75.25 22.62
C TYR M 195 29.14 -76.36 21.62
N SER M 196 28.08 -76.78 20.93
CA SER M 196 28.17 -77.86 19.95
C SER M 196 26.95 -77.79 19.03
N LEU M 197 27.18 -78.04 17.75
CA LEU M 197 26.08 -78.06 16.78
C LEU M 197 26.44 -79.01 15.65
N SER M 198 25.48 -79.23 14.77
CA SER M 198 25.72 -80.01 13.56
C SER M 198 25.13 -79.29 12.37
N SER M 199 25.72 -79.53 11.20
CA SER M 199 25.29 -78.92 9.95
C SER M 199 25.16 -80.01 8.90
N VAL M 200 23.96 -80.19 8.36
CA VAL M 200 23.63 -81.31 7.49
C VAL M 200 23.25 -80.81 6.10
N VAL M 201 23.28 -81.73 5.13
CA VAL M 201 22.95 -81.43 3.73
C VAL M 201 22.18 -82.60 3.15
N THR M 202 21.17 -82.29 2.34
CA THR M 202 20.44 -83.28 1.56
C THR M 202 20.86 -83.19 0.09
N VAL M 203 21.38 -84.29 -0.44
CA VAL M 203 21.79 -84.34 -1.85
C VAL M 203 21.33 -85.67 -2.44
N PRO M 204 21.19 -85.73 -3.77
CA PRO M 204 20.82 -87.01 -4.39
C PRO M 204 21.89 -88.06 -4.14
N SER M 205 21.44 -89.21 -3.63
CA SER M 205 22.37 -90.30 -3.34
C SER M 205 23.18 -90.68 -4.58
N SER M 206 22.57 -90.55 -5.76
CA SER M 206 23.26 -90.87 -7.00
C SER M 206 24.55 -90.06 -7.18
N SER M 207 24.66 -88.91 -6.51
CA SER M 207 25.84 -88.06 -6.61
C SER M 207 26.80 -88.25 -5.44
N LEU M 208 26.63 -89.32 -4.65
CA LEU M 208 27.48 -89.52 -3.49
C LEU M 208 28.90 -89.89 -3.90
N GLY M 209 29.04 -90.83 -4.85
CA GLY M 209 30.36 -91.17 -5.33
C GLY M 209 30.92 -90.21 -6.36
N THR M 210 30.05 -89.48 -7.05
CA THR M 210 30.50 -88.55 -8.08
C THR M 210 31.23 -87.37 -7.46
N GLN M 211 30.53 -86.60 -6.64
CA GLN M 211 31.06 -85.35 -6.08
C GLN M 211 31.55 -85.56 -4.66
N THR M 212 32.56 -84.78 -4.28
CA THR M 212 33.13 -84.81 -2.94
C THR M 212 32.56 -83.67 -2.12
N TYR M 213 32.32 -83.93 -0.83
CA TYR M 213 31.64 -82.99 0.06
C TYR M 213 32.54 -82.63 1.23
N ILE M 214 32.79 -81.33 1.39
CA ILE M 214 33.63 -80.80 2.45
C ILE M 214 32.89 -79.65 3.12
N CYS M 215 32.94 -79.59 4.45
CA CYS M 215 32.40 -78.45 5.19
C CYS M 215 33.55 -77.62 5.75
N ASN M 216 33.33 -76.30 5.81
CA ASN M 216 34.36 -75.34 6.22
C ASN M 216 33.87 -74.64 7.49
N VAL M 217 34.48 -74.98 8.61
CA VAL M 217 34.15 -74.40 9.90
C VAL M 217 35.22 -73.37 10.25
N ASN M 218 34.80 -72.20 10.71
CA ASN M 218 35.70 -71.15 11.15
C ASN M 218 35.23 -70.63 12.50
N HIS M 219 36.17 -70.48 13.43
CA HIS M 219 35.91 -69.95 14.76
C HIS M 219 36.92 -68.83 15.01
N LYS M 220 36.48 -67.58 14.81
CA LYS M 220 37.32 -66.41 15.01
C LYS M 220 37.76 -66.20 16.46
N PRO M 221 36.92 -66.51 17.48
CA PRO M 221 37.41 -66.36 18.87
C PRO M 221 38.70 -67.11 19.15
N SER M 222 38.77 -68.39 18.82
CA SER M 222 40.03 -69.12 18.89
C SER M 222 40.90 -68.89 17.66
N ASN M 223 40.40 -68.16 16.66
CA ASN M 223 41.08 -67.98 15.38
C ASN M 223 41.40 -69.32 14.73
N THR M 224 40.46 -70.26 14.83
CA THR M 224 40.59 -71.61 14.32
C THR M 224 39.74 -71.78 13.07
N LYS M 225 40.27 -72.49 12.08
CA LYS M 225 39.55 -72.78 10.85
C LYS M 225 39.91 -74.18 10.39
N VAL M 226 38.91 -75.07 10.34
CA VAL M 226 39.10 -76.47 9.97
C VAL M 226 38.28 -76.77 8.72
N ASP M 227 38.78 -77.70 7.92
CA ASP M 227 38.10 -78.18 6.71
C ASP M 227 38.04 -79.70 6.78
N LYS M 228 36.84 -80.25 6.95
CA LYS M 228 36.67 -81.67 7.23
C LYS M 228 35.98 -82.35 6.05
N ARG M 229 36.56 -83.44 5.56
CA ARG M 229 35.96 -84.12 4.43
C ARG M 229 34.96 -85.11 4.93
N VAL M 230 33.73 -85.00 4.44
CA VAL M 230 32.71 -85.98 4.76
C VAL M 230 32.58 -87.10 3.75
N GLU M 231 33.53 -88.03 3.77
CA GLU M 231 33.48 -89.20 2.91
C GLU M 231 32.44 -90.18 3.40
N PRO M 232 31.66 -90.78 2.40
CA PRO M 232 30.60 -91.66 2.93
C PRO M 232 31.15 -92.96 3.46
N LYS M 233 30.40 -93.61 4.34
CA LYS M 233 30.76 -94.92 4.84
C LYS M 233 29.73 -95.95 4.41
N ASP N 1 4.96 -55.27 40.62
CA ASP N 1 5.17 -55.46 39.19
C ASP N 1 3.90 -55.92 38.51
N ILE N 2 3.71 -55.49 37.26
CA ILE N 2 2.60 -55.95 36.42
C ILE N 2 3.04 -57.22 35.71
N GLN N 3 2.13 -58.20 35.62
CA GLN N 3 2.42 -59.45 34.95
C GLN N 3 1.63 -59.49 33.65
N MET N 4 2.35 -59.51 32.52
CA MET N 4 1.74 -59.52 31.19
C MET N 4 1.71 -60.96 30.69
N THR N 5 0.51 -61.52 30.56
CA THR N 5 0.32 -62.87 30.06
C THR N 5 -0.15 -62.77 28.61
N GLN N 6 0.72 -63.16 27.68
CA GLN N 6 0.44 -63.02 26.25
C GLN N 6 -0.20 -64.29 25.70
N SER N 7 -0.99 -64.12 24.64
CA SER N 7 -1.72 -65.24 24.03
C SER N 7 -2.20 -64.93 22.62
N PRO N 8 -2.06 -65.90 21.70
CA PRO N 8 -1.53 -67.25 21.90
C PRO N 8 -0.01 -67.29 21.83
N SER N 9 0.60 -68.42 22.21
CA SER N 9 2.06 -68.49 22.16
C SER N 9 2.56 -68.62 20.74
N THR N 10 1.89 -69.45 19.93
CA THR N 10 2.20 -69.60 18.52
C THR N 10 0.91 -69.55 17.71
N LEU N 11 0.96 -68.92 16.55
CA LEU N 11 -0.15 -68.92 15.61
C LEU N 11 0.41 -69.04 14.20
N SER N 12 -0.38 -69.67 13.33
CA SER N 12 -0.04 -69.82 11.92
C SER N 12 -1.05 -69.06 11.07
N ALA N 13 -0.55 -68.39 10.04
CA ALA N 13 -1.39 -67.62 9.14
C ALA N 13 -0.71 -67.53 7.79
N SER N 14 -1.40 -66.92 6.83
CA SER N 14 -0.91 -66.77 5.47
C SER N 14 -0.99 -65.31 5.08
N THR N 15 -0.39 -64.99 3.93
CA THR N 15 -0.40 -63.61 3.46
C THR N 15 -1.82 -63.16 3.21
N GLY N 16 -2.10 -61.88 3.51
CA GLY N 16 -3.42 -61.33 3.39
C GLY N 16 -4.36 -61.64 4.53
N ASP N 17 -4.03 -62.63 5.36
CA ASP N 17 -4.86 -62.97 6.50
C ASP N 17 -4.99 -61.79 7.45
N THR N 18 -5.97 -61.88 8.34
CA THR N 18 -6.13 -60.95 9.46
C THR N 18 -5.93 -61.73 10.74
N VAL N 19 -4.99 -61.26 11.57
CA VAL N 19 -4.55 -62.03 12.72
C VAL N 19 -4.60 -61.15 13.97
N ARG N 20 -4.92 -61.78 15.10
CA ARG N 20 -5.13 -61.08 16.37
C ARG N 20 -4.36 -61.78 17.47
N ILE N 21 -3.55 -61.00 18.19
CA ILE N 21 -2.75 -61.49 19.31
C ILE N 21 -3.21 -60.78 20.56
N SER N 22 -3.50 -61.54 21.61
CA SER N 22 -4.04 -61.02 22.85
C SER N 22 -2.96 -60.98 23.93
N CYS N 23 -3.12 -60.05 24.86
CA CYS N 23 -2.17 -59.89 25.96
C CYS N 23 -2.92 -59.36 27.17
N ARG N 24 -2.96 -60.16 28.23
CA ARG N 24 -3.65 -59.82 29.45
C ARG N 24 -2.65 -59.40 30.52
N ALA N 25 -3.05 -58.45 31.36
CA ALA N 25 -2.23 -58.01 32.47
C ALA N 25 -2.81 -58.53 33.79
N SER N 26 -1.93 -58.65 34.78
CA SER N 26 -2.38 -59.08 36.11
C SER N 26 -3.30 -58.05 36.73
N GLN N 27 -2.98 -56.77 36.58
CA GLN N 27 -3.83 -55.67 36.98
C GLN N 27 -4.46 -55.04 35.75
N SER N 28 -5.41 -54.13 35.98
CA SER N 28 -6.04 -53.38 34.90
C SER N 28 -5.24 -52.11 34.65
N ILE N 29 -4.96 -51.83 33.38
CA ILE N 29 -4.15 -50.67 33.01
C ILE N 29 -5.04 -49.63 32.34
N THR N 30 -5.55 -48.69 33.14
CA THR N 30 -6.47 -47.69 32.63
C THR N 30 -5.78 -46.77 31.62
N GLY N 31 -4.67 -46.15 32.04
CA GLY N 31 -3.97 -45.20 31.18
C GLY N 31 -3.56 -45.76 29.83
N ASN N 32 -3.76 -47.05 29.59
CA ASN N 32 -3.41 -47.69 28.32
C ASN N 32 -1.92 -47.59 28.04
N TRP N 33 -1.11 -47.73 29.09
CA TRP N 33 0.35 -47.65 28.97
C TRP N 33 0.90 -49.01 28.56
N VAL N 34 0.62 -49.38 27.31
CA VAL N 34 1.04 -50.66 26.77
C VAL N 34 1.58 -50.47 25.36
N ALA N 35 2.71 -51.12 25.06
CA ALA N 35 3.34 -51.05 23.76
C ALA N 35 3.44 -52.44 23.13
N TRP N 36 3.60 -52.46 21.81
CA TRP N 36 3.75 -53.70 21.04
C TRP N 36 5.04 -53.64 20.24
N TYR N 37 5.72 -54.78 20.15
CA TYR N 37 7.01 -54.87 19.49
C TYR N 37 7.05 -56.06 18.54
N GLN N 38 7.73 -55.86 17.41
CA GLN N 38 8.03 -56.92 16.45
C GLN N 38 9.52 -57.19 16.47
N GLN N 39 9.88 -58.48 16.52
CA GLN N 39 11.28 -58.88 16.54
C GLN N 39 11.44 -60.07 15.62
N ARG N 40 12.14 -59.87 14.51
CA ARG N 40 12.56 -60.97 13.68
C ARG N 40 13.84 -61.57 14.25
N PRO N 41 14.05 -62.88 14.10
CA PRO N 41 15.17 -63.54 14.77
C PRO N 41 16.51 -62.90 14.42
N GLY N 42 17.27 -62.53 15.45
CA GLY N 42 18.61 -62.00 15.31
C GLY N 42 18.70 -60.49 15.35
N LYS N 43 17.69 -59.79 14.83
CA LYS N 43 17.70 -58.34 14.77
C LYS N 43 16.91 -57.73 15.91
N ALA N 44 17.11 -56.43 16.12
CA ALA N 44 16.55 -55.76 17.28
C ALA N 44 15.04 -55.55 17.12
N PRO N 45 14.30 -55.55 18.22
CA PRO N 45 12.85 -55.30 18.14
C PRO N 45 12.55 -53.93 17.58
N ARG N 46 11.36 -53.81 16.98
CA ARG N 46 10.84 -52.55 16.47
C ARG N 46 9.62 -52.16 17.28
N LEU N 47 9.56 -50.89 17.68
CA LEU N 47 8.37 -50.39 18.36
C LEU N 47 7.28 -50.13 17.32
N LEU N 48 6.19 -50.89 17.41
CA LEU N 48 5.07 -50.79 16.47
C LEU N 48 3.96 -49.90 16.99
N ILE N 49 3.52 -50.14 18.22
CA ILE N 49 2.35 -49.46 18.78
C ILE N 49 2.65 -49.11 20.24
N TYR N 50 2.36 -47.87 20.62
CA TYR N 50 2.45 -47.43 21.99
C TYR N 50 1.09 -46.90 22.41
N ARG N 51 0.73 -47.08 23.68
CA ARG N 51 -0.50 -46.55 24.25
C ARG N 51 -1.75 -47.12 23.57
N GLY N 52 -1.64 -48.31 22.99
CA GLY N 52 -2.81 -49.01 22.47
C GLY N 52 -3.19 -48.69 21.04
N ALA N 53 -3.69 -47.49 20.79
CA ALA N 53 -4.16 -47.13 19.46
C ALA N 53 -3.16 -46.29 18.68
N ALA N 54 -1.99 -46.00 19.25
CA ALA N 54 -1.07 -45.07 18.63
C ALA N 54 -0.04 -45.83 17.80
N LEU N 55 0.04 -45.49 16.51
CA LEU N 55 1.04 -46.06 15.61
C LEU N 55 2.27 -45.17 15.60
N LEU N 56 3.44 -45.78 15.69
CA LEU N 56 4.69 -45.05 15.63
C LEU N 56 4.99 -44.66 14.19
N GLY N 57 5.59 -43.48 14.00
CA GLY N 57 5.89 -42.96 12.69
C GLY N 57 6.62 -43.95 11.79
N GLY N 58 5.98 -44.34 10.69
CA GLY N 58 6.55 -45.28 9.75
C GLY N 58 5.98 -46.68 9.82
N VAL N 59 5.23 -47.01 10.87
CA VAL N 59 4.63 -48.34 10.99
C VAL N 59 3.39 -48.39 10.10
N PRO N 60 3.20 -49.46 9.32
CA PRO N 60 2.09 -49.50 8.37
C PRO N 60 0.72 -49.36 9.04
N SER N 61 -0.25 -48.91 8.24
CA SER N 61 -1.60 -48.69 8.74
C SER N 61 -2.27 -50.00 9.16
N ARG N 62 -1.86 -51.13 8.57
CA ARG N 62 -2.50 -52.40 8.85
C ARG N 62 -2.24 -52.90 10.28
N PHE N 63 -1.31 -52.28 11.00
CA PHE N 63 -1.14 -52.55 12.42
C PHE N 63 -2.00 -51.60 13.22
N ARG N 64 -2.88 -52.15 14.05
CA ARG N 64 -3.77 -51.36 14.90
C ARG N 64 -4.03 -52.13 16.18
N GLY N 65 -4.00 -51.42 17.30
CA GLY N 65 -4.19 -52.04 18.60
C GLY N 65 -5.41 -51.53 19.34
N SER N 66 -5.93 -52.34 20.25
CA SER N 66 -7.13 -52.02 21.01
C SER N 66 -6.93 -52.39 22.47
N ALA N 67 -7.39 -51.52 23.37
CA ALA N 67 -7.13 -51.66 24.79
C ALA N 67 -8.42 -51.41 25.58
N ALA N 68 -8.86 -52.41 26.33
CA ALA N 68 -10.05 -52.30 27.17
C ALA N 68 -9.80 -53.04 28.48
N GLY N 69 -9.67 -52.29 29.56
CA GLY N 69 -9.51 -52.90 30.87
C GLY N 69 -8.19 -53.64 30.97
N THR N 70 -8.27 -54.93 31.29
CA THR N 70 -7.08 -55.77 31.43
C THR N 70 -6.62 -56.37 30.10
N ASP N 71 -7.55 -56.67 29.19
CA ASP N 71 -7.19 -57.32 27.94
C ASP N 71 -6.68 -56.31 26.91
N PHE N 72 -5.74 -56.75 26.08
CA PHE N 72 -5.17 -55.96 25.01
C PHE N 72 -5.03 -56.84 23.78
N THR N 73 -5.23 -56.25 22.59
CA THR N 73 -5.18 -57.02 21.35
C THR N 73 -4.44 -56.25 20.27
N LEU N 74 -3.44 -56.91 19.68
CA LEU N 74 -2.77 -56.40 18.48
C LEU N 74 -3.37 -57.09 17.26
N THR N 75 -3.78 -56.29 16.27
CA THR N 75 -4.47 -56.79 15.09
C THR N 75 -3.66 -56.47 13.85
N ILE N 76 -3.35 -57.51 13.06
CA ILE N 76 -2.64 -57.38 11.80
C ILE N 76 -3.54 -57.90 10.70
N GLY N 77 -4.22 -57.00 10.00
CA GLY N 77 -4.93 -57.37 8.80
C GLY N 77 -4.01 -57.38 7.59
N ASN N 78 -4.43 -58.12 6.56
CA ASN N 78 -3.67 -58.25 5.33
C ASN N 78 -2.22 -58.62 5.63
N LEU N 79 -2.06 -59.77 6.30
CA LEU N 79 -0.75 -60.21 6.74
C LEU N 79 0.22 -60.26 5.57
N GLN N 80 1.41 -59.72 5.80
CA GLN N 80 2.44 -59.64 4.78
C GLN N 80 3.62 -60.50 5.21
N ALA N 81 4.48 -60.83 4.24
CA ALA N 81 5.65 -61.65 4.54
C ALA N 81 6.55 -60.97 5.56
N GLU N 82 6.73 -59.64 5.44
CA GLU N 82 7.58 -58.91 6.37
C GLU N 82 7.04 -58.94 7.80
N ASP N 83 5.76 -59.27 7.98
CA ASP N 83 5.15 -59.19 9.30
C ASP N 83 5.42 -60.44 10.14
N PHE N 84 5.75 -61.57 9.51
CA PHE N 84 6.00 -62.78 10.27
C PHE N 84 7.17 -62.61 11.23
N GLY N 85 7.06 -63.24 12.38
CA GLY N 85 8.08 -63.17 13.41
C GLY N 85 7.47 -63.38 14.78
N THR N 86 8.13 -62.80 15.79
CA THR N 86 7.68 -62.86 17.18
C THR N 86 7.24 -61.48 17.62
N PHE N 87 6.15 -61.42 18.40
CA PHE N 87 5.59 -60.17 18.88
C PHE N 87 5.49 -60.19 20.40
N TYR N 88 5.76 -59.03 21.01
CA TYR N 88 5.76 -58.88 22.46
C TYR N 88 4.91 -57.68 22.84
N CYS N 89 4.07 -57.86 23.85
CA CYS N 89 3.38 -56.74 24.49
C CYS N 89 4.18 -56.28 25.70
N GLN N 90 4.23 -54.97 25.91
CA GLN N 90 4.96 -54.38 27.02
C GLN N 90 4.08 -53.36 27.72
N GLN N 91 3.94 -53.51 29.04
CA GLN N 91 3.26 -52.50 29.84
C GLN N 91 4.29 -51.56 30.45
N TYR N 92 3.87 -50.32 30.68
CA TYR N 92 4.69 -49.34 31.38
C TYR N 92 3.81 -48.42 32.21
N ASP N 93 2.82 -49.00 32.89
CA ASP N 93 1.95 -48.29 33.81
C ASP N 93 2.55 -48.22 35.21
N THR N 94 3.10 -49.32 35.71
CA THR N 94 3.80 -49.35 36.98
C THR N 94 5.26 -49.74 36.74
N TYR N 95 6.14 -49.16 37.54
CA TYR N 95 7.55 -49.53 37.54
C TYR N 95 7.71 -50.90 38.19
N PRO N 96 8.46 -51.81 37.55
CA PRO N 96 9.16 -51.61 36.27
C PRO N 96 8.33 -52.06 35.07
N GLY N 97 8.67 -51.56 33.88
CA GLY N 97 8.01 -52.01 32.68
C GLY N 97 8.21 -53.51 32.48
N THR N 98 7.13 -54.22 32.15
CA THR N 98 7.20 -55.66 31.99
C THR N 98 6.68 -56.05 30.62
N PHE N 99 7.34 -57.05 30.02
CA PHE N 99 6.97 -57.58 28.72
C PHE N 99 6.19 -58.89 28.88
N GLY N 100 5.60 -59.34 27.78
CA GLY N 100 4.90 -60.60 27.77
C GLY N 100 5.79 -61.76 27.41
N GLN N 101 5.24 -62.96 27.53
CA GLN N 101 5.97 -64.16 27.12
C GLN N 101 6.31 -64.10 25.63
N GLY N 102 5.46 -63.47 24.83
CA GLY N 102 5.66 -63.37 23.41
C GLY N 102 4.69 -64.25 22.64
N THR N 103 4.55 -63.94 21.34
CA THR N 103 3.67 -64.70 20.46
C THR N 103 4.38 -64.91 19.12
N LYS N 104 4.53 -66.17 18.74
CA LYS N 104 5.18 -66.53 17.49
C LYS N 104 4.16 -66.63 16.37
N VAL N 105 4.52 -66.08 15.21
CA VAL N 105 3.64 -66.02 14.05
C VAL N 105 4.34 -66.75 12.91
N GLU N 106 3.95 -68.00 12.67
CA GLU N 106 4.55 -68.83 11.65
C GLU N 106 3.69 -68.87 10.40
N VAL N 107 4.30 -69.35 9.32
CA VAL N 107 3.61 -69.47 8.04
C VAL N 107 2.80 -70.75 8.02
N LYS N 108 1.66 -70.71 7.35
CA LYS N 108 0.89 -71.91 7.10
C LYS N 108 1.56 -72.72 5.98
N ARG N 109 1.46 -74.04 6.10
CA ARG N 109 1.91 -74.95 5.06
C ARG N 109 1.14 -76.23 5.21
N THR N 110 1.04 -77.00 4.12
CA THR N 110 0.46 -78.32 4.24
C THR N 110 1.33 -79.17 5.16
N VAL N 111 0.69 -80.03 5.95
CA VAL N 111 1.45 -80.85 6.88
C VAL N 111 2.44 -81.71 6.12
N ALA N 112 3.64 -81.86 6.67
CA ALA N 112 4.76 -82.47 5.97
C ALA N 112 5.43 -83.52 6.85
N ALA N 113 5.56 -84.73 6.32
CA ALA N 113 6.25 -85.78 7.04
C ALA N 113 7.75 -85.51 7.04
N PRO N 114 8.45 -85.85 8.12
CA PRO N 114 9.90 -85.57 8.21
C PRO N 114 10.74 -86.66 7.58
N SER N 115 11.75 -86.23 6.84
CA SER N 115 12.81 -87.14 6.40
C SER N 115 13.69 -87.48 7.60
N VAL N 116 13.75 -88.76 7.96
CA VAL N 116 14.48 -89.20 9.14
C VAL N 116 15.78 -89.84 8.69
N PHE N 117 16.89 -89.44 9.30
CA PHE N 117 18.19 -90.05 9.11
C PHE N 117 18.83 -90.29 10.46
N ILE N 118 19.60 -91.35 10.56
CA ILE N 118 20.37 -91.64 11.77
C ILE N 118 21.84 -91.70 11.41
N PHE N 119 22.68 -91.12 12.26
CA PHE N 119 24.12 -91.06 12.04
C PHE N 119 24.85 -91.68 13.21
N PRO N 120 25.62 -92.74 13.00
CA PRO N 120 26.46 -93.29 14.07
C PRO N 120 27.64 -92.39 14.34
N PRO N 121 28.36 -92.60 15.44
CA PRO N 121 29.50 -91.73 15.74
C PRO N 121 30.65 -91.97 14.77
N SER N 122 31.41 -90.91 14.52
CA SER N 122 32.59 -91.01 13.68
C SER N 122 33.63 -91.89 14.33
N ASP N 123 34.33 -92.68 13.51
CA ASP N 123 35.44 -93.48 14.02
C ASP N 123 36.52 -92.59 14.62
N GLU N 124 36.77 -91.44 14.00
CA GLU N 124 37.76 -90.52 14.54
C GLU N 124 37.32 -89.97 15.90
N GLN N 125 36.03 -89.68 16.05
CA GLN N 125 35.52 -89.24 17.35
C GLN N 125 35.78 -90.28 18.43
N LEU N 126 35.84 -91.56 18.06
CA LEU N 126 36.12 -92.60 19.04
C LEU N 126 37.55 -92.53 19.56
N LYS N 127 38.51 -92.13 18.71
CA LYS N 127 39.89 -91.96 19.17
C LYS N 127 40.03 -90.77 20.11
N SER N 128 39.05 -89.86 20.14
CA SER N 128 39.03 -88.80 21.13
C SER N 128 38.52 -89.28 22.48
N GLY N 129 37.86 -90.44 22.52
CA GLY N 129 37.33 -90.98 23.76
C GLY N 129 35.88 -90.68 24.05
N THR N 130 35.16 -90.07 23.11
CA THR N 130 33.75 -89.74 23.29
C THR N 130 32.99 -90.17 22.04
N ALA N 131 31.70 -90.44 22.21
CA ALA N 131 30.85 -90.89 21.11
C ALA N 131 29.55 -90.09 21.10
N SER N 132 29.19 -89.57 19.94
CA SER N 132 27.97 -88.79 19.77
C SER N 132 27.10 -89.44 18.69
N VAL N 133 25.82 -89.60 18.99
CA VAL N 133 24.85 -90.16 18.04
C VAL N 133 23.86 -89.07 17.68
N VAL N 134 23.56 -88.94 16.39
CA VAL N 134 22.70 -87.88 15.87
C VAL N 134 21.56 -88.50 15.09
N CYS N 135 20.35 -88.00 15.34
CA CYS N 135 19.17 -88.34 14.55
C CYS N 135 18.66 -87.06 13.89
N LEU N 136 18.48 -87.09 12.57
CA LEU N 136 18.12 -85.91 11.80
C LEU N 136 16.66 -86.00 11.37
N LEU N 137 15.92 -84.92 11.62
CA LEU N 137 14.57 -84.74 11.12
C LEU N 137 14.57 -83.51 10.23
N ASN N 138 14.12 -83.66 8.99
CA ASN N 138 14.31 -82.62 7.99
C ASN N 138 13.04 -82.33 7.21
N ASN N 139 12.83 -81.04 6.91
CA ASN N 139 11.74 -80.58 6.03
C ASN N 139 10.30 -80.96 6.41
N PHE N 140 9.95 -80.76 7.68
CA PHE N 140 8.68 -81.25 8.21
C PHE N 140 7.85 -80.10 8.74
N TYR N 141 6.54 -80.37 8.85
CA TYR N 141 5.57 -79.41 9.38
C TYR N 141 4.36 -80.18 9.90
N PRO N 142 3.83 -79.76 11.06
CA PRO N 142 4.27 -78.64 11.89
C PRO N 142 5.43 -78.98 12.83
N ARG N 143 5.84 -78.00 13.62
CA ARG N 143 7.07 -78.11 14.41
C ARG N 143 6.93 -79.03 15.61
N GLU N 144 5.72 -79.43 16.00
CA GLU N 144 5.55 -80.30 17.16
C GLU N 144 5.94 -81.73 16.79
N ALA N 145 7.00 -82.24 17.42
CA ALA N 145 7.48 -83.59 17.18
C ALA N 145 8.36 -84.01 18.35
N LYS N 146 8.32 -85.31 18.68
CA LYS N 146 9.03 -85.85 19.82
C LYS N 146 9.94 -86.99 19.37
N VAL N 147 11.17 -86.99 19.86
CA VAL N 147 12.12 -88.04 19.57
C VAL N 147 12.53 -88.71 20.87
N GLN N 148 12.65 -90.03 20.84
CA GLN N 148 13.22 -90.80 21.92
C GLN N 148 14.27 -91.74 21.34
N TRP N 149 15.29 -92.04 22.15
CA TRP N 149 16.40 -92.91 21.74
C TRP N 149 16.24 -94.27 22.40
N LYS N 150 16.40 -95.32 21.60
CA LYS N 150 16.28 -96.71 22.07
C LYS N 150 17.61 -97.42 21.83
N VAL N 151 18.29 -97.78 22.92
CA VAL N 151 19.59 -98.45 22.87
C VAL N 151 19.43 -99.83 23.48
N ASP N 152 19.82 -100.86 22.73
CA ASP N 152 19.55 -102.25 23.11
C ASP N 152 18.06 -102.42 23.44
N ASN N 153 17.21 -101.74 22.66
CA ASN N 153 15.75 -101.79 22.82
C ASN N 153 15.30 -101.26 24.18
N ALA N 154 16.09 -100.39 24.78
CA ALA N 154 15.77 -99.78 26.07
C ALA N 154 15.75 -98.26 25.96
N LEU N 155 14.81 -97.63 26.66
CA LEU N 155 14.67 -96.19 26.61
C LEU N 155 15.89 -95.50 27.21
N GLN N 156 16.15 -94.28 26.75
CA GLN N 156 17.30 -93.50 27.17
C GLN N 156 16.88 -92.04 27.28
N SER N 157 17.17 -91.42 28.43
CA SER N 157 16.78 -90.04 28.64
C SER N 157 17.82 -89.36 29.54
N GLY N 158 17.75 -88.03 29.57
CA GLY N 158 18.69 -87.24 30.34
C GLY N 158 20.00 -86.95 29.65
N ASN N 159 20.28 -87.60 28.52
CA ASN N 159 21.54 -87.41 27.81
C ASN N 159 21.34 -86.99 26.36
N SER N 160 20.12 -86.63 25.97
CA SER N 160 19.82 -86.23 24.60
C SER N 160 19.54 -84.72 24.58
N GLN N 161 20.04 -84.05 23.54
CA GLN N 161 19.83 -82.63 23.35
C GLN N 161 19.26 -82.39 21.95
N GLU N 162 18.54 -81.27 21.80
CA GLU N 162 17.86 -80.96 20.56
C GLU N 162 18.18 -79.54 20.10
N SER N 163 18.16 -79.35 18.78
CA SER N 163 18.43 -78.07 18.14
C SER N 163 17.56 -77.99 16.90
N VAL N 164 16.98 -76.81 16.65
CA VAL N 164 15.97 -76.65 15.61
C VAL N 164 16.26 -75.41 14.80
N THR N 165 16.14 -75.54 13.47
CA THR N 165 16.23 -74.39 12.58
C THR N 165 14.98 -73.52 12.70
N GLU N 166 15.10 -72.28 12.22
CA GLU N 166 13.92 -71.46 12.03
C GLU N 166 13.27 -71.81 10.69
N GLN N 167 11.99 -71.49 10.57
CA GLN N 167 11.19 -71.91 9.43
C GLN N 167 11.82 -71.47 8.11
N ASP N 168 11.87 -72.40 7.16
CA ASP N 168 12.45 -72.12 5.85
C ASP N 168 11.54 -71.15 5.09
N SER N 169 12.14 -70.08 4.55
CA SER N 169 11.36 -69.06 3.88
C SER N 169 10.66 -69.58 2.64
N LYS N 170 11.26 -70.56 1.95
CA LYS N 170 10.77 -71.00 0.65
C LYS N 170 9.68 -72.07 0.76
N ASP N 171 9.88 -73.08 1.60
CA ASP N 171 8.95 -74.18 1.72
C ASP N 171 8.08 -74.14 2.98
N SER N 172 8.42 -73.28 3.94
CA SER N 172 7.69 -73.17 5.20
C SER N 172 7.77 -74.46 6.01
N THR N 173 8.93 -75.13 5.95
CA THR N 173 9.18 -76.34 6.72
C THR N 173 10.32 -76.11 7.70
N TYR N 174 10.42 -77.01 8.67
CA TYR N 174 11.41 -76.94 9.74
C TYR N 174 12.37 -78.12 9.63
N SER N 175 13.41 -78.09 10.48
CA SER N 175 14.40 -79.16 10.53
C SER N 175 14.96 -79.24 11.95
N LEU N 176 15.21 -80.46 12.42
CA LEU N 176 15.59 -80.67 13.82
C LEU N 176 16.76 -81.64 13.93
N SER N 177 17.60 -81.40 14.94
CA SER N 177 18.78 -82.21 15.24
C SER N 177 18.65 -82.73 16.67
N SER N 178 18.72 -84.05 16.84
CA SER N 178 18.73 -84.69 18.15
C SER N 178 20.08 -85.35 18.33
N THR N 179 20.88 -84.81 19.26
CA THR N 179 22.23 -85.29 19.51
C THR N 179 22.27 -86.07 20.82
N LEU N 180 22.57 -87.36 20.74
CA LEU N 180 22.71 -88.23 21.91
C LEU N 180 24.19 -88.47 22.17
N THR N 181 24.66 -88.10 23.36
CA THR N 181 26.07 -88.18 23.72
C THR N 181 26.25 -89.10 24.92
N LEU N 182 27.32 -89.88 24.89
CA LEU N 182 27.63 -90.80 25.99
C LEU N 182 29.09 -91.22 25.88
N SER N 183 29.55 -91.92 26.92
CA SER N 183 30.96 -92.27 27.05
C SER N 183 31.36 -93.32 26.02
N LYS N 184 32.67 -93.37 25.73
CA LYS N 184 33.19 -94.32 24.75
C LYS N 184 33.04 -95.75 25.22
N ALA N 185 33.31 -95.99 26.52
CA ALA N 185 33.22 -97.35 27.04
C ALA N 185 31.80 -97.88 26.98
N ASP N 186 30.82 -97.03 27.26
CA ASP N 186 29.43 -97.47 27.25
C ASP N 186 28.98 -97.84 25.84
N TYR N 187 29.45 -97.09 24.83
CA TYR N 187 29.00 -97.33 23.46
C TYR N 187 29.30 -98.76 23.02
N GLU N 188 30.55 -99.19 23.16
CA GLU N 188 30.92 -100.54 22.76
C GLU N 188 30.09 -101.60 23.50
N LYS N 189 29.69 -101.31 24.74
CA LYS N 189 28.90 -102.27 25.51
C LYS N 189 27.50 -102.41 24.94
N HIS N 190 26.86 -101.28 24.62
CA HIS N 190 25.52 -101.30 24.06
C HIS N 190 25.50 -102.06 22.74
N LYS N 191 24.44 -102.85 22.53
CA LYS N 191 24.38 -103.72 21.38
C LYS N 191 23.96 -103.00 20.12
N VAL N 192 22.95 -102.12 20.22
CA VAL N 192 22.33 -101.52 19.04
C VAL N 192 21.78 -100.15 19.40
N TYR N 193 21.67 -99.29 18.39
CA TYR N 193 21.23 -97.91 18.55
C TYR N 193 20.10 -97.61 17.57
N ALA N 194 19.03 -97.01 18.08
CA ALA N 194 17.82 -96.79 17.30
C ALA N 194 17.24 -95.41 17.58
N CYS N 195 16.58 -94.85 16.57
CA CYS N 195 15.89 -93.57 16.67
C CYS N 195 14.44 -93.77 16.23
N GLU N 196 13.51 -93.55 17.16
CA GLU N 196 12.08 -93.65 16.87
C GLU N 196 11.47 -92.25 16.95
N VAL N 197 10.75 -91.87 15.90
CA VAL N 197 10.23 -90.51 15.75
C VAL N 197 8.71 -90.57 15.73
N THR N 198 8.07 -89.72 16.53
CA THR N 198 6.62 -89.59 16.56
C THR N 198 6.25 -88.20 16.03
N HIS N 199 5.55 -88.17 14.91
CA HIS N 199 5.13 -86.91 14.30
C HIS N 199 3.76 -87.10 13.65
N GLN N 200 3.06 -85.98 13.46
CA GLN N 200 1.70 -86.01 12.93
C GLN N 200 1.68 -86.52 11.49
N GLY N 201 2.66 -86.12 10.69
CA GLY N 201 2.66 -86.48 9.28
C GLY N 201 2.88 -87.96 9.00
N LEU N 202 3.27 -88.74 10.00
CA LEU N 202 3.55 -90.16 9.84
C LEU N 202 2.42 -90.99 10.45
N SER N 203 1.96 -92.00 9.70
CA SER N 203 0.81 -92.78 10.15
C SER N 203 1.08 -93.50 11.47
N SER N 204 2.30 -94.02 11.63
CA SER N 204 2.71 -94.67 12.87
C SER N 204 4.16 -94.33 13.13
N PRO N 205 4.59 -94.35 14.40
CA PRO N 205 5.97 -93.93 14.74
C PRO N 205 7.05 -94.57 13.87
N VAL N 206 7.75 -93.75 13.10
CA VAL N 206 8.82 -94.22 12.23
C VAL N 206 10.09 -94.36 13.05
N THR N 207 10.72 -95.53 12.97
CA THR N 207 11.95 -95.82 13.67
C THR N 207 13.04 -96.17 12.66
N LYS N 208 14.15 -95.45 12.72
CA LYS N 208 15.31 -95.70 11.86
C LYS N 208 16.52 -95.93 12.76
N SER N 209 17.28 -96.97 12.46
CA SER N 209 18.21 -97.52 13.44
C SER N 209 19.46 -98.08 12.77
N PHE N 210 20.43 -98.42 13.61
CA PHE N 210 21.67 -99.06 13.18
C PHE N 210 22.23 -99.88 14.32
N ASN N 211 22.76 -101.06 14.01
CA ASN N 211 23.55 -101.82 14.95
C ASN N 211 25.02 -101.49 14.76
N ARG N 212 25.79 -101.56 15.85
CA ARG N 212 27.21 -101.26 15.80
C ARG N 212 27.91 -102.11 14.74
N GLY N 213 28.36 -101.46 13.67
CA GLY N 213 28.98 -102.14 12.56
C GLY N 213 28.06 -102.13 11.36
N GLU N 214 28.63 -101.96 10.17
CA GLU N 214 27.85 -101.88 8.94
C GLU N 214 28.67 -102.29 7.72
N GLN O 1 -0.67 32.18 33.75
CA GLN O 1 -0.71 31.76 35.14
C GLN O 1 -1.71 32.59 35.94
N ILE O 2 -2.24 32.03 37.01
CA ILE O 2 -3.22 32.72 37.84
C ILE O 2 -2.48 33.64 38.81
N HIS O 3 -2.81 34.93 38.77
CA HIS O 3 -2.35 35.88 39.76
C HIS O 3 -3.56 36.62 40.30
N LEU O 4 -3.69 36.64 41.62
CA LEU O 4 -4.77 37.33 42.30
C LEU O 4 -4.20 38.55 43.00
N VAL O 5 -4.64 39.73 42.60
CA VAL O 5 -4.18 40.99 43.19
C VAL O 5 -5.36 41.68 43.84
N GLN O 6 -5.17 42.14 45.07
CA GLN O 6 -6.22 42.77 45.85
C GLN O 6 -5.98 44.27 45.96
N SER O 7 -6.93 44.96 46.54
CA SER O 7 -6.85 46.41 46.66
C SER O 7 -5.76 46.82 47.65
N GLY O 8 -5.51 48.12 47.75
CA GLY O 8 -4.52 48.62 48.68
C GLY O 8 -5.01 48.59 50.12
N THR O 9 -4.05 48.68 51.03
CA THR O 9 -4.36 48.74 52.46
C THR O 9 -5.21 49.96 52.76
N GLU O 10 -6.21 49.79 53.62
CA GLU O 10 -7.13 50.87 53.96
C GLU O 10 -7.28 50.96 55.47
N VAL O 11 -7.37 52.20 55.95
CA VAL O 11 -7.61 52.52 57.35
C VAL O 11 -9.02 53.05 57.45
N LYS O 12 -9.77 52.53 58.42
CA LYS O 12 -11.17 52.91 58.57
C LYS O 12 -11.51 53.04 60.05
N LYS O 13 -12.49 53.86 60.33
CA LYS O 13 -12.95 54.13 61.68
C LYS O 13 -14.19 53.29 62.00
N PRO O 14 -14.42 52.98 63.29
CA PRO O 14 -15.52 52.09 63.65
C PRO O 14 -16.87 52.56 63.13
N GLY O 15 -17.71 51.59 62.75
CA GLY O 15 -19.00 51.87 62.17
C GLY O 15 -18.99 52.16 60.69
N SER O 16 -17.82 52.32 60.07
CA SER O 16 -17.75 52.58 58.65
C SER O 16 -17.90 51.29 57.84
N SER O 17 -18.04 51.45 56.54
CA SER O 17 -18.04 50.34 55.60
C SER O 17 -16.80 50.41 54.73
N VAL O 18 -16.58 49.36 53.95
CA VAL O 18 -15.36 49.22 53.16
C VAL O 18 -15.56 48.14 52.11
N THR O 19 -15.00 48.35 50.92
CA THR O 19 -15.06 47.39 49.84
C THR O 19 -13.65 47.11 49.34
N VAL O 20 -13.24 45.84 49.39
CA VAL O 20 -11.93 45.43 48.88
C VAL O 20 -12.11 44.74 47.55
N SER O 21 -11.26 45.08 46.58
CA SER O 21 -11.31 44.56 45.24
C SER O 21 -10.29 43.44 45.06
N CYS O 22 -10.51 42.59 44.06
CA CYS O 22 -9.60 41.47 43.80
C CYS O 22 -9.64 41.15 42.31
N LYS O 23 -8.61 41.56 41.58
CA LYS O 23 -8.49 41.21 40.17
C LYS O 23 -7.91 39.80 40.04
N ALA O 24 -8.66 38.96 39.34
CA ALA O 24 -8.20 37.62 39.08
C ALA O 24 -7.65 37.62 37.68
N TYR O 25 -6.33 37.68 37.61
CA TYR O 25 -5.61 37.42 36.38
C TYR O 25 -5.32 35.93 36.24
N GLY O 26 -5.29 35.47 34.98
CA GLY O 26 -5.16 34.07 34.65
C GLY O 26 -6.44 33.26 34.78
N VAL O 27 -7.38 33.72 35.62
CA VAL O 27 -8.67 33.05 35.75
C VAL O 27 -9.44 33.20 34.45
N ASN O 28 -9.96 32.09 33.93
CA ASN O 28 -10.70 32.13 32.67
C ASN O 28 -12.12 32.64 32.85
N THR O 29 -12.82 32.17 33.87
CA THR O 29 -14.15 32.68 34.22
C THR O 29 -14.47 32.22 35.64
N PHE O 30 -15.41 32.93 36.26
CA PHE O 30 -15.94 32.49 37.54
C PHE O 30 -17.03 31.43 37.39
N GLY O 31 -17.34 31.03 36.16
CA GLY O 31 -18.15 29.84 35.95
C GLY O 31 -17.38 28.56 36.12
N LEU O 32 -16.04 28.60 35.99
CA LEU O 32 -15.19 27.44 36.18
C LEU O 32 -14.23 27.60 37.36
N TYR O 33 -14.36 28.68 38.13
CA TYR O 33 -13.60 28.90 39.35
C TYR O 33 -14.51 29.57 40.37
N ALA O 34 -14.28 29.27 41.64
CA ALA O 34 -15.06 29.85 42.73
C ALA O 34 -14.16 30.76 43.56
N VAL O 35 -14.77 31.79 44.16
CA VAL O 35 -14.06 32.80 44.92
C VAL O 35 -14.47 32.70 46.37
N ASN O 36 -13.50 32.53 47.26
CA ASN O 36 -13.72 32.46 48.70
C ASN O 36 -12.94 33.57 49.37
N TRP O 37 -13.58 34.28 50.30
CA TRP O 37 -12.95 35.37 51.04
C TRP O 37 -12.70 34.92 52.47
N VAL O 38 -11.43 34.97 52.90
CA VAL O 38 -11.02 34.53 54.22
C VAL O 38 -10.18 35.64 54.85
N ARG O 39 -10.42 35.92 56.12
CA ARG O 39 -9.64 36.89 56.87
C ARG O 39 -8.79 36.17 57.90
N GLN O 40 -7.61 36.75 58.18
CA GLN O 40 -6.71 36.25 59.21
C GLN O 40 -6.45 37.37 60.20
N ALA O 41 -6.99 37.24 61.41
CA ALA O 41 -6.72 38.19 62.47
C ALA O 41 -5.23 38.23 62.77
N PRO O 42 -4.73 39.33 63.34
CA PRO O 42 -3.30 39.45 63.63
C PRO O 42 -2.76 38.30 64.47
N GLY O 43 -1.72 37.62 63.97
CA GLY O 43 -1.14 36.49 64.69
C GLY O 43 -2.17 35.46 65.10
N GLN O 44 -3.17 35.23 64.26
CA GLN O 44 -4.27 34.34 64.58
C GLN O 44 -4.45 33.30 63.47
N SER O 45 -5.44 32.44 63.68
CA SER O 45 -5.95 31.47 62.71
C SER O 45 -6.87 32.13 61.68
N LEU O 46 -7.11 31.42 60.58
CA LEU O 46 -7.90 31.97 59.48
C LEU O 46 -9.37 31.68 59.71
N GLU O 47 -10.22 32.51 59.10
CA GLU O 47 -11.66 32.42 59.31
C GLU O 47 -12.38 32.66 57.99
N TYR O 48 -13.33 31.78 57.66
CA TYR O 48 -14.08 31.88 56.43
C TYR O 48 -15.17 32.94 56.57
N ILE O 49 -15.20 33.87 55.62
CA ILE O 49 -16.20 34.94 55.62
C ILE O 49 -17.33 34.58 54.67
N GLY O 50 -16.98 34.36 53.41
CA GLY O 50 -17.99 33.96 52.44
C GLY O 50 -17.34 33.48 51.15
N GLN O 51 -18.19 33.29 50.16
CA GLN O 51 -17.73 32.81 48.85
C GLN O 51 -18.71 33.30 47.79
N ILE O 52 -18.38 33.00 46.53
CA ILE O 52 -19.32 33.18 45.44
C ILE O 52 -19.07 32.13 44.38
N TRP O 53 -19.99 31.17 44.26
CA TRP O 53 -19.85 30.05 43.37
C TRP O 53 -21.13 29.88 42.57
N ARG O 54 -20.99 29.54 41.28
CA ARG O 54 -22.12 29.50 40.35
C ARG O 54 -22.92 30.81 40.39
N TRP O 55 -22.21 31.91 40.61
CA TRP O 55 -22.82 33.23 40.73
C TRP O 55 -23.82 33.28 41.88
N LYS O 56 -23.49 32.61 42.99
CA LYS O 56 -24.34 32.59 44.18
C LYS O 56 -23.54 33.13 45.35
N SER O 57 -23.99 34.26 45.90
CA SER O 57 -23.33 34.88 47.03
C SER O 57 -23.75 34.22 48.34
N SER O 58 -22.82 34.16 49.29
CA SER O 58 -23.06 33.46 50.55
C SER O 58 -22.07 33.96 51.60
N ALA O 59 -22.46 33.82 52.87
CA ALA O 59 -21.60 34.24 53.96
C ALA O 59 -21.81 33.33 55.17
N SER O 60 -20.75 33.20 55.97
CA SER O 60 -20.79 32.39 57.18
C SER O 60 -21.74 32.99 58.20
N HIS O 61 -22.30 32.13 59.05
CA HIS O 61 -23.31 32.56 60.01
C HIS O 61 -22.79 33.67 60.92
N HIS O 62 -21.52 33.59 61.32
CA HIS O 62 -20.94 34.62 62.18
C HIS O 62 -20.92 35.98 61.47
N PHE O 63 -20.63 35.97 60.18
CA PHE O 63 -20.61 37.17 59.35
C PHE O 63 -21.87 37.30 58.50
N ARG O 64 -22.88 36.45 58.72
CA ARG O 64 -24.05 36.41 57.86
C ARG O 64 -24.82 37.72 57.92
N GLY O 65 -25.17 38.25 56.74
CA GLY O 65 -25.91 39.48 56.63
C GLY O 65 -25.12 40.75 56.88
N ARG O 66 -23.90 40.64 57.40
CA ARG O 66 -23.05 41.78 57.70
C ARG O 66 -22.11 42.14 56.57
N VAL O 67 -22.00 41.28 55.56
CA VAL O 67 -21.00 41.39 54.50
C VAL O 67 -21.68 41.11 53.16
N LEU O 68 -21.17 41.74 52.10
CA LEU O 68 -21.69 41.53 50.74
C LEU O 68 -20.52 41.22 49.82
N ILE O 69 -20.60 40.09 49.14
CA ILE O 69 -19.52 39.60 48.29
C ILE O 69 -20.05 39.53 46.85
N SER O 70 -19.57 40.45 46.02
CA SER O 70 -19.94 40.49 44.61
C SER O 70 -18.72 40.19 43.75
N ALA O 71 -18.98 39.74 42.52
CA ALA O 71 -17.95 39.49 41.54
C ALA O 71 -18.52 39.73 40.16
N VAL O 72 -17.65 40.11 39.23
CA VAL O 72 -18.04 40.35 37.84
C VAL O 72 -17.11 39.56 36.93
N ASP O 73 -17.69 39.02 35.86
CA ASP O 73 -16.94 38.19 34.93
C ASP O 73 -15.93 39.01 34.14
N LEU O 74 -15.16 38.29 33.32
CA LEU O 74 -14.14 38.84 32.44
C LEU O 74 -14.73 39.89 31.50
N THR O 75 -13.93 40.92 31.20
CA THR O 75 -14.22 41.88 30.15
C THR O 75 -12.99 42.00 29.25
N GLY O 76 -13.21 42.51 28.03
CA GLY O 76 -12.09 42.77 27.15
C GLY O 76 -11.10 43.76 27.74
N SER O 77 -11.59 44.68 28.57
CA SER O 77 -10.72 45.64 29.24
C SER O 77 -9.97 45.03 30.41
N SER O 78 -10.63 44.21 31.22
CA SER O 78 -10.08 43.81 32.51
C SER O 78 -10.43 42.36 32.84
N PRO O 79 -9.57 41.68 33.59
CA PRO O 79 -9.85 40.31 34.03
C PRO O 79 -11.01 40.27 35.00
N PRO O 80 -11.58 39.08 35.27
CA PRO O 80 -12.71 39.02 36.19
C PRO O 80 -12.28 39.43 37.60
N ILE O 81 -13.21 40.01 38.34
CA ILE O 81 -12.91 40.63 39.62
C ILE O 81 -14.02 40.30 40.61
N SER O 82 -13.63 40.05 41.87
CA SER O 82 -14.55 39.88 42.97
C SER O 82 -14.35 41.01 43.97
N SER O 83 -15.40 41.30 44.74
CA SER O 83 -15.39 42.40 45.71
C SER O 83 -15.97 41.93 47.04
N LEU O 84 -15.26 42.23 48.12
CA LEU O 84 -15.69 41.90 49.47
C LEU O 84 -15.99 43.20 50.20
N GLU O 85 -17.27 43.43 50.51
CA GLU O 85 -17.70 44.63 51.21
C GLU O 85 -18.12 44.26 52.62
N ILE O 86 -17.58 44.98 53.60
CA ILE O 86 -17.88 44.74 55.00
C ILE O 86 -18.44 46.00 55.65
N LYS O 87 -19.65 45.89 56.18
CA LYS O 87 -20.33 47.02 56.79
C LYS O 87 -20.14 47.01 58.30
N ASN O 88 -20.14 48.20 58.89
CA ASN O 88 -20.11 48.40 60.34
C ASN O 88 -18.91 47.68 60.97
N LEU O 89 -17.74 48.24 60.70
CA LEU O 89 -16.50 47.66 61.18
C LEU O 89 -16.39 47.84 62.69
N THR O 90 -15.76 46.86 63.33
CA THR O 90 -15.38 46.92 64.73
C THR O 90 -13.90 46.62 64.85
N SER O 91 -13.33 46.90 66.02
CA SER O 91 -11.91 46.64 66.23
C SER O 91 -11.59 45.15 66.12
N ASP O 92 -12.56 44.28 66.40
CA ASP O 92 -12.39 42.85 66.23
C ASP O 92 -12.33 42.43 64.77
N ASP O 93 -12.57 43.35 63.83
CA ASP O 93 -12.45 43.05 62.41
C ASP O 93 -11.08 43.39 61.84
N THR O 94 -10.22 44.04 62.61
CA THR O 94 -8.86 44.30 62.16
C THR O 94 -8.18 42.97 61.83
N ALA O 95 -7.91 42.76 60.56
CA ALA O 95 -7.36 41.49 60.08
C ALA O 95 -6.89 41.69 58.65
N VAL O 96 -6.22 40.68 58.12
CA VAL O 96 -5.80 40.64 56.73
C VAL O 96 -6.83 39.81 55.97
N TYR O 97 -7.18 40.24 54.76
CA TYR O 97 -8.25 39.64 53.98
C TYR O 97 -7.68 39.09 52.69
N PHE O 98 -8.03 37.84 52.39
CA PHE O 98 -7.41 37.07 51.31
C PHE O 98 -8.44 36.69 50.25
N CYS O 99 -7.98 36.70 49.00
CA CYS O 99 -8.77 36.24 47.86
C CYS O 99 -8.41 34.79 47.58
N THR O 100 -9.41 33.99 47.18
CA THR O 100 -9.20 32.57 46.94
C THR O 100 -9.83 32.18 45.62
N THR O 101 -9.09 31.45 44.80
CA THR O 101 -9.59 30.94 43.53
C THR O 101 -9.32 29.44 43.47
N THR O 102 -10.37 28.67 43.25
CA THR O 102 -10.28 27.22 43.14
C THR O 102 -11.08 26.76 41.94
N SER O 103 -10.47 25.93 41.08
CA SER O 103 -11.16 25.49 39.88
C SER O 103 -12.37 24.63 40.24
N THR O 104 -13.46 24.83 39.48
CA THR O 104 -14.73 24.17 39.75
C THR O 104 -15.22 23.36 38.56
N TYR O 105 -14.43 23.24 37.49
CA TYR O 105 -14.91 22.57 36.30
C TYR O 105 -15.18 21.08 36.55
N ASP O 106 -14.32 20.42 37.32
CA ASP O 106 -14.43 18.98 37.54
C ASP O 106 -15.18 18.70 38.84
N ARG O 107 -16.12 17.76 38.78
CA ARG O 107 -16.91 17.40 39.96
C ARG O 107 -16.10 16.59 40.96
N TRP O 108 -15.16 15.76 40.48
CA TRP O 108 -14.40 14.85 41.33
C TRP O 108 -13.16 15.47 41.93
N SER O 109 -12.91 16.76 41.73
CA SER O 109 -11.62 17.35 42.05
C SER O 109 -11.16 17.01 43.46
N GLY O 110 -12.10 16.93 44.40
CA GLY O 110 -11.73 16.80 45.79
C GLY O 110 -11.22 18.09 46.41
N LEU O 111 -11.05 19.14 45.60
CA LEU O 111 -10.83 20.47 46.15
C LEU O 111 -12.12 21.05 46.72
N HIS O 112 -13.26 20.72 46.12
CA HIS O 112 -14.55 21.25 46.55
C HIS O 112 -15.50 20.11 46.90
N HIS O 113 -16.35 20.39 47.88
CA HIS O 113 -17.29 19.42 48.45
C HIS O 113 -18.64 20.14 48.57
N ASP O 114 -19.36 20.20 47.44
CA ASP O 114 -20.69 20.80 47.39
C ASP O 114 -20.68 22.26 47.88
N GLY O 115 -19.75 23.05 47.34
CA GLY O 115 -19.62 24.45 47.69
C GLY O 115 -18.65 24.72 48.83
N VAL O 116 -18.47 23.76 49.74
CA VAL O 116 -17.47 23.86 50.79
C VAL O 116 -16.17 23.32 50.22
N MET O 117 -15.13 24.13 50.22
CA MET O 117 -13.96 23.78 49.42
C MET O 117 -12.67 24.24 50.09
N ALA O 118 -11.56 23.68 49.62
CA ALA O 118 -10.23 24.18 49.90
C ALA O 118 -9.88 25.29 48.92
N PHE O 119 -8.70 25.87 49.09
CA PHE O 119 -8.36 27.16 48.45
C PHE O 119 -7.08 27.01 47.65
N SER O 120 -7.22 26.95 46.32
CA SER O 120 -6.08 26.64 45.44
C SER O 120 -5.26 27.86 45.06
N SER O 121 -5.87 29.03 44.95
CA SER O 121 -5.15 30.26 44.60
C SER O 121 -5.39 31.31 45.69
N TRP O 122 -4.36 32.12 45.96
CA TRP O 122 -4.39 33.10 47.03
C TRP O 122 -3.83 34.42 46.54
N GLY O 123 -4.13 35.48 47.29
CA GLY O 123 -3.70 36.82 46.96
C GLY O 123 -2.71 37.40 47.96
N GLN O 124 -2.20 38.58 47.62
CA GLN O 124 -1.19 39.24 48.44
C GLN O 124 -1.73 39.56 49.85
N GLY O 125 -2.98 40.00 49.95
CA GLY O 125 -3.55 40.36 51.25
C GLY O 125 -3.88 41.84 51.36
N THR O 126 -5.00 42.14 52.05
CA THR O 126 -5.39 43.52 52.32
C THR O 126 -5.52 43.72 53.81
N LEU O 127 -4.73 44.64 54.35
CA LEU O 127 -4.77 44.97 55.77
C LEU O 127 -5.92 45.95 56.01
N ILE O 128 -6.93 45.52 56.74
CA ILE O 128 -8.03 46.38 57.14
C ILE O 128 -7.86 46.68 58.62
N SER O 129 -7.52 47.92 58.93
CA SER O 129 -7.32 48.38 60.30
C SER O 129 -8.52 49.22 60.72
N VAL O 130 -9.15 48.85 61.83
CA VAL O 130 -10.31 49.55 62.35
C VAL O 130 -9.94 50.12 63.71
N SER O 131 -9.87 51.44 63.80
CA SER O 131 -9.52 52.11 65.05
C SER O 131 -10.11 53.51 65.02
N ALA O 132 -10.45 54.01 66.21
CA ALA O 132 -10.99 55.37 66.31
C ALA O 132 -9.91 56.43 66.13
N ALA O 133 -8.64 56.06 66.21
CA ALA O 133 -7.56 57.02 66.08
C ALA O 133 -7.40 57.45 64.62
N SER O 134 -6.82 58.63 64.44
CA SER O 134 -6.48 59.17 63.13
C SER O 134 -4.97 59.07 62.92
N THR O 135 -4.55 59.35 61.68
CA THR O 135 -3.13 59.30 61.34
C THR O 135 -2.32 60.18 62.27
N LYS O 136 -1.11 59.73 62.60
CA LYS O 136 -0.23 60.46 63.50
C LYS O 136 1.20 60.03 63.24
N GLY O 137 2.09 61.02 63.07
CA GLY O 137 3.49 60.76 62.91
C GLY O 137 4.09 60.24 64.20
N PRO O 138 5.15 59.46 64.09
CA PRO O 138 5.76 58.87 65.30
C PRO O 138 6.71 59.81 66.00
N SER O 139 6.60 59.83 67.32
CA SER O 139 7.61 60.47 68.16
C SER O 139 8.72 59.46 68.42
N VAL O 140 9.95 59.81 68.05
CA VAL O 140 11.08 58.91 68.14
C VAL O 140 11.98 59.35 69.28
N PHE O 141 12.28 58.43 70.19
CA PHE O 141 13.15 58.71 71.32
C PHE O 141 14.34 57.74 71.31
N PRO O 142 15.51 58.19 71.77
CA PRO O 142 16.70 57.33 71.72
C PRO O 142 16.83 56.42 72.93
N LEU O 143 17.28 55.20 72.66
CA LEU O 143 17.62 54.24 73.71
C LEU O 143 19.15 54.23 73.81
N ALA O 144 19.67 54.93 74.83
CA ALA O 144 21.10 55.22 74.88
C ALA O 144 21.84 54.15 75.67
N PRO O 145 23.06 53.82 75.24
CA PRO O 145 23.90 52.88 75.99
C PRO O 145 24.59 53.55 77.17
N SER O 146 25.06 52.72 78.09
CA SER O 146 25.70 53.21 79.30
C SER O 146 26.52 52.10 79.93
N SER O 147 27.25 52.46 80.99
CA SER O 147 28.08 51.53 81.75
C SER O 147 29.14 50.87 80.87
N THR O 154 30.80 44.17 74.86
CA THR O 154 29.83 44.45 73.81
C THR O 154 28.54 44.99 74.41
N ALA O 155 28.03 46.08 73.85
CA ALA O 155 26.86 46.78 74.40
C ALA O 155 25.84 47.01 73.28
N ALA O 156 24.64 47.44 73.68
CA ALA O 156 23.53 47.56 72.76
C ALA O 156 22.80 48.87 72.98
N LEU O 157 22.26 49.41 71.88
CA LEU O 157 21.51 50.67 71.87
C LEU O 157 20.34 50.52 70.91
N GLY O 158 19.48 51.53 70.89
CA GLY O 158 18.32 51.44 70.01
C GLY O 158 17.54 52.73 69.92
N CYS O 159 16.44 52.65 69.17
CA CYS O 159 15.48 53.73 69.01
C CYS O 159 14.12 53.28 69.52
N LEU O 160 13.37 54.22 70.08
CA LEU O 160 12.00 53.96 70.53
C LEU O 160 11.04 54.77 69.66
N VAL O 161 10.28 54.08 68.81
CA VAL O 161 9.28 54.69 67.96
C VAL O 161 7.92 54.47 68.62
N LYS O 162 7.23 55.55 68.95
CA LYS O 162 6.07 55.48 69.82
C LYS O 162 4.94 56.33 69.29
N ASP O 163 3.71 55.85 69.48
CA ASP O 163 2.49 56.63 69.24
C ASP O 163 2.33 57.00 67.77
N TYR O 164 2.51 56.02 66.89
CA TYR O 164 2.29 56.20 65.46
C TYR O 164 1.09 55.38 65.01
N PHE O 165 0.30 55.96 64.14
CA PHE O 165 -0.83 55.26 63.53
C PHE O 165 -1.06 55.80 62.13
N PRO O 166 -1.44 54.92 61.20
CA PRO O 166 -1.45 53.47 61.41
C PRO O 166 -0.11 52.84 61.08
N GLU O 167 -0.07 51.51 61.04
CA GLU O 167 1.11 50.80 60.57
C GLU O 167 1.23 51.03 59.06
N PRO O 168 2.45 50.87 58.51
CA PRO O 168 3.69 50.52 59.21
C PRO O 168 4.73 51.65 59.24
N VAL O 169 5.78 51.44 60.03
CA VAL O 169 6.96 52.29 60.04
C VAL O 169 8.16 51.45 59.65
N THR O 170 9.06 52.04 58.87
CA THR O 170 10.30 51.38 58.48
C THR O 170 11.46 52.04 59.21
N VAL O 171 12.38 51.22 59.73
CA VAL O 171 13.52 51.69 60.51
C VAL O 171 14.80 51.22 59.85
N SER O 172 15.73 52.15 59.65
CA SER O 172 17.03 51.87 59.09
C SER O 172 18.06 52.62 59.92
N TRP O 173 19.31 52.16 59.88
CA TRP O 173 20.38 52.72 60.70
C TRP O 173 21.52 53.25 59.83
N ASN O 174 21.97 54.46 60.16
CA ASN O 174 23.05 55.13 59.44
C ASN O 174 22.77 55.17 57.93
N SER O 175 21.51 55.42 57.58
CA SER O 175 21.04 55.45 56.20
C SER O 175 21.33 54.13 55.50
N GLY O 176 21.14 53.02 56.22
CA GLY O 176 21.37 51.70 55.68
C GLY O 176 22.78 51.17 55.86
N ALA O 177 23.72 51.99 56.33
CA ALA O 177 25.10 51.53 56.48
C ALA O 177 25.20 50.41 57.49
N LEU O 178 24.41 50.47 58.56
CA LEU O 178 24.48 49.50 59.65
C LEU O 178 23.29 48.55 59.55
N THR O 179 23.57 47.31 59.17
CA THR O 179 22.53 46.27 59.04
C THR O 179 22.75 45.02 59.90
N SER O 180 24.00 44.75 60.28
CA SER O 180 24.32 43.54 61.05
C SER O 180 23.99 43.75 62.53
N GLY O 181 23.28 42.79 63.12
CA GLY O 181 22.89 42.88 64.51
C GLY O 181 21.65 43.70 64.79
N VAL O 182 20.90 44.08 63.74
CA VAL O 182 19.76 44.98 63.88
C VAL O 182 18.49 44.16 64.07
N HIS O 183 17.81 44.37 65.20
CA HIS O 183 16.55 43.72 65.52
C HIS O 183 15.47 44.80 65.65
N THR O 184 14.59 44.88 64.66
CA THR O 184 13.45 45.78 64.69
C THR O 184 12.23 44.97 65.14
N PHE O 185 11.76 45.24 66.35
CA PHE O 185 10.66 44.47 66.91
C PHE O 185 9.36 44.82 66.22
N PRO O 186 8.44 43.85 66.11
CA PRO O 186 7.13 44.14 65.51
C PRO O 186 6.35 45.12 66.38
N ALA O 187 5.37 45.76 65.74
CA ALA O 187 4.57 46.76 66.41
C ALA O 187 3.67 46.13 67.46
N VAL O 188 3.52 46.81 68.59
CA VAL O 188 2.48 46.52 69.56
C VAL O 188 1.48 47.67 69.52
N LEU O 189 0.21 47.33 69.74
CA LEU O 189 -0.87 48.31 69.73
C LEU O 189 -1.16 48.71 71.17
N GLN O 190 -1.06 50.01 71.45
CA GLN O 190 -1.16 50.49 72.82
C GLN O 190 -2.61 50.61 73.27
N SER O 191 -2.77 50.82 74.58
CA SER O 191 -4.08 51.13 75.14
C SER O 191 -4.72 52.34 74.48
N SER O 192 -3.90 53.33 74.10
CA SER O 192 -4.37 54.50 73.37
C SER O 192 -4.74 54.18 71.92
N GLY O 193 -4.88 52.92 71.53
CA GLY O 193 -5.15 52.59 70.14
C GLY O 193 -4.08 53.04 69.18
N LEU O 194 -2.85 53.22 69.67
CA LEU O 194 -1.73 53.66 68.86
C LEU O 194 -0.67 52.59 68.83
N TYR O 195 0.15 52.61 67.79
CA TYR O 195 1.22 51.64 67.64
C TYR O 195 2.53 52.20 68.17
N SER O 196 3.41 51.30 68.58
CA SER O 196 4.70 51.65 69.15
C SER O 196 5.63 50.44 69.08
N LEU O 197 6.89 50.68 68.76
CA LEU O 197 7.89 49.62 68.71
C LEU O 197 9.25 50.21 69.04
N SER O 198 10.22 49.32 69.18
CA SER O 198 11.60 49.74 69.35
C SER O 198 12.50 48.93 68.43
N SER O 199 13.63 49.53 68.05
CA SER O 199 14.60 48.92 67.16
C SER O 199 15.98 49.08 67.78
N VAL O 200 16.65 47.95 68.06
CA VAL O 200 17.89 47.93 68.82
C VAL O 200 19.02 47.39 67.96
N VAL O 201 20.25 47.66 68.41
CA VAL O 201 21.46 47.21 67.72
C VAL O 201 22.51 46.78 68.76
N THR O 202 23.22 45.71 68.44
CA THR O 202 24.37 45.26 69.24
C THR O 202 25.65 45.60 68.49
N VAL O 203 26.51 46.40 69.12
CA VAL O 203 27.81 46.78 68.55
C VAL O 203 28.87 46.69 69.64
N PRO O 204 30.13 46.54 69.23
CA PRO O 204 31.21 46.52 70.24
C PRO O 204 31.27 47.85 70.97
N SER O 205 31.24 47.76 72.31
CA SER O 205 31.30 48.96 73.14
C SER O 205 32.52 49.81 72.79
N SER O 206 33.62 49.16 72.41
CA SER O 206 34.84 49.88 72.04
C SER O 206 34.60 50.87 70.91
N SER O 207 33.56 50.68 70.10
CA SER O 207 33.25 51.56 68.99
C SER O 207 32.15 52.57 69.33
N LEU O 208 31.83 52.73 70.62
CA LEU O 208 30.75 53.64 71.00
C LEU O 208 31.15 55.09 70.80
N GLY O 209 32.36 55.47 71.23
CA GLY O 209 32.83 56.82 71.01
C GLY O 209 33.38 57.05 69.61
N THR O 210 33.83 55.99 68.95
CA THR O 210 34.42 56.14 67.63
C THR O 210 33.35 56.52 66.60
N GLN O 211 32.36 55.66 66.41
CA GLN O 211 31.35 55.83 65.37
C GLN O 211 30.07 56.40 65.96
N THR O 212 29.36 57.16 65.12
CA THR O 212 28.08 57.75 65.50
C THR O 212 26.94 56.90 64.94
N TYR O 213 25.85 56.78 65.72
CA TYR O 213 24.76 55.88 65.40
C TYR O 213 23.46 56.68 65.27
N ILE O 214 22.82 56.57 64.10
CA ILE O 214 21.57 57.25 63.80
C ILE O 214 20.59 56.23 63.22
N CYS O 215 19.34 56.30 63.65
CA CYS O 215 18.28 55.48 63.06
C CYS O 215 17.37 56.37 62.21
N ASN O 216 16.84 55.79 61.13
CA ASN O 216 16.04 56.51 60.15
C ASN O 216 14.64 55.89 60.12
N VAL O 217 13.68 56.60 60.69
CA VAL O 217 12.28 56.15 60.72
C VAL O 217 11.52 56.90 59.65
N ASN O 218 10.69 56.17 58.90
CA ASN O 218 9.83 56.76 57.89
C ASN O 218 8.42 56.21 58.06
N HIS O 219 7.43 57.09 58.01
CA HIS O 219 6.01 56.72 58.10
C HIS O 219 5.31 57.38 56.93
N LYS O 220 5.07 56.60 55.87
CA LYS O 220 4.39 57.09 54.67
C LYS O 220 2.94 57.48 54.91
N PRO O 221 2.17 56.80 55.78
CA PRO O 221 0.79 57.25 56.03
C PRO O 221 0.69 58.72 56.45
N SER O 222 1.47 59.13 57.45
CA SER O 222 1.57 60.55 57.78
C SER O 222 2.54 61.29 56.88
N ASN O 223 3.25 60.57 56.00
CA ASN O 223 4.32 61.14 55.17
C ASN O 223 5.38 61.82 56.05
N THR O 224 5.71 61.16 57.17
CA THR O 224 6.65 61.67 58.14
C THR O 224 7.95 60.86 58.07
N LYS O 225 9.08 61.54 58.19
CA LYS O 225 10.40 60.89 58.18
C LYS O 225 11.30 61.62 59.17
N VAL O 226 11.75 60.92 60.20
CA VAL O 226 12.58 61.49 61.25
C VAL O 226 13.92 60.74 61.28
N ASP O 227 14.96 61.47 61.68
CA ASP O 227 16.31 60.91 61.83
C ASP O 227 16.80 61.29 63.23
N LYS O 228 16.93 60.30 64.11
CA LYS O 228 17.21 60.54 65.51
C LYS O 228 18.60 60.04 65.87
N ARG O 229 19.40 60.88 66.49
CA ARG O 229 20.75 60.47 66.84
C ARG O 229 20.73 59.80 68.18
N VAL O 230 21.25 58.58 68.24
CA VAL O 230 21.39 57.88 69.50
C VAL O 230 22.75 58.04 70.16
N GLU O 231 22.98 59.22 70.73
CA GLU O 231 24.21 59.49 71.47
C GLU O 231 24.19 58.77 72.81
N PRO O 232 25.40 58.16 73.18
CA PRO O 232 25.31 57.41 74.44
C PRO O 232 25.24 58.32 75.64
N LYS O 233 24.73 57.79 76.75
CA LYS O 233 24.71 58.53 78.01
C LYS O 233 25.57 57.80 79.04
N ASP P 1 -20.83 23.59 63.01
CA ASP P 1 -19.45 23.81 62.59
C ASP P 1 -18.53 22.71 63.10
N ILE P 2 -17.52 22.37 62.31
CA ILE P 2 -16.49 21.42 62.71
C ILE P 2 -15.41 22.17 63.45
N GLN P 3 -14.90 21.58 64.52
CA GLN P 3 -13.83 22.18 65.31
C GLN P 3 -12.54 21.40 65.07
N MET P 4 -11.55 22.06 64.49
CA MET P 4 -10.27 21.45 64.17
C MET P 4 -9.27 21.81 65.26
N THR P 5 -8.86 20.81 66.04
CA THR P 5 -7.88 20.99 67.10
C THR P 5 -6.54 20.48 66.61
N GLN P 6 -5.61 21.39 66.37
CA GLN P 6 -4.31 21.05 65.80
C GLN P 6 -3.28 20.78 66.89
N SER P 7 -2.29 19.95 66.57
CA SER P 7 -1.27 19.54 67.53
C SER P 7 -0.02 18.97 66.86
N PRO P 8 1.17 19.35 67.35
CA PRO P 8 1.42 20.24 68.48
C PRO P 8 1.38 21.70 68.07
N SER P 9 1.38 22.62 69.05
CA SER P 9 1.34 24.03 68.71
C SER P 9 2.68 24.50 68.16
N THR P 10 3.78 24.08 68.78
CA THR P 10 5.12 24.38 68.29
C THR P 10 5.96 23.11 68.32
N LEU P 11 6.80 22.96 67.30
CA LEU P 11 7.76 21.87 67.25
C LEU P 11 9.06 22.39 66.69
N SER P 12 10.17 21.80 67.14
CA SER P 12 11.51 22.12 66.65
C SER P 12 12.09 20.91 65.93
N ALA P 13 12.77 21.18 64.82
CA ALA P 13 13.39 20.12 64.03
C ALA P 13 14.57 20.72 63.26
N SER P 14 15.29 19.85 62.57
CA SER P 14 16.45 20.25 61.79
C SER P 14 16.30 19.76 60.36
N THR P 15 17.20 20.21 59.50
CA THR P 15 17.13 19.80 58.10
C THR P 15 17.32 18.29 57.99
N GLY P 16 16.59 17.70 57.04
CA GLY P 16 16.62 16.26 56.86
C GLY P 16 15.74 15.48 57.82
N ASP P 17 15.31 16.09 58.92
CA ASP P 17 14.43 15.42 59.86
C ASP P 17 13.13 14.99 59.20
N THR P 18 12.42 14.10 59.88
CA THR P 18 11.06 13.71 59.51
C THR P 18 10.14 14.17 60.62
N VAL P 19 9.12 14.95 60.27
CA VAL P 19 8.29 15.63 61.25
C VAL P 19 6.82 15.36 60.95
N ARG P 20 6.02 15.26 62.02
CA ARG P 20 4.62 14.89 61.92
C ARG P 20 3.77 15.87 62.73
N ILE P 21 2.76 16.44 62.10
CA ILE P 21 1.84 17.38 62.72
C ILE P 21 0.45 16.77 62.68
N SER P 22 -0.21 16.73 63.83
CA SER P 22 -1.51 16.10 63.96
C SER P 22 -2.61 17.16 64.05
N CYS P 23 -3.81 16.77 63.61
CA CYS P 23 -4.96 17.66 63.62
C CYS P 23 -6.21 16.83 63.79
N ARG P 24 -6.90 17.03 64.91
CA ARG P 24 -8.12 16.31 65.25
C ARG P 24 -9.34 17.19 65.00
N ALA P 25 -10.43 16.56 64.58
CA ALA P 25 -11.69 17.25 64.37
C ALA P 25 -12.67 16.88 65.48
N SER P 26 -13.63 17.78 65.72
CA SER P 26 -14.66 17.51 66.71
C SER P 26 -15.54 16.34 66.28
N GLN P 27 -15.89 16.29 64.99
CA GLN P 27 -16.60 15.17 64.40
C GLN P 27 -15.63 14.36 63.55
N SER P 28 -16.10 13.20 63.09
CA SER P 28 -15.31 12.36 62.18
C SER P 28 -15.61 12.75 60.75
N ILE P 29 -14.55 12.93 59.95
CA ILE P 29 -14.69 13.36 58.56
C ILE P 29 -14.38 12.20 57.64
N THR P 30 -15.42 11.46 57.24
CA THR P 30 -15.23 10.29 56.40
C THR P 30 -14.69 10.67 55.04
N GLY P 31 -15.39 11.56 54.34
CA GLY P 31 -15.00 11.96 52.99
C GLY P 31 -13.57 12.46 52.87
N ASN P 32 -12.86 12.63 53.99
CA ASN P 32 -11.49 13.10 53.99
C ASN P 32 -11.38 14.51 53.38
N TRP P 33 -12.36 15.35 53.68
CA TRP P 33 -12.40 16.72 53.17
C TRP P 33 -11.57 17.62 54.08
N VAL P 34 -10.26 17.42 54.02
CA VAL P 34 -9.32 18.17 54.84
C VAL P 34 -8.13 18.60 54.00
N ALA P 35 -7.70 19.85 54.17
CA ALA P 35 -6.57 20.41 53.45
C ALA P 35 -5.49 20.87 54.43
N TRP P 36 -4.27 21.00 53.92
CA TRP P 36 -3.13 21.47 54.69
C TRP P 36 -2.51 22.67 53.99
N TYR P 37 -2.06 23.64 54.79
CA TYR P 37 -1.52 24.89 54.27
C TYR P 37 -0.21 25.22 54.96
N GLN P 38 0.71 25.80 54.18
CA GLN P 38 1.96 26.35 54.70
C GLN P 38 1.94 27.87 54.54
N GLN P 39 2.31 28.57 55.60
CA GLN P 39 2.33 30.03 55.58
C GLN P 39 3.60 30.50 56.26
N ARG P 40 4.51 31.07 55.47
CA ARG P 40 5.65 31.77 56.04
C ARG P 40 5.23 33.18 56.44
N PRO P 41 5.82 33.74 57.49
CA PRO P 41 5.35 35.02 58.01
C PRO P 41 5.33 36.11 56.95
N GLY P 42 4.19 36.78 56.81
CA GLY P 42 4.01 37.90 55.93
C GLY P 42 3.43 37.56 54.57
N LYS P 43 3.74 36.38 54.03
CA LYS P 43 3.27 35.98 52.70
C LYS P 43 2.05 35.09 52.81
N ALA P 44 1.37 34.92 51.68
CA ALA P 44 0.09 34.23 51.66
C ALA P 44 0.28 32.72 51.82
N PRO P 45 -0.68 32.04 52.43
CA PRO P 45 -0.58 30.58 52.57
C PRO P 45 -0.53 29.88 51.22
N ARG P 46 0.08 28.70 51.22
CA ARG P 46 0.13 27.83 50.06
C ARG P 46 -0.66 26.58 50.34
N LEU P 47 -1.48 26.16 49.38
CA LEU P 47 -2.20 24.90 49.50
C LEU P 47 -1.24 23.76 49.19
N LEU P 48 -0.97 22.92 50.18
CA LEU P 48 -0.05 21.80 50.05
C LEU P 48 -0.75 20.49 49.76
N ILE P 49 -1.78 20.17 50.55
CA ILE P 49 -2.45 18.88 50.46
C ILE P 49 -3.95 19.11 50.61
N TYR P 50 -4.73 18.49 49.73
CA TYR P 50 -6.18 18.49 49.82
C TYR P 50 -6.64 17.04 49.88
N ARG P 51 -7.73 16.79 50.61
CA ARG P 51 -8.35 15.46 50.68
C ARG P 51 -7.42 14.41 51.26
N GLY P 52 -6.45 14.83 52.08
CA GLY P 52 -5.63 13.90 52.83
C GLY P 52 -4.38 13.40 52.12
N ALA P 53 -4.54 12.58 51.09
CA ALA P 53 -3.40 11.99 50.40
C ALA P 53 -3.06 12.70 49.10
N ALA P 54 -3.78 13.75 48.74
CA ALA P 54 -3.62 14.37 47.43
C ALA P 54 -2.66 15.54 47.52
N LEU P 55 -1.60 15.49 46.72
CA LEU P 55 -0.64 16.57 46.62
C LEU P 55 -1.04 17.51 45.49
N LEU P 56 -1.01 18.81 45.76
CA LEU P 56 -1.30 19.80 44.74
C LEU P 56 -0.13 19.93 43.78
N GLY P 57 -0.45 20.17 42.51
CA GLY P 57 0.56 20.29 41.47
C GLY P 57 1.69 21.24 41.82
N GLY P 58 2.91 20.70 41.93
CA GLY P 58 4.08 21.48 42.26
C GLY P 58 4.57 21.33 43.70
N VAL P 59 3.78 20.74 44.58
CA VAL P 59 4.20 20.54 45.96
C VAL P 59 5.15 19.34 46.02
N PRO P 60 6.26 19.45 46.73
CA PRO P 60 7.25 18.36 46.71
C PRO P 60 6.69 17.02 47.20
N SER P 61 7.35 15.95 46.77
CA SER P 61 6.92 14.60 47.13
C SER P 61 7.06 14.33 48.63
N ARG P 62 7.98 15.04 49.30
CA ARG P 62 8.22 14.77 50.71
C ARG P 62 7.06 15.21 51.61
N PHE P 63 6.10 15.95 51.07
CA PHE P 63 4.86 16.23 51.79
C PHE P 63 3.85 15.14 51.48
N ARG P 64 3.34 14.48 52.52
CA ARG P 64 2.34 13.44 52.36
C ARG P 64 1.45 13.44 53.60
N GLY P 65 0.14 13.29 53.37
CA GLY P 65 -0.82 13.32 54.46
C GLY P 65 -1.59 12.03 54.61
N SER P 66 -2.10 11.78 55.80
CA SER P 66 -2.83 10.55 56.12
C SER P 66 -4.06 10.89 56.94
N ALA P 67 -5.18 10.23 56.63
CA ALA P 67 -6.47 10.55 57.22
C ALA P 67 -7.18 9.27 57.62
N ALA P 68 -7.48 9.15 58.92
CA ALA P 68 -8.21 8.01 59.44
C ALA P 68 -9.17 8.48 60.52
N GLY P 69 -10.47 8.43 60.23
CA GLY P 69 -11.47 8.79 61.21
C GLY P 69 -11.40 10.26 61.55
N THR P 70 -11.22 10.55 62.84
CA THR P 70 -11.14 11.95 63.30
C THR P 70 -9.73 12.51 63.22
N ASP P 71 -8.70 11.68 63.41
CA ASP P 71 -7.33 12.18 63.43
C ASP P 71 -6.79 12.35 62.00
N PHE P 72 -5.93 13.36 61.84
CA PHE P 72 -5.26 13.66 60.58
C PHE P 72 -3.81 14.00 60.86
N THR P 73 -2.92 13.61 59.96
CA THR P 73 -1.49 13.84 60.18
C THR P 73 -0.82 14.30 58.89
N LEU P 74 -0.11 15.44 58.98
CA LEU P 74 0.76 15.90 57.90
C LEU P 74 2.20 15.50 58.22
N THR P 75 2.85 14.85 57.26
CA THR P 75 4.18 14.29 57.46
C THR P 75 5.17 14.95 56.50
N ILE P 76 6.24 15.51 57.04
CA ILE P 76 7.31 16.14 56.25
C ILE P 76 8.59 15.37 56.56
N GLY P 77 8.97 14.45 55.67
CA GLY P 77 10.28 13.85 55.76
C GLY P 77 11.33 14.70 55.07
N ASN P 78 12.58 14.48 55.46
CA ASN P 78 13.72 15.21 54.92
C ASN P 78 13.46 16.72 54.97
N LEU P 79 13.24 17.20 56.19
CA LEU P 79 12.88 18.60 56.39
C LEU P 79 13.91 19.51 55.73
N GLN P 80 13.41 20.51 55.02
CA GLN P 80 14.23 21.45 54.29
C GLN P 80 14.05 22.84 54.90
N ALA P 81 15.01 23.72 54.60
CA ALA P 81 14.93 25.08 55.13
C ALA P 81 13.66 25.78 54.65
N GLU P 82 13.28 25.59 53.38
CA GLU P 82 12.08 26.22 52.85
C GLU P 82 10.81 25.73 53.53
N ASP P 83 10.86 24.61 54.25
CA ASP P 83 9.66 24.05 54.84
C ASP P 83 9.31 24.67 56.19
N PHE P 84 10.27 25.29 56.86
CA PHE P 84 10.00 25.90 58.16
C PHE P 84 8.95 26.99 58.04
N GLY P 85 8.12 27.10 59.06
CA GLY P 85 7.05 28.08 59.10
C GLY P 85 5.90 27.59 59.97
N THR P 86 4.71 28.09 59.65
CA THR P 86 3.48 27.71 60.33
C THR P 86 2.59 26.91 59.39
N PHE P 87 1.94 25.88 59.92
CA PHE P 87 1.09 24.98 59.14
C PHE P 87 -0.31 24.94 59.75
N TYR P 88 -1.32 24.89 58.87
CA TYR P 88 -2.72 24.89 59.27
C TYR P 88 -3.44 23.75 58.57
N CYS P 89 -4.25 23.01 59.33
CA CYS P 89 -5.19 22.06 58.77
C CYS P 89 -6.54 22.73 58.59
N GLN P 90 -7.22 22.42 57.48
CA GLN P 90 -8.53 22.98 57.18
C GLN P 90 -9.47 21.88 56.78
N GLN P 91 -10.63 21.81 57.43
CA GLN P 91 -11.69 20.90 57.01
C GLN P 91 -12.68 21.64 56.13
N TYR P 92 -13.30 20.89 55.22
CA TYR P 92 -14.37 21.42 54.39
C TYR P 92 -15.42 20.35 54.12
N ASP P 93 -15.75 19.58 55.16
CA ASP P 93 -16.79 18.56 55.11
C ASP P 93 -18.17 19.15 55.39
N THR P 94 -18.27 20.00 56.41
CA THR P 94 -19.50 20.73 56.71
C THR P 94 -19.25 22.23 56.58
N TYR P 95 -20.27 22.94 56.12
CA TYR P 95 -20.25 24.40 56.06
C TYR P 95 -20.38 24.94 57.49
N PRO P 96 -19.51 25.90 57.85
CA PRO P 96 -18.45 26.48 57.02
C PRO P 96 -17.10 25.78 57.20
N GLY P 97 -16.22 25.94 56.22
CA GLY P 97 -14.87 25.40 56.35
C GLY P 97 -14.17 26.00 57.55
N THR P 98 -13.52 25.15 58.35
CA THR P 98 -12.84 25.62 59.55
C THR P 98 -11.38 25.20 59.54
N PHE P 99 -10.53 26.08 60.03
CA PHE P 99 -9.10 25.86 60.12
C PHE P 99 -8.72 25.48 61.54
N GLY P 100 -7.48 25.01 61.69
CA GLY P 100 -6.96 24.69 63.01
C GLY P 100 -6.26 25.87 63.65
N GLN P 101 -5.90 25.67 64.92
CA GLN P 101 -5.14 26.70 65.63
C GLN P 101 -3.81 26.97 64.93
N GLY P 102 -3.23 25.96 64.30
CA GLY P 102 -1.96 26.09 63.64
C GLY P 102 -0.84 25.37 64.40
N THR P 103 0.25 25.12 63.68
CA THR P 103 1.43 24.46 64.26
C THR P 103 2.68 25.16 63.76
N LYS P 104 3.48 25.66 64.71
CA LYS P 104 4.72 26.36 64.38
C LYS P 104 5.88 25.37 64.33
N VAL P 105 6.73 25.53 63.32
CA VAL P 105 7.85 24.64 63.07
C VAL P 105 9.11 25.48 63.12
N GLU P 106 9.82 25.44 64.24
CA GLU P 106 11.02 26.24 64.44
C GLU P 106 12.27 25.39 64.24
N VAL P 107 13.40 26.07 64.10
CA VAL P 107 14.69 25.41 63.91
C VAL P 107 15.24 25.00 65.27
N LYS P 108 15.93 23.86 65.29
CA LYS P 108 16.67 23.47 66.47
C LYS P 108 17.94 24.31 66.60
N ARG P 109 18.33 24.58 67.84
CA ARG P 109 19.58 25.25 68.14
C ARG P 109 19.96 24.87 69.56
N THR P 110 21.25 24.96 69.85
CA THR P 110 21.69 24.78 71.23
C THR P 110 21.07 25.88 72.09
N VAL P 111 20.70 25.52 73.31
CA VAL P 111 20.06 26.51 74.19
C VAL P 111 21.01 27.68 74.39
N ALA P 112 20.44 28.89 74.42
CA ALA P 112 21.23 30.12 74.39
C ALA P 112 20.74 31.08 75.46
N ALA P 113 21.66 31.53 76.31
CA ALA P 113 21.32 32.51 77.32
C ALA P 113 21.10 33.87 76.67
N PRO P 114 20.16 34.66 77.19
CA PRO P 114 19.87 35.97 76.59
C PRO P 114 20.78 37.07 77.10
N SER P 115 21.23 37.91 76.16
CA SER P 115 21.88 39.16 76.53
C SER P 115 20.82 40.13 77.03
N VAL P 116 20.94 40.55 78.29
CA VAL P 116 19.96 41.41 78.92
C VAL P 116 20.51 42.84 78.98
N PHE P 117 19.69 43.79 78.54
CA PHE P 117 20.00 45.21 78.65
C PHE P 117 18.77 45.93 79.19
N ILE P 118 19.00 46.97 79.98
CA ILE P 118 17.91 47.82 80.47
C ILE P 118 18.16 49.24 79.99
N PHE P 119 17.09 49.91 79.57
CA PHE P 119 17.16 51.26 79.04
C PHE P 119 16.24 52.17 79.83
N PRO P 120 16.76 53.20 80.48
CA PRO P 120 15.90 54.18 81.15
C PRO P 120 15.23 55.07 80.12
N PRO P 121 14.22 55.85 80.52
CA PRO P 121 13.54 56.71 79.55
C PRO P 121 14.43 57.86 79.09
N SER P 122 14.21 58.28 77.85
CA SER P 122 14.94 59.41 77.31
C SER P 122 14.58 60.69 78.05
N ASP P 123 15.57 61.55 78.26
CA ASP P 123 15.30 62.86 78.87
C ASP P 123 14.33 63.66 78.01
N GLU P 124 14.46 63.56 76.68
CA GLU P 124 13.54 64.26 75.80
C GLU P 124 12.12 63.73 75.93
N GLN P 125 11.98 62.40 76.08
CA GLN P 125 10.66 61.82 76.31
C GLN P 125 10.01 62.41 77.56
N LEU P 126 10.81 62.81 78.55
CA LEU P 126 10.26 63.40 79.76
C LEU P 126 9.63 64.76 79.49
N LYS P 127 10.20 65.55 78.57
CA LYS P 127 9.60 66.83 78.22
C LYS P 127 8.28 66.67 77.47
N SER P 128 8.01 65.47 76.93
CA SER P 128 6.70 65.18 76.36
C SER P 128 5.66 64.86 77.43
N GLY P 129 6.10 64.55 78.65
CA GLY P 129 5.19 64.24 79.73
C GLY P 129 4.93 62.76 79.97
N THR P 130 5.63 61.87 79.28
CA THR P 130 5.46 60.43 79.42
C THR P 130 6.84 59.79 79.56
N ALA P 131 6.89 58.64 80.20
CA ALA P 131 8.14 57.92 80.43
C ALA P 131 7.96 56.45 80.07
N SER P 132 8.88 55.92 79.27
CA SER P 132 8.86 54.52 78.84
C SER P 132 10.16 53.85 79.25
N VAL P 133 10.05 52.67 79.86
CA VAL P 133 11.20 51.87 80.27
C VAL P 133 11.22 50.60 79.43
N VAL P 134 12.40 50.25 78.91
CA VAL P 134 12.56 49.12 78.02
C VAL P 134 13.60 48.17 78.58
N CYS P 135 13.29 46.87 78.56
CA CYS P 135 14.24 45.82 78.88
C CYS P 135 14.42 44.95 77.65
N LEU P 136 15.68 44.76 77.23
CA LEU P 136 16.00 44.06 76.00
C LEU P 136 16.55 42.67 76.30
N LEU P 137 15.98 41.66 75.65
CA LEU P 137 16.49 40.30 75.67
C LEU P 137 16.87 39.93 74.24
N ASN P 138 18.12 39.51 74.03
CA ASN P 138 18.64 39.38 72.68
C ASN P 138 19.37 38.05 72.48
N ASN P 139 19.19 37.48 71.29
CA ASN P 139 19.92 36.28 70.84
C ASN P 139 19.83 35.02 71.71
N PHE P 140 18.61 34.66 72.10
CA PHE P 140 18.40 33.60 73.07
C PHE P 140 17.55 32.48 72.48
N TYR P 141 17.65 31.31 73.11
CA TYR P 141 16.89 30.13 72.72
C TYR P 141 16.78 29.19 73.92
N PRO P 142 15.60 28.59 74.13
CA PRO P 142 14.39 28.73 73.31
C PRO P 142 13.55 29.96 73.66
N ARG P 143 12.42 30.11 72.96
CA ARG P 143 11.63 31.33 73.02
C ARG P 143 10.85 31.50 74.33
N GLU P 144 10.74 30.46 75.14
CA GLU P 144 9.99 30.57 76.39
C GLU P 144 10.83 31.34 77.42
N ALA P 145 10.34 32.50 77.82
CA ALA P 145 11.01 33.33 78.81
C ALA P 145 10.01 34.34 79.38
N LYS P 146 10.18 34.66 80.65
CA LYS P 146 9.26 35.53 81.37
C LYS P 146 10.01 36.71 81.97
N VAL P 147 9.46 37.91 81.82
CA VAL P 147 10.04 39.11 82.40
C VAL P 147 9.03 39.72 83.36
N GLN P 148 9.54 40.21 84.49
CA GLN P 148 8.77 41.00 85.42
C GLN P 148 9.56 42.26 85.76
N TRP P 149 8.84 43.34 86.05
CA TRP P 149 9.44 44.63 86.36
C TRP P 149 9.35 44.88 87.86
N LYS P 150 10.45 45.31 88.46
CA LYS P 150 10.53 45.60 89.89
C LYS P 150 10.91 47.07 90.08
N VAL P 151 9.97 47.85 90.62
CA VAL P 151 10.16 49.28 90.84
C VAL P 151 10.10 49.53 92.34
N ASP P 152 11.14 50.17 92.87
CA ASP P 152 11.31 50.31 94.32
C ASP P 152 11.18 48.95 95.00
N ASN P 153 11.73 47.92 94.33
CA ASN P 153 11.72 46.54 94.84
C ASN P 153 10.30 45.98 94.98
N ALA P 154 9.35 46.51 94.21
CA ALA P 154 7.97 46.08 94.25
C ALA P 154 7.53 45.63 92.87
N LEU P 155 6.72 44.56 92.82
CA LEU P 155 6.25 44.02 91.56
C LEU P 155 5.35 45.02 90.84
N GLN P 156 5.32 44.91 89.50
CA GLN P 156 4.54 45.81 88.66
C GLN P 156 3.95 45.01 87.52
N SER P 157 2.64 45.13 87.32
CA SER P 157 1.96 44.38 86.27
C SER P 157 0.81 45.21 85.73
N GLY P 158 0.30 44.78 84.57
CA GLY P 158 -0.78 45.47 83.90
C GLY P 158 -0.35 46.63 83.02
N ASN P 159 0.91 47.05 83.11
CA ASN P 159 1.41 48.19 82.34
C ASN P 159 2.62 47.84 81.49
N SER P 160 2.95 46.56 81.35
CA SER P 160 4.08 46.11 80.56
C SER P 160 3.59 45.42 79.30
N GLN P 161 4.27 45.69 78.18
CA GLN P 161 3.95 45.08 76.90
C GLN P 161 5.20 44.43 76.32
N GLU P 162 4.99 43.43 75.47
CA GLU P 162 6.09 42.63 74.91
C GLU P 162 5.98 42.55 73.39
N SER P 163 7.13 42.43 72.75
CA SER P 163 7.24 42.32 71.30
C SER P 163 8.44 41.43 71.00
N VAL P 164 8.28 40.53 70.02
CA VAL P 164 9.27 39.49 69.76
C VAL P 164 9.55 39.40 68.28
N THR P 165 10.84 39.29 67.93
CA THR P 165 11.24 39.04 66.56
C THR P 165 10.91 37.59 66.17
N GLU P 166 10.91 37.35 64.87
CA GLU P 166 10.87 35.98 64.38
C GLU P 166 12.30 35.41 64.38
N GLN P 167 12.39 34.09 64.38
CA GLN P 167 13.68 33.41 64.56
C GLN P 167 14.68 33.86 63.51
N ASP P 168 15.91 34.13 63.96
CA ASP P 168 16.97 34.57 63.07
C ASP P 168 17.39 33.41 62.17
N SER P 169 17.46 33.68 60.87
CA SER P 169 17.77 32.62 59.91
C SER P 169 19.18 32.07 60.11
N LYS P 170 20.12 32.90 60.56
CA LYS P 170 21.52 32.50 60.60
C LYS P 170 21.90 31.78 61.89
N ASP P 171 21.46 32.28 63.04
CA ASP P 171 21.84 31.68 64.32
C ASP P 171 20.72 30.89 64.98
N SER P 172 19.49 30.99 64.48
CA SER P 172 18.33 30.29 65.05
C SER P 172 18.05 30.76 66.47
N THR P 173 18.25 32.05 66.73
CA THR P 173 17.96 32.65 68.03
C THR P 173 16.87 33.70 67.87
N TYR P 174 16.28 34.08 69.01
CA TYR P 174 15.19 35.04 69.07
C TYR P 174 15.63 36.29 69.83
N SER P 175 14.76 37.30 69.83
CA SER P 175 15.02 38.56 70.53
C SER P 175 13.69 39.16 70.97
N LEU P 176 13.68 39.76 72.17
CA LEU P 176 12.42 40.21 72.77
C LEU P 176 12.58 41.61 73.36
N SER P 177 11.49 42.38 73.29
CA SER P 177 11.40 43.74 73.82
C SER P 177 10.28 43.81 74.83
N SER P 178 10.60 44.24 76.05
CA SER P 178 9.60 44.46 77.10
C SER P 178 9.56 45.95 77.39
N THR P 179 8.45 46.59 77.03
CA THR P 179 8.29 48.04 77.20
C THR P 179 7.34 48.31 78.35
N LEU P 180 7.87 48.97 79.39
CA LEU P 180 7.09 49.39 80.55
C LEU P 180 6.81 50.88 80.47
N THR P 181 5.54 51.25 80.47
CA THR P 181 5.12 52.63 80.28
C THR P 181 4.32 53.10 81.49
N LEU P 182 4.54 54.35 81.90
CA LEU P 182 3.84 54.93 83.03
C LEU P 182 3.97 56.44 82.97
N SER P 183 3.23 57.11 83.85
CA SER P 183 3.12 58.57 83.83
C SER P 183 4.42 59.22 84.28
N LYS P 184 4.60 60.48 83.85
CA LYS P 184 5.81 61.22 84.18
C LYS P 184 5.91 61.49 85.68
N ALA P 185 4.77 61.85 86.30
CA ALA P 185 4.79 62.16 87.73
C ALA P 185 5.15 60.94 88.56
N ASP P 186 4.65 59.77 88.18
CA ASP P 186 4.94 58.56 88.93
C ASP P 186 6.41 58.19 88.86
N TYR P 187 7.05 58.41 87.70
CA TYR P 187 8.44 58.01 87.52
C TYR P 187 9.34 58.68 88.56
N GLU P 188 9.26 60.02 88.64
CA GLU P 188 10.10 60.74 89.60
C GLU P 188 9.87 60.26 91.03
N LYS P 189 8.64 59.83 91.35
CA LYS P 189 8.34 59.36 92.70
C LYS P 189 9.03 58.04 92.98
N HIS P 190 8.97 57.10 92.04
CA HIS P 190 9.61 55.80 92.22
C HIS P 190 11.11 55.96 92.41
N LYS P 191 11.66 55.16 93.31
CA LYS P 191 13.07 55.33 93.68
C LYS P 191 14.01 54.67 92.67
N VAL P 192 13.68 53.46 92.21
CA VAL P 192 14.61 52.67 91.41
C VAL P 192 13.82 51.76 90.48
N TYR P 193 14.45 51.40 89.37
CA TYR P 193 13.83 50.59 88.32
C TYR P 193 14.72 49.39 87.99
N ALA P 194 14.12 48.20 87.94
CA ALA P 194 14.86 46.97 87.78
C ALA P 194 14.15 46.03 86.82
N CYS P 195 14.93 45.22 86.12
CA CYS P 195 14.43 44.19 85.21
C CYS P 195 15.03 42.85 85.61
N GLU P 196 14.17 41.92 86.01
CA GLU P 196 14.58 40.57 86.38
C GLU P 196 14.05 39.60 85.33
N VAL P 197 14.94 38.76 84.80
CA VAL P 197 14.63 37.88 83.68
C VAL P 197 14.80 36.43 84.14
N THR P 198 13.79 35.61 83.86
CA THR P 198 13.84 34.18 84.14
C THR P 198 13.85 33.42 82.82
N HIS P 199 14.94 32.70 82.55
CA HIS P 199 15.09 31.94 81.33
C HIS P 199 15.87 30.66 81.62
N GLN P 200 15.68 29.67 80.74
CA GLN P 200 16.30 28.37 80.94
C GLN P 200 17.82 28.45 80.86
N GLY P 201 18.35 29.25 79.95
CA GLY P 201 19.79 29.32 79.75
C GLY P 201 20.57 29.93 80.90
N LEU P 202 19.89 30.54 81.86
CA LEU P 202 20.53 31.22 82.98
C LEU P 202 20.35 30.38 84.25
N SER P 203 21.45 30.20 85.00
CA SER P 203 21.41 29.34 86.17
C SER P 203 20.43 29.84 87.22
N SER P 204 20.37 31.14 87.42
CA SER P 204 19.42 31.75 88.35
C SER P 204 18.94 33.06 87.74
N PRO P 205 17.72 33.52 88.11
CA PRO P 205 17.15 34.72 87.50
C PRO P 205 18.10 35.92 87.45
N VAL P 206 18.47 36.34 86.24
CA VAL P 206 19.36 37.47 86.05
C VAL P 206 18.55 38.76 86.13
N THR P 207 19.00 39.69 86.98
CA THR P 207 18.34 40.97 87.16
C THR P 207 19.32 42.08 86.81
N LYS P 208 18.93 42.95 85.88
CA LYS P 208 19.72 44.11 85.48
C LYS P 208 18.87 45.35 85.69
N SER P 209 19.47 46.38 86.29
CA SER P 209 18.68 47.44 86.90
C SER P 209 19.40 48.77 86.80
N PHE P 210 18.67 49.84 87.16
CA PHE P 210 19.20 51.19 87.23
C PHE P 210 18.39 51.99 88.23
N ASN P 211 19.07 52.82 89.01
CA ASN P 211 18.40 53.82 89.83
C ASN P 211 18.34 55.14 89.06
N ARG P 212 17.30 55.92 89.33
CA ARG P 212 17.12 57.20 88.66
C ARG P 212 18.36 58.07 88.83
N GLY P 213 19.07 58.29 87.74
CA GLY P 213 20.32 59.05 87.76
C GLY P 213 21.50 58.13 87.56
N GLU P 214 22.48 58.60 86.80
CA GLU P 214 23.67 57.79 86.49
C GLU P 214 24.87 58.67 86.19
C1 NAG Q . -7.31 -41.46 25.47
C2 NAG Q . -7.40 -42.51 24.36
C3 NAG Q . -6.10 -42.52 23.56
C4 NAG Q . -5.84 -41.11 23.01
C5 NAG Q . -5.77 -40.12 24.16
C6 NAG Q . -5.72 -38.69 23.68
C7 NAG Q . -8.90 -44.24 25.19
C8 NAG Q . -9.02 -45.64 25.74
N2 NAG Q . -7.66 -43.83 24.90
O3 NAG Q . -6.19 -43.49 22.53
O4 NAG Q . -4.59 -41.09 22.30
O5 NAG Q . -6.99 -40.20 24.90
O6 NAG Q . -7.04 -38.29 23.30
O7 NAG Q . -9.87 -43.53 25.03
C1 NAG Q . -4.87 -40.93 20.89
C2 NAG Q . -3.79 -40.06 20.27
C3 NAG Q . -4.03 -39.97 18.77
C4 NAG Q . -4.07 -41.35 18.12
C5 NAG Q . -5.18 -42.14 18.84
C6 NAG Q . -5.41 -43.55 18.32
C7 NAG Q . -2.82 -38.31 21.60
C8 NAG Q . -2.93 -36.89 22.07
N2 NAG Q . -3.79 -38.72 20.81
O3 NAG Q . -2.98 -39.16 18.21
O4 NAG Q . -4.40 -41.23 16.73
O5 NAG Q . -4.90 -42.20 20.25
O6 NAG Q . -5.57 -43.54 16.89
O7 NAG Q . -1.89 -39.03 21.92
C1 BMA Q . -3.26 -41.42 15.85
C2 BMA Q . -3.67 -41.05 14.44
C3 BMA Q . -2.50 -41.23 13.46
C4 BMA Q . -1.28 -40.48 13.98
C5 BMA Q . -0.97 -40.85 15.43
C6 BMA Q . 0.10 -39.89 15.91
O2 BMA Q . -4.07 -39.67 14.44
O3 BMA Q . -2.89 -40.61 12.22
O4 BMA Q . -0.13 -40.73 13.18
O5 BMA Q . -2.14 -40.59 16.20
O6 BMA Q . -0.29 -38.56 15.54
C1 MAN Q . -2.57 -41.47 11.10
C2 MAN Q . -2.37 -40.64 9.84
C3 MAN Q . -3.70 -39.99 9.42
C4 MAN Q . -4.81 -41.04 9.33
C5 MAN Q . -4.89 -41.82 10.63
C6 MAN Q . -5.98 -42.88 10.60
O2 MAN Q . -1.91 -41.48 8.78
O3 MAN Q . -3.53 -39.38 8.14
O4 MAN Q . -6.06 -40.40 9.08
O5 MAN Q . -3.61 -42.43 10.86
O6 MAN Q . -7.25 -42.25 10.73
C1 MAN Q . 0.88 -37.73 15.38
C2 MAN Q . 0.51 -36.28 15.75
C3 MAN Q . -0.50 -35.74 14.73
C4 MAN Q . 0.03 -35.89 13.31
C5 MAN Q . 0.40 -37.33 13.07
C6 MAN Q . 0.93 -37.57 11.65
O2 MAN Q . 1.69 -35.48 15.71
O3 MAN Q . -0.74 -34.35 15.01
O4 MAN Q . -1.00 -35.51 12.38
O5 MAN Q . 1.38 -37.73 14.04
O6 MAN Q . 2.07 -36.72 11.45
C1 NAG R . -49.21 -9.36 14.16
C2 NAG R . -49.98 -8.08 13.93
C3 NAG R . -50.01 -7.79 12.43
C4 NAG R . -48.58 -7.68 11.92
C5 NAG R . -47.79 -8.96 12.24
C6 NAG R . -46.29 -8.78 12.10
C7 NAG R . -51.51 -7.76 15.81
C8 NAG R . -52.91 -7.78 16.32
N2 NAG R . -51.32 -8.08 14.52
O3 NAG R . -50.75 -6.58 12.20
O4 NAG R . -48.62 -7.49 10.51
O5 NAG R . -47.90 -9.23 13.63
O6 NAG R . -45.69 -8.73 13.40
O7 NAG R . -50.57 -7.48 16.53
C1 NAG R . -48.08 -6.19 10.26
C2 NAG R . -47.26 -6.24 8.99
C3 NAG R . -46.72 -4.86 8.71
C4 NAG R . -47.84 -3.82 8.61
C5 NAG R . -48.64 -3.89 9.91
C6 NAG R . -49.81 -2.92 9.98
C7 NAG R . -46.24 -8.39 8.57
C8 NAG R . -45.01 -9.24 8.70
N2 NAG R . -46.15 -7.17 9.06
O3 NAG R . -45.95 -4.93 7.51
O4 NAG R . -47.29 -2.51 8.46
O5 NAG R . -49.12 -5.21 10.11
O6 NAG R . -49.36 -1.59 9.73
O7 NAG R . -47.26 -8.81 8.05
C1 BMA R . -47.39 -2.03 7.10
C2 BMA R . -46.72 -0.67 7.01
C3 BMA R . -46.77 -0.14 5.58
C4 BMA R . -46.24 -1.19 4.61
C5 BMA R . -46.93 -2.53 4.80
C6 BMA R . -46.19 -3.55 3.96
O2 BMA R . -45.36 -0.81 7.41
O3 BMA R . -45.91 1.01 5.50
O4 BMA R . -46.39 -0.78 3.24
O5 BMA R . -46.74 -2.90 6.17
O6 BMA R . -44.79 -3.38 4.18
C1 MAN R . -46.60 2.08 4.83
C2 MAN R . -45.58 2.96 4.08
C3 MAN R . -44.68 3.69 5.09
C4 MAN R . -45.51 4.42 6.14
C5 MAN R . -46.49 3.45 6.79
C6 MAN R . -47.36 4.13 7.84
O2 MAN R . -46.27 3.92 3.28
O3 MAN R . -43.87 4.65 4.38
O4 MAN R . -44.64 4.97 7.14
O5 MAN R . -47.33 2.92 5.75
O6 MAN R . -46.54 4.50 8.96
C1 MAN R . -44.06 -3.88 3.03
C2 MAN R . -42.70 -4.37 3.50
C3 MAN R . -41.89 -3.19 4.03
C4 MAN R . -41.79 -2.08 2.99
C5 MAN R . -43.20 -1.70 2.55
C6 MAN R . -43.18 -0.61 1.48
O2 MAN R . -42.02 -4.96 2.39
O3 MAN R . -40.56 -3.64 4.37
O4 MAN R . -41.16 -0.94 3.58
O5 MAN R . -43.85 -2.87 2.03
O6 MAN R . -42.39 -1.06 0.38
C1 NAG S . -10.50 7.03 49.01
C2 NAG S . -9.10 7.36 49.49
C3 NAG S . -8.60 8.63 48.80
C4 NAG S . -8.70 8.52 47.27
C5 NAG S . -10.15 8.20 46.91
C6 NAG S . -10.32 7.87 45.43
C7 NAG S . -9.15 6.63 51.84
C8 NAG S . -9.17 7.07 53.26
N2 NAG S . -9.11 7.60 50.92
O3 NAG S . -7.26 8.92 49.19
O4 NAG S . -8.27 9.74 46.64
O5 NAG S . -10.54 7.01 47.58
O6 NAG S . -10.32 6.45 45.29
O7 NAG S . -9.15 5.44 51.54
C1 NAG S . -7.06 9.48 45.89
C2 NAG S . -7.03 10.32 44.62
C3 NAG S . -5.76 10.00 43.85
C4 NAG S . -4.51 10.23 44.70
C5 NAG S . -4.66 9.44 46.01
C6 NAG S . -3.53 9.73 46.98
C7 NAG S . -9.25 10.85 43.81
C8 NAG S . -10.35 10.50 42.85
N2 NAG S . -8.17 10.08 43.76
O3 NAG S . -5.71 10.81 42.67
O4 NAG S . -3.37 9.73 43.99
O5 NAG S . -5.89 9.80 46.65
O6 NAG S . -2.30 9.22 46.45
O7 NAG S . -9.34 11.78 44.60
C1 BMA S . -2.53 10.80 43.53
C2 BMA S . -1.35 10.24 42.71
C3 BMA S . -0.43 11.38 42.26
C4 BMA S . -1.27 12.43 41.52
C5 BMA S . -2.45 12.88 42.36
C6 BMA S . -3.33 13.76 41.48
O2 BMA S . -1.88 9.61 41.54
O3 BMA S . 0.60 10.88 41.40
O4 BMA S . -0.49 13.57 41.14
O5 BMA S . -3.22 11.72 42.67
O6 BMA S . -3.55 13.04 40.26
C1 MAN S . 1.88 11.44 41.80
C2 MAN S . 2.82 11.54 40.59
C3 MAN S . 3.22 10.17 40.09
C4 MAN S . 3.77 9.31 41.23
C5 MAN S . 2.76 9.29 42.37
C6 MAN S . 3.27 8.45 43.54
O2 MAN S . 4.00 12.28 40.97
O3 MAN S . 4.23 10.29 39.09
O4 MAN S . 4.03 7.97 40.77
O5 MAN S . 2.54 10.63 42.79
O6 MAN S . 3.34 7.08 43.16
C1 MAN S . -3.89 13.96 39.22
C2 MAN S . -4.74 13.22 38.19
C3 MAN S . -3.89 12.11 37.55
C4 MAN S . -2.61 12.68 36.95
C5 MAN S . -1.87 13.45 38.04
C6 MAN S . -0.54 14.03 37.57
O2 MAN S . -5.17 14.13 37.17
O3 MAN S . -4.66 11.45 36.53
O4 MAN S . -1.78 11.58 36.52
O5 MAN S . -2.73 14.48 38.53
O6 MAN S . -0.79 15.14 36.70
C1 NAG T . -42.72 -35.56 8.65
C2 NAG T . -42.23 -36.34 9.86
C3 NAG T . -42.99 -37.67 9.86
C4 NAG T . -44.51 -37.44 9.90
C5 NAG T . -44.91 -36.52 8.75
C6 NAG T . -46.35 -36.03 8.92
C7 NAG T . -40.05 -36.56 10.92
C8 NAG T . -38.60 -36.80 10.70
N2 NAG T . -40.80 -36.57 9.82
O3 NAG T . -42.54 -38.47 10.96
O4 NAG T . -45.18 -38.67 9.66
O5 NAG T . -44.12 -35.35 8.81
O6 NAG T . -46.62 -35.04 7.93
O7 NAG T . -40.53 -36.39 12.02
C1 NAG T . -45.73 -39.16 10.89
C2 NAG T . -46.98 -39.99 10.61
C3 NAG T . -47.47 -40.57 11.94
C4 NAG T . -46.37 -41.38 12.62
C5 NAG T . -45.14 -40.49 12.82
C6 NAG T . -43.99 -41.32 13.34
C7 NAG T . -48.15 -39.03 8.70
C8 NAG T . -49.29 -38.18 8.24
N2 NAG T . -48.03 -39.19 10.02
O3 NAG T . -48.60 -41.42 11.68
O4 NAG T . -46.84 -41.81 13.91
O5 NAG T . -44.75 -39.98 11.54
O6 NAG T . -43.53 -42.18 12.29
O7 NAG T . -47.36 -39.54 7.92
C1 NAG U . 11.77 -11.17 -38.04
C2 NAG U . 12.27 -12.39 -38.81
C3 NAG U . 13.63 -12.77 -38.26
C4 NAG U . 14.59 -11.59 -38.41
C5 NAG U . 14.01 -10.35 -37.73
C6 NAG U . 14.86 -9.11 -37.94
C7 NAG U . 10.59 -13.76 -39.80
C8 NAG U . 9.68 -14.93 -39.67
N2 NAG U . 11.35 -13.49 -38.75
O3 NAG U . 14.09 -13.92 -38.98
O4 NAG U . 15.80 -11.93 -37.73
O5 NAG U . 12.71 -10.10 -38.25
O6 NAG U . 15.24 -9.05 -39.33
O7 NAG U . 10.62 -13.08 -40.82
C1 NAG U . 16.82 -12.11 -38.72
C2 NAG U . 18.18 -12.01 -38.05
C3 NAG U . 19.25 -12.26 -39.10
C4 NAG U . 19.02 -13.61 -39.79
C5 NAG U . 17.62 -13.65 -40.38
C6 NAG U . 17.26 -15.02 -40.95
C7 NAG U . 18.03 -10.50 -36.19
C8 NAG U . 18.27 -9.11 -35.68
N2 NAG U . 18.36 -10.72 -37.45
O3 NAG U . 20.52 -12.19 -38.45
O4 NAG U . 19.99 -13.78 -40.83
O5 NAG U . 16.69 -13.39 -39.34
O6 NAG U . 18.11 -15.32 -42.07
O7 NAG U . 17.53 -11.37 -35.49
C1 BMA U . 20.91 -14.79 -40.38
C2 BMA U . 21.53 -15.44 -41.61
C3 BMA U . 22.54 -16.50 -41.16
C4 BMA U . 23.53 -15.92 -40.14
C5 BMA U . 22.78 -15.23 -39.00
C6 BMA U . 23.76 -14.57 -38.04
O2 BMA U . 22.20 -14.45 -42.40
O3 BMA U . 23.27 -16.83 -42.33
O4 BMA U . 24.35 -16.96 -39.60
O5 BMA U . 21.96 -14.22 -39.59
O6 BMA U . 24.95 -14.20 -38.75
C1 MAN U . 23.33 -18.25 -42.53
C2 MAN U . 24.66 -18.54 -43.20
C3 MAN U . 24.67 -17.80 -44.54
C4 MAN U . 23.46 -18.20 -45.40
C5 MAN U . 22.19 -17.99 -44.60
C6 MAN U . 21.00 -18.53 -45.38
O2 MAN U . 24.76 -19.95 -43.43
O3 MAN U . 25.88 -18.08 -45.24
O4 MAN U . 23.42 -17.35 -46.54
O5 MAN U . 22.29 -18.74 -43.37
O6 MAN U . 20.06 -19.09 -44.46
C1 MAN U . 25.07 -12.77 -38.77
C2 MAN U . 25.44 -12.34 -40.18
C3 MAN U . 26.80 -12.94 -40.54
C4 MAN U . 27.86 -12.60 -39.48
C5 MAN U . 27.33 -13.01 -38.11
C6 MAN U . 28.33 -12.63 -37.03
O2 MAN U . 25.54 -10.91 -40.21
O3 MAN U . 27.22 -12.42 -41.81
O4 MAN U . 29.06 -13.32 -39.77
O5 MAN U . 26.10 -12.32 -37.88
O6 MAN U . 27.75 -12.92 -35.75
C1 NAG V . -9.39 4.77 -30.91
C2 NAG V . -9.10 4.63 -32.39
C3 NAG V . -10.44 4.38 -33.07
C4 NAG V . -11.29 3.25 -32.47
C5 NAG V . -11.30 3.36 -30.95
C6 NAG V . -11.85 2.08 -30.34
C7 NAG V . -7.26 6.12 -33.02
C8 NAG V . -6.90 7.46 -33.60
N2 NAG V . -8.57 5.86 -32.93
O3 NAG V . -10.16 4.06 -34.43
O4 NAG V . -12.61 3.70 -32.82
O5 NAG V . -9.96 3.53 -30.45
O6 NAG V . -11.14 0.97 -30.91
O7 NAG V . -6.42 5.33 -32.65
C1 NAG V . -13.51 2.83 -33.57
C2 NAG V . -13.27 3.02 -35.09
C3 NAG V . -14.31 2.21 -35.84
C4 NAG V . -14.23 0.73 -35.44
C5 NAG V . -14.35 0.62 -33.92
C6 NAG V . -14.20 -0.84 -33.49
C7 NAG V . -12.47 4.92 -36.33
C8 NAG V . -12.63 6.38 -36.64
N2 NAG V . -13.34 4.41 -35.46
O3 NAG V . -14.10 2.34 -37.25
O4 NAG V . -15.30 0.02 -36.07
O5 NAG V . -13.34 1.42 -33.29
O6 NAG V . -12.88 -1.27 -33.83
O7 NAG V . -11.60 4.24 -36.84
C1 NAG W . -40.12 -26.12 -13.93
C2 NAG W . -41.21 -26.13 -14.99
C3 NAG W . -42.56 -26.41 -14.35
C4 NAG W . -42.55 -27.75 -13.61
C5 NAG W . -41.41 -27.71 -12.58
C6 NAG W . -41.16 -29.07 -11.98
C7 NAG W . -40.55 -24.76 -16.85
C8 NAG W . -40.67 -23.42 -17.54
N2 NAG W . -41.25 -24.88 -15.73
O3 NAG W . -43.58 -26.45 -15.35
O4 NAG W . -43.79 -27.85 -12.91
O5 NAG W . -40.19 -27.38 -13.25
O6 NAG W . -40.66 -29.93 -13.02
O7 NAG W . -39.86 -25.66 -17.29
C1 NAG W . -44.59 -28.96 -13.36
C2 NAG W . -45.30 -29.52 -12.14
C3 NAG W . -46.22 -30.66 -12.51
C4 NAG W . -47.21 -30.22 -13.59
C5 NAG W . -46.43 -29.65 -14.77
C6 NAG W . -47.36 -29.09 -15.83
C7 NAG W . -44.23 -29.09 -10.06
C8 NAG W . -43.28 -29.53 -8.99
N2 NAG W . -44.39 -29.91 -11.09
O3 NAG W . -46.92 -31.04 -11.32
O4 NAG W . -47.95 -31.37 -14.02
O5 NAG W . -45.56 -28.59 -14.33
O6 NAG W . -47.13 -27.69 -15.98
O7 NAG W . -44.83 -28.03 -9.99
C1 BMA W . -49.31 -31.39 -13.54
C2 BMA W . -50.26 -31.20 -14.72
C3 BMA W . -51.72 -31.26 -14.28
C4 BMA W . -51.97 -32.53 -13.48
C5 BMA W . -50.97 -32.62 -12.33
C6 BMA W . -51.19 -33.90 -11.54
O2 BMA W . -50.02 -32.20 -15.71
O3 BMA W . -52.56 -31.28 -15.44
O4 BMA W . -53.31 -32.52 -12.94
O5 BMA W . -49.65 -32.62 -12.90
O6 BMA W . -51.57 -34.96 -12.42
C1 MAN W . -52.89 -29.92 -15.74
C2 MAN W . -54.33 -29.84 -16.27
C3 MAN W . -54.42 -30.59 -17.59
C4 MAN W . -53.38 -30.05 -18.58
C5 MAN W . -52.01 -30.10 -17.94
C6 MAN W . -50.97 -29.47 -18.86
O2 MAN W . -54.54 -28.45 -16.54
O3 MAN W . -55.73 -30.41 -18.15
O4 MAN W . -53.41 -30.81 -19.79
O5 MAN W . -52.05 -29.34 -16.74
O6 MAN W . -51.24 -29.84 -20.22
C1 NAG X . -10.88 -28.93 -17.21
C2 NAG X . -9.85 -27.90 -17.65
C3 NAG X . -8.65 -28.61 -18.26
C4 NAG X . -8.05 -29.60 -17.25
C5 NAG X . -9.15 -30.56 -16.80
C6 NAG X . -8.66 -31.48 -15.69
C7 NAG X . -10.13 -25.68 -18.54
C8 NAG X . -10.79 -24.81 -19.56
N2 NAG X . -10.43 -26.97 -18.59
O3 NAG X . -7.71 -27.64 -18.73
O4 NAG X . -6.97 -30.35 -17.81
O5 NAG X . -10.25 -29.82 -16.29
O6 NAG X . -8.15 -30.67 -14.64
O7 NAG X . -9.35 -25.25 -17.71
C1 NAG X . -5.75 -29.77 -17.31
C2 NAG X . -4.63 -30.80 -17.16
C3 NAG X . -3.39 -30.09 -16.65
C4 NAG X . -2.99 -28.88 -17.50
C5 NAG X . -4.21 -27.99 -17.70
C6 NAG X . -3.92 -26.86 -18.69
C7 NAG X . -5.28 -31.94 -15.00
C8 NAG X . -5.53 -33.32 -14.46
N2 NAG X . -4.95 -31.94 -16.30
O3 NAG X . -2.35 -31.07 -16.58
O4 NAG X . -2.11 -28.05 -16.72
O5 NAG X . -5.30 -28.76 -18.21
O6 NAG X . -5.16 -26.27 -19.09
O7 NAG X . -5.40 -30.96 -14.27
C1 BMA X . -0.72 -28.29 -16.98
C2 BMA X . 0.09 -27.08 -16.53
C3 BMA X . 1.58 -27.34 -16.73
C4 BMA X . 1.98 -28.67 -16.09
C5 BMA X . 1.07 -29.81 -16.56
C6 BMA X . 1.32 -31.04 -15.72
O2 BMA X . -0.16 -26.87 -15.13
O3 BMA X . 2.20 -26.25 -16.01
O4 BMA X . 3.32 -29.07 -16.41
O5 BMA X . -0.26 -29.41 -16.24
O6 BMA X . 1.59 -30.58 -14.39
C1 MAN X . 3.40 -25.84 -16.69
C2 MAN X . 4.51 -25.84 -15.65
C3 MAN X . 4.27 -24.75 -14.61
C4 MAN X . 4.08 -23.39 -15.29
C5 MAN X . 2.97 -23.50 -16.33
C6 MAN X . 2.87 -22.19 -17.10
O2 MAN X . 5.75 -25.61 -16.33
O3 MAN X . 5.37 -24.69 -13.70
O4 MAN X . 3.72 -22.42 -14.30
O5 MAN X . 3.34 -24.52 -17.27
O6 MAN X . 4.09 -21.97 -17.83
C1 MAN X . 6.19 -26.86 -16.86
C2 MAN X . 7.05 -27.54 -15.79
C3 MAN X . 8.25 -26.64 -15.51
C4 MAN X . 9.01 -26.31 -16.79
C5 MAN X . 8.03 -25.74 -17.82
C6 MAN X . 8.72 -25.46 -19.15
O2 MAN X . 7.51 -28.80 -16.29
O3 MAN X . 9.12 -27.27 -14.57
O4 MAN X . 10.00 -25.30 -16.49
O5 MAN X . 6.99 -26.71 -18.03
O6 MAN X . 9.65 -24.38 -19.01
C1 MAN X . 1.62 -31.65 -13.44
C2 MAN X . 1.49 -31.04 -12.03
C3 MAN X . 2.71 -30.15 -11.77
C4 MAN X . 4.02 -30.94 -11.96
C5 MAN X . 4.00 -31.56 -13.34
C6 MAN X . 5.24 -32.39 -13.66
O2 MAN X . 1.47 -32.10 -11.08
O3 MAN X . 2.64 -29.62 -10.44
O4 MAN X . 5.12 -30.02 -11.85
O5 MAN X . 2.84 -32.39 -13.45
O6 MAN X . 4.80 -33.72 -14.00
C1 MAN X . 4.97 -33.97 -15.40
C2 MAN X . 3.62 -34.29 -16.03
C3 MAN X . 3.06 -35.55 -15.36
C4 MAN X . 4.07 -36.71 -15.40
C5 MAN X . 5.41 -36.22 -14.84
C6 MAN X . 6.47 -37.31 -14.89
O2 MAN X . 3.78 -34.54 -17.43
O3 MAN X . 1.85 -35.95 -15.99
O4 MAN X . 3.59 -37.77 -14.58
O5 MAN X . 5.84 -35.09 -15.61
O6 MAN X . 6.76 -37.60 -16.27
C1 NAG Y . -41.42 -12.94 -19.56
C2 NAG Y . -41.89 -11.80 -18.68
C3 NAG Y . -43.34 -11.53 -19.02
C4 NAG Y . -43.49 -11.21 -20.51
C5 NAG Y . -42.84 -12.30 -21.37
C6 NAG Y . -42.81 -11.82 -22.81
C7 NAG Y . -41.02 -11.29 -16.53
C8 NAG Y . -40.92 -11.61 -15.06
N2 NAG Y . -41.78 -12.10 -17.27
O3 NAG Y . -43.70 -10.39 -18.25
O4 NAG Y . -44.88 -11.25 -20.80
O5 NAG Y . -41.50 -12.52 -20.93
O6 NAG Y . -42.03 -12.70 -23.62
O7 NAG Y . -40.44 -10.34 -17.01
C1 NAG Y . -45.36 -9.92 -21.01
C2 NAG Y . -46.67 -9.98 -21.78
C3 NAG Y . -47.21 -8.56 -21.95
C4 NAG Y . -47.35 -7.86 -20.60
C5 NAG Y . -45.99 -7.90 -19.89
C6 NAG Y . -46.04 -7.33 -18.48
C7 NAG Y . -46.66 -11.89 -23.24
C8 NAG Y . -46.45 -12.42 -24.63
N2 NAG Y . -46.51 -10.58 -23.09
O3 NAG Y . -48.49 -8.69 -22.58
O4 NAG Y . -47.74 -6.50 -20.81
O5 NAG Y . -45.59 -9.26 -19.77
O6 NAG Y . -45.02 -7.95 -17.69
O7 NAG Y . -46.93 -12.61 -22.30
C1 BMA Y . -49.12 -6.35 -20.40
C2 BMA Y . -49.49 -4.87 -20.37
C3 BMA Y . -50.95 -4.76 -19.93
C4 BMA Y . -51.86 -5.58 -20.83
C5 BMA Y . -51.36 -7.02 -20.83
C6 BMA Y . -52.21 -7.89 -21.73
O2 BMA Y . -49.38 -4.34 -21.69
O3 BMA Y . -51.36 -3.40 -19.91
O4 BMA Y . -53.21 -5.50 -20.39
O5 BMA Y . -50.01 -7.01 -21.29
O6 BMA Y . -52.32 -7.22 -22.99
C1 MAN Y . -51.67 -8.03 -23.99
C2 MAN Y . -50.57 -7.21 -24.64
C3 MAN Y . -51.16 -6.03 -25.39
C4 MAN Y . -52.27 -6.50 -26.35
C5 MAN Y . -53.29 -7.34 -25.57
C6 MAN Y . -54.40 -7.83 -26.49
O2 MAN Y . -49.82 -8.05 -25.54
O3 MAN Y . -50.13 -5.39 -26.15
O4 MAN Y . -52.92 -5.37 -26.93
O5 MAN Y . -52.59 -8.45 -25.00
O6 MAN Y . -53.82 -8.47 -27.63
C1 NAG Z . -9.11 -36.56 -27.07
C2 NAG Z . -9.80 -37.69 -27.83
C3 NAG Z . -9.68 -38.97 -27.00
C4 NAG Z . -8.22 -39.29 -26.67
C5 NAG Z . -7.57 -38.07 -26.02
C6 NAG Z . -6.06 -38.26 -25.88
C7 NAG Z . -11.56 -36.71 -29.19
C8 NAG Z . -13.03 -36.46 -29.34
N2 NAG Z . -11.19 -37.37 -28.10
O3 NAG Z . -10.28 -40.04 -27.74
O4 NAG Z . -8.21 -40.33 -25.69
O5 NAG Z . -7.75 -36.94 -26.85
O6 NAG Z . -5.44 -36.98 -25.76
O7 NAG Z . -10.76 -36.33 -30.02
C1 NAG Z . -7.73 -41.56 -26.26
C2 NAG Z . -7.16 -42.43 -25.15
C3 NAG Z . -6.77 -43.80 -25.71
C4 NAG Z . -7.94 -44.44 -26.44
C5 NAG Z . -8.44 -43.48 -27.53
C6 NAG Z . -9.66 -44.04 -28.25
C7 NAG Z . -6.03 -40.96 -23.56
C8 NAG Z . -4.72 -40.41 -23.10
N2 NAG Z . -5.98 -41.81 -24.58
O3 NAG Z . -6.37 -44.65 -24.63
O4 NAG Z . -7.52 -45.66 -27.06
O5 NAG Z . -8.81 -42.25 -26.91
O6 NAG Z . -10.15 -43.06 -29.16
O7 NAG Z . -7.10 -40.62 -23.06
C1 NAG AA . 10.19 -27.39 -29.03
C2 NAG AA . 10.18 -28.06 -27.66
C3 NAG AA . 11.61 -28.29 -27.23
C4 NAG AA . 12.57 -28.87 -28.26
C5 NAG AA . 12.40 -28.12 -29.58
C6 NAG AA . 13.09 -28.75 -30.79
C7 NAG AA . 9.16 -27.44 -25.52
C8 NAG AA . 8.80 -26.30 -24.61
N2 NAG AA . 9.72 -27.10 -26.68
O3 NAG AA . 11.66 -29.16 -26.09
O4 NAG AA . 13.78 -28.39 -27.70
O5 NAG AA . 11.02 -28.13 -29.93
O6 NAG AA . 12.15 -29.56 -31.49
O7 NAG AA . 8.97 -28.61 -25.21
C1 NAG AA . 14.86 -29.34 -27.67
C2 NAG AA . 16.15 -28.54 -27.82
C3 NAG AA . 17.34 -29.48 -27.71
C4 NAG AA . 17.27 -30.31 -26.43
C5 NAG AA . 15.93 -31.04 -26.38
C6 NAG AA . 15.79 -31.86 -25.11
C7 NAG AA . 15.69 -26.62 -29.28
C8 NAG AA . 15.80 -26.07 -30.67
N2 NAG AA . 16.18 -27.85 -29.10
O3 NAG AA . 18.54 -28.70 -27.70
O4 NAG AA . 18.33 -31.26 -26.44
O5 NAG AA . 14.87 -30.08 -26.45
O6 NAG AA . 14.52 -32.51 -25.12
O7 NAG AA . 15.18 -25.99 -28.37
C1 NAG BA . -7.78 -33.11 -33.57
C2 NAG BA . -6.46 -33.83 -33.31
C3 NAG BA . -5.46 -33.41 -34.40
C4 NAG BA . -6.03 -33.71 -35.79
C5 NAG BA . -7.40 -33.04 -35.93
C6 NAG BA . -8.07 -33.41 -37.24
C7 NAG BA . -6.20 -34.34 -30.96
C8 NAG BA . -5.60 -33.96 -29.64
N2 NAG BA . -5.93 -33.55 -31.99
O3 NAG BA . -4.24 -34.11 -34.13
O4 NAG BA . -5.23 -33.16 -36.83
O5 NAG BA . -8.24 -33.50 -34.87
O6 NAG BA . -8.33 -34.82 -37.23
O7 NAG BA . -6.91 -35.34 -31.08
C1 NAG BA . -4.41 -34.21 -37.36
C2 NAG BA . -4.23 -34.06 -38.87
C3 NAG BA . -3.23 -35.09 -39.38
C4 NAG BA . -1.92 -35.05 -38.58
C5 NAG BA . -2.23 -35.17 -37.09
C6 NAG BA . -0.98 -35.05 -36.23
C7 NAG BA . -6.33 -35.20 -39.71
C8 NAG BA . -7.51 -34.94 -40.61
N2 NAG BA . -5.48 -34.17 -39.63
O3 NAG BA . -3.01 -34.81 -40.77
O4 NAG BA . -1.14 -36.22 -38.86
O5 NAG BA . -3.14 -34.13 -36.72
O6 NAG BA . -1.36 -35.02 -34.86
O7 NAG BA . -6.24 -36.27 -39.12
C1 BMA BA . -0.12 -35.92 -39.82
C2 BMA BA . 1.21 -36.49 -39.35
C3 BMA BA . 2.26 -36.26 -40.44
C4 BMA BA . 1.78 -36.80 -41.78
C5 BMA BA . 0.43 -36.20 -42.13
C6 BMA BA . -0.12 -36.91 -43.36
O2 BMA BA . 1.06 -37.89 -39.11
O3 BMA BA . 3.47 -36.94 -40.06
O4 BMA BA . 2.73 -36.49 -42.80
O5 BMA BA . -0.47 -36.52 -41.07
O6 BMA BA . -0.10 -38.29 -43.02
C1 MAN BA . -0.82 -39.08 -43.96
C2 MAN BA . -1.40 -40.29 -43.23
C3 MAN BA . -0.25 -41.10 -42.65
C4 MAN BA . 0.76 -41.49 -43.74
C5 MAN BA . 1.19 -40.22 -44.48
C6 MAN BA . 2.08 -40.60 -45.66
O2 MAN BA . -2.12 -41.09 -44.17
O3 MAN BA . -0.76 -42.30 -42.05
O4 MAN BA . 1.90 -42.08 -43.11
O5 MAN BA . 0.02 -39.58 -45.00
O6 MAN BA . 1.32 -41.44 -46.53
C1 NAG CA . -22.40 -18.40 -39.63
C2 NAG CA . -21.24 -17.42 -39.51
C3 NAG CA . -21.11 -16.58 -40.76
C4 NAG CA . -20.91 -17.55 -41.92
C5 NAG CA . -22.06 -18.58 -42.05
C6 NAG CA . -21.71 -19.77 -42.92
C7 NAG CA . -20.32 -16.66 -37.45
C8 NAG CA . -20.45 -15.77 -36.25
N2 NAG CA . -21.32 -16.59 -38.33
O3 NAG CA . -19.96 -15.75 -40.67
O4 NAG CA . -20.22 -16.94 -43.03
O5 NAG CA . -22.18 -19.21 -40.77
O6 NAG CA . -20.55 -20.41 -42.38
O7 NAG CA . -19.36 -17.39 -37.63
C1 NAG CA . -20.99 -16.47 -44.14
C2 NAG CA . -20.74 -14.99 -44.36
C3 NAG CA . -21.40 -14.51 -45.64
C4 NAG CA . -20.90 -15.36 -46.82
C5 NAG CA . -21.19 -16.84 -46.53
C6 NAG CA . -20.58 -17.72 -47.61
C7 NAG CA . -20.41 -13.26 -42.73
C8 NAG CA . -20.97 -12.50 -41.57
N2 NAG CA . -21.21 -14.21 -43.22
O3 NAG CA . -21.05 -13.15 -45.88
O4 NAG CA . -21.56 -14.97 -48.02
O5 NAG CA . -20.57 -17.20 -45.29
O6 NAG CA . -20.76 -17.11 -48.89
O7 NAG CA . -19.31 -13.02 -43.21
C1 NAG DA . -16.35 -19.83 -39.27
C2 NAG DA . -15.95 -18.44 -39.74
C3 NAG DA . -16.91 -18.00 -40.84
C4 NAG DA . -16.92 -18.98 -42.01
C5 NAG DA . -17.31 -20.35 -41.43
C6 NAG DA . -17.32 -21.48 -42.46
C7 NAG DA . -14.92 -17.20 -37.94
C8 NAG DA . -15.11 -16.20 -36.84
N2 NAG DA . -16.00 -17.49 -38.65
O3 NAG DA . -16.54 -16.70 -41.28
O4 NAG DA . -17.91 -18.47 -42.91
O5 NAG DA . -16.38 -20.72 -40.41
O6 NAG DA . -16.24 -21.28 -43.37
O7 NAG DA . -13.84 -17.72 -38.17
C1 NAG DA . -17.52 -18.26 -44.31
C2 NAG DA . -16.13 -17.63 -44.51
C3 NAG DA . -15.87 -17.49 -46.01
C4 NAG DA . -16.09 -18.77 -46.80
C5 NAG DA . -17.42 -19.39 -46.42
C6 NAG DA . -17.57 -20.78 -47.03
C7 NAG DA . -16.58 -15.17 -44.04
C8 NAG DA . -16.09 -14.04 -43.19
N2 NAG DA . -15.92 -16.33 -43.85
O3 NAG DA . -14.52 -17.03 -46.17
O4 NAG DA . -16.38 -18.34 -48.14
O5 NAG DA . -17.51 -19.51 -45.00
O6 NAG DA . -18.74 -21.40 -46.51
O7 NAG DA . -17.50 -14.99 -44.82
C1 BMA DA . -15.27 -18.49 -49.03
C2 BMA DA . -15.69 -19.37 -50.19
C3 BMA DA . -14.56 -19.49 -51.21
C4 BMA DA . -14.06 -18.11 -51.63
C5 BMA DA . -13.68 -17.30 -50.38
C6 BMA DA . -13.24 -15.90 -50.76
O2 BMA DA . -16.85 -18.79 -50.82
O3 BMA DA . -15.02 -20.19 -52.36
O4 BMA DA . -12.90 -18.24 -52.45
O5 BMA DA . -14.86 -17.22 -49.55
O6 BMA DA . -14.28 -15.27 -51.52
C1 NAG EA . -24.13 -27.39 -43.19
C2 NAG EA . -24.75 -26.37 -44.14
C3 NAG EA . -24.78 -27.05 -45.49
C4 NAG EA . -23.38 -27.53 -45.95
C5 NAG EA . -22.75 -28.37 -44.84
C6 NAG EA . -21.26 -28.59 -45.10
C7 NAG EA . -26.35 -24.81 -43.16
C8 NAG EA . -27.77 -24.56 -42.80
N2 NAG EA . -26.09 -25.99 -43.73
O3 NAG EA . -25.33 -26.18 -46.47
O4 NAG EA . -23.64 -28.45 -47.01
O5 NAG EA . -22.80 -27.63 -43.64
O6 NAG EA . -20.63 -28.89 -43.85
O7 NAG EA . -25.47 -23.99 -42.93
C1 NAG EA . -23.09 -27.95 -48.24
C2 NAG EA . -22.63 -29.13 -49.09
C3 NAG EA . -22.08 -28.60 -50.40
C4 NAG EA . -23.11 -27.72 -51.11
C5 NAG EA . -23.55 -26.60 -50.16
C6 NAG EA . -24.67 -25.77 -50.78
C7 NAG EA . -21.97 -31.00 -47.69
C8 NAG EA . -20.84 -31.74 -47.04
N2 NAG EA . -21.63 -29.94 -48.40
O3 NAG EA . -21.72 -29.70 -51.25
O4 NAG EA . -22.50 -27.13 -52.27
O5 NAG EA . -24.06 -27.19 -48.96
O6 NAG EA . -25.16 -24.85 -49.80
O7 NAG EA . -23.13 -31.35 -47.56
C1 NAG FA . -14.13 -35.02 -17.87
C2 NAG FA . -15.01 -36.25 -18.03
C3 NAG FA . -15.88 -36.40 -16.80
C4 NAG FA . -15.00 -36.61 -15.58
C5 NAG FA . -14.08 -35.38 -15.47
C6 NAG FA . -13.08 -35.62 -14.34
C7 NAG FA . -15.54 -36.93 -20.30
C8 NAG FA . -16.48 -36.80 -21.46
N2 NAG FA . -15.85 -36.21 -19.22
O3 NAG FA . -16.71 -37.53 -17.00
O4 NAG FA . -15.93 -36.71 -14.47
O5 NAG FA . -13.34 -35.22 -16.68
O6 NAG FA . -12.31 -36.79 -14.64
O7 NAG FA . -14.55 -37.63 -20.33
C1 NAG FA . -15.97 -37.93 -13.67
C2 NAG FA . -15.54 -39.23 -14.39
C3 NAG FA . -15.49 -40.41 -13.41
C4 NAG FA . -14.74 -40.10 -12.12
C5 NAG FA . -15.23 -38.78 -11.54
C6 NAG FA . -14.43 -38.35 -10.31
C7 NAG FA . -17.76 -39.95 -15.41
C8 NAG FA . -18.34 -40.38 -16.72
N2 NAG FA . -16.44 -39.67 -15.46
O3 NAG FA . -14.85 -41.51 -14.07
O4 NAG FA . -15.16 -41.15 -11.23
O5 NAG FA . -15.10 -37.76 -12.53
O6 NAG FA . -13.09 -38.10 -10.71
O7 NAG FA . -18.49 -39.86 -14.44
C1 BMA FA . -14.08 -41.99 -10.76
C2 BMA FA . -14.20 -43.39 -11.37
C3 BMA FA . -13.08 -44.26 -10.81
C4 BMA FA . -11.71 -43.61 -11.03
C5 BMA FA . -11.74 -42.18 -10.48
C6 BMA FA . -10.44 -41.45 -10.78
O2 BMA FA . -14.05 -43.33 -12.80
O3 BMA FA . -13.10 -45.54 -11.47
O4 BMA FA . -10.72 -44.36 -10.34
O5 BMA FA . -12.80 -41.48 -11.12
O6 BMA FA . -10.55 -40.88 -12.09
C1 NAG GA . -35.50 17.37 40.41
C2 NAG GA . -36.60 16.31 40.48
C3 NAG GA . -37.79 16.93 41.20
C4 NAG GA . -37.40 17.45 42.59
C5 NAG GA . -36.22 18.40 42.45
C6 NAG GA . -35.64 18.72 43.81
C7 NAG GA . -36.78 14.58 38.82
C8 NAG GA . -37.23 14.20 37.43
N2 NAG GA . -36.98 15.84 39.17
O3 NAG GA . -38.80 15.92 41.28
O4 NAG GA . -38.46 18.25 43.13
O5 NAG GA . -35.18 17.75 41.75
O6 NAG GA . -34.31 19.22 43.62
O7 NAG GA . -36.26 13.77 39.57
C1 NAG GA . -39.17 17.50 44.13
C2 NAG GA . -39.71 18.45 45.19
C3 NAG GA . -40.57 17.67 46.19
C4 NAG GA . -41.67 16.91 45.46
C5 NAG GA . -41.05 16.00 44.39
C6 NAG GA . -42.14 15.34 43.57
C7 NAG GA . -38.22 20.32 45.59
C8 NAG GA . -37.11 20.87 46.44
N2 NAG GA . -38.64 19.10 45.92
O3 NAG GA . -41.16 18.59 47.12
O4 NAG GA . -42.39 16.10 46.40
O5 NAG GA . -40.26 16.80 43.52
O6 NAG GA . -42.77 16.35 42.77
O7 NAG GA . -38.71 20.95 44.67
C1 NAG HA . -1.54 42.88 -22.00
C2 NAG HA . -1.60 44.03 -21.00
C3 NAG HA . -0.86 45.28 -21.44
C4 NAG HA . 0.61 44.84 -21.56
C5 NAG HA . 0.68 43.77 -22.66
C6 NAG HA . 2.10 43.29 -22.87
C7 NAG HA . -3.19 44.12 -19.24
C8 NAG HA . -4.58 44.43 -18.77
N2 NAG HA . -2.95 44.31 -20.53
O3 NAG HA . -1.05 46.27 -20.42
O4 NAG HA . 1.55 45.92 -21.68
O5 NAG HA . -0.15 42.64 -22.28
O6 NAG HA . 2.93 44.40 -23.17
O7 NAG HA . -2.33 43.74 -18.48
C1 NAG HA . 2.20 46.14 -20.41
C2 NAG HA . 3.55 46.82 -20.61
C3 NAG HA . 4.19 47.14 -19.25
C4 NAG HA . 3.24 47.94 -18.38
C5 NAG HA . 1.92 47.18 -18.24
C6 NAG HA . 0.94 47.97 -17.38
C7 NAG HA . 5.42 46.41 -22.14
C8 NAG HA . 6.20 45.36 -22.87
N2 NAG HA . 4.41 45.96 -21.39
O3 NAG HA . 5.38 47.92 -19.43
O4 NAG HA . 3.82 48.14 -17.09
O5 NAG HA . 1.38 46.95 -19.55
O6 NAG HA . -0.12 47.11 -16.95
O7 NAG HA . 5.68 47.59 -22.24
C1 NAG IA . -6.40 31.92 -28.08
C2 NAG IA . -7.44 32.76 -28.82
C3 NAG IA . -8.11 31.87 -29.87
C4 NAG IA . -7.08 31.32 -30.84
C5 NAG IA . -5.99 30.60 -30.05
C6 NAG IA . -4.83 30.17 -30.95
C7 NAG IA . -8.33 34.64 -27.61
C8 NAG IA . -9.42 35.14 -26.72
N2 NAG IA . -8.43 33.36 -27.95
O3 NAG IA . -9.11 32.62 -30.56
O4 NAG IA . -7.76 30.39 -31.68
O5 NAG IA . -5.45 31.47 -29.05
O6 NAG IA . -4.46 31.28 -31.77
O7 NAG IA . -7.42 35.36 -27.99
C1 NAG IA . -7.77 30.83 -33.06
C2 NAG IA . -7.66 29.57 -33.92
C3 NAG IA . -7.72 29.93 -35.39
C4 NAG IA . -8.99 30.74 -35.70
C5 NAG IA . -9.01 31.96 -34.79
C6 NAG IA . -10.22 32.85 -35.03
C7 NAG IA . -6.44 27.64 -33.20
C8 NAG IA . -5.08 27.02 -32.98
N2 NAG IA . -6.43 28.88 -33.66
O3 NAG IA . -7.67 28.71 -36.13
O4 NAG IA . -9.01 31.15 -37.07
O5 NAG IA . -8.96 31.55 -33.41
O6 NAG IA . -10.17 33.34 -36.37
O7 NAG IA . -7.48 27.03 -32.99
C1 BMA IA . -9.92 30.34 -37.84
C2 BMA IA . -10.40 31.11 -39.06
C3 BMA IA . -11.35 30.23 -39.88
C4 BMA IA . -10.68 28.90 -40.22
C5 BMA IA . -10.17 28.23 -38.95
C6 BMA IA . -9.41 26.96 -39.30
O2 BMA IA . -9.29 31.47 -39.87
O3 BMA IA . -11.68 30.89 -41.10
O4 BMA IA . -11.61 28.04 -40.87
O5 BMA IA . -9.27 29.14 -38.30
O6 BMA IA . -8.42 27.28 -40.27
C1 NAG JA . 7.20 23.89 -28.87
C2 NAG JA . 7.48 25.38 -28.74
C3 NAG JA . 7.68 25.95 -30.15
C4 NAG JA . 8.64 25.12 -30.99
C5 NAG JA . 8.21 23.66 -30.97
C6 NAG JA . 9.00 22.68 -31.83
C7 NAG JA . 6.16 26.41 -26.89
C8 NAG JA . 7.32 26.24 -25.95
N2 NAG JA . 6.30 26.00 -28.15
O3 NAG JA . 8.11 27.31 -30.05
O4 NAG JA . 8.61 25.64 -32.32
O5 NAG JA . 8.19 23.20 -29.62
O6 NAG JA . 8.27 21.44 -31.85
O7 NAG JA . 5.11 26.92 -26.51
C1 NAG JA . 9.92 26.14 -32.63
C2 NAG JA . 9.91 26.58 -34.10
C3 NAG JA . 11.30 27.11 -34.48
C4 NAG JA . 11.72 28.22 -33.53
C5 NAG JA . 11.62 27.73 -32.07
C6 NAG JA . 11.95 28.85 -31.10
C7 NAG JA . 9.54 24.34 -35.43
C8 NAG JA . 10.75 23.54 -35.01
N2 NAG JA . 9.28 25.60 -35.00
O3 NAG JA . 11.26 27.62 -35.82
O4 NAG JA . 13.07 28.60 -33.80
O5 NAG JA . 10.30 27.27 -31.82
O6 NAG JA . 13.14 29.51 -31.53
O7 NAG JA . 8.75 23.83 -36.20
C1 NAG KA . 9.58 29.30 -5.89
C2 NAG KA . 9.85 30.39 -6.92
C3 NAG KA . 9.94 31.71 -6.16
C4 NAG KA . 8.76 32.02 -5.24
C5 NAG KA . 8.41 30.76 -4.42
C6 NAG KA . 7.03 30.95 -3.80
C7 NAG KA . 11.13 29.53 -8.82
C8 NAG KA . 12.49 29.43 -9.43
N2 NAG KA . 11.08 30.19 -7.66
O3 NAG KA . 10.02 32.74 -7.14
O4 NAG KA . 9.43 32.85 -4.28
O5 NAG KA . 8.32 29.60 -5.27
O6 NAG KA . 6.13 31.35 -4.84
O7 NAG KA . 10.16 29.01 -9.33
C1 NAG KA . 8.91 34.17 -3.96
C2 NAG KA . 9.38 35.22 -4.99
C3 NAG KA . 8.94 36.60 -4.51
C4 NAG KA . 7.43 36.64 -4.30
C5 NAG KA . 7.00 35.50 -3.37
C6 NAG KA . 5.48 35.48 -3.24
C7 NAG KA . 11.35 35.45 -6.37
C8 NAG KA . 12.84 35.37 -6.45
N2 NAG KA . 10.82 35.17 -5.19
O3 NAG KA . 9.31 37.62 -5.45
O4 NAG KA . 7.08 37.90 -3.71
O5 NAG KA . 7.46 34.25 -3.92
O6 NAG KA . 4.90 35.56 -4.55
O7 NAG KA . 10.67 35.75 -7.34
C1 NAG LA . -21.13 33.89 29.19
C2 NAG LA . -20.59 35.16 29.83
C3 NAG LA . -20.84 35.13 31.34
C4 NAG LA . -22.33 34.95 31.64
C5 NAG LA . -22.82 33.68 30.94
C6 NAG LA . -24.32 33.55 30.93
C7 NAG LA . -18.73 35.98 28.54
C8 NAG LA . -17.25 36.04 28.39
N2 NAG LA . -19.17 35.29 29.59
O3 NAG LA . -20.38 36.34 31.93
O4 NAG LA . -22.46 34.80 33.06
O5 NAG LA . -22.51 33.76 29.55
O6 NAG LA . -24.86 34.59 30.12
O7 NAG LA . -19.50 36.50 27.74
C1 NAG LA . -23.28 35.86 33.61
C2 NAG LA . -24.15 35.23 34.69
C3 NAG LA . -25.06 36.28 35.30
C4 NAG LA . -24.22 37.44 35.86
C5 NAG LA . -23.33 37.98 34.75
C6 NAG LA . -22.39 39.07 35.24
C7 NAG LA . -24.56 32.89 34.53
C8 NAG LA . -25.42 31.78 34.01
N2 NAG LA . -24.94 34.12 34.21
O3 NAG LA . -25.82 35.64 36.33
O4 NAG LA . -25.12 38.45 36.33
O5 NAG LA . -22.53 36.91 34.20
O6 NAG LA . -21.29 39.18 34.36
O7 NAG LA . -23.57 32.68 35.22
C1 BMA LA . -25.13 38.49 37.77
C2 BMA LA . -24.55 39.83 38.19
C3 BMA LA . -24.58 39.99 39.71
C4 BMA LA . -25.98 39.70 40.26
C5 BMA LA . -26.45 38.33 39.75
C6 BMA LA . -27.84 38.02 40.27
O2 BMA LA . -25.26 40.90 37.57
O3 BMA LA . -24.24 41.35 40.04
O4 BMA LA . -25.94 39.68 41.68
O5 BMA LA . -26.45 38.36 38.31
O6 BMA LA . -28.63 39.22 40.28
C1 MAN LA . -22.81 41.37 40.19
C2 MAN LA . -22.42 42.30 41.34
C3 MAN LA . -22.79 43.74 40.99
C4 MAN LA . -22.21 44.15 39.63
C5 MAN LA . -22.62 43.12 38.59
C6 MAN LA . -21.97 43.45 37.24
O2 MAN LA . -21.00 42.20 41.50
O3 MAN LA . -22.25 44.61 41.98
O4 MAN LA . -22.69 45.45 39.28
O5 MAN LA . -22.13 41.85 39.02
O6 MAN LA . -22.09 44.86 37.01
C1 NAG MA . -26.16 26.62 0.98
C2 NAG MA . -25.14 26.37 -0.13
C3 NAG MA . -25.80 26.67 -1.47
C4 NAG MA . -27.06 25.83 -1.66
C5 NAG MA . -27.99 26.07 -0.46
C6 NAG MA . -29.25 25.21 -0.52
C7 NAG MA . -22.75 26.75 -0.27
C8 NAG MA . -21.61 27.68 0.02
N2 NAG MA . -23.96 27.18 0.09
O3 NAG MA . -24.84 26.51 -2.52
O4 NAG MA . -27.77 26.22 -2.84
O5 NAG MA . -27.30 25.79 0.74
O6 NAG MA . -28.88 23.83 -0.52
O7 NAG MA . -22.58 25.67 -0.81
C1 NAG MA . -27.47 25.26 -3.88
C2 NAG MA . -28.65 25.06 -4.83
C3 NAG MA . -28.23 24.06 -5.90
C4 NAG MA . -26.93 24.44 -6.62
C5 NAG MA . -25.88 24.74 -5.56
C6 NAG MA . -24.57 25.22 -6.19
C7 NAG MA . -30.10 23.51 -3.46
C8 NAG MA . -31.51 23.41 -2.94
N2 NAG MA . -29.87 24.63 -4.18
O3 NAG MA . -29.33 23.97 -6.83
O4 NAG MA . -26.39 23.29 -7.28
O5 NAG MA . -26.36 25.72 -4.64
O6 NAG MA . -23.69 25.62 -5.13
O7 NAG MA . -29.28 22.64 -3.19
C1 BMA MA . -26.75 23.17 -8.65
C2 BMA MA . -25.79 22.22 -9.35
C3 BMA MA . -26.19 21.97 -10.80
C4 BMA MA . -27.69 21.61 -10.88
C5 BMA MA . -28.55 22.60 -10.11
C6 BMA MA . -29.92 21.97 -9.90
O2 BMA MA . -25.81 20.98 -8.64
O3 BMA MA . -25.46 20.78 -11.11
O4 BMA MA . -28.15 21.61 -12.24
O5 BMA MA . -28.05 22.62 -8.78
O6 BMA MA . -29.67 20.58 -9.63
C1 MAN MA . -25.00 20.77 -12.48
C2 MAN MA . -25.49 19.47 -13.13
C3 MAN MA . -24.85 18.29 -12.41
C4 MAN MA . -23.33 18.42 -12.44
C5 MAN MA . -22.92 19.77 -11.86
C6 MAN MA . -21.42 19.97 -12.07
O2 MAN MA . -24.98 19.47 -14.45
O3 MAN MA . -25.23 17.07 -13.05
O4 MAN MA . -22.74 17.37 -11.67
O5 MAN MA . -23.58 20.80 -12.61
O6 MAN MA . -21.14 19.90 -13.47
C1 MAN MA . -25.98 19.94 -15.36
C2 MAN MA . -26.86 18.76 -15.76
C3 MAN MA . -25.98 17.74 -16.47
C4 MAN MA . -25.17 18.36 -17.61
C5 MAN MA . -24.43 19.59 -17.08
C6 MAN MA . -23.63 20.28 -18.18
O2 MAN MA . -27.88 19.21 -16.66
O3 MAN MA . -26.80 16.67 -16.97
O4 MAN MA . -24.21 17.41 -18.09
O5 MAN MA . -25.39 20.49 -16.53
O6 MAN MA . -22.54 19.44 -18.59
C1 MAN MA . -30.85 19.81 -9.33
C2 MAN MA . -30.43 18.46 -8.76
C3 MAN MA . -29.66 17.67 -9.83
C4 MAN MA . -30.48 17.54 -11.12
C5 MAN MA . -30.91 18.93 -11.57
C6 MAN MA . -31.76 18.98 -12.82
O2 MAN MA . -31.60 17.73 -8.38
O3 MAN MA . -29.35 16.37 -9.33
O4 MAN MA . -29.63 16.97 -12.14
O5 MAN MA . -31.65 19.52 -10.49
O6 MAN MA . -32.97 19.69 -12.48
C1 MAN MA . -33.04 20.97 -13.11
C2 MAN MA . -32.96 22.08 -12.05
C3 MAN MA . -34.13 21.86 -11.09
C4 MAN MA . -35.46 21.83 -11.83
C5 MAN MA . -35.38 20.80 -12.95
C6 MAN MA . -36.63 20.79 -13.81
O2 MAN MA . -33.08 23.35 -12.67
O3 MAN MA . -34.15 22.90 -10.10
O4 MAN MA . -36.48 21.43 -10.90
O5 MAN MA . -34.27 21.13 -13.80
O6 MAN MA . -36.53 21.84 -14.76
C1 NAG NA . -6.94 35.91 28.14
C2 NAG NA . -6.08 35.02 29.02
C3 NAG NA . -5.64 35.86 30.20
C4 NAG NA . -4.84 37.08 29.71
C5 NAG NA . -5.69 37.87 28.71
C6 NAG NA . -4.85 38.97 28.08
C7 NAG NA . -6.08 32.68 29.42
C8 NAG NA . -6.81 31.45 29.90
N2 NAG NA . -6.75 33.81 29.47
O3 NAG NA . -4.86 35.05 31.07
O4 NAG NA . -4.58 37.93 30.82
O5 NAG NA . -6.14 37.00 27.67
O6 NAG NA . -5.63 39.69 27.12
O7 NAG NA . -4.93 32.61 29.01
C1 NAG NA . -3.18 37.83 31.15
C2 NAG NA . -2.79 38.95 32.13
C3 NAG NA . -1.33 38.80 32.47
C4 NAG NA . -1.06 37.41 33.07
C5 NAG NA . -1.52 36.34 32.07
C6 NAG NA . -1.43 34.93 32.65
C7 NAG NA . -4.22 40.86 31.77
C8 NAG NA . -4.39 42.21 31.16
N2 NAG NA . -3.05 40.26 31.56
O3 NAG NA . -1.01 39.82 33.42
O4 NAG NA . 0.32 37.25 33.38
O5 NAG NA . -2.89 36.59 31.77
O6 NAG NA . -1.98 34.95 33.97
O7 NAG NA . -5.11 40.32 32.42
C1 BMA NA . 0.45 37.18 34.81
C2 BMA NA . 1.90 36.91 35.16
C3 BMA NA . 2.02 36.88 36.68
C4 BMA NA . 1.50 38.18 37.29
C5 BMA NA . 0.06 38.39 36.84
C6 BMA NA . -0.45 39.73 37.36
O2 BMA NA . 2.70 37.99 34.66
O3 BMA NA . 3.39 36.74 37.02
O4 BMA NA . 1.57 38.11 38.72
O5 BMA NA . 0.07 38.42 35.41
O6 BMA NA . 0.57 40.71 37.24
C1 MAN NA . 3.55 35.56 37.81
C2 MAN NA . 4.39 35.95 39.02
C3 MAN NA . 5.74 36.43 38.50
C4 MAN NA . 6.39 35.38 37.58
C5 MAN NA . 5.41 35.01 36.48
C6 MAN NA . 5.98 33.93 35.58
O2 MAN NA . 4.56 34.80 39.85
O3 MAN NA . 6.60 36.72 39.60
O4 MAN NA . 7.55 35.97 36.96
O5 MAN NA . 4.21 34.52 37.10
O6 MAN NA . 7.23 34.38 35.06
C1 MAN NA . 0.26 41.61 36.15
C2 MAN NA . 1.33 41.45 35.06
C3 MAN NA . 2.68 41.92 35.59
C4 MAN NA . 2.57 43.34 36.17
C5 MAN NA . 1.44 43.38 37.20
C6 MAN NA . 1.27 44.78 37.77
O2 MAN NA . 0.95 42.19 33.89
O3 MAN NA . 3.64 41.91 34.52
O4 MAN NA . 3.81 43.70 36.78
O5 MAN NA . 0.22 42.98 36.57
O6 MAN NA . 0.79 45.64 36.74
C1 NAG OA . -31.31 36.78 -4.46
C2 NAG OA . -32.09 38.07 -4.21
C3 NAG OA . -33.57 37.73 -4.06
C4 NAG OA . -34.08 36.97 -5.29
C5 NAG OA . -33.20 35.73 -5.52
C6 NAG OA . -33.52 35.06 -6.84
C7 NAG OA . -30.64 39.66 -3.09
C8 NAG OA . -30.22 40.28 -1.80
N2 NAG OA . -31.59 38.73 -3.03
O3 NAG OA . -34.29 38.95 -3.88
O4 NAG OA . -35.41 36.49 -5.06
O5 NAG OA . -31.85 36.15 -5.62
O6 NAG OA . -32.44 34.20 -7.18
O7 NAG OA . -30.15 39.99 -4.16
C1 NAG OA . -36.37 37.28 -5.80
C2 NAG OA . -37.59 36.42 -6.09
C3 NAG OA . -38.68 37.28 -6.75
C4 NAG OA . -38.98 38.51 -5.90
C5 NAG OA . -37.69 39.29 -5.67
C6 NAG OA . -37.94 40.51 -4.80
C7 NAG OA . -36.92 34.13 -6.56
C8 NAG OA . -36.62 33.12 -7.62
N2 NAG OA . -37.27 35.34 -7.00
O3 NAG OA . -39.87 36.49 -6.90
O4 NAG OA . -39.93 39.34 -6.59
O5 NAG OA . -36.74 38.43 -5.03
O6 NAG OA . -36.76 41.33 -4.79
O7 NAG OA . -36.84 33.88 -5.37
C1 NAG PA . -24.15 28.90 -23.07
C2 NAG PA . -25.36 28.10 -22.63
C3 NAG PA . -25.69 27.16 -23.78
C4 NAG PA . -25.98 27.87 -25.09
C5 NAG PA . -24.86 28.88 -25.37
C6 NAG PA . -25.26 29.97 -26.36
C7 NAG PA . -26.13 27.35 -20.49
C8 NAG PA . -25.81 26.60 -19.23
N2 NAG PA . -25.15 27.39 -21.38
O3 NAG PA . -26.84 26.37 -23.43
O4 NAG PA . -25.72 26.81 -26.03
O5 NAG PA . -24.61 29.63 -24.19
O6 NAG PA . -25.98 31.00 -25.65
O7 NAG PA . -27.20 27.89 -20.67
C1 NAG PA . -26.69 26.73 -27.09
C2 NAG PA . -25.94 26.45 -28.40
C3 NAG PA . -26.94 26.33 -29.53
C4 NAG PA . -28.00 25.26 -29.21
C5 NAG PA . -28.66 25.59 -27.87
C6 NAG PA . -29.65 24.51 -27.46
C7 NAG PA . -23.70 27.39 -28.35
C8 NAG PA . -22.81 28.53 -28.73
N2 NAG PA . -24.98 27.50 -28.71
O3 NAG PA . -26.26 25.97 -30.74
O4 NAG PA . -28.98 25.27 -30.24
O5 NAG PA . -27.64 25.68 -26.86
O6 NAG PA . -30.18 24.83 -26.17
O7 NAG PA . -23.27 26.43 -27.74
C1 NAG QA . -26.54 41.15 -8.23
C2 NAG QA . -27.43 40.66 -9.39
C3 NAG QA . -26.84 41.19 -10.70
C4 NAG QA . -26.70 42.72 -10.70
C5 NAG QA . -25.92 43.14 -9.45
C6 NAG QA . -25.96 44.65 -9.30
C7 NAG QA . -28.55 38.62 -8.74
C8 NAG QA . -28.58 37.12 -8.83
N2 NAG QA . -27.57 39.22 -9.40
O3 NAG QA . -27.71 40.79 -11.77
O4 NAG QA . -25.87 43.14 -11.80
O5 NAG QA . -26.55 42.58 -8.30
O6 NAG QA . -27.30 45.05 -9.02
O7 NAG QA . -29.38 39.23 -8.09
C1 NAG QA . -26.61 43.74 -12.88
C2 NAG QA . -25.75 44.82 -13.55
C3 NAG QA . -26.44 45.36 -14.81
C4 NAG QA . -26.82 44.23 -15.74
C5 NAG QA . -27.68 43.22 -14.99
C6 NAG QA . -28.01 42.03 -15.88
C7 NAG QA . -26.17 46.80 -12.04
C8 NAG QA . -25.42 47.82 -11.23
N2 NAG QA . -25.37 45.93 -12.67
O3 NAG QA . -25.56 46.26 -15.48
O4 NAG QA . -27.57 44.75 -16.85
O5 NAG QA . -26.95 42.74 -13.85
O6 NAG QA . -28.70 41.05 -15.10
O7 NAG QA . -27.39 46.81 -12.06
C1 NAG RA . -9.37 48.07 2.68
C2 NAG RA . -8.83 47.29 1.48
C3 NAG RA . -7.71 48.05 0.77
C4 NAG RA . -8.31 49.38 0.32
C5 NAG RA . -8.88 50.18 1.51
C6 NAG RA . -9.68 51.40 1.08
C7 NAG RA . -9.23 44.92 1.75
C8 NAG RA . -8.67 43.60 2.19
N2 NAG RA . -8.40 45.96 1.87
O3 NAG RA . -7.31 47.31 -0.39
O4 NAG RA . -7.64 49.97 -0.83
O5 NAG RA . -9.84 49.34 2.17
O6 NAG RA . -10.90 50.98 0.43
O7 NAG RA . -10.36 45.04 1.29
C1 NAG RA . -6.79 51.14 -0.71
C2 NAG RA . -5.61 51.05 -1.68
C3 NAG RA . -4.76 52.33 -1.69
C4 NAG RA . -5.68 53.52 -1.93
C5 NAG RA . -6.80 53.58 -0.90
C6 NAG RA . -7.79 54.68 -1.27
C7 NAG RA . -3.95 49.35 -2.28
C8 NAG RA . -3.16 48.17 -1.82
N2 NAG RA . -4.79 49.89 -1.39
O3 NAG RA . -3.85 52.24 -2.80
O4 NAG RA . -5.12 54.75 -2.46
O5 NAG RA . -7.53 52.34 -0.96
O6 NAG RA . -7.31 55.95 -0.84
O7 NAG RA . -3.83 49.79 -3.41
C1 BMA RA . -4.22 55.46 -1.57
C2 BMA RA . -2.78 55.33 -2.03
C3 BMA RA . -1.79 56.13 -1.17
C4 BMA RA . -2.24 57.58 -1.12
C5 BMA RA . -3.69 57.60 -0.65
C6 BMA RA . -4.21 59.05 -0.55
O2 BMA RA . -2.68 55.77 -3.39
O3 BMA RA . -0.49 56.03 -1.79
O4 BMA RA . -1.43 58.32 -0.20
O5 BMA RA . -4.52 56.85 -1.55
O6 BMA RA . -3.71 59.85 -1.64
C1 NAG SA . -16.86 54.32 3.32
C2 NAG SA . -15.39 54.75 3.23
C3 NAG SA . -15.34 56.25 2.95
C4 NAG SA . -16.18 56.65 1.76
C5 NAG SA . -17.62 56.15 1.96
C6 NAG SA . -18.41 56.43 0.70
C7 NAG SA . -13.97 53.47 4.77
C8 NAG SA . -13.34 53.45 6.13
N2 NAG SA . -14.69 54.54 4.48
O3 NAG SA . -13.98 56.64 2.72
O4 NAG SA . -16.20 58.08 1.62
O5 NAG SA . -17.56 54.73 2.14
O6 NAG SA . -17.71 55.78 -0.36
O7 NAG SA . -13.83 52.55 3.98
C1 FUC SA . -18.65 55.22 -1.30
C2 FUC SA . -17.80 54.74 -2.49
C3 FUC SA . -16.98 53.50 -2.08
C4 FUC SA . -17.91 52.39 -1.59
C5 FUC SA . -18.75 52.89 -0.41
C6 FUC SA . -19.83 51.92 0.03
O2 FUC SA . -16.95 55.77 -2.97
O3 FUC SA . -16.26 53.00 -3.20
O4 FUC SA . -18.77 51.98 -2.64
O5 FUC SA . -19.42 54.15 -0.72
C1 NAG TA . -31.52 30.06 3.74
C2 NAG TA . -32.59 30.85 4.48
C3 NAG TA . -32.92 30.11 5.75
C4 NAG TA . -33.48 28.74 5.41
C5 NAG TA . -32.44 27.98 4.59
C6 NAG TA . -33.04 26.67 4.12
C7 NAG TA . -32.61 33.24 4.08
C8 NAG TA . -32.12 34.59 4.51
N2 NAG TA . -32.18 32.21 4.80
O3 NAG TA . -33.88 30.88 6.49
O4 NAG TA . -33.63 28.15 6.71
O5 NAG TA . -32.07 28.76 3.44
O6 NAG TA . -34.39 26.90 3.70
O7 NAG TA . -33.35 33.09 3.13
C1 NAG TA . -34.95 27.74 7.17
C2 NAG TA . -36.20 28.14 6.35
C3 NAG TA . -37.41 27.44 6.95
C4 NAG TA . -37.28 25.96 7.30
C5 NAG TA . -35.92 25.70 7.95
C6 NAG TA . -35.52 24.23 7.98
C7 NAG TA . -36.76 30.39 7.37
C8 NAG TA . -37.11 31.79 6.93
N2 NAG TA . -36.55 29.55 6.33
O3 NAG TA . -38.54 27.62 6.09
O4 NAG TA . -38.20 25.99 8.40
O5 NAG TA . -34.91 26.31 7.15
O6 NAG TA . -34.11 24.13 8.22
O7 NAG TA . -36.67 30.14 8.56
C1 BMA TA . -39.10 24.88 8.59
C2 BMA TA . -40.51 25.24 8.10
C3 BMA TA . -41.43 24.06 8.45
C4 BMA TA . -40.88 22.75 7.91
C5 BMA TA . -39.42 22.57 8.35
C6 BMA TA . -38.81 21.32 7.72
O2 BMA TA . -40.50 25.41 6.67
O3 BMA TA . -42.71 24.30 7.86
O4 BMA TA . -41.66 21.66 8.43
O5 BMA TA . -38.71 23.70 7.86
O6 BMA TA . -39.48 21.14 6.48
C1 MAN TA . -38.66 20.51 5.50
C2 MAN TA . -39.00 21.16 4.18
C3 MAN TA . -40.50 20.94 3.97
C4 MAN TA . -40.88 19.46 4.00
C5 MAN TA . -40.37 18.88 5.32
C6 MAN TA . -40.66 17.39 5.44
O2 MAN TA . -38.28 20.51 3.12
O3 MAN TA . -40.94 21.56 2.76
O4 MAN TA . -42.30 19.34 3.96
O5 MAN TA . -38.95 19.11 5.41
O6 MAN TA . -39.99 16.68 4.39
C1 MAN TA . -41.28 22.93 3.06
C2 MAN TA . -42.61 23.23 2.41
C3 MAN TA . -42.45 23.06 0.90
C4 MAN TA . -41.30 23.88 0.35
C5 MAN TA . -40.04 23.56 1.15
C6 MAN TA . -38.86 24.41 0.69
O2 MAN TA . -42.97 24.59 2.69
O3 MAN TA . -43.67 23.42 0.23
O4 MAN TA . -41.07 23.51 -1.03
O5 MAN TA . -40.31 23.83 2.53
O6 MAN TA . -37.71 24.12 1.49
C1 NAG UA . 6.84 -27.42 45.21
C2 NAG UA . 5.79 -26.81 46.13
C3 NAG UA . 6.22 -27.09 47.57
C4 NAG UA . 6.38 -28.60 47.80
C5 NAG UA . 7.37 -29.16 46.77
C6 NAG UA . 7.39 -30.68 46.77
C7 NAG UA . 4.48 -24.79 45.95
C8 NAG UA . 4.49 -23.33 45.63
N2 NAG UA . 5.65 -25.40 45.86
O3 NAG UA . 5.26 -26.52 48.45
O4 NAG UA . 6.88 -28.87 49.11
O5 NAG UA . 6.92 -28.82 45.47
O6 NAG UA . 6.14 -31.15 46.24
O7 NAG UA . 3.46 -25.38 46.30
C1 NAG UA . 5.79 -29.43 49.86
C2 NAG UA . 6.31 -30.35 50.95
C3 NAG UA . 5.12 -30.85 51.77
C4 NAG UA . 4.31 -29.68 52.32
C5 NAG UA . 3.88 -28.78 51.17
C6 NAG UA . 3.19 -27.53 51.72
C7 NAG UA . 8.31 -31.46 50.06
C8 NAG UA . 8.88 -32.73 49.51
N2 NAG UA . 7.02 -31.50 50.40
O3 NAG UA . 5.59 -31.65 52.86
O4 NAG UA . 3.14 -30.18 52.99
O5 NAG UA . 5.05 -28.36 50.46
O6 NAG UA . 4.11 -26.86 52.58
O7 NAG UA . 8.99 -30.45 50.19
C1 NAG VA . 34.35 19.66 -7.37
C2 NAG VA . 35.04 20.45 -6.26
C3 NAG VA . 34.24 21.72 -6.02
C4 NAG VA . 34.14 22.57 -7.29
C5 NAG VA . 33.60 21.68 -8.40
C6 NAG VA . 33.24 22.34 -9.73
C7 NAG VA . 36.46 19.38 -4.67
C8 NAG VA . 36.60 18.64 -3.38
N2 NAG VA . 35.23 19.73 -5.03
O3 NAG VA . 34.81 22.43 -4.92
O4 NAG VA . 33.26 23.68 -7.04
O5 NAG VA . 34.37 20.48 -8.54
O6 NAG VA . 34.00 23.53 -9.95
O7 NAG VA . 37.42 19.64 -5.37
C1 NAG VA . 34.06 24.89 -6.94
C2 NAG VA . 33.22 26.12 -7.27
C3 NAG VA . 34.11 27.34 -7.17
C4 NAG VA . 34.78 27.46 -5.80
C5 NAG VA . 35.50 26.14 -5.51
C6 NAG VA . 36.14 26.13 -4.13
C7 NAG VA . 31.48 25.56 -8.81
C8 NAG VA . 31.03 25.50 -10.25
N2 NAG VA . 32.69 26.03 -8.61
O3 NAG VA . 33.32 28.50 -7.43
O4 NAG VA . 35.81 28.45 -5.93
O5 NAG VA . 34.57 25.05 -5.61
O6 NAG VA . 37.25 27.04 -4.12
O7 NAG VA . 30.77 25.20 -7.89
C1 BMA VA . 35.50 29.64 -5.22
C2 BMA VA . 36.76 30.50 -5.23
C3 BMA VA . 36.52 31.85 -4.57
C4 BMA VA . 35.26 32.50 -5.12
C5 BMA VA . 34.07 31.54 -5.07
C6 BMA VA . 32.86 32.17 -5.76
O2 BMA VA . 37.17 30.70 -6.59
O3 BMA VA . 37.60 32.66 -5.06
O4 BMA VA . 34.94 33.68 -4.36
O5 BMA VA . 34.43 30.38 -5.83
O6 BMA VA . 33.30 33.26 -6.58
C1 MAN VA . 38.26 33.39 -4.03
C2 MAN VA . 38.89 34.62 -4.67
C3 MAN VA . 39.94 34.14 -5.68
C4 MAN VA . 40.97 33.23 -5.02
C5 MAN VA . 40.22 32.09 -4.32
C6 MAN VA . 41.19 31.18 -3.58
O2 MAN VA . 39.53 35.40 -3.66
O3 MAN VA . 40.60 35.27 -6.27
O4 MAN VA . 41.83 32.67 -6.01
O5 MAN VA . 39.30 32.65 -3.38
O6 MAN VA . 40.44 30.25 -2.80
C1 MAN VA . 32.82 33.12 -7.92
C2 MAN VA . 33.97 33.36 -8.89
C3 MAN VA . 34.48 34.80 -8.73
C4 MAN VA . 33.33 35.81 -8.80
C5 MAN VA . 32.24 35.39 -7.82
C6 MAN VA . 31.06 36.35 -7.79
O2 MAN VA . 33.54 33.14 -10.23
O3 MAN VA . 35.42 35.09 -9.77
O4 MAN VA . 33.81 37.12 -8.46
O5 MAN VA . 31.80 34.07 -8.18
O6 MAN VA . 30.02 35.78 -6.98
C1 NAG WA . 25.56 17.56 -20.34
C2 NAG WA . 26.95 16.93 -20.48
C3 NAG WA . 27.87 17.86 -21.27
C4 NAG WA . 27.24 18.26 -22.61
C5 NAG WA . 25.86 18.86 -22.32
C6 NAG WA . 25.13 19.31 -23.57
C7 NAG WA . 27.55 15.51 -18.53
C8 NAG WA . 27.05 14.29 -19.26
N2 NAG WA . 27.48 16.69 -19.15
O3 NAG WA . 29.13 17.22 -21.48
O4 NAG WA . 28.08 19.16 -23.34
O5 NAG WA . 25.05 17.91 -21.61
O6 NAG WA . 24.77 18.14 -24.32
O7 NAG WA . 28.02 15.42 -17.41
C1 NAG WA . 28.62 18.48 -24.52
C2 NAG WA . 29.10 19.50 -25.58
C3 NAG WA . 29.71 18.77 -26.79
C4 NAG WA . 30.73 17.69 -26.41
C5 NAG WA . 30.16 16.84 -25.28
C6 NAG WA . 31.17 15.81 -24.78
C7 NAG WA . 26.89 20.53 -26.51
C8 NAG WA . 26.19 19.34 -27.11
N2 NAG WA . 28.10 20.52 -25.91
O3 NAG WA . 30.31 19.77 -27.63
O4 NAG WA . 30.76 16.75 -27.50
O5 NAG WA . 29.74 17.65 -24.17
O6 NAG WA . 31.33 14.82 -25.79
O7 NAG WA . 26.33 21.60 -26.60
C1 BMA WA . 31.74 16.96 -28.52
C2 BMA WA . 32.45 15.64 -28.82
C3 BMA WA . 33.46 15.80 -29.97
C4 BMA WA . 32.76 16.44 -31.18
C5 BMA WA . 32.07 17.73 -30.76
C6 BMA WA . 31.35 18.25 -31.98
O2 BMA WA . 31.48 14.67 -29.23
O3 BMA WA . 34.05 14.53 -30.30
O4 BMA WA . 33.64 16.75 -32.25
O5 BMA WA . 31.13 17.44 -29.72
O6 BMA WA . 30.58 19.41 -31.68
C1 MAN WA . 35.48 14.70 -30.47
C2 MAN WA . 35.86 14.37 -31.92
C3 MAN WA . 35.62 12.89 -32.19
C4 MAN WA . 36.39 12.04 -31.18
C5 MAN WA . 35.99 12.47 -29.77
C6 MAN WA . 36.85 11.70 -28.77
O2 MAN WA . 37.26 14.65 -32.11
O3 MAN WA . 36.07 12.56 -33.52
O4 MAN WA . 36.09 10.66 -31.37
O5 MAN WA . 36.28 13.85 -29.62
O6 MAN WA . 36.88 12.43 -27.53
C1 MAN WA . 29.88 19.74 -32.89
C2 MAN WA . 29.77 21.26 -33.01
C3 MAN WA . 28.96 21.79 -31.84
C4 MAN WA . 27.61 21.08 -31.72
C5 MAN WA . 27.82 19.57 -31.73
C6 MAN WA . 26.48 18.86 -31.81
O2 MAN WA . 29.09 21.59 -34.22
O3 MAN WA . 28.69 23.18 -32.11
O4 MAN WA . 27.01 21.45 -30.47
O5 MAN WA . 28.55 19.22 -32.90
O6 MAN WA . 25.89 19.16 -33.08
C1 NAG XA . 24.94 -5.27 -13.92
C2 NAG XA . 26.27 -4.77 -14.46
C3 NAG XA . 27.22 -5.96 -14.38
C4 NAG XA . 27.30 -6.62 -13.00
C5 NAG XA . 25.88 -6.81 -12.43
C6 NAG XA . 25.92 -7.16 -10.95
C7 NAG XA . 26.68 -3.22 -16.27
C8 NAG XA . 26.42 -2.91 -17.72
N2 NAG XA . 26.11 -4.34 -15.83
O3 NAG XA . 28.50 -5.45 -14.73
O4 NAG XA . 27.71 -7.95 -13.35
O5 NAG XA . 25.11 -5.60 -12.54
O6 NAG XA . 26.66 -6.14 -10.26
O7 NAG XA . 27.37 -2.50 -15.57
C1 NAG XA . 28.92 -8.42 -12.72
C2 NAG XA . 30.14 -8.09 -13.59
C3 NAG XA . 31.39 -8.66 -12.93
C4 NAG XA . 31.52 -8.12 -11.50
C5 NAG XA . 30.24 -8.39 -10.72
C6 NAG XA . 30.31 -7.75 -9.33
C7 NAG XA . 30.16 -7.78 -15.96
C8 NAG XA . 29.96 -8.38 -17.32
N2 NAG XA . 29.98 -8.59 -14.93
O3 NAG XA . 32.54 -8.28 -13.69
O4 NAG XA . 32.63 -8.75 -10.86
O5 NAG XA . 29.13 -7.84 -11.42
O6 NAG XA . 30.28 -6.33 -9.49
O7 NAG XA . 30.48 -6.61 -15.81
C1 NAG YA . 24.05 -26.86 27.64
C2 NAG YA . 25.13 -27.95 27.64
C3 NAG YA . 24.59 -29.20 28.34
C4 NAG YA . 24.10 -28.87 29.75
C5 NAG YA . 23.09 -27.73 29.69
C6 NAG YA . 22.67 -27.19 31.05
C7 NAG YA . 26.70 -27.86 25.81
C8 NAG YA . 26.99 -28.29 24.40
N2 NAG YA . 25.54 -28.27 26.29
O3 NAG YA . 25.64 -30.17 28.40
O4 NAG YA . 23.46 -30.03 30.30
O5 NAG YA . 23.71 -26.63 29.02
O6 NAG YA . 22.32 -25.80 30.89
O7 NAG YA . 27.47 -27.16 26.45
C1 NAG YA . 24.25 -30.54 31.40
C2 NAG YA . 23.31 -31.06 32.48
C3 NAG YA . 24.14 -31.58 33.65
C4 NAG YA . 25.15 -32.63 33.19
C5 NAG YA . 25.99 -32.05 32.06
C6 NAG YA . 26.93 -33.09 31.47
C7 NAG YA . 21.15 -30.27 33.20
C8 NAG YA . 20.33 -29.09 33.62
N2 NAG YA . 22.41 -30.01 32.90
O3 NAG YA . 23.24 -32.17 34.60
O4 NAG YA . 26.03 -32.87 34.30
O5 NAG YA . 25.12 -31.59 31.00
O6 NAG YA . 27.60 -32.51 30.34
O7 NAG YA . 20.70 -31.40 33.13
C1 BMA YA . 25.87 -34.19 34.86
C2 BMA YA . 27.23 -34.88 34.80
C3 BMA YA . 27.15 -36.25 35.48
C4 BMA YA . 26.54 -36.16 36.87
C5 BMA YA . 25.20 -35.43 36.77
C6 BMA YA . 24.56 -35.32 38.16
O2 BMA YA . 28.22 -34.10 35.46
O3 BMA YA . 28.45 -36.88 35.54
O4 BMA YA . 26.35 -37.48 37.40
O5 BMA YA . 25.44 -34.13 36.22
O6 BMA YA . 25.58 -35.18 39.15
C1 MAN YA . 28.37 -37.93 34.55
C2 MAN YA . 29.23 -39.14 34.94
C3 MAN YA . 30.71 -38.77 34.91
C4 MAN YA . 31.09 -38.09 33.60
C5 MAN YA . 30.15 -36.92 33.35
C6 MAN YA . 30.48 -36.21 32.05
O2 MAN YA . 28.99 -40.21 34.03
O3 MAN YA . 31.48 -39.96 35.05
O4 MAN YA . 32.44 -37.62 33.69
O5 MAN YA . 28.82 -37.44 33.28
O6 MAN YA . 31.91 -36.06 31.97
C1 NAG ZA . 24.35 2.12 21.80
C2 NAG ZA . 24.22 2.82 20.45
C3 NAG ZA . 24.87 4.20 20.53
C4 NAG ZA . 24.20 5.02 21.63
C5 NAG ZA . 24.31 4.24 22.95
C6 NAG ZA . 23.51 4.93 24.05
C7 NAG ZA . 24.10 1.27 18.62
C8 NAG ZA . 24.82 0.55 17.53
N2 NAG ZA . 24.84 2.07 19.37
O3 NAG ZA . 24.74 4.78 19.23
O4 NAG ZA . 24.84 6.29 21.82
O5 NAG ZA . 23.73 2.94 22.78
O6 NAG ZA . 22.15 5.06 23.61
O7 NAG ZA . 22.90 1.13 18.82
C1 NAG ZA . 24.06 7.30 21.14
C2 NAG ZA . 24.09 8.64 21.87
C3 NAG ZA . 23.26 9.64 21.08
C4 NAG ZA . 23.73 9.77 19.62
C5 NAG ZA . 23.79 8.37 19.01
C6 NAG ZA . 24.41 8.42 17.62
C7 NAG ZA . 22.46 8.23 23.76
C8 NAG ZA . 22.38 8.32 25.26
N2 NAG ZA . 23.65 8.60 23.26
O3 NAG ZA . 23.32 10.88 21.77
O4 NAG ZA . 22.73 10.44 18.85
O5 NAG ZA . 24.59 7.51 19.82
O6 NAG ZA . 24.66 7.07 17.20
O7 NAG ZA . 21.50 7.84 23.11
C1 BMA ZA . 23.00 11.84 18.66
C2 BMA ZA . 22.12 12.39 17.56
C3 BMA ZA . 22.30 13.89 17.38
C4 BMA ZA . 22.19 14.60 18.74
C5 BMA ZA . 23.08 13.94 19.81
C6 BMA ZA . 22.54 14.38 21.15
O2 BMA ZA . 20.75 12.13 17.92
O3 BMA ZA . 21.13 14.24 16.65
O4 BMA ZA . 22.58 15.97 18.61
O5 BMA ZA . 22.70 12.57 19.84
O6 BMA ZA . 21.12 14.21 21.02
C1 MAN ZA . 21.39 15.22 15.63
C2 MAN ZA . 20.16 16.11 15.51
C3 MAN ZA . 18.97 15.24 15.11
C4 MAN ZA . 19.27 14.53 13.79
C5 MAN ZA . 20.58 13.73 13.94
C6 MAN ZA . 20.98 13.21 12.56
O2 MAN ZA . 20.37 17.00 14.42
O3 MAN ZA . 17.82 16.07 14.94
O4 MAN ZA . 18.20 13.65 13.48
O5 MAN ZA . 21.62 14.64 14.34
O6 MAN ZA . 21.29 14.31 11.71
C1 MAN ZA . 21.17 18.11 14.82
C2 MAN ZA . 20.27 19.15 15.47
C3 MAN ZA . 19.24 19.60 14.43
C4 MAN ZA . 19.91 20.05 13.13
C5 MAN ZA . 20.87 18.96 12.65
C6 MAN ZA . 21.61 19.39 11.40
O2 MAN ZA . 21.05 20.27 15.87
O3 MAN ZA . 18.45 20.66 14.97
O4 MAN ZA . 18.90 20.24 12.14
O5 MAN ZA . 21.82 18.71 13.70
O6 MAN ZA . 20.66 19.76 10.39
C1 MAN ZA . 20.32 14.73 22.10
C2 MAN ZA . 18.87 14.35 21.84
C3 MAN ZA . 18.36 15.07 20.61
C4 MAN ZA . 18.52 16.59 20.73
C5 MAN ZA . 19.97 16.88 21.04
C6 MAN ZA . 20.30 18.36 21.28
O2 MAN ZA . 18.08 14.73 22.98
O3 MAN ZA . 16.98 14.75 20.39
O4 MAN ZA . 18.16 17.21 19.50
O5 MAN ZA . 20.33 16.16 22.23
O6 MAN ZA . 20.67 18.51 22.66
C1 MAN ZA . 22.02 18.95 22.80
C2 MAN ZA . 22.89 17.80 23.32
C3 MAN ZA . 22.32 17.36 24.66
C4 MAN ZA . 22.23 18.54 25.63
C5 MAN ZA . 21.46 19.67 24.97
C6 MAN ZA . 21.44 20.91 25.84
O2 MAN ZA . 24.24 18.26 23.49
O3 MAN ZA . 23.11 16.30 25.22
O4 MAN ZA . 21.51 18.10 26.80
O5 MAN ZA . 22.11 20.01 23.74
O6 MAN ZA . 22.73 21.53 25.80
C1 NAG AB . 24.82 -31.55 14.12
C2 NAG AB . 23.60 -32.45 13.88
C3 NAG AB . 24.08 -33.89 13.92
C4 NAG AB . 25.19 -34.13 12.91
C5 NAG AB . 26.32 -33.13 13.17
C6 NAG AB . 27.50 -33.24 12.21
C7 NAG AB . 21.58 -31.39 14.64
C8 NAG AB . 20.56 -31.23 15.73
N2 NAG AB . 22.58 -32.23 14.89
O3 NAG AB . 22.97 -34.76 13.70
O4 NAG AB . 25.68 -35.45 13.10
O5 NAG AB . 25.81 -31.79 13.10
O6 NAG AB . 28.56 -32.41 12.68
O7 NAG AB . 21.49 -30.79 13.59
C1 NAG AB . 25.33 -36.22 11.95
C2 NAG AB . 26.11 -37.52 12.02
C3 NAG AB . 25.78 -38.35 10.80
C4 NAG AB . 24.27 -38.62 10.74
C5 NAG AB . 23.53 -37.28 10.74
C6 NAG AB . 22.02 -37.46 10.79
C7 NAG AB . 28.11 -37.40 13.31
C8 NAG AB . 29.58 -37.13 13.35
N2 NAG AB . 27.52 -37.28 12.14
O3 NAG AB . 26.49 -39.57 10.95
O4 NAG AB . 23.94 -39.37 9.57
O5 NAG AB . 23.94 -36.52 11.89
O6 NAG AB . 21.65 -38.10 12.02
O7 NAG AB . 27.49 -37.74 14.31
C1 BMA AB . 23.57 -40.71 9.95
C2 BMA AB . 23.13 -41.50 8.72
C3 BMA AB . 22.76 -42.91 9.14
C4 BMA AB . 23.92 -43.59 9.87
C5 BMA AB . 24.34 -42.72 11.05
C6 BMA AB . 25.59 -43.32 11.69
O2 BMA AB . 24.24 -41.57 7.81
O3 BMA AB . 22.38 -43.67 8.00
O4 BMA AB . 23.48 -44.86 10.35
O5 BMA AB . 24.67 -41.43 10.53
O6 BMA AB . 26.51 -43.71 10.67
C1 MAN AB . 20.98 -44.01 8.16
C2 MAN AB . 20.74 -45.36 7.51
C3 MAN AB . 21.03 -45.24 6.02
C4 MAN AB . 20.22 -44.11 5.39
C5 MAN AB . 20.48 -42.82 6.17
C6 MAN AB . 19.65 -41.66 5.63
O2 MAN AB . 19.37 -45.73 7.70
O3 MAN AB . 20.69 -46.48 5.37
O4 MAN AB . 20.63 -43.92 4.03
O5 MAN AB . 20.13 -43.04 7.54
O6 MAN AB . 20.01 -41.40 4.27
C1 MAN AB . 27.63 -42.79 10.68
C2 MAN AB . 27.72 -42.12 9.31
C3 MAN AB . 28.11 -43.12 8.23
C4 MAN AB . 29.37 -43.87 8.65
C5 MAN AB . 29.17 -44.49 10.04
C6 MAN AB . 30.45 -45.18 10.47
O2 MAN AB . 28.67 -41.04 9.36
O3 MAN AB . 28.36 -42.42 7.01
O4 MAN AB . 29.67 -44.89 7.69
O5 MAN AB . 28.88 -43.43 10.95
O6 MAN AB . 31.54 -44.26 10.35
C1 NAG BB . 35.90 6.16 24.51
C2 NAG BB . 37.01 5.76 25.48
C3 NAG BB . 36.53 6.13 26.88
C4 NAG BB . 36.09 7.59 26.98
C5 NAG BB . 35.06 7.90 25.89
C6 NAG BB . 34.68 9.37 25.78
C7 NAG BB . 38.00 3.72 24.53
C8 NAG BB . 38.13 2.23 24.69
N2 NAG BB . 37.26 4.34 25.44
O3 NAG BB . 37.58 5.88 27.82
O4 NAG BB . 35.43 7.73 28.24
O5 NAG BB . 35.64 7.56 24.64
O6 NAG BB . 33.92 9.55 24.58
O7 NAG BB . 38.55 4.32 23.62
C1 NAG BB . 36.20 8.65 29.04
C2 NAG BB . 35.28 9.28 30.09
C3 NAG BB . 36.11 10.16 31.01
C4 NAG BB . 37.30 9.40 31.59
C5 NAG BB . 38.12 8.79 30.46
C6 NAG BB . 39.30 7.97 30.97
C7 NAG BB . 33.12 9.61 28.96
C8 NAG BB . 32.21 10.61 28.32
N2 NAG BB . 34.27 10.09 29.44
O3 NAG BB . 35.28 10.62 32.08
O4 NAG BB . 38.13 10.29 32.35
O5 NAG BB . 37.27 7.95 29.68
O6 NAG BB . 40.00 7.43 29.85
O7 NAG BB . 32.85 8.42 29.02
C1 NAG CB . 32.00 22.28 10.88
C2 NAG CB . 30.96 22.41 12.00
C3 NAG CB . 30.41 23.83 11.98
C4 NAG CB . 31.41 24.95 11.81
C5 NAG CB . 32.38 24.62 10.67
C6 NAG CB . 33.58 25.57 10.58
C7 NAG CB . 28.85 21.25 12.49
C8 NAG CB . 27.68 20.51 11.89
N2 NAG CB . 29.79 21.64 11.64
O3 NAG CB . 29.71 24.11 13.20
O4 NAG CB . 30.52 25.93 11.28
O5 NAG CB . 32.93 23.35 10.94
O6 NAG CB . 34.49 25.27 11.66
O7 NAG CB . 28.91 21.46 13.69
C1 NAG CB . 30.63 27.20 11.94
C2 NAG CB . 30.39 28.29 10.89
C3 NAG CB . 30.50 29.64 11.58
C4 NAG CB . 29.53 29.73 12.75
C5 NAG CB . 29.77 28.58 13.70
C6 NAG CB . 28.74 28.56 14.81
C7 NAG CB . 31.05 27.45 8.69
C8 NAG CB . 32.11 27.40 7.63
N2 NAG CB . 31.33 28.16 9.79
O3 NAG CB . 30.21 30.67 10.63
O4 NAG CB . 29.76 30.98 13.44
O5 NAG CB . 29.66 27.34 12.99
O6 NAG CB . 28.72 27.26 15.41
O7 NAG CB . 29.98 26.85 8.58
C1 NAG DB . 40.57 6.77 18.69
C2 NAG DB . 40.41 8.18 19.25
C3 NAG DB . 41.18 9.16 18.36
C4 NAG DB . 42.66 8.75 18.29
C5 NAG DB . 42.74 7.31 17.80
C6 NAG DB . 44.17 6.80 17.83
C7 NAG DB . 38.35 8.49 20.46
C8 NAG DB . 36.92 8.94 20.42
N2 NAG DB . 39.03 8.59 19.32
O3 NAG DB . 40.98 10.46 18.93
O4 NAG DB . 43.40 9.55 17.36
O5 NAG DB . 41.98 6.47 18.66
O6 NAG DB . 44.60 6.71 19.19
O7 NAG DB . 38.86 8.05 21.47
C1 NAG DB . 44.09 10.60 18.05
C2 NAG DB . 45.49 10.80 17.44
C3 NAG DB . 46.16 12.05 18.05
C4 NAG DB . 45.24 13.26 17.96
C5 NAG DB . 43.90 12.92 18.62
C6 NAG DB . 42.92 14.10 18.51
C7 NAG DB . 46.78 9.04 18.72
C8 NAG DB . 47.68 7.87 18.47
N2 NAG DB . 46.36 9.65 17.59
O3 NAG DB . 47.36 12.32 17.33
O4 NAG DB . 45.85 14.35 18.66
O5 NAG DB . 43.33 11.80 17.95
O6 NAG DB . 41.65 13.68 19.01
O7 NAG DB . 46.48 9.36 19.87
C1 NAG EB . 42.92 -11.23 6.80
C2 NAG EB . 42.41 -10.45 5.59
C3 NAG EB . 43.31 -10.75 4.38
C4 NAG EB . 44.72 -10.32 4.76
C5 NAG EB . 45.24 -11.00 6.03
C6 NAG EB . 46.47 -10.31 6.64
C7 NAG EB . 40.14 -9.76 5.67
C8 NAG EB . 38.71 -10.05 5.35
N2 NAG EB . 41.02 -10.68 5.31
O3 NAG EB . 42.86 -9.96 3.27
O4 NAG EB . 45.54 -9.88 3.64
O5 NAG EB . 44.26 -10.79 7.05
O6 NAG EB . 46.21 -8.92 6.79
O7 NAG EB . 40.49 -8.74 6.23
C1 NAG EB . 46.55 -10.72 3.08
C2 NAG EB . 46.34 -10.81 1.58
C3 NAG EB . 47.54 -11.37 0.83
C4 NAG EB . 48.79 -10.59 1.27
C5 NAG EB . 48.98 -10.67 2.78
C6 NAG EB . 50.18 -9.86 3.24
C7 NAG EB . 44.31 -11.21 0.34
C8 NAG EB . 43.14 -12.12 0.11
N2 NAG EB . 45.17 -11.62 1.28
O3 NAG EB . 47.34 -11.17 -0.57
O4 NAG EB . 49.97 -10.69 0.46
O5 NAG EB . 47.81 -10.11 3.39
O6 NAG EB . 51.39 -10.59 3.06
O7 NAG EB . 44.48 -10.19 -0.28
C1 BMA EB . 50.40 -12.05 0.25
C2 BMA EB . 50.54 -12.31 -1.24
C3 BMA EB . 51.04 -13.73 -1.48
C4 BMA EB . 52.31 -14.01 -0.67
C5 BMA EB . 52.05 -13.67 0.79
C6 BMA EB . 53.33 -13.84 1.62
O2 BMA EB . 51.51 -11.38 -1.79
O3 BMA EB . 51.29 -13.93 -2.87
O4 BMA EB . 52.64 -15.40 -0.79
O5 BMA EB . 51.65 -12.30 0.88
O6 BMA EB . 54.22 -12.76 1.31
C1 NAG FB . 42.28 -5.00 6.75
C2 NAG FB . 42.28 -4.96 5.23
C3 NAG FB . 43.27 -5.98 4.71
C4 NAG FB . 44.68 -5.84 5.30
C5 NAG FB . 44.52 -5.87 6.83
C6 NAG FB . 45.81 -5.66 7.61
C7 NAG FB . 40.02 -4.41 4.52
C8 NAG FB . 38.71 -4.95 4.01
N2 NAG FB . 40.97 -5.31 4.73
O3 NAG FB . 43.33 -5.91 3.28
O4 NAG FB . 45.37 -7.01 4.82
O5 NAG FB . 43.62 -4.84 7.23
O6 NAG FB . 46.55 -4.60 7.02
O7 NAG FB . 40.18 -3.22 4.75
C1 NAG FB . 46.67 -6.83 4.17
C2 NAG FB . 46.73 -5.69 3.14
C3 NAG FB . 48.14 -5.66 2.54
C4 NAG FB . 49.26 -5.60 3.58
C5 NAG FB . 49.00 -6.65 4.66
C6 NAG FB . 49.94 -6.43 5.85
C7 NAG FB . 45.55 -6.65 1.10
C8 NAG FB . 44.39 -6.36 0.18
N2 NAG FB . 45.72 -5.75 2.07
O3 NAG FB . 48.20 -4.54 1.65
O4 NAG FB . 50.42 -6.18 2.97
O5 NAG FB . 47.67 -6.53 5.15
O6 NAG FB . 49.43 -7.16 6.97
O7 NAG FB . 46.23 -7.64 0.91
C1 BMA FB . 51.30 -5.26 2.30
C2 BMA FB . 52.73 -5.78 2.39
C3 BMA FB . 53.68 -4.85 1.64
C4 BMA FB . 53.18 -4.59 0.22
C5 BMA FB . 51.75 -4.11 0.26
C6 BMA FB . 51.19 -3.94 -1.15
O2 BMA FB . 52.78 -7.08 1.78
O3 BMA FB . 54.99 -5.43 1.60
O4 BMA FB . 54.00 -3.59 -0.40
O5 BMA FB . 50.96 -5.11 0.93
O6 BMA FB . 51.21 -5.21 -1.82
C1 NAG GB . 27.53 0.65 27.75
C2 NAG GB . 28.11 0.13 29.07
C3 NAG GB . 27.04 -0.72 29.72
C4 NAG GB . 25.79 0.11 29.99
C5 NAG GB . 25.29 0.67 28.65
C6 NAG GB . 24.12 1.63 28.87
C7 NAG GB . 30.53 -0.08 29.01
C8 NAG GB . 31.71 -0.97 28.73
N2 NAG GB . 29.33 -0.63 28.84
O3 NAG GB . 27.56 -1.28 30.92
O4 NAG GB . 24.86 -0.83 30.56
O5 NAG GB . 26.35 1.42 28.04
O6 NAG GB . 24.43 2.46 29.98
O7 NAG GB . 30.67 1.08 29.37
C1 NAG GB . 24.25 -0.52 31.85
C2 NAG GB . 25.01 0.45 32.79
C3 NAG GB . 24.15 0.65 34.03
C4 NAG GB . 22.68 1.01 33.82
C5 NAG GB . 22.09 0.12 32.70
C6 NAG GB . 20.82 0.70 32.10
C7 NAG GB . 26.67 -1.13 33.89
C8 NAG GB . 28.12 -1.21 34.22
N2 NAG GB . 26.32 0.01 33.26
O3 NAG GB . 24.75 1.66 34.86
O4 NAG GB . 22.25 0.42 35.08
O5 NAG GB . 22.99 0.11 31.59
O6 NAG GB . 20.57 0.05 30.84
O7 NAG GB . 25.93 -2.06 34.18
C1 BMA GB . 21.02 0.81 35.70
C2 BMA GB . 21.27 0.90 37.20
C3 BMA GB . 19.95 1.19 37.92
C4 BMA GB . 19.27 2.43 37.32
C5 BMA GB . 19.16 2.27 35.81
C6 BMA GB . 18.51 3.50 35.19
O2 BMA GB . 22.20 1.96 37.46
O3 BMA GB . 20.19 1.40 39.31
O4 BMA GB . 17.97 2.56 37.88
O5 BMA GB . 20.49 2.07 35.28
O6 BMA GB . 19.06 4.66 35.81
C1 NAG HB . 13.92 4.35 -34.67
C2 NAG HB . 13.07 4.37 -35.95
C3 NAG HB . 13.87 5.01 -37.08
C4 NAG HB . 14.28 6.45 -36.74
C5 NAG HB . 15.07 6.37 -35.43
C6 NAG HB . 15.26 7.72 -34.78
C7 NAG HB . 11.42 2.51 -36.03
C8 NAG HB . 10.39 3.41 -35.42
N2 NAG HB . 12.65 3.01 -36.25
O3 NAG HB . 13.13 4.97 -38.30
O4 NAG HB . 15.09 6.98 -37.81
O5 NAG HB . 14.31 5.70 -34.42
O6 NAG HB . 15.58 7.54 -33.40
O7 NAG HB . 11.15 1.36 -36.32
C1 NAG HB . 14.67 8.26 -38.38
C2 NAG HB . 15.90 8.96 -38.98
C3 NAG HB . 15.54 10.25 -39.74
C4 NAG HB . 14.34 10.13 -40.68
C5 NAG HB . 13.22 9.39 -39.92
C6 NAG HB . 11.99 9.20 -40.78
C7 NAG HB . 17.11 9.85 -36.81
C8 NAG HB . 16.16 10.91 -36.29
N2 NAG HB . 16.93 9.10 -37.93
O3 NAG HB . 16.69 10.60 -40.53
O4 NAG HB . 13.81 11.46 -40.86
O5 NAG HB . 13.68 8.12 -39.40
O6 NAG HB . 11.29 10.45 -40.85
O7 NAG HB . 18.12 9.66 -36.16
C1 BMA HB . 14.17 12.19 -42.05
C2 BMA HB . 12.91 12.57 -42.83
C3 BMA HB . 13.20 13.42 -44.07
C4 BMA HB . 14.08 14.61 -43.67
C5 BMA HB . 15.30 14.12 -42.91
C6 BMA HB . 16.10 15.35 -42.55
O2 BMA HB . 12.05 13.33 -41.97
O3 BMA HB . 11.97 13.97 -44.56
O4 BMA HB . 14.57 15.33 -44.80
O5 BMA HB . 14.88 13.39 -41.75
O6 BMA HB . 17.45 14.95 -42.80
C1 MAN HB . 11.90 13.87 -46.01
C2 MAN HB . 11.80 15.26 -46.62
C3 MAN HB . 10.49 15.91 -46.19
C4 MAN HB . 9.29 15.01 -46.49
C5 MAN HB . 9.55 13.64 -45.88
C6 MAN HB . 8.41 12.68 -46.19
O2 MAN HB . 11.82 15.16 -48.05
O3 MAN HB . 10.32 17.16 -46.89
O4 MAN HB . 8.11 15.59 -45.92
O5 MAN HB . 10.76 13.12 -46.44
O6 MAN HB . 8.75 11.38 -45.70
C1 MAN HB . 18.35 15.49 -41.83
C2 MAN HB . 19.71 15.20 -42.43
C3 MAN HB . 19.79 13.68 -42.48
C4 MAN HB . 19.74 12.99 -41.11
C5 MAN HB . 18.39 13.46 -40.52
C6 MAN HB . 18.18 13.15 -39.05
O2 MAN HB . 20.73 15.70 -41.57
O3 MAN HB . 20.97 13.37 -43.19
O4 MAN HB . 20.02 11.54 -41.08
O5 MAN HB . 18.34 14.89 -40.55
O6 MAN HB . 19.24 13.79 -38.31
C1 NAG IB . -18.54 -47.85 31.91
C2 NAG IB . -17.93 -48.53 30.69
C3 NAG IB . -18.82 -48.38 29.44
C4 NAG IB . -20.23 -48.86 29.75
C5 NAG IB . -20.78 -48.07 30.92
C6 NAG IB . -22.09 -48.73 31.34
C7 NAG IB . -15.67 -48.61 29.72
C8 NAG IB . -14.38 -47.85 29.54
N2 NAG IB . -16.62 -47.97 30.41
O3 NAG IB . -18.35 -49.20 28.36
O4 NAG IB . -21.07 -48.73 28.59
O5 NAG IB . -19.91 -48.23 32.04
O6 NAG IB . -21.77 -50.06 31.77
O7 NAG IB . -15.82 -49.72 29.26
C1 NAG JB . -55.59 -9.35 27.07
C2 NAG JB . -56.03 -8.23 26.15
C3 NAG JB . -55.42 -6.89 26.55
C4 NAG JB . -55.69 -6.60 28.01
C5 NAG JB . -55.13 -7.73 28.86
C6 NAG JB . -55.57 -7.51 30.30
C7 NAG JB . -56.29 -8.12 23.73
C8 NAG JB . -55.73 -8.56 22.40
N2 NAG JB . -55.63 -8.56 24.79
O3 NAG JB . -56.00 -5.83 25.78
O4 NAG JB . -55.13 -5.34 28.41
O5 NAG JB . -55.75 -8.95 28.44
O6 NAG JB . -57.01 -7.43 30.30
O7 NAG JB . -57.27 -7.41 23.81
C1 NAG KB . -13.29 -2.15 59.80
C2 NAG KB . -11.98 -1.33 59.70
C3 NAG KB . -10.83 -2.22 59.21
C4 NAG KB . -10.66 -3.40 60.16
C5 NAG KB . -11.95 -4.19 60.19
C6 NAG KB . -11.83 -5.20 61.33
C7 NAG KB . -11.33 0.91 58.93
C8 NAG KB . -11.55 1.98 57.92
N2 NAG KB . -12.08 -0.20 58.80
O3 NAG KB . -9.56 -1.55 59.17
O4 NAG KB . -9.57 -4.24 59.72
O5 NAG KB . -13.01 -3.32 60.58
O6 NAG KB . -11.59 -4.45 62.53
O7 NAG KB . -10.52 1.03 59.83
C1 NAG LB . 1.55 -9.42 -46.61
C2 NAG LB . 0.13 -9.32 -47.16
C3 NAG LB . 0.08 -8.82 -48.60
C4 NAG LB . 0.79 -7.47 -48.64
C5 NAG LB . 2.22 -7.61 -48.11
C6 NAG LB . 2.85 -6.23 -48.06
C7 NAG LB . -1.63 -10.63 -46.15
C8 NAG LB . -2.31 -11.97 -46.05
N2 NAG LB . -0.60 -10.57 -46.99
O3 NAG LB . -1.29 -8.61 -48.95
O4 NAG LB . 0.79 -6.95 -49.96
O5 NAG LB . 2.18 -8.14 -46.77
O6 NAG LB . 1.93 -5.36 -47.42
O7 NAG LB . -1.99 -9.67 -45.49
C1 NAG MB . -27.80 -39.15 -35.84
C2 NAG MB . -28.02 -38.46 -37.19
C3 NAG MB . -29.31 -39.02 -37.79
C4 NAG MB . -29.25 -40.54 -37.92
C5 NAG MB . -28.95 -41.14 -36.55
C6 NAG MB . -28.77 -42.64 -36.66
C7 NAG MB . -27.26 -36.19 -37.52
C8 NAG MB . -27.52 -34.73 -37.29
N2 NAG MB . -28.16 -37.03 -37.03
O3 NAG MB . -29.51 -38.44 -39.09
O4 NAG MB . -30.53 -41.01 -38.37
O5 NAG MB . -27.74 -40.57 -36.05
O6 NAG MB . -28.52 -43.19 -35.37
O7 NAG MB . -26.27 -36.59 -38.12
C1 NAG NB . -46.15 -35.45 -27.59
C2 NAG NB . -46.41 -35.85 -26.13
C3 NAG NB . -45.91 -37.28 -25.93
C4 NAG NB . -46.60 -38.23 -26.91
C5 NAG NB . -46.39 -37.71 -28.34
C6 NAG NB . -47.14 -38.59 -29.34
C7 NAG NB . -46.44 -33.98 -24.63
C8 NAG NB . -45.66 -33.08 -23.71
N2 NAG NB . -45.75 -34.94 -25.23
O3 NAG NB . -46.15 -37.69 -24.58
O4 NAG NB . -46.00 -39.52 -26.78
O5 NAG NB . -46.86 -36.36 -28.44
O6 NAG NB . -48.54 -38.45 -29.12
O7 NAG NB . -47.64 -33.83 -24.82
C1 NAG OB . -29.59 52.21 9.37
C2 NAG OB . -28.60 53.30 8.95
C3 NAG OB . -28.72 54.48 9.91
C4 NAG OB . -30.16 54.98 10.00
C5 NAG OB . -31.07 53.82 10.38
C6 NAG OB . -32.54 54.25 10.41
C7 NAG OB . -26.37 53.04 8.01
C8 NAG OB . -24.99 52.48 8.21
N2 NAG OB . -27.23 52.82 9.00
O3 NAG OB . -27.86 55.54 9.47
O4 NAG OB . -30.25 55.99 11.01
O5 NAG OB . -30.91 52.77 9.42
O6 NAG OB . -33.33 53.18 10.92
O7 NAG OB . -26.68 53.67 7.01
C1 NAG PB . -26.18 50.81 29.55
C2 NAG PB . -26.77 49.86 30.60
C3 NAG PB . -28.29 49.88 30.47
C4 NAG PB . -28.81 51.30 30.62
C5 NAG PB . -28.12 52.22 29.61
C6 NAG PB . -28.52 53.67 29.87
C7 NAG PB . -25.24 48.10 31.20
C8 NAG PB . -24.79 46.69 30.96
N2 NAG PB . -26.25 48.52 30.45
O3 NAG PB . -28.86 49.04 31.48
O4 NAG PB . -30.22 51.29 30.37
O5 NAG PB . -26.70 52.12 29.78
O6 NAG PB . -27.89 54.10 31.08
O7 NAG PB . -24.72 48.82 32.04
C1 NAG QB . -11.42 45.83 -2.54
C2 NAG QB . -9.98 45.75 -3.05
C3 NAG QB . -9.19 46.93 -2.50
C4 NAG QB . -9.86 48.26 -2.86
C5 NAG QB . -11.28 48.23 -2.27
C6 NAG QB . -12.12 49.47 -2.47
C7 NAG QB . -9.36 43.42 -3.28
C8 NAG QB . -8.66 42.25 -2.65
N2 NAG QB . -9.35 44.54 -2.57
O3 NAG QB . -7.85 46.90 -3.02
O4 NAG QB . -9.00 49.34 -2.42
O5 NAG QB . -11.98 47.11 -2.86
O6 NAG QB . -11.98 49.92 -3.82
O7 NAG QB . -9.91 43.35 -4.37
C1 NAG RB . 42.29 8.06 -9.54
C2 NAG RB . 42.31 6.75 -8.77
C3 NAG RB . 43.07 5.74 -9.63
C4 NAG RB . 42.60 5.68 -11.08
C5 NAG RB . 42.58 7.11 -11.65
C6 NAG RB . 42.20 7.21 -13.12
C7 NAG RB . 42.92 6.26 -6.45
C8 NAG RB . 43.87 6.57 -5.34
N2 NAG RB . 43.11 6.93 -7.59
O3 NAG RB . 43.00 4.43 -9.04
O4 NAG RB . 43.52 4.88 -11.83
O5 NAG RB . 41.72 7.91 -10.84
O6 NAG RB . 43.05 6.35 -13.88
O7 NAG RB . 42.01 5.46 -6.33
C1 NAG SB . 47.35 -10.87 28.02
C2 NAG SB . 48.43 -11.21 26.99
C3 NAG SB . 49.32 -12.33 27.51
C4 NAG SB . 49.84 -12.03 28.92
C5 NAG SB . 48.67 -11.71 29.84
C6 NAG SB . 49.10 -11.38 31.26
C7 NAG SB . 48.31 -11.57 24.57
C8 NAG SB . 47.47 -12.12 23.46
N2 NAG SB . 47.78 -11.67 25.78
O3 NAG SB . 50.43 -12.55 26.65
O4 NAG SB . 50.53 -13.19 29.42
O5 NAG SB . 47.96 -10.60 29.29
O6 NAG SB . 47.94 -11.09 32.03
O7 NAG SB . 49.40 -11.07 24.38
C1 NAG TB . 40.86 -29.73 32.34
C2 NAG TB . 39.72 -29.96 33.32
C3 NAG TB . 40.03 -29.19 34.60
C4 NAG TB . 41.37 -29.61 35.17
C5 NAG TB . 42.46 -29.45 34.10
C6 NAG TB . 43.78 -29.98 34.64
C7 NAG TB . 37.44 -30.35 32.66
C8 NAG TB . 36.20 -29.78 32.05
N2 NAG TB . 38.47 -29.52 32.75
O3 NAG TB . 39.00 -29.45 35.57
O4 NAG TB . 41.68 -28.75 36.27
O5 NAG TB . 42.08 -30.18 32.94
O6 NAG TB . 43.66 -31.39 34.86
O7 NAG TB . 37.51 -31.50 33.08
C1 NAG UB . 49.61 -10.29 13.91
C2 NAG UB . 50.22 -11.25 12.89
C3 NAG UB . 51.73 -11.05 12.91
C4 NAG UB . 52.13 -9.60 12.64
C5 NAG UB . 51.40 -8.71 13.64
C6 NAG UB . 51.67 -7.24 13.33
C7 NAG UB . 49.56 -13.51 12.30
C8 NAG UB . 49.30 -14.89 12.80
N2 NAG UB . 49.94 -12.63 13.22
O3 NAG UB . 52.36 -11.92 11.96
O4 NAG UB . 53.54 -9.45 12.85
O5 NAG UB . 49.99 -8.95 13.55
O6 NAG UB . 51.00 -6.42 14.30
O7 NAG UB . 49.45 -13.21 11.12
#